data_7K3Z
#
_entry.id   7K3Z
#
_cell.length_a   281.498
_cell.length_b   281.498
_cell.length_c   298.827
_cell.angle_alpha   90.000
_cell.angle_beta   90.000
_cell.angle_gamma   120.000
#
_symmetry.space_group_name_H-M   'P 63 2 2'
#
loop_
_entity.id
_entity.type
_entity.pdbx_description
1 polymer '60 kDa chaperonin'
2 non-polymer 'MAGNESIUM ION'
3 non-polymer "ADENOSINE-5'-TRIPHOSPHATE"
#
_entity_poly.entity_id   1
_entity_poly.type   'polypeptide(L)'
_entity_poly.pdbx_seq_one_letter_code
;MTGKGKDIIYGNECRNELLKGILTVSDVVKLTLGPRGRNVLLEKEYGSPLIINDGVTIAKQISLKDRKKNNGVKLMQEST
QISNDKAGDGTSSTALMTATITKKGIEQVNRNHNPIPIQRGIQLASKMIIEKIKSLSTPIKTYKDILNIATIASNNDVHM
GQIIANAYDKLGKNAAIILDDNADINDKLEFTEGYNFDRGIINPYLLYNENKDYIEYSQVSTLITDQNIDNIQSILPILE
IFAKNKQPLCIIADDFSNEVLQTLIINKLKGAIKVVPIRAPSFGDRRKDYLKDLCIVTNSKYISADVGLDLNNLHNQMSS
FDNNYLSLLGSANTLIVKKDRTSLITKEEYKKEIDERINVLKKEYEETTSKYDKEKLNERIAALSGGIAKILIGGNSETE
QKERKFKYEAATNAVKSAIDIGYVPGGGVTYLEIIKSNFIQEIHKKIEEDLQISSNNDEKKYLELIGNLESEMELQKMGA
NIVVSSLDVITKQIADNAGVNGDNVVKIILNSKDKYGFGYDVNTNKFVNMVEKGIIDSTNVIISVIKNSCSIASMVLTTE
CMMVDHEK
;
_entity_poly.pdbx_strand_id   A,B,C,D,E,F,G
#
# COMPACT_ATOMS: atom_id res chain seq x y z
N LYS A 4 20.74 -1.31 -10.29
CA LYS A 4 22.07 -1.80 -9.94
C LYS A 4 23.15 -1.06 -10.73
N GLY A 5 24.24 -0.71 -10.04
CA GLY A 5 25.34 0.00 -10.66
C GLY A 5 26.49 0.20 -9.70
N LYS A 6 27.72 -0.04 -10.17
CA LYS A 6 28.90 0.12 -9.34
C LYS A 6 29.58 1.46 -9.57
N ASP A 7 30.29 1.90 -8.54
CA ASP A 7 31.06 3.13 -8.52
C ASP A 7 32.49 2.71 -8.23
N ILE A 8 33.37 2.89 -9.22
CA ILE A 8 34.77 2.49 -9.12
C ILE A 8 35.62 3.72 -8.86
N ILE A 9 36.61 3.55 -7.99
CA ILE A 9 37.53 4.63 -7.62
C ILE A 9 38.91 4.01 -7.43
N TYR A 10 39.93 4.60 -8.04
CA TYR A 10 41.27 4.05 -7.96
C TYR A 10 42.26 4.97 -7.26
N GLY A 11 43.46 4.41 -7.07
CA GLY A 11 44.63 5.04 -6.48
C GLY A 11 44.48 5.80 -5.18
N ASN A 12 45.13 6.96 -5.15
CA ASN A 12 45.18 7.83 -3.98
C ASN A 12 43.80 8.11 -3.39
N GLU A 13 42.78 8.28 -4.23
CA GLU A 13 41.45 8.55 -3.70
C GLU A 13 40.97 7.37 -2.86
N CYS A 14 41.12 6.15 -3.39
CA CYS A 14 40.71 4.96 -2.67
C CYS A 14 41.48 4.81 -1.37
N ARG A 15 42.81 4.96 -1.44
CA ARG A 15 43.62 4.83 -0.24
C ARG A 15 43.27 5.90 0.79
N ASN A 16 42.98 7.12 0.35
CA ASN A 16 42.64 8.19 1.28
C ASN A 16 41.30 7.94 1.96
N GLU A 17 40.32 7.42 1.23
CA GLU A 17 39.03 7.15 1.89
C GLU A 17 39.16 6.00 2.87
N LEU A 18 39.90 4.95 2.48
CA LEU A 18 40.10 3.83 3.41
C LEU A 18 40.84 4.33 4.65
N LEU A 19 41.80 5.24 4.45
CA LEU A 19 42.54 5.80 5.57
C LEU A 19 41.64 6.64 6.45
N LYS A 20 40.66 7.32 5.86
CA LYS A 20 39.74 8.12 6.66
C LYS A 20 38.91 7.21 7.55
N GLY A 21 38.48 6.07 7.03
CA GLY A 21 37.73 5.13 7.86
C GLY A 21 38.59 4.58 8.98
N ILE A 22 39.82 4.18 8.64
CA ILE A 22 40.75 3.64 9.63
C ILE A 22 41.01 4.67 10.73
N LEU A 23 41.22 5.92 10.34
CA LEU A 23 41.47 6.98 11.30
C LEU A 23 40.24 7.25 12.15
N THR A 24 39.04 7.08 11.60
CA THR A 24 37.85 7.27 12.42
C THR A 24 37.80 6.23 13.53
N VAL A 25 38.05 4.97 13.15
CA VAL A 25 38.04 3.89 14.15
C VAL A 25 39.11 4.16 15.21
N SER A 26 40.31 4.56 14.79
CA SER A 26 41.38 4.82 15.75
C SER A 26 41.06 6.01 16.63
N ASP A 27 40.52 7.10 16.07
CA ASP A 27 40.20 8.28 16.86
C ASP A 27 39.17 7.96 17.93
N VAL A 28 38.28 7.00 17.66
CA VAL A 28 37.29 6.67 18.68
C VAL A 28 37.78 5.60 19.65
N VAL A 29 38.73 4.75 19.24
CA VAL A 29 39.21 3.69 20.13
C VAL A 29 40.36 4.13 21.03
N LYS A 30 41.34 4.88 20.49
CA LYS A 30 42.50 5.32 21.27
C LYS A 30 42.13 6.07 22.56
N LEU A 31 40.91 6.60 22.65
CA LEU A 31 40.52 7.32 23.86
C LEU A 31 40.34 6.40 25.05
N THR A 32 40.16 5.09 24.83
CA THR A 32 39.95 4.12 25.89
C THR A 32 41.19 3.31 26.22
N LEU A 33 42.36 3.68 25.68
CA LEU A 33 43.57 2.94 25.95
C LEU A 33 44.02 3.13 27.39
N GLY A 34 44.38 2.02 28.04
CA GLY A 34 44.83 2.04 29.42
C GLY A 34 43.68 1.91 30.40
N PRO A 35 44.01 1.69 31.67
CA PRO A 35 42.95 1.56 32.69
C PRO A 35 42.24 2.88 32.97
N ARG A 36 42.92 4.01 32.78
CA ARG A 36 42.35 5.32 33.02
C ARG A 36 41.82 5.96 31.75
N GLY A 37 41.34 5.15 30.82
CA GLY A 37 40.81 5.68 29.57
C GLY A 37 39.55 6.51 29.78
N ARG A 38 39.29 7.38 28.82
CA ARG A 38 38.12 8.25 28.90
C ARG A 38 36.85 7.46 28.57
N ASN A 39 35.71 8.11 28.79
CA ASN A 39 34.41 7.52 28.54
C ASN A 39 33.86 7.97 27.19
N VAL A 40 33.02 7.11 26.60
CA VAL A 40 32.38 7.37 25.31
C VAL A 40 30.90 7.07 25.47
N LEU A 41 30.07 8.02 25.05
CA LEU A 41 28.62 7.91 25.14
C LEU A 41 28.04 7.46 23.80
N LEU A 42 27.26 6.38 23.83
CA LEU A 42 26.61 5.82 22.65
C LEU A 42 25.11 5.87 22.88
N GLU A 43 24.39 6.53 21.98
CA GLU A 43 22.94 6.62 22.12
C GLU A 43 22.29 5.45 21.38
N LYS A 44 21.40 4.75 22.08
CA LYS A 44 20.68 3.64 21.49
C LYS A 44 19.28 4.13 21.14
N GLU A 45 18.79 3.74 19.95
CA GLU A 45 17.43 4.19 19.63
C GLU A 45 16.39 3.52 20.53
N TYR A 46 16.77 2.47 21.26
CA TYR A 46 15.84 1.80 22.15
C TYR A 46 15.37 2.71 23.27
N GLY A 47 16.09 3.80 23.54
CA GLY A 47 15.72 4.75 24.57
C GLY A 47 16.74 4.97 25.67
N SER A 48 17.83 4.20 25.73
CA SER A 48 18.80 4.37 26.80
C SER A 48 20.20 4.63 26.28
N PRO A 49 20.91 5.65 26.79
CA PRO A 49 22.29 5.91 26.36
C PRO A 49 23.25 5.17 27.27
N LEU A 50 24.35 4.69 26.69
CA LEU A 50 25.34 3.94 27.45
C LEU A 50 26.70 4.63 27.42
N ILE A 51 27.28 4.82 28.60
CA ILE A 51 28.60 5.43 28.74
C ILE A 51 29.57 4.29 29.04
N ILE A 52 30.37 3.91 28.04
CA ILE A 52 31.31 2.82 28.20
C ILE A 52 32.74 3.32 28.01
N ASN A 53 33.68 2.54 28.57
CA ASN A 53 35.10 2.83 28.48
C ASN A 53 35.87 1.69 27.83
N ASP A 54 35.18 0.66 27.34
CA ASP A 54 35.81 -0.48 26.69
C ASP A 54 35.90 -0.21 25.19
N GLY A 55 37.10 -0.34 24.64
CA GLY A 55 37.30 -0.06 23.23
C GLY A 55 36.60 -1.03 22.28
N VAL A 56 36.52 -2.31 22.65
CA VAL A 56 35.89 -3.29 21.77
C VAL A 56 34.39 -3.00 21.61
N THR A 57 33.71 -2.72 22.72
CA THR A 57 32.27 -2.45 22.65
C THR A 57 31.97 -1.24 21.78
N ILE A 58 32.81 -0.19 21.88
CA ILE A 58 32.59 1.01 21.08
C ILE A 58 32.93 0.75 19.62
N ALA A 59 34.02 0.02 19.36
CA ALA A 59 34.42 -0.25 17.99
C ALA A 59 33.40 -1.12 17.26
N LYS A 60 32.71 -2.01 17.97
CA LYS A 60 31.74 -2.86 17.29
C LYS A 60 30.51 -2.09 16.80
N GLN A 61 30.37 -0.82 17.16
CA GLN A 61 29.20 -0.03 16.75
C GLN A 61 29.54 1.13 15.83
N ILE A 62 30.81 1.34 15.50
CA ILE A 62 31.19 2.44 14.62
C ILE A 62 30.82 2.09 13.19
N SER A 63 30.11 3.01 12.54
CA SER A 63 29.69 2.83 11.15
C SER A 63 29.41 4.20 10.57
N LEU A 64 30.12 4.55 9.49
CA LEU A 64 29.94 5.85 8.86
C LEU A 64 28.90 5.78 7.75
N LYS A 65 28.16 6.89 7.58
CA LYS A 65 27.15 6.93 6.53
C LYS A 65 27.78 6.92 5.15
N ASP A 66 28.99 7.48 5.02
CA ASP A 66 29.67 7.49 3.74
C ASP A 66 30.05 6.05 3.39
N ARG A 67 29.31 5.46 2.45
CA ARG A 67 29.55 4.08 2.04
C ARG A 67 31.00 3.84 1.63
N LYS A 68 31.69 4.87 1.16
CA LYS A 68 33.08 4.73 0.75
C LYS A 68 34.00 4.70 1.97
N LYS A 69 33.86 5.69 2.86
CA LYS A 69 34.69 5.74 4.05
C LYS A 69 34.37 4.59 5.00
N ASN A 70 33.11 4.17 5.05
CA ASN A 70 32.72 3.06 5.91
C ASN A 70 33.47 1.77 5.57
N ASN A 71 34.00 1.66 4.35
CA ASN A 71 34.75 0.48 3.97
C ASN A 71 35.96 0.30 4.87
N GLY A 72 36.68 1.39 5.17
CA GLY A 72 37.82 1.29 6.06
C GLY A 72 37.41 0.84 7.46
N VAL A 73 36.29 1.36 7.95
CA VAL A 73 35.78 0.97 9.26
C VAL A 73 35.50 -0.53 9.30
N LYS A 74 34.77 -1.03 8.30
CA LYS A 74 34.47 -2.46 8.25
C LYS A 74 35.74 -3.28 8.11
N LEU A 75 36.70 -2.78 7.32
CA LEU A 75 37.96 -3.48 7.13
C LEU A 75 38.68 -3.66 8.45
N MET A 76 38.76 -2.59 9.25
CA MET A 76 39.42 -2.72 10.54
C MET A 76 38.59 -3.49 11.55
N GLN A 77 37.26 -3.51 11.38
CA GLN A 77 36.42 -4.26 12.31
C GLN A 77 36.55 -5.75 12.06
N GLU A 78 36.88 -6.14 10.82
CA GLU A 78 37.03 -7.55 10.48
C GLU A 78 38.47 -8.03 10.60
N SER A 79 39.45 -7.16 10.31
CA SER A 79 40.84 -7.58 10.43
C SER A 79 41.22 -7.82 11.89
N THR A 80 40.58 -7.13 12.81
CA THR A 80 40.82 -7.27 14.24
C THR A 80 39.84 -8.23 14.89
N GLN A 81 39.01 -8.90 14.10
CA GLN A 81 38.02 -9.87 14.59
C GLN A 81 36.99 -9.24 15.53
N ILE A 82 36.75 -7.94 15.37
CA ILE A 82 35.79 -7.26 16.23
C ILE A 82 34.36 -7.58 15.82
N SER A 83 34.07 -7.55 14.51
CA SER A 83 32.74 -7.86 14.03
C SER A 83 32.37 -9.31 14.22
N ASN A 84 33.36 -10.21 14.31
CA ASN A 84 33.11 -11.63 14.49
C ASN A 84 32.97 -12.01 15.96
N ASP A 85 33.09 -11.04 16.88
CA ASP A 85 32.98 -11.24 18.32
C ASP A 85 34.08 -12.16 18.87
N LYS A 86 35.21 -12.27 18.16
CA LYS A 86 36.33 -13.09 18.59
C LYS A 86 37.61 -12.27 18.72
N ALA A 87 37.48 -10.96 18.88
CA ALA A 87 38.64 -10.08 19.00
C ALA A 87 39.29 -10.27 20.37
N GLY A 88 40.53 -10.77 20.37
CA GLY A 88 41.25 -11.00 21.61
C GLY A 88 41.78 -9.71 22.21
N ASP A 89 42.77 -9.86 23.08
CA ASP A 89 43.38 -8.72 23.73
C ASP A 89 44.34 -8.00 22.79
N GLY A 90 44.52 -6.70 23.04
CA GLY A 90 45.42 -5.88 22.25
C GLY A 90 44.81 -5.25 21.01
N THR A 91 43.55 -5.56 20.67
CA THR A 91 42.95 -4.98 19.48
C THR A 91 42.84 -3.46 19.61
N SER A 92 42.58 -2.96 20.83
CA SER A 92 42.48 -1.52 21.03
C SER A 92 43.78 -0.82 20.64
N SER A 93 44.92 -1.41 21.01
CA SER A 93 46.21 -0.84 20.65
C SER A 93 46.50 -1.07 19.17
N THR A 94 46.02 -2.20 18.64
CA THR A 94 46.22 -2.50 17.22
C THR A 94 45.59 -1.45 16.35
N ALA A 95 44.41 -0.96 16.72
CA ALA A 95 43.74 0.07 15.93
C ALA A 95 44.60 1.33 15.82
N LEU A 96 45.13 1.80 16.96
CA LEU A 96 45.96 3.00 16.96
C LEU A 96 47.23 2.80 16.15
N MET A 97 47.94 1.70 16.39
CA MET A 97 49.18 1.48 15.63
C MET A 97 48.90 1.34 14.15
N THR A 98 47.84 0.62 13.78
CA THR A 98 47.50 0.44 12.38
C THR A 98 47.20 1.77 11.73
N ALA A 99 46.42 2.63 12.39
CA ALA A 99 46.10 3.93 11.82
C ALA A 99 47.35 4.78 11.65
N THR A 100 48.22 4.79 12.66
CA THR A 100 49.44 5.60 12.57
C THR A 100 50.32 5.14 11.42
N ILE A 101 50.61 3.83 11.35
CA ILE A 101 51.46 3.31 10.29
C ILE A 101 50.82 3.51 8.92
N THR A 102 49.52 3.24 8.80
CA THR A 102 48.85 3.39 7.52
C THR A 102 48.85 4.85 7.06
N LYS A 103 48.63 5.79 7.98
CA LYS A 103 48.63 7.20 7.60
C LYS A 103 50.03 7.63 7.16
N LYS A 104 51.05 7.25 7.93
CA LYS A 104 52.42 7.62 7.58
C LYS A 104 52.81 7.03 6.23
N GLY A 105 52.36 5.81 5.93
CA GLY A 105 52.69 5.20 4.66
C GLY A 105 51.92 5.78 3.49
N ILE A 106 50.61 6.02 3.67
CA ILE A 106 49.79 6.57 2.60
C ILE A 106 50.23 7.99 2.26
N GLU A 107 50.59 8.79 3.26
CA GLU A 107 51.03 10.16 2.97
C GLU A 107 52.25 10.15 2.06
N GLN A 108 53.08 9.11 2.16
CA GLN A 108 54.27 9.01 1.31
C GLN A 108 53.92 8.42 -0.06
N VAL A 109 53.06 7.39 -0.09
CA VAL A 109 52.71 6.77 -1.36
C VAL A 109 51.99 7.75 -2.28
N ASN A 110 51.03 8.50 -1.73
CA ASN A 110 50.29 9.46 -2.54
C ASN A 110 51.16 10.57 -3.11
N ARG A 111 52.38 10.74 -2.60
CA ARG A 111 53.28 11.79 -3.08
C ARG A 111 54.27 11.26 -4.11
N ASN A 112 53.72 10.69 -5.19
CA ASN A 112 54.47 10.14 -6.32
C ASN A 112 55.53 9.11 -5.91
N HIS A 113 55.36 8.45 -4.77
CA HIS A 113 56.33 7.45 -4.34
C HIS A 113 55.89 6.05 -4.78
N ASN A 114 56.81 5.09 -4.61
CA ASN A 114 56.55 3.70 -4.98
C ASN A 114 56.03 2.94 -3.76
N PRO A 115 54.86 2.30 -3.84
CA PRO A 115 54.36 1.57 -2.66
C PRO A 115 54.95 0.18 -2.46
N ILE A 116 55.46 -0.47 -3.51
CA ILE A 116 56.02 -1.81 -3.35
C ILE A 116 57.24 -1.82 -2.43
N PRO A 117 58.26 -0.97 -2.61
CA PRO A 117 59.39 -1.02 -1.68
C PRO A 117 59.00 -0.65 -0.26
N ILE A 118 58.06 0.29 -0.09
CA ILE A 118 57.61 0.66 1.24
C ILE A 118 56.94 -0.54 1.90
N GLN A 119 56.15 -1.29 1.13
CA GLN A 119 55.50 -2.48 1.67
C GLN A 119 56.55 -3.52 2.07
N ARG A 120 57.59 -3.66 1.25
CA ARG A 120 58.65 -4.60 1.56
C ARG A 120 59.32 -4.23 2.88
N GLY A 121 59.64 -2.95 3.04
CA GLY A 121 60.27 -2.49 4.27
C GLY A 121 59.37 -2.68 5.47
N ILE A 122 58.07 -2.41 5.31
CA ILE A 122 57.13 -2.57 6.42
C ILE A 122 57.08 -4.03 6.87
N GLN A 123 56.95 -4.96 5.91
CA GLN A 123 56.88 -6.37 6.24
C GLN A 123 58.17 -6.85 6.89
N LEU A 124 59.32 -6.45 6.34
CA LEU A 124 60.59 -6.88 6.92
C LEU A 124 60.75 -6.32 8.33
N ALA A 125 60.37 -5.06 8.54
CA ALA A 125 60.46 -4.47 9.86
C ALA A 125 59.56 -5.22 10.84
N SER A 126 58.38 -5.63 10.37
CA SER A 126 57.48 -6.38 11.23
C SER A 126 58.10 -7.70 11.66
N LYS A 127 58.68 -8.43 10.71
CA LYS A 127 59.31 -9.71 11.02
C LYS A 127 60.48 -9.54 11.99
N MET A 128 61.35 -8.57 11.72
CA MET A 128 62.50 -8.34 12.59
C MET A 128 62.09 -7.89 13.98
N ILE A 129 61.07 -7.03 14.07
CA ILE A 129 60.61 -6.57 15.37
C ILE A 129 59.97 -7.72 16.14
N ILE A 130 59.26 -8.61 15.44
CA ILE A 130 58.67 -9.76 16.11
C ILE A 130 59.77 -10.63 16.70
N GLU A 131 60.85 -10.84 15.93
CA GLU A 131 61.97 -11.63 16.43
C GLU A 131 62.61 -10.95 17.63
N LYS A 132 62.75 -9.63 17.59
CA LYS A 132 63.34 -8.90 18.72
C LYS A 132 62.48 -9.03 19.96
N ILE A 133 61.16 -8.85 19.81
CA ILE A 133 60.23 -8.98 20.94
C ILE A 133 60.32 -10.39 21.51
N LYS A 134 60.45 -11.39 20.64
CA LYS A 134 60.59 -12.77 21.12
C LYS A 134 61.87 -12.91 21.93
N SER A 135 62.95 -12.26 21.48
CA SER A 135 64.21 -12.31 22.20
C SER A 135 64.21 -11.46 23.47
N LEU A 136 63.20 -10.61 23.64
CA LEU A 136 63.08 -9.77 24.83
C LEU A 136 62.05 -10.28 25.82
N SER A 137 61.54 -11.49 25.61
CA SER A 137 60.54 -12.08 26.47
C SER A 137 61.15 -12.94 27.57
N THR A 138 60.39 -13.11 28.65
CA THR A 138 60.79 -13.90 29.81
C THR A 138 59.73 -14.95 30.11
N PRO A 139 60.13 -16.17 30.49
CA PRO A 139 59.14 -17.21 30.78
C PRO A 139 58.36 -16.94 32.06
N ILE A 140 57.19 -17.57 32.13
CA ILE A 140 56.30 -17.44 33.29
C ILE A 140 56.60 -18.60 34.23
N LYS A 141 56.98 -18.28 35.47
CA LYS A 141 57.32 -19.31 36.45
C LYS A 141 56.45 -19.28 37.69
N THR A 142 56.36 -18.15 38.37
CA THR A 142 55.59 -18.05 39.60
C THR A 142 54.10 -17.80 39.33
N TYR A 143 53.30 -18.10 40.35
CA TYR A 143 51.85 -17.91 40.27
C TYR A 143 51.50 -16.42 40.18
N LYS A 144 52.30 -15.56 40.82
CA LYS A 144 52.05 -14.13 40.77
C LYS A 144 52.09 -13.64 39.33
N ASP A 145 52.92 -14.26 38.50
CA ASP A 145 53.00 -13.88 37.09
C ASP A 145 51.68 -14.17 36.39
N ILE A 146 51.11 -15.34 36.65
CA ILE A 146 49.82 -15.70 36.05
C ILE A 146 48.73 -14.76 36.52
N LEU A 147 48.70 -14.46 37.82
CA LEU A 147 47.69 -13.55 38.33
C LEU A 147 47.83 -12.16 37.72
N ASN A 148 49.08 -11.68 37.59
CA ASN A 148 49.31 -10.36 37.03
C ASN A 148 48.90 -10.29 35.56
N ILE A 149 49.28 -11.30 34.77
CA ILE A 149 48.92 -11.28 33.35
C ILE A 149 47.41 -11.38 33.20
N ALA A 150 46.75 -12.18 34.04
CA ALA A 150 45.30 -12.31 33.96
C ALA A 150 44.61 -11.00 34.32
N THR A 151 45.08 -10.33 35.37
CA THR A 151 44.46 -9.07 35.78
C THR A 151 44.70 -7.97 34.75
N ILE A 152 45.91 -7.91 34.19
CA ILE A 152 46.22 -6.89 33.19
C ILE A 152 45.42 -7.12 31.92
N ALA A 153 45.38 -8.38 31.45
CA ALA A 153 44.63 -8.72 30.25
C ALA A 153 43.12 -8.64 30.47
N SER A 154 42.68 -8.37 31.69
CA SER A 154 41.27 -8.27 32.03
C SER A 154 40.86 -6.85 32.34
N ASN A 155 41.56 -5.87 31.77
CA ASN A 155 41.28 -4.45 31.98
C ASN A 155 41.29 -4.10 33.46
N ASN A 156 42.25 -4.69 34.19
CA ASN A 156 42.43 -4.47 35.62
C ASN A 156 41.19 -4.87 36.43
N ASP A 157 40.70 -6.08 36.17
CA ASP A 157 39.54 -6.63 36.87
C ASP A 157 40.11 -7.68 37.81
N VAL A 158 40.26 -7.31 39.08
CA VAL A 158 40.85 -8.21 40.08
C VAL A 158 40.01 -9.47 40.28
N HIS A 159 38.68 -9.35 40.20
CA HIS A 159 37.83 -10.53 40.42
C HIS A 159 38.08 -11.61 39.38
N MET A 160 37.88 -11.27 38.10
CA MET A 160 38.09 -12.28 37.06
C MET A 160 39.55 -12.70 36.98
N GLY A 161 40.48 -11.79 37.27
CA GLY A 161 41.89 -12.16 37.25
C GLY A 161 42.17 -13.22 38.31
N GLN A 162 41.62 -13.03 39.52
CA GLN A 162 41.80 -13.99 40.58
C GLN A 162 41.13 -15.31 40.22
N ILE A 163 40.00 -15.24 39.51
CA ILE A 163 39.31 -16.46 39.08
C ILE A 163 40.20 -17.27 38.16
N ILE A 164 40.81 -16.60 37.17
CA ILE A 164 41.70 -17.31 36.24
C ILE A 164 42.92 -17.85 36.97
N ALA A 165 43.47 -17.06 37.89
CA ALA A 165 44.63 -17.50 38.65
C ALA A 165 44.32 -18.75 39.46
N ASN A 166 43.17 -18.78 40.12
CA ASN A 166 42.79 -19.95 40.91
C ASN A 166 42.46 -21.12 40.01
N ALA A 167 41.93 -20.86 38.81
CA ALA A 167 41.64 -21.94 37.89
C ALA A 167 42.93 -22.59 37.41
N TYR A 168 44.00 -21.81 37.36
CA TYR A 168 45.30 -22.33 36.95
C TYR A 168 46.10 -22.92 38.10
N ASP A 169 45.83 -22.51 39.34
CA ASP A 169 46.57 -23.07 40.47
C ASP A 169 46.06 -24.45 40.85
N LYS A 170 44.74 -24.61 41.01
CA LYS A 170 44.18 -25.91 41.35
C LYS A 170 44.26 -26.90 40.19
N LEU A 171 44.74 -26.46 39.04
CA LEU A 171 44.89 -27.29 37.85
C LEU A 171 46.32 -27.12 37.32
N GLY A 172 46.62 -27.79 36.21
CA GLY A 172 47.94 -27.71 35.61
C GLY A 172 48.11 -26.53 34.67
N LYS A 173 49.31 -26.44 34.08
CA LYS A 173 49.63 -25.38 33.14
C LYS A 173 49.15 -25.69 31.73
N ASN A 174 48.22 -26.64 31.62
CA ASN A 174 47.60 -27.06 30.37
C ASN A 174 46.13 -27.34 30.62
N ALA A 175 45.58 -26.66 31.63
CA ALA A 175 44.19 -26.82 32.05
C ALA A 175 43.22 -26.28 30.99
N ALA A 176 42.25 -27.12 30.63
CA ALA A 176 41.21 -26.73 29.68
C ALA A 176 40.10 -26.09 30.49
N ILE A 177 39.87 -24.80 30.26
CA ILE A 177 38.86 -24.03 30.99
C ILE A 177 37.68 -23.78 30.06
N ILE A 178 36.47 -24.05 30.57
CA ILE A 178 35.24 -23.87 29.82
C ILE A 178 34.48 -22.68 30.41
N LEU A 179 33.92 -21.86 29.53
CA LEU A 179 33.16 -20.68 29.91
C LEU A 179 31.68 -20.96 29.71
N ASP A 180 30.92 -20.91 30.80
CA ASP A 180 29.48 -21.17 30.75
C ASP A 180 28.73 -19.99 31.34
N ASP A 181 27.49 -19.81 30.85
CA ASP A 181 26.64 -18.73 31.31
C ASP A 181 26.08 -19.02 32.69
N ASN A 182 25.89 -17.96 33.48
CA ASN A 182 25.38 -18.07 34.83
C ASN A 182 24.20 -17.12 35.02
N ALA A 183 23.32 -17.48 35.95
CA ALA A 183 22.14 -16.68 36.25
C ALA A 183 22.35 -15.73 37.43
N ASP A 184 23.52 -15.78 38.07
CA ASP A 184 23.83 -14.92 39.19
C ASP A 184 24.62 -13.70 38.71
N ILE A 185 24.94 -12.80 39.63
CA ILE A 185 25.70 -11.59 39.28
C ILE A 185 27.18 -11.77 39.55
N ASN A 186 27.56 -12.82 40.25
CA ASN A 186 28.95 -13.12 40.57
C ASN A 186 29.46 -14.21 39.64
N ASP A 187 30.77 -14.21 39.40
CA ASP A 187 31.42 -15.18 38.53
C ASP A 187 31.96 -16.30 39.42
N LYS A 188 31.21 -17.40 39.52
CA LYS A 188 31.67 -18.49 40.36
C LYS A 188 32.58 -19.45 39.57
N LEU A 189 33.40 -20.18 40.31
CA LEU A 189 34.34 -21.12 39.73
C LEU A 189 34.13 -22.51 40.35
N GLU A 190 34.08 -23.52 39.50
CA GLU A 190 33.88 -24.90 39.92
C GLU A 190 34.90 -25.78 39.21
N PHE A 191 35.07 -27.00 39.72
CA PHE A 191 36.00 -27.95 39.15
C PHE A 191 35.30 -29.30 38.99
N THR A 192 35.55 -29.97 37.87
CA THR A 192 34.93 -31.27 37.62
C THR A 192 35.93 -32.18 36.95
N GLU A 193 35.99 -33.43 37.41
CA GLU A 193 36.92 -34.40 36.84
C GLU A 193 36.55 -34.68 35.39
N GLY A 194 37.58 -34.78 34.55
CA GLY A 194 37.34 -35.05 33.14
C GLY A 194 38.63 -35.43 32.44
N TYR A 195 38.50 -35.72 31.15
CA TYR A 195 39.62 -36.11 30.30
C TYR A 195 39.80 -35.09 29.19
N ASN A 196 41.06 -34.73 28.93
CA ASN A 196 41.39 -33.76 27.89
C ASN A 196 42.60 -34.24 27.13
N PHE A 197 42.45 -34.44 25.82
CA PHE A 197 43.58 -34.85 24.99
C PHE A 197 43.93 -33.70 24.05
N ASP A 198 44.88 -33.94 23.13
CA ASP A 198 45.35 -32.90 22.22
C ASP A 198 44.79 -33.02 20.81
N ARG A 199 43.54 -33.39 20.65
CA ARG A 199 42.90 -33.48 19.34
C ARG A 199 41.67 -32.60 19.37
N GLY A 200 41.25 -32.13 18.19
CA GLY A 200 40.09 -31.26 18.13
C GLY A 200 39.14 -31.56 16.99
N ILE A 201 38.69 -30.50 16.32
CA ILE A 201 37.75 -30.57 15.20
C ILE A 201 38.57 -30.53 13.92
N ILE A 202 38.71 -31.69 13.29
CA ILE A 202 39.46 -31.84 12.06
C ILE A 202 38.90 -31.00 10.93
N ASN A 203 37.69 -31.29 10.47
CA ASN A 203 37.04 -30.54 9.39
C ASN A 203 36.12 -29.46 9.97
N PRO A 204 36.51 -28.19 9.96
CA PRO A 204 35.65 -27.14 10.55
C PRO A 204 34.26 -27.02 9.95
N TYR A 205 34.00 -27.64 8.79
CA TYR A 205 32.65 -27.56 8.22
C TYR A 205 31.61 -28.16 9.15
N LEU A 206 32.01 -28.83 10.22
CA LEU A 206 31.07 -29.40 11.16
C LEU A 206 30.38 -28.30 11.98
N LEU A 207 30.83 -27.05 11.84
CA LEU A 207 30.26 -25.93 12.56
C LEU A 207 29.46 -24.98 11.66
N TYR A 208 29.08 -25.43 10.47
CA TYR A 208 28.31 -24.54 9.60
C TYR A 208 26.82 -24.59 9.91
N ASN A 209 26.44 -25.30 10.97
CA ASN A 209 25.05 -25.37 11.41
C ASN A 209 24.98 -24.40 12.57
N GLU A 210 25.62 -24.76 13.69
CA GLU A 210 25.70 -23.91 14.86
C GLU A 210 26.97 -23.07 14.70
N ASN A 211 26.82 -21.75 14.74
CA ASN A 211 27.96 -20.85 14.59
C ASN A 211 28.42 -20.36 15.97
N LYS A 212 28.97 -21.29 16.75
CA LYS A 212 29.45 -20.98 18.09
C LYS A 212 30.94 -21.29 18.27
N ASP A 213 31.65 -21.58 17.18
CA ASP A 213 33.09 -21.86 17.12
C ASP A 213 33.50 -23.11 17.88
N TYR A 214 32.57 -23.76 18.58
CA TYR A 214 32.88 -24.98 19.32
C TYR A 214 31.71 -25.94 19.19
N ILE A 215 31.86 -27.11 19.81
CA ILE A 215 30.83 -28.15 19.80
C ILE A 215 30.42 -28.42 21.24
N GLU A 216 29.11 -28.36 21.50
CA GLU A 216 28.57 -28.59 22.83
C GLU A 216 27.40 -29.56 22.73
N TYR A 217 27.63 -30.80 23.13
CA TYR A 217 26.63 -31.85 23.13
C TYR A 217 26.54 -32.39 24.54
N SER A 218 25.31 -32.54 25.05
CA SER A 218 25.08 -33.02 26.40
C SER A 218 24.65 -34.48 26.42
N GLN A 219 25.29 -35.26 27.29
CA GLN A 219 25.01 -36.68 27.48
C GLN A 219 25.14 -37.45 26.15
N VAL A 220 26.38 -37.48 25.66
CA VAL A 220 26.68 -38.13 24.39
C VAL A 220 27.09 -39.57 24.63
N SER A 221 26.96 -40.38 23.58
CA SER A 221 27.35 -41.78 23.61
C SER A 221 28.65 -41.92 22.83
N THR A 222 29.66 -42.51 23.45
CA THR A 222 30.96 -42.65 22.81
C THR A 222 31.12 -43.99 22.09
N LEU A 223 31.83 -43.94 20.96
CA LEU A 223 32.16 -45.09 20.13
C LEU A 223 33.65 -44.94 19.91
N ILE A 224 34.45 -45.61 20.74
CA ILE A 224 35.89 -45.53 20.66
C ILE A 224 36.42 -46.79 19.99
N THR A 225 37.19 -46.61 18.93
CA THR A 225 37.79 -47.69 18.17
C THR A 225 39.28 -47.38 18.01
N ASP A 226 39.98 -48.25 17.29
CA ASP A 226 41.41 -48.07 17.07
C ASP A 226 41.80 -48.04 15.60
N GLN A 227 40.95 -48.54 14.71
CA GLN A 227 41.25 -48.53 13.28
C GLN A 227 40.73 -47.24 12.66
N ASN A 228 40.79 -47.15 11.34
CA ASN A 228 40.31 -45.99 10.60
C ASN A 228 38.98 -46.38 9.96
N ILE A 229 37.93 -45.63 10.27
CA ILE A 229 36.61 -45.93 9.73
C ILE A 229 36.63 -45.60 8.24
N ASP A 230 36.69 -46.62 7.39
CA ASP A 230 36.70 -46.43 5.94
C ASP A 230 35.38 -46.78 5.31
N ASN A 231 34.90 -48.02 5.50
CA ASN A 231 33.63 -48.45 4.93
C ASN A 231 32.49 -47.92 5.79
N ILE A 232 31.66 -47.06 5.22
CA ILE A 232 30.54 -46.51 5.98
C ILE A 232 29.56 -47.62 6.36
N GLN A 233 29.51 -48.69 5.59
CA GLN A 233 28.61 -49.80 5.91
C GLN A 233 29.09 -50.61 7.11
N SER A 234 30.16 -50.18 7.78
CA SER A 234 30.66 -50.88 8.96
C SER A 234 30.06 -50.33 10.24
N ILE A 235 29.76 -49.04 10.27
CA ILE A 235 29.14 -48.38 11.42
C ILE A 235 27.75 -47.88 11.11
N LEU A 236 27.23 -48.19 9.91
CA LEU A 236 25.90 -47.75 9.52
C LEU A 236 24.79 -48.13 10.49
N PRO A 237 24.74 -49.34 11.07
CA PRO A 237 23.64 -49.64 12.01
C PRO A 237 23.63 -48.72 13.22
N ILE A 238 24.80 -48.43 13.80
CA ILE A 238 24.86 -47.54 14.95
C ILE A 238 24.41 -46.15 14.55
N LEU A 239 24.82 -45.72 13.34
CA LEU A 239 24.43 -44.41 12.86
C LEU A 239 22.92 -44.32 12.70
N GLU A 240 22.30 -45.36 12.14
CA GLU A 240 20.85 -45.36 11.98
C GLU A 240 20.15 -45.35 13.34
N ILE A 241 20.66 -46.12 14.29
CA ILE A 241 20.04 -46.17 15.62
C ILE A 241 20.06 -44.79 16.25
N PHE A 242 21.20 -44.11 16.19
CA PHE A 242 21.25 -42.77 16.78
C PHE A 242 20.52 -41.74 15.93
N ALA A 243 20.31 -42.02 14.64
CA ALA A 243 19.55 -41.11 13.81
C ALA A 243 18.08 -41.21 14.11
N LYS A 244 17.64 -42.39 14.57
CA LYS A 244 16.23 -42.59 14.91
C LYS A 244 15.93 -42.12 16.32
N ASN A 245 16.86 -42.29 17.26
CA ASN A 245 16.58 -41.83 18.62
C ASN A 245 16.86 -40.34 18.79
N LYS A 246 17.72 -39.76 17.94
CA LYS A 246 18.08 -38.34 17.96
C LYS A 246 18.98 -37.99 19.15
N GLN A 247 19.78 -38.96 19.64
CA GLN A 247 20.70 -38.80 20.76
C GLN A 247 22.10 -38.43 20.24
N PRO A 248 22.85 -37.62 20.98
CA PRO A 248 24.19 -37.23 20.51
C PRO A 248 25.17 -38.39 20.57
N LEU A 249 26.01 -38.46 19.55
CA LEU A 249 27.02 -39.50 19.39
C LEU A 249 28.39 -38.89 19.11
N CYS A 250 29.40 -39.48 19.71
CA CYS A 250 30.79 -39.07 19.55
C CYS A 250 31.56 -40.31 19.13
N ILE A 251 32.34 -40.20 18.05
CA ILE A 251 33.12 -41.32 17.54
C ILE A 251 34.59 -40.94 17.58
N ILE A 252 35.37 -41.73 18.31
CA ILE A 252 36.81 -41.48 18.43
C ILE A 252 37.56 -42.60 17.72
N ALA A 253 37.88 -42.38 16.46
CA ALA A 253 38.61 -43.35 15.66
C ALA A 253 40.06 -42.90 15.54
N ASP A 254 40.83 -43.61 14.73
CA ASP A 254 42.23 -43.25 14.54
C ASP A 254 42.33 -42.28 13.38
N ASP A 255 41.70 -42.62 12.26
CA ASP A 255 41.68 -41.79 11.07
C ASP A 255 40.24 -41.75 10.57
N PHE A 256 40.01 -41.16 9.41
CA PHE A 256 38.66 -41.07 8.85
C PHE A 256 38.81 -40.96 7.33
N SER A 257 38.52 -42.05 6.63
CA SER A 257 38.65 -42.08 5.17
C SER A 257 38.02 -40.85 4.52
N ASN A 258 38.58 -40.47 3.37
CA ASN A 258 38.14 -39.31 2.62
C ASN A 258 36.62 -39.23 2.46
N GLU A 259 36.03 -40.27 1.87
CA GLU A 259 34.60 -40.31 1.60
C GLU A 259 33.71 -40.66 2.79
N VAL A 260 34.25 -41.17 3.91
CA VAL A 260 33.39 -41.52 5.03
C VAL A 260 33.14 -40.36 5.98
N LEU A 261 33.68 -39.18 5.68
CA LEU A 261 33.49 -38.01 6.52
C LEU A 261 32.76 -36.89 5.83
N GLN A 262 32.49 -37.03 4.53
CA GLN A 262 31.81 -35.99 3.78
C GLN A 262 30.49 -36.47 3.17
N THR A 263 30.47 -37.66 2.58
CA THR A 263 29.26 -38.19 1.97
C THR A 263 28.11 -38.31 2.96
N LEU A 264 28.38 -38.71 4.21
CA LEU A 264 27.28 -38.87 5.15
C LEU A 264 27.39 -38.19 6.51
N ILE A 265 28.60 -37.94 7.03
CA ILE A 265 28.69 -37.37 8.37
C ILE A 265 28.40 -35.87 8.40
N ILE A 266 29.21 -35.07 7.70
CA ILE A 266 29.05 -33.62 7.74
C ILE A 266 27.76 -33.16 7.08
N ASN A 267 27.38 -33.76 5.95
CA ASN A 267 26.15 -33.31 5.29
C ASN A 267 24.89 -33.76 6.02
N LYS A 268 24.95 -34.83 6.79
CA LYS A 268 23.74 -35.27 7.49
C LYS A 268 23.60 -34.67 8.87
N LEU A 269 24.71 -34.36 9.56
CA LEU A 269 24.60 -33.76 10.88
C LEU A 269 23.75 -32.49 10.79
N LYS A 270 23.74 -31.86 9.61
CA LYS A 270 22.94 -30.68 9.35
C LYS A 270 21.51 -31.08 8.99
N GLY A 271 21.25 -32.39 9.07
CA GLY A 271 19.97 -33.00 8.80
C GLY A 271 19.45 -33.59 10.09
N ALA A 272 19.62 -34.91 10.29
CA ALA A 272 19.13 -35.54 11.52
C ALA A 272 20.11 -36.54 12.14
N ILE A 273 21.19 -36.03 12.74
CA ILE A 273 22.19 -36.86 13.42
C ILE A 273 23.18 -35.97 14.14
N LYS A 274 23.60 -36.39 15.33
CA LYS A 274 24.59 -35.64 16.11
C LYS A 274 25.83 -36.53 16.20
N VAL A 275 26.84 -36.21 15.40
CA VAL A 275 28.09 -36.99 15.37
C VAL A 275 29.28 -36.04 15.46
N VAL A 276 30.27 -36.43 16.26
CA VAL A 276 31.50 -35.68 16.44
C VAL A 276 32.68 -36.58 16.08
N PRO A 277 33.22 -36.47 14.87
CA PRO A 277 34.34 -37.32 14.47
C PRO A 277 35.73 -36.84 14.86
N ILE A 278 36.19 -37.12 16.08
CA ILE A 278 37.52 -36.72 16.51
C ILE A 278 38.49 -37.86 16.21
N ARG A 279 39.76 -37.53 16.00
CA ARG A 279 40.78 -38.52 15.74
C ARG A 279 41.55 -38.82 17.02
N ALA A 280 42.06 -40.04 17.13
CA ALA A 280 42.79 -40.43 18.33
C ALA A 280 44.11 -39.66 18.44
N PRO A 281 44.46 -39.19 19.63
CA PRO A 281 45.73 -38.45 19.82
C PRO A 281 46.87 -39.43 19.98
N SER A 282 47.85 -39.36 19.08
CA SER A 282 48.96 -40.29 19.19
C SER A 282 50.15 -39.86 18.35
N PHE A 283 51.30 -40.41 18.75
CA PHE A 283 52.58 -40.19 18.09
C PHE A 283 53.15 -41.52 17.60
N GLY A 284 52.42 -42.61 17.79
CA GLY A 284 52.84 -43.95 17.41
C GLY A 284 51.86 -44.97 17.95
N ASP A 285 52.38 -46.10 18.46
CA ASP A 285 51.53 -47.15 19.01
C ASP A 285 50.83 -46.70 20.29
N ARG A 286 51.29 -45.61 20.89
CA ARG A 286 50.74 -45.03 22.12
C ARG A 286 49.25 -44.76 21.99
N ARG A 287 48.73 -44.77 20.75
CA ARG A 287 47.31 -44.55 20.54
C ARG A 287 46.48 -45.59 21.27
N LYS A 288 46.97 -46.84 21.29
CA LYS A 288 46.25 -47.91 21.97
C LYS A 288 46.06 -47.59 23.45
N ASP A 289 47.13 -47.19 24.12
CA ASP A 289 47.06 -46.86 25.55
C ASP A 289 46.08 -45.72 25.82
N TYR A 290 46.18 -44.63 25.04
CA TYR A 290 45.29 -43.50 25.23
C TYR A 290 43.84 -43.90 24.98
N LEU A 291 43.60 -44.67 23.92
CA LEU A 291 42.24 -45.11 23.61
C LEU A 291 41.70 -45.99 24.73
N LYS A 292 42.56 -46.85 25.30
CA LYS A 292 42.13 -47.69 26.41
C LYS A 292 41.73 -46.84 27.59
N ASP A 293 42.53 -45.81 27.89
CA ASP A 293 42.19 -44.91 28.99
C ASP A 293 40.85 -44.24 28.73
N LEU A 294 40.63 -43.82 27.47
CA LEU A 294 39.36 -43.20 27.12
C LEU A 294 38.20 -44.19 27.26
N CYS A 295 38.46 -45.47 26.97
CA CYS A 295 37.43 -46.49 27.08
C CYS A 295 37.16 -46.92 28.51
N ILE A 296 38.07 -46.61 29.42
CA ILE A 296 37.83 -46.95 30.82
C ILE A 296 37.20 -45.75 31.52
N VAL A 297 37.49 -44.54 31.01
CA VAL A 297 36.92 -43.33 31.58
C VAL A 297 35.44 -43.24 31.26
N THR A 298 35.03 -43.75 30.10
CA THR A 298 33.63 -43.71 29.68
C THR A 298 32.98 -45.08 29.51
N ASN A 299 33.71 -46.18 29.75
CA ASN A 299 33.17 -47.54 29.59
C ASN A 299 32.60 -47.71 28.18
N SER A 300 33.48 -47.59 27.19
CA SER A 300 33.10 -47.69 25.79
C SER A 300 33.49 -48.99 25.10
N LYS A 301 34.00 -49.99 25.82
CA LYS A 301 34.36 -51.25 25.18
C LYS A 301 35.33 -51.07 24.01
N TYR A 302 36.61 -50.84 24.32
CA TYR A 302 37.66 -50.61 23.35
C TYR A 302 37.56 -51.53 22.14
N ILE A 303 37.37 -50.92 20.97
CA ILE A 303 37.23 -51.61 19.70
C ILE A 303 38.57 -51.60 18.98
N SER A 304 39.03 -52.77 18.54
CA SER A 304 40.29 -52.89 17.83
C SER A 304 40.43 -54.31 17.31
N ALA A 305 41.20 -54.45 16.23
CA ALA A 305 41.40 -55.78 15.68
C ALA A 305 42.31 -56.61 16.58
N ASP A 306 43.11 -55.95 17.42
CA ASP A 306 43.98 -56.67 18.35
C ASP A 306 43.18 -57.38 19.42
N VAL A 307 42.05 -56.80 19.84
CA VAL A 307 41.21 -57.39 20.87
C VAL A 307 40.07 -58.22 20.25
N GLY A 308 40.19 -58.58 18.97
CA GLY A 308 39.19 -59.37 18.29
C GLY A 308 38.00 -58.60 17.74
N LEU A 309 37.62 -57.50 18.38
CA LEU A 309 36.49 -56.71 17.93
C LEU A 309 36.92 -55.82 16.77
N ASP A 310 36.72 -56.32 15.55
CA ASP A 310 37.09 -55.57 14.35
C ASP A 310 35.91 -54.70 13.92
N LEU A 311 36.19 -53.45 13.59
CA LEU A 311 35.17 -52.52 13.17
C LEU A 311 34.63 -52.80 11.77
N ASN A 312 35.24 -53.72 11.02
CA ASN A 312 34.76 -54.01 9.68
C ASN A 312 33.80 -55.18 9.62
N ASN A 313 33.68 -55.97 10.68
CA ASN A 313 32.74 -57.09 10.69
C ASN A 313 32.19 -57.18 12.12
N LEU A 314 31.21 -56.32 12.41
CA LEU A 314 30.56 -56.31 13.71
C LEU A 314 29.20 -57.00 13.65
N HIS A 315 28.91 -57.68 12.54
CA HIS A 315 27.68 -58.41 12.35
C HIS A 315 27.88 -59.89 12.50
N ASN A 316 29.13 -60.35 12.37
CA ASN A 316 29.46 -61.75 12.53
C ASN A 316 29.62 -62.08 14.01
N GLN A 317 30.36 -61.23 14.73
CA GLN A 317 30.62 -61.36 16.16
C GLN A 317 29.46 -60.79 16.97
N MET A 318 28.26 -60.79 16.38
CA MET A 318 27.06 -60.27 17.02
C MET A 318 26.68 -60.95 18.32
N SER A 319 27.46 -61.93 18.77
CA SER A 319 27.17 -62.63 20.01
C SER A 319 28.27 -62.44 21.05
N SER A 320 28.90 -61.26 21.05
CA SER A 320 29.95 -60.93 21.99
C SER A 320 29.50 -59.83 22.94
N PHE A 321 29.08 -58.69 22.40
CA PHE A 321 28.62 -57.56 23.21
C PHE A 321 27.16 -57.73 23.62
N ASP A 322 26.68 -58.98 23.68
CA ASP A 322 25.31 -59.32 24.06
C ASP A 322 24.28 -58.90 23.02
N ASN A 323 24.68 -58.88 21.74
CA ASN A 323 23.84 -58.54 20.60
C ASN A 323 23.30 -57.12 20.60
N ASN A 324 23.55 -56.37 21.67
CA ASN A 324 23.11 -54.99 21.75
C ASN A 324 24.21 -54.10 21.16
N TYR A 325 23.87 -53.35 20.11
CA TYR A 325 24.87 -52.48 19.50
C TYR A 325 25.19 -51.32 20.43
N LEU A 326 24.29 -51.04 21.39
CA LEU A 326 24.46 -49.93 22.31
C LEU A 326 25.27 -50.32 23.54
N SER A 327 25.24 -51.59 23.95
CA SER A 327 26.04 -51.94 25.13
C SER A 327 27.51 -51.80 24.81
N LEU A 328 27.85 -51.79 23.50
CA LEU A 328 29.21 -51.61 23.01
C LEU A 328 29.68 -50.16 23.10
N LEU A 329 28.76 -49.22 23.24
CA LEU A 329 29.12 -47.82 23.31
C LEU A 329 29.26 -47.37 24.75
N GLY A 330 29.90 -46.20 24.92
CA GLY A 330 30.13 -45.60 26.21
C GLY A 330 29.21 -44.42 26.44
N SER A 331 29.52 -43.67 27.50
CA SER A 331 28.72 -42.50 27.84
C SER A 331 29.59 -41.45 28.52
N ALA A 332 29.17 -40.20 28.42
CA ALA A 332 29.89 -39.09 29.03
C ALA A 332 28.88 -38.02 29.42
N ASN A 333 29.29 -37.16 30.36
CA ASN A 333 28.41 -36.09 30.82
C ASN A 333 28.29 -34.99 29.77
N THR A 334 29.40 -34.37 29.41
CA THR A 334 29.42 -33.30 28.43
C THR A 334 30.67 -33.42 27.57
N LEU A 335 30.53 -33.05 26.31
CA LEU A 335 31.62 -33.10 25.34
C LEU A 335 31.80 -31.72 24.73
N ILE A 336 33.02 -31.19 24.79
CA ILE A 336 33.36 -29.87 24.27
C ILE A 336 34.54 -30.06 23.33
N VAL A 337 34.32 -29.89 22.04
CA VAL A 337 35.36 -30.05 21.02
C VAL A 337 35.76 -28.67 20.52
N LYS A 338 37.00 -28.28 20.83
CA LYS A 338 37.53 -27.01 20.39
C LYS A 338 38.32 -27.23 19.10
N LYS A 339 39.05 -26.21 18.65
CA LYS A 339 39.83 -26.36 17.42
C LYS A 339 40.93 -27.41 17.56
N ASP A 340 41.55 -27.50 18.75
CA ASP A 340 42.62 -28.49 18.90
C ASP A 340 42.66 -29.13 20.29
N ARG A 341 41.58 -29.09 21.07
CA ARG A 341 41.65 -29.71 22.41
C ARG A 341 40.26 -30.20 22.84
N THR A 342 39.98 -31.46 22.52
CA THR A 342 38.70 -32.04 22.91
C THR A 342 38.70 -32.32 24.41
N SER A 343 37.55 -32.08 25.06
CA SER A 343 37.39 -32.29 26.49
C SER A 343 36.08 -33.03 26.76
N LEU A 344 36.10 -33.94 27.73
CA LEU A 344 34.92 -34.70 28.09
C LEU A 344 34.82 -34.81 29.60
N ILE A 345 33.67 -34.46 30.15
CA ILE A 345 33.44 -34.52 31.59
C ILE A 345 33.01 -35.94 31.95
N THR A 346 33.79 -36.59 32.81
CA THR A 346 33.49 -37.96 33.23
C THR A 346 32.15 -38.04 33.97
N LYS A 347 31.46 -39.15 33.77
CA LYS A 347 30.17 -39.37 34.42
C LYS A 347 30.37 -39.70 35.90
N GLU A 348 29.34 -39.41 36.70
CA GLU A 348 29.36 -39.63 38.13
C GLU A 348 29.31 -41.12 38.51
N GLU A 349 29.13 -42.02 37.55
CA GLU A 349 29.06 -43.44 37.85
C GLU A 349 30.41 -44.14 37.73
N TYR A 350 31.21 -43.78 36.74
CA TYR A 350 32.51 -44.42 36.53
C TYR A 350 33.59 -43.86 37.44
N LYS A 351 33.28 -42.84 38.24
CA LYS A 351 34.24 -42.21 39.14
C LYS A 351 35.11 -43.23 39.87
N LYS A 352 34.50 -44.25 40.45
CA LYS A 352 35.27 -45.25 41.19
C LYS A 352 36.15 -46.08 40.25
N GLU A 353 35.56 -46.58 39.15
CA GLU A 353 36.33 -47.43 38.23
C GLU A 353 37.61 -46.76 37.78
N ILE A 354 37.51 -45.55 37.20
CA ILE A 354 38.71 -44.85 36.76
C ILE A 354 39.68 -44.70 37.93
N ASP A 355 39.16 -44.36 39.10
CA ASP A 355 40.03 -44.22 40.27
C ASP A 355 40.82 -45.48 40.50
N GLU A 356 40.14 -46.63 40.49
CA GLU A 356 40.83 -47.90 40.66
C GLU A 356 41.94 -48.04 39.63
N ARG A 357 41.60 -47.79 38.36
CA ARG A 357 42.60 -47.88 37.30
C ARG A 357 43.79 -46.99 37.61
N ILE A 358 43.51 -45.76 38.06
CA ILE A 358 44.60 -44.84 38.38
C ILE A 358 45.55 -45.50 39.37
N ASN A 359 44.99 -46.10 40.43
CA ASN A 359 45.82 -46.76 41.42
C ASN A 359 46.70 -47.83 40.77
N VAL A 360 46.10 -48.64 39.90
CA VAL A 360 46.87 -49.68 39.23
C VAL A 360 48.02 -49.05 38.46
N LEU A 361 47.75 -47.97 37.72
CA LEU A 361 48.82 -47.33 36.98
C LEU A 361 49.91 -46.85 37.92
N LYS A 362 49.51 -46.30 39.07
CA LYS A 362 50.52 -45.85 40.03
C LYS A 362 51.34 -47.03 40.50
N LYS A 363 50.70 -48.18 40.70
CA LYS A 363 51.43 -49.37 41.12
C LYS A 363 52.46 -49.77 40.07
N GLU A 364 52.18 -49.47 38.80
CA GLU A 364 53.09 -49.78 37.73
C GLU A 364 54.15 -48.69 37.54
N TYR A 365 53.93 -47.50 38.12
CA TYR A 365 54.90 -46.43 37.96
C TYR A 365 56.15 -46.68 38.79
N GLU A 366 55.99 -47.27 39.99
CA GLU A 366 57.10 -47.57 40.87
C GLU A 366 57.60 -49.00 40.69
N GLU A 367 57.33 -49.60 39.53
CA GLU A 367 57.74 -50.97 39.22
C GLU A 367 58.50 -51.09 37.90
N THR A 368 58.74 -49.99 37.18
CA THR A 368 59.44 -50.05 35.90
C THR A 368 60.53 -48.98 35.82
N THR A 369 61.59 -49.32 35.08
CA THR A 369 62.78 -48.50 34.85
C THR A 369 62.85 -48.08 33.38
N SER A 370 64.02 -47.53 33.00
CA SER A 370 64.45 -47.03 31.69
C SER A 370 63.95 -45.61 31.38
N LYS A 371 63.11 -45.02 32.22
CA LYS A 371 62.60 -43.65 32.09
C LYS A 371 61.63 -43.46 30.92
N TYR A 372 61.51 -44.42 30.01
CA TYR A 372 60.56 -44.20 28.93
C TYR A 372 59.21 -44.75 29.32
N ASP A 373 59.19 -45.83 30.08
CA ASP A 373 57.93 -46.39 30.56
C ASP A 373 57.42 -45.52 31.70
N LYS A 374 58.34 -45.01 32.53
CA LYS A 374 57.92 -44.15 33.63
C LYS A 374 57.35 -42.84 33.11
N GLU A 375 57.92 -42.30 32.02
CA GLU A 375 57.41 -41.06 31.46
C GLU A 375 56.08 -41.30 30.76
N LYS A 376 55.97 -42.41 30.03
CA LYS A 376 54.71 -42.72 29.35
C LYS A 376 53.59 -42.90 30.36
N LEU A 377 53.87 -43.67 31.43
CA LEU A 377 52.87 -43.88 32.47
C LEU A 377 52.56 -42.60 33.21
N ASN A 378 53.56 -41.73 33.42
CA ASN A 378 53.30 -40.48 34.11
C ASN A 378 52.36 -39.61 33.28
N GLU A 379 52.59 -39.54 31.97
CA GLU A 379 51.71 -38.74 31.12
C GLU A 379 50.30 -39.34 31.10
N ARG A 380 50.19 -40.67 31.05
CA ARG A 380 48.88 -41.30 31.05
C ARG A 380 48.13 -41.04 32.35
N ILE A 381 48.81 -41.17 33.49
CA ILE A 381 48.18 -40.92 34.79
C ILE A 381 47.78 -39.47 34.91
N ALA A 382 48.61 -38.55 34.39
CA ALA A 382 48.28 -37.14 34.47
C ALA A 382 47.05 -36.83 33.62
N ALA A 383 46.89 -37.53 32.49
CA ALA A 383 45.71 -37.29 31.65
C ALA A 383 44.46 -37.89 32.28
N LEU A 384 44.58 -39.09 32.85
CA LEU A 384 43.42 -39.75 33.46
C LEU A 384 42.90 -38.98 34.67
N SER A 385 43.80 -38.56 35.57
CA SER A 385 43.43 -37.83 36.77
C SER A 385 43.28 -36.33 36.55
N GLY A 386 43.19 -35.88 35.31
CA GLY A 386 43.06 -34.46 35.05
C GLY A 386 41.71 -33.92 35.48
N GLY A 387 41.46 -32.67 35.12
CA GLY A 387 40.22 -32.02 35.46
C GLY A 387 39.91 -30.88 34.51
N ILE A 388 38.71 -30.34 34.67
CA ILE A 388 38.21 -29.23 33.86
C ILE A 388 37.64 -28.16 34.79
N ALA A 389 38.03 -26.90 34.54
CA ALA A 389 37.56 -25.78 35.33
C ALA A 389 36.35 -25.17 34.63
N LYS A 390 35.29 -24.96 35.40
CA LYS A 390 34.04 -24.40 34.89
C LYS A 390 33.85 -23.00 35.49
N ILE A 391 33.83 -22.00 34.63
CA ILE A 391 33.68 -20.61 35.05
C ILE A 391 32.26 -20.16 34.71
N LEU A 392 31.41 -20.03 35.72
CA LEU A 392 30.04 -19.58 35.53
C LEU A 392 30.07 -18.05 35.64
N ILE A 393 29.99 -17.39 34.47
CA ILE A 393 30.03 -15.94 34.38
C ILE A 393 28.63 -15.37 34.38
N GLY A 394 28.45 -14.24 35.06
CA GLY A 394 27.17 -13.57 35.15
C GLY A 394 27.35 -12.07 35.06
N GLY A 395 26.22 -11.37 35.06
CA GLY A 395 26.23 -9.92 34.97
C GLY A 395 24.92 -9.35 35.43
N ASN A 396 24.82 -8.03 35.33
CA ASN A 396 23.61 -7.32 35.74
C ASN A 396 22.58 -7.22 34.63
N SER A 397 22.92 -7.69 33.43
CA SER A 397 22.00 -7.65 32.29
C SER A 397 22.34 -8.82 31.38
N GLU A 398 21.49 -9.04 30.37
CA GLU A 398 21.75 -10.13 29.44
C GLU A 398 22.93 -9.79 28.54
N THR A 399 23.13 -8.50 28.24
CA THR A 399 24.25 -8.10 27.40
C THR A 399 25.56 -8.05 28.20
N GLU A 400 25.48 -7.71 29.49
CA GLU A 400 26.68 -7.69 30.30
C GLU A 400 27.27 -9.09 30.43
N GLN A 401 26.41 -10.11 30.40
CA GLN A 401 26.90 -11.48 30.46
C GLN A 401 27.76 -11.80 29.24
N LYS A 402 27.27 -11.44 28.06
CA LYS A 402 28.04 -11.71 26.84
C LYS A 402 29.32 -10.88 26.82
N GLU A 403 29.26 -9.64 27.33
CA GLU A 403 30.45 -8.81 27.37
C GLU A 403 31.51 -9.44 28.27
N ARG A 404 31.10 -9.86 29.47
CA ARG A 404 32.04 -10.50 30.39
C ARG A 404 32.52 -11.83 29.83
N LYS A 405 31.67 -12.51 29.04
CA LYS A 405 32.07 -13.77 28.42
C LYS A 405 33.20 -13.53 27.45
N PHE A 406 33.06 -12.50 26.61
CA PHE A 406 34.11 -12.18 25.64
C PHE A 406 35.38 -11.75 26.37
N LYS A 407 35.21 -10.99 27.46
CA LYS A 407 36.35 -10.53 28.25
C LYS A 407 37.11 -11.73 28.82
N TYR A 408 36.37 -12.69 29.37
CA TYR A 408 36.98 -13.89 29.93
C TYR A 408 37.67 -14.71 28.85
N GLU A 409 37.06 -14.79 27.67
CA GLU A 409 37.68 -15.55 26.58
C GLU A 409 39.00 -14.92 26.17
N ALA A 410 39.02 -13.60 26.02
CA ALA A 410 40.26 -12.91 25.65
C ALA A 410 41.32 -13.07 26.72
N ALA A 411 40.91 -12.94 27.99
CA ALA A 411 41.87 -13.06 29.09
C ALA A 411 42.46 -14.47 29.15
N THR A 412 41.61 -15.49 29.03
CA THR A 412 42.10 -16.86 29.06
C THR A 412 43.02 -17.14 27.87
N ASN A 413 42.69 -16.59 26.69
CA ASN A 413 43.56 -16.80 25.54
C ASN A 413 44.91 -16.13 25.77
N ALA A 414 44.91 -14.97 26.43
CA ALA A 414 46.15 -14.29 26.72
C ALA A 414 46.99 -15.10 27.71
N VAL A 415 46.33 -15.68 28.72
CA VAL A 415 47.06 -16.50 29.70
C VAL A 415 47.61 -17.75 29.03
N LYS A 416 46.87 -18.33 28.08
CA LYS A 416 47.37 -19.51 27.38
C LYS A 416 48.59 -19.16 26.54
N SER A 417 48.53 -18.02 25.83
CA SER A 417 49.66 -17.60 25.03
C SER A 417 50.83 -17.22 25.93
N ALA A 418 50.56 -16.86 27.18
CA ALA A 418 51.61 -16.52 28.12
C ALA A 418 52.24 -17.77 28.72
N ILE A 419 51.47 -18.86 28.90
CA ILE A 419 52.09 -20.06 29.41
C ILE A 419 52.86 -20.76 28.28
N ASP A 420 52.51 -20.45 27.03
CA ASP A 420 53.21 -21.02 25.88
C ASP A 420 54.52 -20.27 25.63
N ILE A 421 54.42 -18.98 25.33
CA ILE A 421 55.58 -18.14 25.09
C ILE A 421 55.70 -17.22 26.32
N GLY A 422 56.80 -16.50 26.41
CA GLY A 422 56.98 -15.65 27.57
C GLY A 422 56.04 -14.46 27.73
N TYR A 423 56.48 -13.48 28.51
CA TYR A 423 55.72 -12.26 28.78
C TYR A 423 56.69 -11.07 28.81
N VAL A 424 56.20 -9.92 28.35
CA VAL A 424 57.02 -8.71 28.31
C VAL A 424 56.36 -7.60 29.10
N PRO A 425 57.13 -6.65 29.64
CA PRO A 425 56.54 -5.56 30.43
C PRO A 425 55.51 -4.78 29.64
N GLY A 426 54.39 -4.47 30.30
CA GLY A 426 53.31 -3.73 29.68
C GLY A 426 53.58 -2.25 29.62
N GLY A 427 52.49 -1.49 29.49
CA GLY A 427 52.58 -0.05 29.39
C GLY A 427 53.26 0.47 28.15
N GLY A 428 53.36 -0.36 27.11
CA GLY A 428 53.99 0.07 25.88
C GLY A 428 55.49 0.22 25.94
N VAL A 429 56.13 -0.20 27.03
CA VAL A 429 57.58 -0.08 27.13
C VAL A 429 58.26 -1.04 26.17
N THR A 430 57.61 -2.16 25.83
CA THR A 430 58.22 -3.09 24.89
C THR A 430 58.39 -2.45 23.53
N TYR A 431 57.41 -1.64 23.11
CA TYR A 431 57.51 -0.95 21.84
C TYR A 431 58.57 0.14 21.89
N LEU A 432 58.76 0.76 23.06
CA LEU A 432 59.75 1.82 23.24
C LEU A 432 61.17 1.28 23.31
N GLU A 433 61.33 0.02 23.73
CA GLU A 433 62.68 -0.55 23.83
C GLU A 433 63.34 -0.67 22.47
N ILE A 434 62.59 -1.10 21.47
CA ILE A 434 63.15 -1.24 20.13
C ILE A 434 63.47 0.11 19.53
N ILE A 435 62.93 1.19 20.09
CA ILE A 435 63.22 2.53 19.59
C ILE A 435 64.45 3.10 20.29
N LYS A 436 64.54 2.91 21.61
CA LYS A 436 65.68 3.45 22.36
C LYS A 436 66.95 2.63 22.16
N SER A 437 66.86 1.34 21.83
CA SER A 437 68.04 0.52 21.62
C SER A 437 68.55 0.56 20.18
N ASN A 438 67.98 1.42 19.33
CA ASN A 438 68.39 1.58 17.93
C ASN A 438 68.24 0.33 17.08
N PHE A 439 67.11 -0.37 17.19
CA PHE A 439 66.87 -1.55 16.36
C PHE A 439 66.64 -1.14 14.91
N ILE A 440 66.28 0.12 14.69
CA ILE A 440 66.05 0.66 13.36
C ILE A 440 67.33 0.53 12.54
N GLN A 441 68.49 0.68 13.18
CA GLN A 441 69.75 0.51 12.45
C GLN A 441 69.94 -0.94 12.04
N GLU A 442 69.45 -1.87 12.86
CA GLU A 442 69.55 -3.29 12.52
C GLU A 442 68.71 -3.61 11.29
N ILE A 443 67.46 -3.13 11.27
CA ILE A 443 66.65 -3.40 10.08
C ILE A 443 67.25 -2.72 8.86
N HIS A 444 67.87 -1.54 9.06
CA HIS A 444 68.52 -0.86 7.94
C HIS A 444 69.64 -1.72 7.36
N LYS A 445 70.49 -2.26 8.26
CA LYS A 445 71.58 -3.13 7.83
C LYS A 445 71.04 -4.36 7.11
N LYS A 446 69.91 -4.89 7.59
CA LYS A 446 69.34 -6.07 6.96
C LYS A 446 68.90 -5.79 5.53
N ILE A 447 68.20 -4.66 5.32
CA ILE A 447 67.77 -4.36 3.95
C ILE A 447 69.00 -4.09 3.07
N GLU A 448 70.03 -3.45 3.63
CA GLU A 448 71.24 -3.19 2.85
C GLU A 448 71.91 -4.48 2.43
N GLU A 449 71.95 -5.48 3.32
CA GLU A 449 72.57 -6.75 2.95
C GLU A 449 71.73 -7.50 1.93
N ASP A 450 70.40 -7.47 2.11
CA ASP A 450 69.52 -8.14 1.17
C ASP A 450 69.63 -7.54 -0.22
N LEU A 451 69.92 -6.24 -0.32
CA LEU A 451 70.08 -5.64 -1.61
C LEU A 451 71.50 -5.79 -2.15
N GLN A 452 72.48 -5.94 -1.26
CA GLN A 452 73.86 -6.13 -1.71
C GLN A 452 74.04 -7.52 -2.31
N ILE A 453 73.33 -8.51 -1.78
CA ILE A 453 73.45 -9.88 -2.31
C ILE A 453 72.69 -10.00 -3.62
N SER A 454 72.01 -8.94 -4.05
CA SER A 454 71.27 -8.97 -5.30
C SER A 454 71.76 -7.99 -6.35
N SER A 455 72.40 -6.89 -5.96
CA SER A 455 72.88 -5.91 -6.93
C SER A 455 74.23 -6.33 -7.53
N ASN A 456 75.27 -6.36 -6.71
CA ASN A 456 76.60 -6.73 -7.20
C ASN A 456 76.67 -8.19 -7.60
N ASN A 457 75.91 -9.06 -6.93
CA ASN A 457 75.92 -10.48 -7.26
C ASN A 457 75.49 -10.70 -8.70
N ASP A 458 74.39 -10.07 -9.11
CA ASP A 458 73.89 -10.19 -10.48
C ASP A 458 74.77 -9.26 -11.31
N GLU A 459 75.82 -9.82 -11.91
CA GLU A 459 76.73 -9.02 -12.70
C GLU A 459 76.12 -8.57 -14.03
N LYS A 460 75.07 -7.77 -13.95
CA LYS A 460 74.40 -7.24 -15.14
C LYS A 460 73.69 -5.96 -14.71
N LYS A 461 73.79 -4.92 -15.55
CA LYS A 461 73.11 -3.66 -15.27
C LYS A 461 71.68 -3.66 -15.78
N TYR A 462 71.06 -4.82 -15.90
CA TYR A 462 69.70 -4.90 -16.41
C TYR A 462 68.71 -4.48 -15.34
N LEU A 463 69.07 -4.66 -14.08
CA LEU A 463 68.25 -4.29 -12.94
C LEU A 463 68.42 -2.82 -12.55
N GLU A 464 69.53 -2.18 -12.98
CA GLU A 464 69.77 -0.78 -12.63
C GLU A 464 68.92 0.19 -13.43
N LEU A 465 68.46 -0.18 -14.63
CA LEU A 465 67.65 0.72 -15.43
C LEU A 465 66.15 0.57 -15.20
N ILE A 466 65.71 -0.55 -14.60
CA ILE A 466 64.29 -0.77 -14.34
C ILE A 466 63.95 -0.25 -12.95
N GLY A 467 64.91 0.41 -12.30
CA GLY A 467 64.70 0.95 -10.97
C GLY A 467 65.99 1.36 -10.29
N ASN A 468 65.94 2.52 -9.62
CA ASN A 468 67.10 3.05 -8.92
C ASN A 468 67.42 2.22 -7.68
N LEU A 469 68.68 1.80 -7.56
CA LEU A 469 69.08 0.99 -6.41
C LEU A 469 69.01 1.82 -5.12
N GLU A 470 69.56 3.05 -5.16
CA GLU A 470 69.51 3.90 -3.97
C GLU A 470 68.08 4.24 -3.62
N SER A 471 67.21 4.40 -4.62
CA SER A 471 65.82 4.69 -4.33
C SER A 471 65.15 3.49 -3.69
N GLU A 472 65.52 2.28 -4.12
CA GLU A 472 64.97 1.08 -3.51
C GLU A 472 65.37 0.98 -2.05
N MET A 473 66.65 1.27 -1.76
CA MET A 473 67.11 1.22 -0.38
C MET A 473 66.40 2.27 0.46
N GLU A 474 66.28 3.49 -0.08
CA GLU A 474 65.62 4.58 0.64
C GLU A 474 64.16 4.26 0.92
N LEU A 475 63.46 3.68 -0.05
CA LEU A 475 62.05 3.37 0.17
C LEU A 475 61.87 2.20 1.14
N GLN A 476 62.74 1.20 1.08
CA GLN A 476 62.63 0.08 2.02
C GLN A 476 62.88 0.58 3.44
N LYS A 477 63.96 1.34 3.63
CA LYS A 477 64.22 1.89 4.95
C LYS A 477 63.15 2.90 5.33
N MET A 478 62.47 3.51 4.34
CA MET A 478 61.39 4.44 4.65
C MET A 478 60.25 3.69 5.31
N GLY A 479 59.89 2.53 4.74
CA GLY A 479 58.85 1.73 5.34
C GLY A 479 59.26 1.27 6.73
N ALA A 480 60.54 0.90 6.89
CA ALA A 480 61.02 0.50 8.20
C ALA A 480 60.93 1.64 9.20
N ASN A 481 61.30 2.86 8.77
CA ASN A 481 61.22 4.02 9.64
C ASN A 481 59.78 4.32 10.01
N ILE A 482 58.86 4.08 9.07
CA ILE A 482 57.44 4.30 9.34
C ILE A 482 56.97 3.35 10.43
N VAL A 483 57.37 2.08 10.33
CA VAL A 483 56.96 1.10 11.34
C VAL A 483 57.58 1.42 12.69
N VAL A 484 58.82 1.89 12.71
CA VAL A 484 59.50 2.17 13.97
C VAL A 484 58.93 3.44 14.64
N SER A 485 58.80 4.52 13.88
CA SER A 485 58.30 5.78 14.42
C SER A 485 56.87 5.72 14.95
N SER A 486 56.13 4.64 14.68
CA SER A 486 54.76 4.52 15.15
C SER A 486 54.61 3.56 16.32
N LEU A 487 55.64 3.44 17.15
CA LEU A 487 55.61 2.55 18.30
C LEU A 487 55.41 3.27 19.62
N ASP A 488 55.66 4.57 19.67
CA ASP A 488 55.47 5.34 20.89
C ASP A 488 54.04 5.83 21.04
N VAL A 489 53.16 5.51 20.09
CA VAL A 489 51.78 5.96 20.16
C VAL A 489 50.99 5.23 21.24
N ILE A 490 51.32 3.96 21.50
CA ILE A 490 50.59 3.20 22.51
C ILE A 490 50.80 3.79 23.90
N THR A 491 52.05 3.82 24.35
CA THR A 491 52.35 4.36 25.67
C THR A 491 51.97 5.83 25.78
N LYS A 492 52.21 6.62 24.72
CA LYS A 492 51.85 8.03 24.78
C LYS A 492 50.35 8.21 24.93
N GLN A 493 49.56 7.44 24.19
CA GLN A 493 48.11 7.57 24.29
C GLN A 493 47.63 7.11 25.67
N ILE A 494 48.23 6.04 26.20
CA ILE A 494 47.84 5.55 27.52
C ILE A 494 48.10 6.61 28.58
N ALA A 495 49.27 7.23 28.53
CA ALA A 495 49.59 8.28 29.50
C ALA A 495 48.72 9.51 29.30
N ASP A 496 48.44 9.87 28.04
CA ASP A 496 47.61 11.04 27.74
C ASP A 496 46.20 10.88 28.28
N ASN A 497 45.60 9.70 28.09
CA ASN A 497 44.24 9.50 28.59
C ASN A 497 44.16 9.65 30.09
N ALA A 498 45.27 9.39 30.79
CA ALA A 498 45.30 9.52 32.25
C ALA A 498 45.41 10.97 32.70
N GLY A 499 45.67 11.91 31.80
CA GLY A 499 45.80 13.30 32.15
C GLY A 499 47.21 13.80 32.32
N VAL A 500 48.21 13.11 31.78
CA VAL A 500 49.61 13.50 31.89
C VAL A 500 50.18 13.65 30.48
N ASN A 501 51.28 14.40 30.40
CA ASN A 501 51.94 14.63 29.12
C ASN A 501 52.50 13.31 28.61
N GLY A 502 51.86 12.77 27.57
CA GLY A 502 52.30 11.49 27.02
C GLY A 502 53.68 11.57 26.37
N ASP A 503 53.88 12.56 25.49
CA ASP A 503 55.17 12.70 24.83
C ASP A 503 56.31 12.85 25.83
N ASN A 504 56.09 13.63 26.91
CA ASN A 504 57.13 13.78 27.91
C ASN A 504 57.39 12.47 28.65
N VAL A 505 56.34 11.68 28.88
CA VAL A 505 56.54 10.38 29.54
C VAL A 505 57.39 9.49 28.66
N VAL A 506 57.12 9.52 27.35
CA VAL A 506 57.90 8.72 26.41
C VAL A 506 59.35 9.21 26.43
N LYS A 507 59.54 10.53 26.50
CA LYS A 507 60.89 11.08 26.54
C LYS A 507 61.63 10.62 27.79
N ILE A 508 60.93 10.53 28.92
CA ILE A 508 61.57 10.07 30.15
C ILE A 508 61.94 8.60 30.05
N ILE A 509 61.02 7.77 29.54
CA ILE A 509 61.29 6.35 29.42
C ILE A 509 62.44 6.10 28.45
N LEU A 510 62.52 6.88 27.38
CA LEU A 510 63.58 6.69 26.40
C LEU A 510 64.92 7.28 26.84
N ASN A 511 64.91 8.37 27.62
CA ASN A 511 66.16 8.98 28.03
C ASN A 511 66.76 8.40 29.30
N SER A 512 65.96 7.74 30.15
CA SER A 512 66.50 7.13 31.35
C SER A 512 66.88 5.71 30.99
N LYS A 513 68.12 5.31 31.31
CA LYS A 513 68.53 3.95 30.97
C LYS A 513 68.43 3.11 32.24
N ASP A 514 67.20 2.75 32.57
CA ASP A 514 66.88 1.89 33.69
C ASP A 514 66.82 0.47 33.14
N LYS A 515 66.48 -0.49 33.99
CA LYS A 515 66.40 -1.86 33.49
C LYS A 515 65.29 -1.95 32.43
N TYR A 516 65.20 -3.11 31.78
CA TYR A 516 64.22 -3.29 30.73
C TYR A 516 62.87 -3.51 31.41
N GLY A 517 62.00 -2.51 31.30
CA GLY A 517 60.68 -2.58 31.90
C GLY A 517 60.34 -1.33 32.69
N PHE A 518 61.23 -0.34 32.65
CA PHE A 518 60.99 0.90 33.38
C PHE A 518 59.88 1.68 32.70
N GLY A 519 58.76 1.87 33.40
CA GLY A 519 57.65 2.60 32.82
C GLY A 519 56.93 3.51 33.78
N TYR A 520 55.81 4.06 33.33
CA TYR A 520 54.98 4.97 34.11
C TYR A 520 53.64 4.31 34.41
N ASP A 521 53.36 4.09 35.69
CA ASP A 521 52.10 3.49 36.11
C ASP A 521 51.07 4.59 36.25
N VAL A 522 50.00 4.49 35.45
CA VAL A 522 48.94 5.50 35.46
C VAL A 522 47.96 5.30 36.61
N ASN A 523 47.90 4.10 37.19
CA ASN A 523 46.98 3.87 38.31
C ASN A 523 47.45 4.60 39.55
N THR A 524 48.77 4.77 39.69
CA THR A 524 49.37 5.47 40.82
C THR A 524 50.22 6.65 40.34
N ASN A 525 50.04 7.04 39.07
CA ASN A 525 50.75 8.14 38.42
C ASN A 525 52.19 8.28 38.91
N LYS A 526 52.98 7.21 38.78
CA LYS A 526 54.36 7.25 39.24
C LYS A 526 55.24 6.40 38.34
N PHE A 527 56.51 6.79 38.23
CA PHE A 527 57.47 6.07 37.40
C PHE A 527 58.06 4.93 38.22
N VAL A 528 57.72 3.69 37.84
CA VAL A 528 58.17 2.49 38.53
C VAL A 528 58.61 1.45 37.50
N ASN A 529 58.95 0.26 38.00
CA ASN A 529 59.36 -0.85 37.16
C ASN A 529 58.11 -1.69 36.89
N MET A 530 57.86 -1.98 35.61
CA MET A 530 56.66 -2.74 35.24
C MET A 530 56.68 -4.18 35.73
N VAL A 531 57.80 -4.90 35.56
CA VAL A 531 57.82 -6.29 36.00
C VAL A 531 57.71 -6.43 37.51
N GLU A 532 58.02 -5.37 38.26
CA GLU A 532 57.93 -5.47 39.71
C GLU A 532 56.50 -5.26 40.21
N LYS A 533 55.79 -4.28 39.66
CA LYS A 533 54.42 -4.01 40.08
C LYS A 533 53.38 -4.86 39.36
N GLY A 534 53.82 -5.87 38.59
CA GLY A 534 52.91 -6.76 37.91
C GLY A 534 52.26 -6.27 36.63
N ILE A 535 52.70 -5.14 36.08
CA ILE A 535 52.12 -4.63 34.83
C ILE A 535 52.88 -5.31 33.70
N ILE A 536 52.38 -6.47 33.27
CA ILE A 536 53.01 -7.25 32.21
C ILE A 536 51.94 -7.75 31.24
N ASP A 537 52.35 -7.90 29.98
CA ASP A 537 51.50 -8.40 28.91
C ASP A 537 52.11 -9.66 28.33
N SER A 538 51.30 -10.44 27.62
CA SER A 538 51.80 -11.66 26.99
C SER A 538 52.51 -11.28 25.69
N THR A 539 53.65 -11.92 25.46
CA THR A 539 54.41 -11.62 24.23
C THR A 539 53.59 -11.85 22.98
N ASN A 540 52.70 -12.84 22.99
CA ASN A 540 51.88 -13.10 21.81
C ASN A 540 50.96 -11.93 21.50
N VAL A 541 50.45 -11.25 22.53
CA VAL A 541 49.55 -10.11 22.30
C VAL A 541 50.29 -9.00 21.58
N ILE A 542 51.48 -8.64 22.06
CA ILE A 542 52.25 -7.56 21.43
C ILE A 542 52.67 -7.96 20.02
N ILE A 543 53.12 -9.22 19.85
CA ILE A 543 53.54 -9.69 18.54
C ILE A 543 52.37 -9.62 17.56
N SER A 544 51.19 -10.07 17.99
CA SER A 544 50.01 -10.03 17.14
C SER A 544 49.61 -8.60 16.82
N VAL A 545 49.75 -7.70 17.79
CA VAL A 545 49.40 -6.30 17.55
C VAL A 545 50.26 -5.73 16.43
N ILE A 546 51.57 -5.87 16.55
CA ILE A 546 52.46 -5.32 15.53
C ILE A 546 52.27 -6.04 14.19
N LYS A 547 52.10 -7.36 14.21
CA LYS A 547 51.92 -8.09 12.96
C LYS A 547 50.65 -7.66 12.24
N ASN A 548 49.54 -7.53 12.98
CA ASN A 548 48.29 -7.11 12.38
C ASN A 548 48.38 -5.70 11.83
N SER A 549 48.97 -4.77 12.59
CA SER A 549 49.09 -3.41 12.11
C SER A 549 49.92 -3.34 10.84
N CYS A 550 51.07 -4.01 10.81
CA CYS A 550 51.92 -3.98 9.63
C CYS A 550 51.25 -4.65 8.44
N SER A 551 50.55 -5.77 8.67
CA SER A 551 49.88 -6.45 7.57
C SER A 551 48.77 -5.59 6.98
N ILE A 552 47.98 -4.95 7.83
CA ILE A 552 46.91 -4.09 7.33
C ILE A 552 47.48 -2.90 6.58
N ALA A 553 48.57 -2.32 7.09
CA ALA A 553 49.18 -1.18 6.40
C ALA A 553 49.67 -1.58 5.02
N SER A 554 50.36 -2.73 4.93
CA SER A 554 50.85 -3.18 3.64
C SER A 554 49.70 -3.50 2.69
N MET A 555 48.63 -4.10 3.21
CA MET A 555 47.48 -4.42 2.37
C MET A 555 46.83 -3.17 1.82
N VAL A 556 46.68 -2.13 2.65
CA VAL A 556 46.08 -0.89 2.19
C VAL A 556 46.99 -0.22 1.16
N LEU A 557 48.30 -0.27 1.39
CA LEU A 557 49.24 0.33 0.44
C LEU A 557 49.19 -0.38 -0.91
N THR A 558 48.98 -1.70 -0.89
CA THR A 558 48.90 -2.48 -2.12
C THR A 558 47.57 -2.29 -2.83
N THR A 559 46.52 -1.95 -2.09
CA THR A 559 45.21 -1.75 -2.69
C THR A 559 45.22 -0.59 -3.67
N GLU A 560 44.66 -0.80 -4.86
CA GLU A 560 44.63 0.23 -5.89
C GLU A 560 43.25 0.40 -6.53
N CYS A 561 42.20 -0.11 -5.90
CA CYS A 561 40.87 0.03 -6.47
C CYS A 561 39.80 -0.28 -5.43
N MET A 562 38.67 0.41 -5.56
CA MET A 562 37.53 0.28 -4.68
C MET A 562 36.26 0.29 -5.53
N MET A 563 35.28 -0.54 -5.15
CA MET A 563 34.02 -0.64 -5.88
C MET A 563 32.86 -0.66 -4.90
N VAL A 564 32.02 0.37 -4.94
CA VAL A 564 30.84 0.46 -4.08
C VAL A 564 29.61 0.47 -4.98
N ASP A 565 28.64 -0.40 -4.69
CA ASP A 565 27.44 -0.50 -5.53
C ASP A 565 26.44 0.60 -5.21
N HIS A 566 26.72 1.79 -5.75
CA HIS A 566 25.86 2.97 -5.59
C HIS A 566 26.35 4.13 -6.44
N GLU A 567 25.55 4.56 -7.40
CA GLU A 567 25.92 5.68 -8.28
C GLU A 567 24.68 6.35 -8.86
N GLY B 5 24.37 4.19 9.86
CA GLY B 5 25.49 5.11 9.89
C GLY B 5 25.50 5.97 11.13
N LYS B 6 26.68 6.11 11.74
CA LYS B 6 26.87 6.89 12.94
C LYS B 6 27.48 8.26 12.67
N ASP B 7 27.20 9.17 13.59
CA ASP B 7 27.70 10.55 13.58
C ASP B 7 28.50 10.67 14.87
N ILE B 8 29.80 10.84 14.74
CA ILE B 8 30.72 10.92 15.87
C ILE B 8 31.09 12.37 16.12
N ILE B 9 31.17 12.74 17.40
CA ILE B 9 31.52 14.09 17.82
C ILE B 9 32.39 13.97 19.06
N TYR B 10 33.51 14.70 19.10
CA TYR B 10 34.41 14.62 20.22
C TYR B 10 34.55 15.95 20.96
N GLY B 11 35.26 15.87 22.08
CA GLY B 11 35.60 17.01 22.93
C GLY B 11 34.50 17.97 23.32
N ASN B 12 34.86 19.25 23.23
CA ASN B 12 33.97 20.36 23.61
C ASN B 12 32.60 20.25 22.98
N GLU B 13 32.50 19.80 21.73
CA GLU B 13 31.19 19.69 21.10
C GLU B 13 30.30 18.72 21.87
N CYS B 14 30.83 17.53 22.17
CA CYS B 14 30.08 16.53 22.90
C CYS B 14 29.72 17.02 24.30
N ARG B 15 30.71 17.57 25.02
CA ARG B 15 30.45 18.05 26.38
C ARG B 15 29.42 19.18 26.38
N ASN B 16 29.50 20.10 25.42
CA ASN B 16 28.57 21.22 25.38
C ASN B 16 27.16 20.76 25.06
N GLU B 17 27.00 19.79 24.16
CA GLU B 17 25.65 19.32 23.86
C GLU B 17 25.06 18.58 25.05
N LEU B 18 25.88 17.75 25.71
CA LEU B 18 25.38 17.06 26.90
C LEU B 18 25.00 18.07 27.98
N LEU B 19 25.80 19.13 28.10
CA LEU B 19 25.52 20.16 29.10
C LEU B 19 24.24 20.92 28.77
N LYS B 20 23.97 21.21 27.49
CA LYS B 20 22.73 21.92 27.20
C LYS B 20 21.53 21.03 27.51
N GLY B 21 21.64 19.72 27.26
CA GLY B 21 20.53 18.84 27.61
C GLY B 21 20.31 18.82 29.12
N ILE B 22 21.41 18.72 29.88
CA ILE B 22 21.33 18.72 31.34
C ILE B 22 20.69 20.03 31.81
N LEU B 23 21.11 21.15 31.22
CA LEU B 23 20.57 22.44 31.58
C LEU B 23 19.09 22.53 31.23
N THR B 24 18.66 21.88 30.15
CA THR B 24 17.24 21.91 29.81
C THR B 24 16.43 21.25 30.91
N VAL B 25 16.88 20.06 31.34
CA VAL B 25 16.18 19.36 32.41
C VAL B 25 16.17 20.21 33.68
N SER B 26 17.32 20.81 34.02
CA SER B 26 17.38 21.62 35.22
C SER B 26 16.50 22.86 35.13
N ASP B 27 16.51 23.54 33.99
CA ASP B 27 15.69 24.74 33.83
C ASP B 27 14.21 24.41 33.94
N VAL B 28 13.82 23.20 33.56
CA VAL B 28 12.41 22.84 33.68
C VAL B 28 12.06 22.30 35.06
N VAL B 29 13.02 21.72 35.77
CA VAL B 29 12.75 21.15 37.10
C VAL B 29 12.89 22.17 38.23
N LYS B 30 13.93 23.01 38.21
CA LYS B 30 14.16 23.98 39.28
C LYS B 30 12.96 24.89 39.53
N LEU B 31 12.02 25.02 38.58
CA LEU B 31 10.87 25.88 38.82
C LEU B 31 9.90 25.27 39.82
N THR B 32 9.97 23.96 40.04
CA THR B 32 9.08 23.28 40.98
C THR B 32 9.77 22.94 42.30
N LEU B 33 10.98 23.44 42.52
CA LEU B 33 11.70 23.16 43.75
C LEU B 33 11.06 23.90 44.92
N GLY B 34 10.86 23.18 46.03
CA GLY B 34 10.26 23.77 47.21
C GLY B 34 8.75 23.67 47.21
N PRO B 35 8.13 23.98 48.35
CA PRO B 35 6.66 23.90 48.43
C PRO B 35 5.97 24.99 47.63
N ARG B 36 6.63 26.14 47.42
CA ARG B 36 6.06 27.24 46.66
C ARG B 36 6.50 27.23 45.20
N GLY B 37 6.75 26.04 44.65
CA GLY B 37 7.19 25.94 43.27
C GLY B 37 6.12 26.39 42.29
N ARG B 38 6.58 26.79 41.11
CA ARG B 38 5.69 27.25 40.07
C ARG B 38 5.02 26.06 39.37
N ASN B 39 4.06 26.36 38.52
CA ASN B 39 3.32 25.36 37.78
C ASN B 39 3.91 25.17 36.38
N VAL B 40 3.75 23.95 35.86
CA VAL B 40 4.24 23.61 34.53
C VAL B 40 3.11 22.94 33.76
N LEU B 41 2.89 23.41 32.53
CA LEU B 41 1.84 22.89 31.66
C LEU B 41 2.43 21.86 30.72
N LEU B 42 1.82 20.67 30.70
CA LEU B 42 2.24 19.55 29.85
C LEU B 42 1.09 19.20 28.93
N GLU B 43 1.37 19.21 27.63
CA GLU B 43 0.36 18.90 26.62
C GLU B 43 0.35 17.40 26.33
N LYS B 44 -0.84 16.81 26.37
CA LYS B 44 -1.06 15.41 26.08
C LYS B 44 -1.50 15.29 24.63
N GLU B 45 -1.12 14.19 23.98
CA GLU B 45 -1.51 14.02 22.58
C GLU B 45 -3.03 14.04 22.43
N TYR B 46 -3.76 13.61 23.47
CA TYR B 46 -5.22 13.65 23.41
C TYR B 46 -5.70 15.08 23.23
N GLY B 47 -5.04 16.04 23.89
CA GLY B 47 -5.40 17.43 23.79
C GLY B 47 -5.64 18.08 25.14
N SER B 48 -5.63 17.28 26.21
CA SER B 48 -5.87 17.82 27.54
C SER B 48 -4.57 18.30 28.17
N PRO B 49 -4.54 19.53 28.69
CA PRO B 49 -3.32 20.04 29.33
C PRO B 49 -3.32 19.75 30.82
N LEU B 50 -2.13 19.48 31.35
CA LEU B 50 -1.96 19.17 32.76
C LEU B 50 -1.06 20.19 33.42
N ILE B 51 -1.52 20.74 34.54
CA ILE B 51 -0.76 21.72 35.32
C ILE B 51 -0.19 20.97 36.52
N ILE B 52 1.11 20.73 36.51
CA ILE B 52 1.75 19.97 37.58
C ILE B 52 2.74 20.84 38.34
N ASN B 53 2.99 20.42 39.59
CA ASN B 53 3.92 21.05 40.51
C ASN B 53 4.96 20.06 41.01
N ASP B 54 4.92 18.81 40.56
CA ASP B 54 5.87 17.78 40.96
C ASP B 54 7.00 17.74 39.95
N GLY B 55 8.24 17.88 40.44
CA GLY B 55 9.38 17.88 39.55
C GLY B 55 9.66 16.56 38.85
N VAL B 56 9.43 15.44 39.54
CA VAL B 56 9.70 14.13 38.94
C VAL B 56 8.74 13.85 37.80
N THR B 57 7.45 14.09 38.02
CA THR B 57 6.45 13.82 36.98
C THR B 57 6.72 14.64 35.72
N ILE B 58 7.12 15.90 35.90
CA ILE B 58 7.39 16.75 34.73
C ILE B 58 8.70 16.35 34.07
N ALA B 59 9.72 16.02 34.87
CA ALA B 59 11.01 15.63 34.32
C ALA B 59 10.94 14.33 33.53
N LYS B 60 10.03 13.43 33.90
CA LYS B 60 9.92 12.16 33.18
C LYS B 60 9.40 12.32 31.75
N GLN B 61 8.99 13.52 31.34
CA GLN B 61 8.46 13.75 30.00
C GLN B 61 9.34 14.65 29.13
N ILE B 62 10.48 15.10 29.62
CA ILE B 62 11.34 15.98 28.84
C ILE B 62 12.03 15.20 27.73
N SER B 63 11.97 15.74 26.51
CA SER B 63 12.60 15.12 25.34
C SER B 63 12.88 16.21 24.32
N LEU B 64 14.14 16.36 23.95
CA LEU B 64 14.56 17.38 22.99
C LEU B 64 14.56 16.84 21.56
N LYS B 65 14.28 17.73 20.61
CA LYS B 65 14.25 17.33 19.21
C LYS B 65 15.65 16.97 18.71
N ASP B 66 16.67 17.65 19.23
CA ASP B 66 18.05 17.39 18.85
C ASP B 66 18.46 16.05 19.45
N ARG B 67 18.56 15.01 18.62
CA ARG B 67 18.93 13.68 19.10
C ARG B 67 20.24 13.70 19.88
N LYS B 68 21.14 14.64 19.57
CA LYS B 68 22.40 14.71 20.28
C LYS B 68 22.23 15.38 21.65
N LYS B 69 21.60 16.55 21.70
CA LYS B 69 21.39 17.23 22.97
C LYS B 69 20.47 16.43 23.89
N ASN B 70 19.47 15.75 23.31
CA ASN B 70 18.54 14.97 24.10
C ASN B 70 19.25 13.91 24.93
N ASN B 71 20.44 13.49 24.52
CA ASN B 71 21.18 12.50 25.29
C ASN B 71 21.40 13.00 26.71
N GLY B 72 21.77 14.28 26.86
CA GLY B 72 21.98 14.80 28.19
C GLY B 72 20.72 14.65 29.02
N VAL B 73 19.57 14.93 28.42
CA VAL B 73 18.31 14.76 29.13
C VAL B 73 18.19 13.32 29.60
N LYS B 74 18.34 12.37 28.66
CA LYS B 74 18.26 10.97 29.03
C LYS B 74 19.30 10.63 30.08
N LEU B 75 20.48 11.25 29.97
CA LEU B 75 21.54 10.99 30.93
C LEU B 75 21.05 11.27 32.35
N MET B 76 20.41 12.41 32.56
CA MET B 76 19.92 12.67 33.91
C MET B 76 18.62 11.94 34.21
N GLN B 77 17.87 11.51 33.20
CA GLN B 77 16.63 10.80 33.49
C GLN B 77 16.91 9.40 34.02
N GLU B 78 18.05 8.82 33.65
CA GLU B 78 18.45 7.50 34.10
C GLU B 78 19.38 7.54 35.30
N SER B 79 20.23 8.57 35.40
CA SER B 79 21.14 8.67 36.53
C SER B 79 20.38 8.93 37.82
N THR B 80 19.25 9.62 37.74
CA THR B 80 18.43 9.93 38.89
C THR B 80 17.30 8.92 39.07
N GLN B 81 17.31 7.84 38.27
CA GLN B 81 16.30 6.78 38.33
C GLN B 81 14.89 7.29 38.06
N ILE B 82 14.78 8.38 37.28
CA ILE B 82 13.46 8.92 36.96
C ILE B 82 12.76 8.05 35.93
N SER B 83 13.49 7.66 34.88
CA SER B 83 12.91 6.82 33.84
C SER B 83 12.57 5.42 34.34
N ASN B 84 13.24 4.95 35.39
CA ASN B 84 13.01 3.64 35.96
C ASN B 84 11.89 3.64 37.00
N ASP B 85 11.30 4.79 37.28
CA ASP B 85 10.22 4.95 38.25
C ASP B 85 10.67 4.61 39.67
N LYS B 86 11.98 4.71 39.94
CA LYS B 86 12.53 4.43 41.27
C LYS B 86 13.27 5.64 41.82
N ALA B 87 12.96 6.83 41.32
CA ALA B 87 13.61 8.06 41.78
C ALA B 87 13.09 8.42 43.16
N GLY B 88 13.95 8.38 44.16
CA GLY B 88 13.58 8.71 45.52
C GLY B 88 13.46 10.21 45.70
N ASP B 89 13.52 10.63 46.96
CA ASP B 89 13.42 12.04 47.28
C ASP B 89 14.74 12.74 46.99
N GLY B 90 14.66 14.03 46.68
CA GLY B 90 15.83 14.84 46.38
C GLY B 90 16.29 14.82 44.94
N THR B 91 15.68 14.01 44.07
CA THR B 91 16.10 13.99 42.68
C THR B 91 15.86 15.34 42.02
N SER B 92 14.78 16.02 42.40
CA SER B 92 14.49 17.34 41.85
C SER B 92 15.63 18.30 42.15
N SER B 93 16.17 18.24 43.36
CA SER B 93 17.28 19.09 43.75
C SER B 93 18.58 18.59 43.11
N THR B 94 18.69 17.27 42.94
CA THR B 94 19.87 16.69 42.33
C THR B 94 20.05 17.19 40.91
N ALA B 95 18.96 17.36 40.17
CA ALA B 95 19.06 17.85 38.79
C ALA B 95 19.69 19.24 38.75
N LEU B 96 19.19 20.15 39.60
CA LEU B 96 19.73 21.51 39.63
C LEU B 96 21.18 21.51 40.07
N MET B 97 21.51 20.77 41.15
CA MET B 97 22.89 20.73 41.63
C MET B 97 23.82 20.18 40.56
N THR B 98 23.41 19.10 39.90
CA THR B 98 24.21 18.50 38.84
C THR B 98 24.44 19.46 37.69
N ALA B 99 23.38 20.16 37.27
CA ALA B 99 23.53 21.10 36.15
C ALA B 99 24.48 22.23 36.52
N THR B 100 24.35 22.77 37.73
CA THR B 100 25.22 23.87 38.14
C THR B 100 26.69 23.42 38.17
N ILE B 101 26.96 22.30 38.84
CA ILE B 101 28.34 21.80 38.92
C ILE B 101 28.88 21.46 37.54
N THR B 102 28.08 20.79 36.71
CA THR B 102 28.53 20.41 35.38
C THR B 102 28.82 21.63 34.52
N LYS B 103 27.99 22.67 34.62
CA LYS B 103 28.25 23.87 33.82
C LYS B 103 29.53 24.55 34.28
N LYS B 104 29.70 24.70 35.60
CA LYS B 104 30.91 25.34 36.11
C LYS B 104 32.16 24.56 35.71
N GLY B 105 32.07 23.23 35.72
CA GLY B 105 33.24 22.43 35.34
C GLY B 105 33.53 22.44 33.86
N ILE B 106 32.49 22.32 33.02
CA ILE B 106 32.68 22.30 31.58
C ILE B 106 33.20 23.65 31.10
N GLU B 107 32.71 24.74 31.67
CA GLU B 107 33.20 26.05 31.25
C GLU B 107 34.70 26.19 31.50
N GLN B 108 35.21 25.50 32.52
CA GLN B 108 36.64 25.55 32.82
C GLN B 108 37.42 24.59 31.92
N VAL B 109 36.89 23.39 31.69
CA VAL B 109 37.57 22.40 30.86
C VAL B 109 37.72 22.89 29.42
N ASN B 110 36.66 23.50 28.87
CA ASN B 110 36.71 23.97 27.49
C ASN B 110 37.80 25.00 27.23
N ARG B 111 38.37 25.62 28.27
CA ARG B 111 39.40 26.64 28.08
C ARG B 111 40.80 26.04 28.25
N ASN B 112 41.10 25.03 27.44
CA ASN B 112 42.40 24.36 27.43
C ASN B 112 42.83 23.87 28.81
N HIS B 113 41.88 23.60 29.71
CA HIS B 113 42.25 23.13 31.03
C HIS B 113 42.23 21.60 31.07
N ASN B 114 42.76 21.06 32.18
CA ASN B 114 42.82 19.61 32.35
C ASN B 114 41.61 19.14 33.13
N PRO B 115 40.82 18.19 32.61
CA PRO B 115 39.63 17.73 33.34
C PRO B 115 39.92 16.70 34.43
N ILE B 116 41.03 15.96 34.34
CA ILE B 116 41.33 14.95 35.37
C ILE B 116 41.53 15.57 36.74
N PRO B 117 42.36 16.61 36.92
CA PRO B 117 42.51 17.18 38.28
C PRO B 117 41.21 17.78 38.80
N ILE B 118 40.41 18.38 37.91
CA ILE B 118 39.14 18.95 38.34
C ILE B 118 38.23 17.84 38.83
N GLN B 119 38.22 16.72 38.13
CA GLN B 119 37.40 15.58 38.53
C GLN B 119 37.87 15.04 39.88
N ARG B 120 39.20 14.97 40.06
CA ARG B 120 39.74 14.48 41.33
C ARG B 120 39.29 15.37 42.47
N GLY B 121 39.39 16.69 42.27
CA GLY B 121 38.97 17.63 43.31
C GLY B 121 37.48 17.52 43.59
N ILE B 122 36.68 17.35 42.54
CA ILE B 122 35.23 17.23 42.72
C ILE B 122 34.88 16.00 43.54
N GLN B 123 35.48 14.86 43.19
CA GLN B 123 35.20 13.63 43.93
C GLN B 123 35.67 13.73 45.37
N LEU B 124 36.86 14.28 45.59
CA LEU B 124 37.36 14.41 46.95
C LEU B 124 36.45 15.33 47.77
N ALA B 125 36.01 16.44 47.16
CA ALA B 125 35.12 17.35 47.86
C ALA B 125 33.80 16.66 48.17
N SER B 126 33.32 15.81 47.26
CA SER B 126 32.07 15.10 47.49
C SER B 126 32.19 14.19 48.71
N LYS B 127 33.28 13.41 48.76
CA LYS B 127 33.46 12.50 49.90
C LYS B 127 33.61 13.27 51.21
N MET B 128 34.41 14.34 51.21
CA MET B 128 34.60 15.12 52.44
C MET B 128 33.29 15.77 52.88
N ILE B 129 32.51 16.29 51.94
CA ILE B 129 31.24 16.91 52.29
C ILE B 129 30.26 15.86 52.81
N ILE B 130 30.31 14.65 52.25
CA ILE B 130 29.44 13.59 52.73
C ILE B 130 29.79 13.27 54.18
N GLU B 131 31.08 13.22 54.48
CA GLU B 131 31.51 12.96 55.86
C GLU B 131 31.03 14.07 56.79
N LYS B 132 31.12 15.32 56.33
CA LYS B 132 30.67 16.45 57.15
C LYS B 132 29.17 16.36 57.42
N ILE B 133 28.39 16.07 56.37
CA ILE B 133 26.93 15.94 56.52
C ILE B 133 26.63 14.81 57.50
N LYS B 134 27.39 13.72 57.43
CA LYS B 134 27.19 12.62 58.36
C LYS B 134 27.44 13.10 59.79
N SER B 135 28.46 13.94 59.96
CA SER B 135 28.78 14.48 61.28
C SER B 135 27.77 15.53 61.73
N LEU B 136 26.89 15.99 60.84
CA LEU B 136 25.89 17.00 61.18
C LEU B 136 24.49 16.40 61.38
N SER B 137 24.36 15.08 61.43
CA SER B 137 23.06 14.46 61.60
C SER B 137 22.75 14.20 63.08
N THR B 138 21.45 14.09 63.37
CA THR B 138 20.92 13.83 64.70
C THR B 138 19.99 12.62 64.66
N PRO B 139 20.01 11.78 65.69
CA PRO B 139 19.14 10.61 65.70
C PRO B 139 17.67 10.98 65.86
N ILE B 140 16.81 10.07 65.41
CA ILE B 140 15.36 10.26 65.48
C ILE B 140 14.85 9.59 66.75
N LYS B 141 14.23 10.37 67.63
CA LYS B 141 13.71 9.85 68.89
C LYS B 141 12.21 10.02 69.06
N THR B 142 11.70 11.23 68.89
CA THR B 142 10.28 11.49 69.08
C THR B 142 9.45 11.13 67.84
N TYR B 143 8.15 10.92 68.07
CA TYR B 143 7.24 10.59 66.99
C TYR B 143 7.07 11.77 66.05
N LYS B 144 7.11 12.99 66.59
CA LYS B 144 6.99 14.18 65.75
C LYS B 144 8.11 14.25 64.73
N ASP B 145 9.28 13.69 65.06
CA ASP B 145 10.38 13.69 64.10
C ASP B 145 10.02 12.87 62.87
N ILE B 146 9.46 11.67 63.09
CA ILE B 146 9.04 10.82 61.98
C ILE B 146 7.92 11.49 61.20
N LEU B 147 6.94 12.06 61.90
CA LEU B 147 5.83 12.72 61.22
C LEU B 147 6.32 13.89 60.37
N ASN B 148 7.24 14.70 60.91
CA ASN B 148 7.76 15.85 60.17
C ASN B 148 8.56 15.40 58.95
N ILE B 149 9.42 14.39 59.12
CA ILE B 149 10.21 13.92 58.00
C ILE B 149 9.31 13.33 56.92
N ALA B 150 8.25 12.62 57.33
CA ALA B 150 7.33 12.05 56.36
C ALA B 150 6.58 13.14 55.61
N THR B 151 6.15 14.19 56.31
CA THR B 151 5.43 15.26 55.65
C THR B 151 6.34 16.05 54.70
N ILE B 152 7.58 16.28 55.11
CA ILE B 152 8.52 17.01 54.25
C ILE B 152 8.88 16.20 53.03
N ALA B 153 9.20 14.91 53.22
CA ALA B 153 9.55 14.04 52.11
C ALA B 153 8.37 13.69 51.22
N SER B 154 7.16 14.10 51.60
CA SER B 154 5.97 13.83 50.81
C SER B 154 5.41 15.10 50.16
N ASN B 155 6.29 16.06 49.87
CA ASN B 155 5.91 17.33 49.25
C ASN B 155 4.85 18.07 50.07
N ASN B 156 5.03 18.05 51.39
CA ASN B 156 4.12 18.73 52.33
C ASN B 156 2.69 18.22 52.23
N ASP B 157 2.54 16.90 52.26
CA ASP B 157 1.23 16.25 52.21
C ASP B 157 0.96 15.70 53.62
N VAL B 158 0.15 16.44 54.38
CA VAL B 158 -0.17 16.05 55.76
C VAL B 158 -0.83 14.68 55.83
N HIS B 159 -1.65 14.33 54.84
CA HIS B 159 -2.33 13.04 54.86
C HIS B 159 -1.33 11.89 54.81
N MET B 160 -0.45 11.88 53.80
CA MET B 160 0.53 10.82 53.68
C MET B 160 1.50 10.83 54.87
N GLY B 161 1.82 12.01 55.38
CA GLY B 161 2.69 12.09 56.53
C GLY B 161 2.08 11.43 57.74
N GLN B 162 0.78 11.70 57.98
CA GLN B 162 0.09 11.09 59.10
C GLN B 162 -0.01 9.58 58.92
N ILE B 163 -0.22 9.14 57.68
CA ILE B 163 -0.32 7.70 57.41
C ILE B 163 1.00 7.01 57.76
N ILE B 164 2.11 7.55 57.28
CA ILE B 164 3.42 6.94 57.58
C ILE B 164 3.72 7.02 59.07
N ALA B 165 3.40 8.15 59.70
CA ALA B 165 3.65 8.30 61.14
C ALA B 165 2.87 7.26 61.94
N ASN B 166 1.60 7.03 61.58
CA ASN B 166 0.83 6.03 62.30
C ASN B 166 1.30 4.62 61.98
N ALA B 167 1.80 4.39 60.76
CA ALA B 167 2.30 3.08 60.41
C ALA B 167 3.56 2.75 61.18
N TYR B 168 4.35 3.76 61.52
CA TYR B 168 5.57 3.54 62.30
C TYR B 168 5.34 3.59 63.80
N ASP B 169 4.27 4.26 64.25
CA ASP B 169 4.01 4.34 65.69
C ASP B 169 3.43 3.03 66.22
N LYS B 170 2.39 2.50 65.58
CA LYS B 170 1.77 1.26 66.02
C LYS B 170 2.63 0.03 65.76
N LEU B 171 3.82 0.17 65.18
CA LEU B 171 4.67 -0.98 64.91
C LEU B 171 6.08 -0.87 65.49
N GLY B 172 6.59 0.32 65.75
CA GLY B 172 7.91 0.49 66.32
C GLY B 172 8.81 1.34 65.45
N LYS B 173 10.05 1.53 65.93
CA LYS B 173 11.00 2.33 65.18
C LYS B 173 11.67 1.50 64.10
N ASN B 174 11.01 0.39 63.75
CA ASN B 174 11.38 -0.53 62.69
C ASN B 174 10.06 -1.11 62.19
N ALA B 175 9.87 -1.18 60.88
CA ALA B 175 8.61 -1.70 60.39
C ALA B 175 8.73 -2.16 58.95
N ALA B 176 7.71 -2.90 58.51
CA ALA B 176 7.59 -3.43 57.16
C ALA B 176 6.27 -2.90 56.60
N ILE B 177 6.36 -2.03 55.61
CA ILE B 177 5.19 -1.43 54.98
C ILE B 177 5.05 -1.95 53.56
N ILE B 178 3.84 -2.39 53.23
CA ILE B 178 3.52 -2.90 51.90
C ILE B 178 2.58 -1.91 51.22
N LEU B 179 2.83 -1.64 49.95
CA LEU B 179 2.02 -0.71 49.17
C LEU B 179 1.12 -1.50 48.24
N ASP B 180 -0.19 -1.35 48.41
CA ASP B 180 -1.18 -2.05 47.60
C ASP B 180 -2.13 -1.06 46.94
N ASP B 181 -2.67 -1.47 45.79
CA ASP B 181 -3.59 -0.63 45.03
C ASP B 181 -4.98 -0.62 45.67
N ASN B 182 -5.64 0.54 45.58
CA ASN B 182 -6.98 0.72 46.12
C ASN B 182 -7.88 1.35 45.07
N ALA B 183 -9.18 1.07 45.18
CA ALA B 183 -10.18 1.60 44.26
C ALA B 183 -10.84 2.87 44.78
N ASP B 184 -10.49 3.33 45.97
CA ASP B 184 -11.06 4.53 46.55
C ASP B 184 -10.19 5.73 46.23
N ILE B 185 -10.65 6.91 46.65
CA ILE B 185 -9.91 8.14 46.41
C ILE B 185 -9.09 8.54 47.64
N ASN B 186 -9.28 7.88 48.77
CA ASN B 186 -8.56 8.15 49.99
C ASN B 186 -7.45 7.11 50.17
N ASP B 187 -6.62 7.33 51.18
CA ASP B 187 -5.50 6.44 51.50
C ASP B 187 -5.79 5.78 52.84
N LYS B 188 -6.31 4.55 52.80
CA LYS B 188 -6.62 3.87 54.06
C LYS B 188 -5.41 3.09 54.56
N LEU B 189 -5.39 2.85 55.88
CA LEU B 189 -4.32 2.12 56.54
C LEU B 189 -4.88 0.97 57.34
N GLU B 190 -4.27 -0.21 57.20
CA GLU B 190 -4.67 -1.41 57.91
C GLU B 190 -3.45 -2.11 58.49
N PHE B 191 -3.69 -3.02 59.43
CA PHE B 191 -2.64 -3.79 60.09
C PHE B 191 -3.02 -5.26 60.09
N THR B 192 -2.03 -6.13 59.83
CA THR B 192 -2.29 -7.57 59.81
C THR B 192 -1.13 -8.32 60.43
N GLU B 193 -1.47 -9.36 61.21
CA GLU B 193 -0.48 -10.18 61.88
C GLU B 193 0.41 -10.89 60.86
N GLY B 194 1.71 -10.95 61.16
CA GLY B 194 2.65 -11.60 60.26
C GLY B 194 4.00 -11.77 60.91
N TYR B 195 4.90 -12.38 60.13
CA TYR B 195 6.28 -12.62 60.53
C TYR B 195 7.20 -11.90 59.56
N ASN B 196 8.25 -11.26 60.10
CA ASN B 196 9.20 -10.51 59.28
C ASN B 196 10.62 -10.80 59.74
N PHE B 197 11.44 -11.35 58.85
CA PHE B 197 12.83 -11.61 59.16
C PHE B 197 13.71 -10.70 58.29
N ASP B 198 15.02 -10.91 58.35
CA ASP B 198 15.99 -10.06 57.65
C ASP B 198 16.56 -10.65 56.37
N ARG B 199 15.75 -11.31 55.54
CA ARG B 199 16.25 -11.86 54.29
C ARG B 199 15.49 -11.24 53.12
N GLY B 200 16.12 -11.29 51.95
CA GLY B 200 15.52 -10.72 50.76
C GLY B 200 15.62 -11.58 49.51
N ILE B 201 15.94 -10.95 48.39
CA ILE B 201 16.05 -11.62 47.10
C ILE B 201 17.53 -11.83 46.84
N ILE B 202 18.02 -13.04 47.15
CA ILE B 202 19.42 -13.38 46.95
C ILE B 202 19.81 -13.15 45.49
N ASN B 203 19.28 -13.96 44.56
CA ASN B 203 19.56 -13.83 43.14
C ASN B 203 18.46 -13.01 42.49
N PRO B 204 18.65 -11.71 42.22
CA PRO B 204 17.57 -10.90 41.63
C PRO B 204 17.05 -11.39 40.28
N TYR B 205 17.73 -12.33 39.61
CA TYR B 205 17.27 -12.81 38.32
C TYR B 205 15.87 -13.41 38.36
N LEU B 206 15.31 -13.64 39.55
CA LEU B 206 13.95 -14.17 39.61
C LEU B 206 12.92 -13.13 39.21
N LEU B 207 13.33 -11.87 39.02
CA LEU B 207 12.43 -10.78 38.66
C LEU B 207 12.64 -10.27 37.24
N TYR B 208 13.30 -11.05 36.38
CA TYR B 208 13.49 -10.56 35.01
C TYR B 208 12.30 -10.83 34.11
N ASN B 209 11.20 -11.33 34.66
CA ASN B 209 9.98 -11.55 33.89
C ASN B 209 9.03 -10.41 34.20
N GLU B 210 8.58 -10.34 35.45
CA GLU B 210 7.69 -9.29 35.92
C GLU B 210 8.55 -8.13 36.43
N ASN B 211 8.28 -6.92 35.95
CA ASN B 211 9.06 -5.75 36.38
C ASN B 211 8.34 -5.01 37.51
N LYS B 212 8.22 -5.71 38.64
CA LYS B 212 7.57 -5.16 39.83
C LYS B 212 8.56 -4.80 40.93
N ASP B 213 9.83 -5.15 40.77
CA ASP B 213 10.96 -4.91 41.69
C ASP B 213 10.78 -5.70 42.99
N TYR B 214 9.64 -6.38 43.15
CA TYR B 214 9.37 -7.20 44.32
C TYR B 214 8.57 -8.41 43.87
N ILE B 215 8.31 -9.32 44.80
CA ILE B 215 7.51 -10.51 44.53
C ILE B 215 6.40 -10.56 45.57
N GLU B 216 5.16 -10.68 45.11
CA GLU B 216 4.00 -10.71 46.01
C GLU B 216 3.06 -11.84 45.56
N TYR B 217 3.00 -12.92 46.34
CA TYR B 217 2.14 -14.04 46.02
C TYR B 217 1.22 -14.36 47.20
N SER B 218 -0.06 -14.58 46.90
CA SER B 218 -1.08 -14.87 47.89
C SER B 218 -1.38 -16.37 47.93
N GLN B 219 -1.48 -16.91 49.14
CA GLN B 219 -1.77 -18.33 49.39
C GLN B 219 -0.68 -19.21 48.76
N VAL B 220 0.51 -19.04 49.30
CA VAL B 220 1.68 -19.79 48.85
C VAL B 220 1.85 -21.01 49.74
N SER B 221 2.57 -22.01 49.23
CA SER B 221 2.84 -23.23 49.96
C SER B 221 4.28 -23.14 50.44
N THR B 222 4.48 -23.27 51.75
CA THR B 222 5.81 -23.14 52.35
C THR B 222 6.48 -24.49 52.54
N LEU B 223 7.79 -24.51 52.34
CA LEU B 223 8.66 -25.68 52.49
C LEU B 223 9.84 -25.14 53.29
N ILE B 224 9.77 -25.28 54.61
CA ILE B 224 10.80 -24.79 55.51
C ILE B 224 11.66 -25.96 55.95
N THR B 225 12.98 -25.83 55.75
CA THR B 225 13.94 -26.86 56.12
C THR B 225 15.05 -26.22 56.95
N ASP B 226 16.01 -27.05 57.35
CA ASP B 226 17.15 -26.60 58.15
C ASP B 226 18.50 -26.96 57.56
N GLN B 227 18.59 -27.93 56.68
CA GLN B 227 19.84 -28.35 56.08
C GLN B 227 20.13 -27.55 54.80
N ASN B 228 21.14 -27.97 54.06
CA ASN B 228 21.55 -27.34 52.81
C ASN B 228 21.00 -28.14 51.65
N ILE B 229 20.25 -27.46 50.78
CA ILE B 229 19.63 -28.11 49.61
C ILE B 229 20.73 -28.48 48.62
N ASP B 230 20.97 -29.78 48.49
CA ASP B 230 21.96 -30.35 47.60
C ASP B 230 21.24 -30.70 46.29
N ASN B 231 21.82 -31.59 45.48
CA ASN B 231 21.28 -31.99 44.18
C ASN B 231 19.75 -31.99 44.16
N ILE B 232 19.18 -31.29 43.18
CA ILE B 232 17.76 -31.11 42.98
C ILE B 232 16.96 -32.42 42.96
N GLN B 233 17.63 -33.54 42.66
CA GLN B 233 16.84 -34.78 42.64
C GLN B 233 16.37 -35.22 44.05
N SER B 234 16.59 -34.40 45.09
CA SER B 234 16.14 -34.73 46.44
C SER B 234 14.76 -34.15 46.72
N ILE B 235 14.44 -33.00 46.12
CA ILE B 235 13.16 -32.32 46.26
C ILE B 235 12.40 -32.31 44.94
N LEU B 236 12.92 -33.01 43.94
CA LEU B 236 12.29 -33.07 42.62
C LEU B 236 10.82 -33.49 42.62
N PRO B 237 10.37 -34.46 43.43
CA PRO B 237 8.93 -34.81 43.37
C PRO B 237 8.00 -33.66 43.72
N ILE B 238 8.34 -32.85 44.72
CA ILE B 238 7.49 -31.72 45.08
C ILE B 238 7.44 -30.71 43.94
N LEU B 239 8.59 -30.46 43.30
CA LEU B 239 8.63 -29.52 42.19
C LEU B 239 7.80 -30.02 41.02
N GLU B 240 7.90 -31.32 40.71
CA GLU B 240 7.12 -31.89 39.62
C GLU B 240 5.63 -31.81 39.92
N ILE B 241 5.25 -32.09 41.17
CA ILE B 241 3.84 -32.05 41.55
C ILE B 241 3.30 -30.63 41.40
N PHE B 242 4.05 -29.64 41.88
CA PHE B 242 3.60 -28.24 41.78
C PHE B 242 3.71 -27.66 40.38
N ALA B 243 4.49 -28.27 39.49
CA ALA B 243 4.60 -27.73 38.13
C ALA B 243 3.33 -27.92 37.32
N LYS B 244 2.54 -28.95 37.65
CA LYS B 244 1.30 -29.19 36.90
C LYS B 244 0.13 -28.37 37.40
N ASN B 245 0.06 -28.11 38.72
CA ASN B 245 -1.05 -27.34 39.28
C ASN B 245 -0.86 -25.84 39.13
N LYS B 246 0.39 -25.37 38.99
CA LYS B 246 0.72 -23.95 38.83
C LYS B 246 0.54 -23.17 40.15
N GLN B 247 0.72 -23.84 41.28
CA GLN B 247 0.56 -23.12 42.54
C GLN B 247 1.91 -22.56 42.98
N PRO B 248 1.92 -21.38 43.60
CA PRO B 248 3.20 -20.80 44.04
C PRO B 248 3.78 -21.57 45.22
N LEU B 249 5.10 -21.71 45.21
CA LEU B 249 5.83 -22.43 46.25
C LEU B 249 7.00 -21.60 46.74
N CYS B 250 7.23 -21.62 48.04
CA CYS B 250 8.33 -20.89 48.68
C CYS B 250 9.13 -21.88 49.52
N ILE B 251 10.45 -21.88 49.33
CA ILE B 251 11.34 -22.78 50.06
C ILE B 251 12.32 -21.94 50.87
N ILE B 252 12.36 -22.19 52.19
CA ILE B 252 13.25 -21.48 53.09
C ILE B 252 14.32 -22.45 53.58
N ALA B 253 15.46 -22.47 52.90
CA ALA B 253 16.56 -23.35 53.27
C ALA B 253 17.65 -22.56 53.98
N ASP B 254 18.76 -23.22 54.26
CA ASP B 254 19.88 -22.57 54.92
C ASP B 254 20.86 -21.99 53.92
N ASP B 255 21.28 -22.81 52.95
CA ASP B 255 22.19 -22.40 51.91
C ASP B 255 21.64 -22.95 50.60
N PHE B 256 21.76 -22.17 49.54
CA PHE B 256 21.27 -22.56 48.21
C PHE B 256 22.52 -22.74 47.33
N SER B 257 23.06 -23.95 47.33
CA SER B 257 24.26 -24.30 46.58
C SER B 257 24.24 -23.77 45.15
N ASN B 258 25.43 -23.50 44.63
CA ASN B 258 25.64 -22.94 43.30
C ASN B 258 24.79 -23.57 42.20
N GLU B 259 24.93 -24.88 41.99
CA GLU B 259 24.22 -25.57 40.93
C GLU B 259 22.77 -25.93 41.24
N VAL B 260 22.33 -25.87 42.50
CA VAL B 260 20.95 -26.25 42.79
C VAL B 260 20.03 -25.03 42.74
N LEU B 261 20.50 -23.94 42.15
CA LEU B 261 19.69 -22.74 42.05
C LEU B 261 19.45 -22.21 40.63
N GLN B 262 20.06 -22.79 39.60
CA GLN B 262 19.84 -22.19 38.28
C GLN B 262 19.23 -23.09 37.21
N THR B 263 19.65 -24.36 37.11
CA THR B 263 19.15 -25.21 36.05
C THR B 263 17.63 -25.34 36.04
N LEU B 264 17.00 -25.50 37.20
CA LEU B 264 15.55 -25.64 37.23
C LEU B 264 14.79 -24.52 37.93
N ILE B 265 15.40 -23.82 38.88
CA ILE B 265 14.67 -22.77 39.60
C ILE B 265 14.55 -21.49 38.78
N ILE B 266 15.68 -20.90 38.40
CA ILE B 266 15.66 -19.63 37.67
C ILE B 266 15.10 -19.79 36.26
N ASN B 267 15.44 -20.88 35.57
CA ASN B 267 14.98 -21.07 34.20
C ASN B 267 13.51 -21.45 34.07
N LYS B 268 12.92 -22.08 35.08
CA LYS B 268 11.52 -22.49 34.96
C LYS B 268 10.54 -21.46 35.52
N LEU B 269 10.93 -20.67 36.52
CA LEU B 269 10.03 -19.67 37.11
C LEU B 269 9.44 -18.73 36.07
N LYS B 270 9.98 -18.68 34.85
CA LYS B 270 9.46 -17.81 33.81
C LYS B 270 8.42 -18.55 32.96
N GLY B 271 7.34 -18.98 33.62
CA GLY B 271 6.26 -19.69 32.95
C GLY B 271 5.87 -20.98 33.63
N ALA B 272 6.86 -21.72 34.14
CA ALA B 272 6.64 -22.99 34.81
C ALA B 272 6.46 -22.73 36.32
N ILE B 273 6.64 -23.76 37.14
CA ILE B 273 6.51 -23.72 38.60
C ILE B 273 7.10 -22.44 39.17
N LYS B 274 6.41 -21.87 40.16
CA LYS B 274 6.82 -20.64 40.83
C LYS B 274 7.44 -21.00 42.17
N VAL B 275 8.75 -20.79 42.29
CA VAL B 275 9.51 -21.12 43.48
C VAL B 275 10.24 -19.87 43.99
N VAL B 276 10.23 -19.69 45.30
CA VAL B 276 10.87 -18.57 45.97
C VAL B 276 11.94 -19.11 46.90
N PRO B 277 13.21 -19.08 46.48
CA PRO B 277 14.32 -19.60 47.31
C PRO B 277 14.85 -18.61 48.33
N ILE B 278 14.30 -18.56 49.55
CA ILE B 278 14.80 -17.61 50.54
C ILE B 278 15.98 -18.22 51.29
N ARG B 279 16.87 -17.35 51.76
CA ARG B 279 18.09 -17.71 52.49
C ARG B 279 17.91 -17.45 53.98
N ALA B 280 17.39 -18.43 54.72
CA ALA B 280 17.19 -18.27 56.15
C ALA B 280 18.49 -17.86 56.82
N PRO B 281 18.57 -16.65 57.41
CA PRO B 281 19.76 -16.12 58.08
C PRO B 281 20.35 -17.08 59.12
N GLY B 284 24.71 -19.12 62.57
CA GLY B 284 25.08 -20.12 63.54
C GLY B 284 23.91 -20.95 64.02
N ASP B 285 23.92 -21.31 65.31
CA ASP B 285 22.84 -22.10 65.86
C ASP B 285 21.56 -21.28 66.05
N ARG B 286 21.69 -19.96 66.21
CA ARG B 286 20.54 -19.09 66.41
C ARG B 286 19.51 -19.24 65.30
N ARG B 287 19.92 -19.72 64.13
CA ARG B 287 18.99 -19.89 63.03
C ARG B 287 17.96 -20.98 63.29
N LYS B 288 18.35 -22.10 63.91
CA LYS B 288 17.42 -23.20 64.11
C LYS B 288 16.18 -22.74 64.87
N ASP B 289 16.36 -22.03 65.99
CA ASP B 289 15.22 -21.56 66.75
C ASP B 289 14.32 -20.71 65.86
N TYR B 290 14.91 -19.80 65.08
CA TYR B 290 14.10 -18.97 64.20
C TYR B 290 13.31 -19.84 63.23
N LEU B 291 13.96 -20.84 62.65
CA LEU B 291 13.25 -21.70 61.71
C LEU B 291 12.07 -22.38 62.39
N LYS B 292 12.24 -22.76 63.66
CA LYS B 292 11.15 -23.40 64.38
C LYS B 292 9.93 -22.50 64.39
N ASP B 293 10.14 -21.20 64.65
CA ASP B 293 9.02 -20.28 64.66
C ASP B 293 8.34 -20.24 63.30
N LEU B 294 9.14 -20.22 62.23
CA LEU B 294 8.57 -20.20 60.89
C LEU B 294 7.71 -21.44 60.64
N CYS B 295 8.05 -22.56 61.27
CA CYS B 295 7.29 -23.77 61.05
C CYS B 295 5.97 -23.81 61.82
N ILE B 296 5.76 -22.93 62.80
CA ILE B 296 4.47 -23.00 63.51
C ILE B 296 3.52 -21.96 62.93
N VAL B 297 4.07 -20.86 62.40
CA VAL B 297 3.23 -19.82 61.83
C VAL B 297 2.55 -20.31 60.56
N THR B 298 3.20 -21.20 59.81
CA THR B 298 2.63 -21.73 58.58
C THR B 298 2.35 -23.23 58.60
N ASN B 299 2.76 -23.96 59.64
CA ASN B 299 2.55 -25.41 59.73
C ASN B 299 3.13 -26.11 58.50
N SER B 300 4.44 -26.00 58.36
CA SER B 300 5.16 -26.57 57.22
C SER B 300 5.92 -27.85 57.54
N LYS B 301 5.66 -28.48 58.69
CA LYS B 301 6.35 -29.72 59.05
C LYS B 301 7.86 -29.53 59.03
N TYR B 302 8.39 -28.88 60.07
CA TYR B 302 9.81 -28.57 60.20
C TYR B 302 10.69 -29.73 59.77
N ILE B 303 11.49 -29.48 58.73
CA ILE B 303 12.41 -30.47 58.17
C ILE B 303 13.81 -30.19 58.70
N SER B 304 14.45 -31.22 59.26
CA SER B 304 15.80 -31.09 59.81
C SER B 304 16.30 -32.47 60.18
N ALA B 305 17.63 -32.61 60.20
CA ALA B 305 18.23 -33.89 60.57
C ALA B 305 18.06 -34.17 62.06
N ASP B 306 17.82 -33.13 62.85
CA ASP B 306 17.63 -33.30 64.28
C ASP B 306 16.33 -34.04 64.58
N VAL B 307 15.33 -33.91 63.70
CA VAL B 307 14.06 -34.60 63.91
C VAL B 307 14.04 -35.96 63.23
N GLY B 308 14.69 -36.10 62.09
CA GLY B 308 14.73 -37.38 61.39
C GLY B 308 14.44 -37.31 59.91
N LEU B 309 13.61 -36.35 59.50
CA LEU B 309 13.27 -36.18 58.09
C LEU B 309 14.40 -35.45 57.38
N ASP B 310 15.30 -36.21 56.75
CA ASP B 310 16.43 -35.64 56.04
C ASP B 310 16.02 -35.35 54.60
N LEU B 311 16.37 -34.17 54.11
CA LEU B 311 16.03 -33.77 52.74
C LEU B 311 16.84 -34.50 51.68
N ASN B 312 17.85 -35.29 52.06
CA ASN B 312 18.66 -35.99 51.07
C ASN B 312 18.18 -37.41 50.80
N ASN B 313 17.26 -37.94 51.60
CA ASN B 313 16.72 -39.28 51.40
C ASN B 313 15.23 -39.20 51.78
N LEU B 314 14.43 -38.73 50.83
CA LEU B 314 12.98 -38.63 51.01
C LEU B 314 12.23 -39.76 50.34
N HIS B 315 12.94 -40.81 49.90
CA HIS B 315 12.31 -41.95 49.25
C HIS B 315 12.19 -43.15 50.17
N ASN B 316 12.99 -43.21 51.24
CA ASN B 316 12.92 -44.31 52.17
C ASN B 316 11.78 -44.09 53.17
N GLN B 317 11.80 -42.94 53.86
CA GLN B 317 10.76 -42.63 54.83
C GLN B 317 9.51 -42.12 54.13
N MET B 318 9.04 -42.86 53.12
CA MET B 318 7.83 -42.47 52.39
C MET B 318 6.59 -42.50 53.26
N SER B 319 6.73 -42.88 54.53
CA SER B 319 5.56 -42.92 55.41
C SER B 319 5.71 -42.00 56.61
N SER B 320 6.08 -40.75 56.35
CA SER B 320 6.22 -39.74 57.40
C SER B 320 5.16 -38.67 57.21
N PHE B 321 5.13 -38.06 56.02
CA PHE B 321 4.17 -37.05 55.62
C PHE B 321 2.86 -37.65 55.12
N ASP B 322 2.54 -38.89 55.55
CA ASP B 322 1.34 -39.61 55.15
C ASP B 322 1.34 -39.93 53.66
N ASN B 323 2.54 -40.08 53.10
CA ASN B 323 2.80 -40.38 51.69
C ASN B 323 2.36 -39.23 50.78
N ASN B 324 1.70 -38.23 51.36
CA ASN B 324 1.24 -37.05 50.62
C ASN B 324 2.32 -36.00 50.69
N TYR B 325 2.99 -35.74 49.56
CA TYR B 325 4.03 -34.73 49.54
C TYR B 325 3.49 -33.32 49.82
N LEU B 326 2.16 -33.14 49.71
CA LEU B 326 1.52 -31.84 49.94
C LEU B 326 1.15 -31.60 51.40
N SER B 327 0.82 -32.66 52.15
CA SER B 327 0.47 -32.48 53.55
C SER B 327 1.68 -32.03 54.37
N LEU B 328 2.89 -32.26 53.85
CA LEU B 328 4.12 -31.86 54.50
C LEU B 328 4.39 -30.37 54.37
N LEU B 329 3.73 -29.71 53.43
CA LEU B 329 3.92 -28.29 53.22
C LEU B 329 2.93 -27.46 54.01
N GLY B 330 3.24 -26.17 54.16
CA GLY B 330 2.42 -25.23 54.88
C GLY B 330 1.67 -24.29 53.97
N SER B 331 1.11 -23.25 54.59
CA SER B 331 0.35 -22.25 53.87
C SER B 331 0.48 -20.90 54.59
N ALA B 332 0.29 -19.84 53.81
CA ALA B 332 0.37 -18.48 54.33
C ALA B 332 -0.60 -17.61 53.55
N ASN B 333 -0.96 -16.46 54.13
CA ASN B 333 -1.90 -15.56 53.47
C ASN B 333 -1.24 -14.86 52.28
N THR B 334 -0.17 -14.10 52.53
CA THR B 334 0.53 -13.38 51.49
C THR B 334 2.02 -13.37 51.82
N LEU B 335 2.84 -13.41 50.77
CA LEU B 335 4.29 -13.39 50.90
C LEU B 335 4.84 -12.23 50.08
N ILE B 336 5.62 -11.36 50.72
CA ILE B 336 6.21 -10.19 50.07
C ILE B 336 7.70 -10.23 50.31
N VAL B 337 8.47 -10.52 49.27
CA VAL B 337 9.93 -10.60 49.35
C VAL B 337 10.51 -9.37 48.66
N LYS B 338 11.12 -8.50 49.44
CA LYS B 338 11.76 -7.30 48.92
C LYS B 338 13.24 -7.62 48.75
N LYS B 339 14.04 -6.59 48.47
CA LYS B 339 15.47 -6.83 48.28
C LYS B 339 16.14 -7.31 49.57
N ASP B 340 15.70 -6.82 50.74
CA ASP B 340 16.32 -7.25 51.97
C ASP B 340 15.37 -7.41 53.15
N ARG B 341 14.07 -7.55 52.93
CA ARG B 341 13.15 -7.69 54.08
C ARG B 341 11.95 -8.55 53.70
N THR B 342 12.07 -9.85 53.93
CA THR B 342 10.97 -10.77 53.65
C THR B 342 9.86 -10.62 54.67
N SER B 343 8.62 -10.69 54.20
CA SER B 343 7.45 -10.58 55.06
C SER B 343 6.42 -11.63 54.68
N LEU B 344 5.76 -12.20 55.69
CA LEU B 344 4.73 -13.20 55.45
C LEU B 344 3.55 -12.91 56.37
N ILE B 345 2.36 -12.78 55.81
CA ILE B 345 1.17 -12.51 56.61
C ILE B 345 0.64 -13.82 57.17
N THR B 346 0.51 -13.89 58.49
CA THR B 346 0.04 -15.10 59.14
C THR B 346 -1.36 -15.46 58.68
N LYS B 347 -1.62 -16.76 58.55
CA LYS B 347 -2.91 -17.25 58.12
C LYS B 347 -3.94 -17.11 59.24
N GLU B 348 -5.21 -16.98 58.84
CA GLU B 348 -6.29 -16.84 59.81
C GLU B 348 -6.55 -18.13 60.57
N GLU B 349 -5.95 -19.25 60.17
CA GLU B 349 -6.16 -20.53 60.83
C GLU B 349 -5.09 -20.85 61.86
N TYR B 350 -3.81 -20.58 61.57
CA TYR B 350 -2.74 -20.87 62.50
C TYR B 350 -2.52 -19.77 63.54
N LYS B 351 -3.21 -18.64 63.39
CA LYS B 351 -3.07 -17.51 64.33
C LYS B 351 -3.10 -17.96 65.78
N LYS B 352 -4.03 -18.86 66.13
CA LYS B 352 -4.14 -19.31 67.51
C LYS B 352 -2.90 -20.09 67.95
N GLU B 353 -2.44 -21.02 67.11
CA GLU B 353 -1.28 -21.85 67.47
C GLU B 353 -0.09 -21.03 67.90
N ILE B 354 0.36 -20.09 67.06
CA ILE B 354 1.50 -19.26 67.41
C ILE B 354 1.28 -18.57 68.76
N ASP B 355 0.04 -18.14 69.01
CA ASP B 355 -0.26 -17.47 70.28
C ASP B 355 0.20 -18.32 71.44
N GLU B 356 -0.17 -19.62 71.43
CA GLU B 356 0.25 -20.49 72.52
C GLU B 356 1.77 -20.47 72.66
N ARG B 357 2.47 -20.65 71.53
CA ARG B 357 3.93 -20.62 71.59
C ARG B 357 4.42 -19.31 72.17
N ILE B 358 3.82 -18.20 71.73
CA ILE B 358 4.24 -16.90 72.26
C ILE B 358 4.17 -16.94 73.78
N ASN B 359 3.03 -17.41 74.30
CA ASN B 359 2.88 -17.49 75.75
C ASN B 359 3.98 -18.35 76.36
N VAL B 360 4.20 -19.54 75.78
CA VAL B 360 5.24 -20.40 76.33
C VAL B 360 6.59 -19.69 76.27
N LEU B 361 6.84 -18.96 75.17
CA LEU B 361 8.11 -18.25 75.06
C LEU B 361 8.23 -17.25 76.20
N LYS B 362 7.13 -16.58 76.54
CA LYS B 362 7.17 -15.62 77.65
C LYS B 362 7.52 -16.33 78.94
N LYS B 363 6.99 -17.55 79.13
CA LYS B 363 7.30 -18.29 80.34
C LYS B 363 8.80 -18.57 80.43
N GLU B 364 9.45 -18.73 79.29
CA GLU B 364 10.89 -18.97 79.28
C GLU B 364 11.69 -17.68 79.33
N TYR B 365 11.05 -16.54 79.03
CA TYR B 365 11.75 -15.27 79.06
C TYR B 365 12.00 -14.80 80.49
N GLU B 366 11.03 -15.01 81.38
CA GLU B 366 11.14 -14.60 82.77
C GLU B 366 11.62 -15.73 83.69
N GLU B 367 12.32 -16.72 83.14
CA GLU B 367 12.82 -17.82 83.94
C GLU B 367 14.32 -18.02 83.79
N THR B 368 14.98 -17.26 82.91
CA THR B 368 16.42 -17.35 82.70
C THR B 368 16.85 -16.07 82.02
N THR B 369 17.71 -15.28 82.69
CA THR B 369 18.15 -14.01 82.13
C THR B 369 19.61 -13.99 81.70
N SER B 370 20.50 -14.58 82.49
CA SER B 370 21.94 -14.62 82.19
C SER B 370 22.50 -13.31 81.63
N TYR B 372 22.96 -10.88 79.09
CA TYR B 372 22.25 -10.45 77.90
C TYR B 372 22.03 -11.62 76.95
N ASP B 373 22.11 -12.83 77.49
CA ASP B 373 21.90 -14.03 76.69
C ASP B 373 20.42 -14.28 76.38
N LYS B 374 19.53 -13.91 77.31
CA LYS B 374 18.09 -14.09 77.12
C LYS B 374 17.51 -13.19 76.04
N GLU B 375 18.35 -12.38 75.38
CA GLU B 375 17.87 -11.49 74.32
C GLU B 375 17.38 -12.28 73.11
N LYS B 376 17.92 -13.48 72.91
CA LYS B 376 17.50 -14.30 71.77
C LYS B 376 16.00 -14.60 71.86
N LEU B 377 15.52 -14.94 73.06
CA LEU B 377 14.10 -15.21 73.24
C LEU B 377 13.29 -13.94 72.99
N ASN B 378 13.83 -12.79 73.38
CA ASN B 378 13.14 -11.52 73.16
C ASN B 378 12.99 -11.24 71.67
N GLU B 379 14.06 -11.47 70.90
CA GLU B 379 13.97 -11.25 69.46
C GLU B 379 13.00 -12.23 68.82
N ARG B 380 12.99 -13.48 69.28
CA ARG B 380 12.06 -14.45 68.71
C ARG B 380 10.61 -14.06 68.99
N ILE B 381 10.30 -13.72 70.25
CA ILE B 381 8.93 -13.34 70.59
C ILE B 381 8.53 -12.06 69.87
N ALA B 382 9.48 -11.14 69.69
CA ALA B 382 9.18 -9.90 68.99
C ALA B 382 8.89 -10.17 67.52
N ALA B 383 9.56 -11.18 66.94
CA ALA B 383 9.33 -11.52 65.55
C ALA B 383 7.98 -12.20 65.37
N LEU B 384 7.62 -13.11 66.28
CA LEU B 384 6.32 -13.77 66.16
C LEU B 384 5.17 -12.79 66.32
N SER B 385 5.26 -11.89 67.29
CA SER B 385 4.21 -10.91 67.54
C SER B 385 4.30 -9.67 66.65
N GLY B 386 5.22 -9.63 65.69
CA GLY B 386 5.31 -8.47 64.83
C GLY B 386 4.15 -8.39 63.86
N GLY B 387 3.90 -7.18 63.36
CA GLY B 387 2.82 -6.94 62.42
C GLY B 387 3.31 -6.36 61.11
N ILE B 388 2.37 -6.24 60.17
CA ILE B 388 2.64 -5.71 58.84
C ILE B 388 1.58 -4.64 58.54
N ALA B 389 2.03 -3.48 58.10
CA ALA B 389 1.16 -2.35 57.77
C ALA B 389 0.84 -2.36 56.28
N LYS B 390 -0.45 -2.25 55.96
CA LYS B 390 -0.93 -2.25 54.59
C LYS B 390 -1.51 -0.87 54.28
N ILE B 391 -0.91 -0.17 53.32
CA ILE B 391 -1.35 1.16 52.92
C ILE B 391 -2.07 1.06 51.58
N LEU B 392 -3.39 1.21 51.60
CA LEU B 392 -4.20 1.15 50.39
C LEU B 392 -4.26 2.58 49.84
N ILE B 393 -3.50 2.81 48.77
CA ILE B 393 -3.40 4.11 48.11
C ILE B 393 -4.40 4.19 46.97
N GLY B 394 -5.02 5.37 46.81
CA GLY B 394 -5.98 5.60 45.76
C GLY B 394 -5.84 7.00 45.20
N GLY B 395 -6.62 7.28 44.16
CA GLY B 395 -6.59 8.59 43.52
C GLY B 395 -7.82 8.80 42.69
N ASN B 396 -7.87 9.97 42.04
CA ASN B 396 -8.98 10.33 41.18
C ASN B 396 -8.80 9.86 39.75
N SER B 397 -7.66 9.25 39.43
CA SER B 397 -7.38 8.75 38.09
C SER B 397 -6.48 7.54 38.23
N GLU B 398 -6.30 6.82 37.11
CA GLU B 398 -5.45 5.64 37.15
C GLU B 398 -3.97 6.02 37.22
N THR B 399 -3.59 7.16 36.63
CA THR B 399 -2.20 7.59 36.67
C THR B 399 -1.86 8.27 38.00
N GLU B 400 -2.84 8.97 38.60
CA GLU B 400 -2.58 9.62 39.88
C GLU B 400 -2.29 8.57 40.95
N GLN B 401 -2.87 7.39 40.81
CA GLN B 401 -2.62 6.31 41.76
C GLN B 401 -1.16 5.89 41.71
N LYS B 402 -0.62 5.70 40.50
CA LYS B 402 0.78 5.33 40.37
C LYS B 402 1.70 6.44 40.85
N GLU B 403 1.30 7.69 40.59
CA GLU B 403 2.11 8.82 41.05
C GLU B 403 2.19 8.83 42.57
N ARG B 404 1.04 8.69 43.24
CA ARG B 404 1.03 8.66 44.69
C ARG B 404 1.75 7.43 45.22
N LYS B 405 1.72 6.31 44.48
CA LYS B 405 2.43 5.12 44.92
C LYS B 405 3.93 5.37 44.93
N PHE B 406 4.45 5.97 43.85
CA PHE B 406 5.88 6.27 43.80
C PHE B 406 6.23 7.27 44.90
N LYS B 407 5.35 8.24 45.14
CA LYS B 407 5.57 9.23 46.18
C LYS B 407 5.65 8.54 47.54
N TYR B 408 4.74 7.61 47.82
CA TYR B 408 4.75 6.88 49.08
C TYR B 408 6.00 6.05 49.23
N GLU B 409 6.45 5.41 48.14
CA GLU B 409 7.66 4.60 48.21
C GLU B 409 8.86 5.47 48.57
N ALA B 410 8.99 6.62 47.90
CA ALA B 410 10.11 7.51 48.18
C ALA B 410 10.04 8.05 49.59
N ALA B 411 8.84 8.41 50.06
CA ALA B 411 8.68 8.94 51.41
C ALA B 411 9.04 7.89 52.46
N THR B 412 8.54 6.66 52.31
CA THR B 412 8.85 5.61 53.28
C THR B 412 10.34 5.28 53.27
N ASN B 413 10.96 5.24 52.08
CA ASN B 413 12.38 4.97 52.04
C ASN B 413 13.16 6.10 52.70
N ALA B 414 12.69 7.34 52.55
CA ALA B 414 13.35 8.47 53.18
C ALA B 414 13.23 8.39 54.70
N VAL B 415 12.07 7.99 55.21
CA VAL B 415 11.90 7.87 56.66
C VAL B 415 12.79 6.76 57.20
N LYS B 416 12.90 5.65 56.48
CA LYS B 416 13.75 4.56 56.95
C LYS B 416 15.22 4.98 56.95
N SER B 417 15.66 5.64 55.86
CA SER B 417 17.04 6.09 55.80
C SER B 417 17.32 7.19 56.81
N ALA B 418 16.29 7.92 57.23
CA ALA B 418 16.51 8.97 58.22
C ALA B 418 16.58 8.38 59.62
N ILE B 419 15.79 7.35 59.90
CA ILE B 419 15.87 6.75 61.23
C ILE B 419 17.13 5.89 61.34
N ASP B 420 17.72 5.48 60.21
CA ASP B 420 18.94 4.69 60.26
C ASP B 420 20.19 5.56 60.42
N ILE B 421 20.20 6.77 59.85
CA ILE B 421 21.37 7.65 59.91
C ILE B 421 21.08 8.91 60.73
N GLY B 422 20.16 9.74 60.26
CA GLY B 422 19.89 10.98 60.97
C GLY B 422 19.10 11.95 60.14
N TYR B 423 18.62 12.99 60.82
CA TYR B 423 17.84 14.07 60.21
C TYR B 423 18.61 15.37 60.31
N VAL B 424 18.67 16.12 59.21
CA VAL B 424 19.39 17.39 59.16
C VAL B 424 18.41 18.51 58.81
N PRO B 425 18.70 19.75 59.20
CA PRO B 425 17.77 20.85 58.90
C PRO B 425 17.53 20.98 57.40
N GLY B 426 16.25 21.15 57.05
CA GLY B 426 15.85 21.30 55.66
C GLY B 426 16.06 22.71 55.16
N GLY B 427 15.34 23.03 54.08
CA GLY B 427 15.44 24.35 53.48
C GLY B 427 16.79 24.68 52.91
N GLY B 428 17.62 23.67 52.65
CA GLY B 428 18.94 23.91 52.10
C GLY B 428 19.94 24.48 53.08
N VAL B 429 19.60 24.58 54.37
CA VAL B 429 20.54 25.13 55.33
C VAL B 429 21.70 24.15 55.57
N THR B 430 21.46 22.85 55.37
CA THR B 430 22.55 21.88 55.53
C THR B 430 23.63 22.13 54.50
N TYR B 431 23.22 22.47 53.27
CA TYR B 431 24.19 22.78 52.22
C TYR B 431 24.90 24.10 52.51
N LEU B 432 24.18 25.03 53.16
CA LEU B 432 24.76 26.33 53.48
C LEU B 432 25.75 26.24 54.62
N GLU B 433 25.61 25.23 55.49
CA GLU B 433 26.53 25.09 56.61
C GLU B 433 27.94 24.80 56.11
N ILE B 434 28.06 24.02 55.02
CA ILE B 434 29.37 23.70 54.48
C ILE B 434 30.05 24.94 53.92
N ILE B 435 29.29 25.99 53.64
CA ILE B 435 29.84 27.24 53.15
C ILE B 435 30.14 28.20 54.29
N LYS B 436 29.25 28.24 55.28
CA LYS B 436 29.41 29.13 56.43
C LYS B 436 30.51 28.67 57.39
N SER B 437 30.79 27.37 57.46
CA SER B 437 31.82 26.86 58.36
C SER B 437 33.19 26.72 57.70
N ASN B 438 33.46 27.51 56.65
CA ASN B 438 34.74 27.48 55.94
C ASN B 438 35.33 26.09 55.70
N PHE B 439 34.50 25.16 55.20
CA PHE B 439 34.96 23.82 54.91
C PHE B 439 35.88 23.77 53.69
N ILE B 440 35.81 24.79 52.83
CA ILE B 440 36.66 24.82 51.64
C ILE B 440 38.13 24.78 52.02
N GLN B 441 38.50 25.42 53.14
CA GLN B 441 39.89 25.37 53.56
C GLN B 441 40.27 23.96 54.01
N GLU B 442 39.32 23.22 54.59
CA GLU B 442 39.59 21.86 55.01
C GLU B 442 39.88 20.98 53.81
N ILE B 443 39.02 21.06 52.78
CA ILE B 443 39.30 20.25 51.59
C ILE B 443 40.60 20.70 50.93
N HIS B 444 40.91 22.00 51.01
CA HIS B 444 42.16 22.51 50.45
C HIS B 444 43.34 21.85 51.15
N LYS B 445 43.30 21.82 52.49
CA LYS B 445 44.37 21.19 53.25
C LYS B 445 44.48 19.72 52.91
N LYS B 446 43.35 19.06 52.68
CA LYS B 446 43.40 17.63 52.34
C LYS B 446 44.09 17.41 51.01
N ILE B 447 43.75 18.20 49.99
CA ILE B 447 44.41 18.02 48.70
C ILE B 447 45.88 18.39 48.81
N GLU B 448 46.21 19.40 49.63
CA GLU B 448 47.59 19.79 49.81
C GLU B 448 48.40 18.66 50.44
N GLU B 449 47.80 17.95 51.40
CA GLU B 449 48.51 16.84 52.03
C GLU B 449 48.64 15.67 51.07
N ASP B 450 47.58 15.39 50.29
CA ASP B 450 47.64 14.30 49.32
C ASP B 450 48.71 14.53 48.28
N LEU B 451 48.96 15.80 47.95
CA LEU B 451 50.01 16.11 46.98
C LEU B 451 51.37 16.24 47.64
N GLN B 452 51.41 16.60 48.92
CA GLN B 452 52.67 16.72 49.63
C GLN B 452 53.29 15.35 49.88
N ILE B 453 52.44 14.35 50.14
CA ILE B 453 52.95 12.99 50.36
C ILE B 453 53.37 12.32 49.06
N SER B 454 53.18 13.00 47.92
CA SER B 454 53.54 12.47 46.63
C SER B 454 54.61 13.27 45.89
N SER B 455 54.80 14.54 46.23
CA SER B 455 55.80 15.34 45.52
C SER B 455 57.23 15.08 46.00
N ASN B 456 57.54 15.45 47.25
CA ASN B 456 58.89 15.22 47.76
C ASN B 456 59.17 13.75 47.98
N ASN B 457 58.14 12.93 48.22
CA ASN B 457 58.34 11.51 48.45
C ASN B 457 59.05 10.86 47.25
N ASP B 458 58.62 11.21 46.04
CA ASP B 458 59.25 10.69 44.84
C ASP B 458 60.50 11.53 44.65
N GLU B 459 61.59 11.10 45.28
CA GLU B 459 62.83 11.87 45.17
C GLU B 459 63.44 11.75 43.79
N LYS B 460 62.69 12.23 42.79
CA LYS B 460 63.12 12.26 41.40
C LYS B 460 62.31 13.37 40.75
N LYS B 461 62.97 14.26 40.02
CA LYS B 461 62.23 15.32 39.36
C LYS B 461 61.52 14.81 38.11
N TYR B 462 60.79 13.71 38.25
CA TYR B 462 60.06 13.10 37.15
C TYR B 462 58.65 13.64 36.97
N LEU B 463 58.00 14.03 38.06
CA LEU B 463 56.64 14.55 38.00
C LEU B 463 56.57 16.04 37.71
N GLU B 464 57.67 16.77 37.91
CA GLU B 464 57.64 18.21 37.65
C GLU B 464 57.69 18.53 36.16
N LEU B 465 58.28 17.67 35.33
CA LEU B 465 58.36 17.94 33.90
C LEU B 465 57.20 17.35 33.12
N ILE B 466 56.48 16.37 33.69
CA ILE B 466 55.35 15.75 33.00
C ILE B 466 54.04 16.41 33.33
N GLY B 467 54.08 17.51 34.10
CA GLY B 467 52.90 18.25 34.49
C GLY B 467 53.26 19.20 35.61
N ASN B 468 52.73 20.41 35.56
CA ASN B 468 53.02 21.40 36.60
C ASN B 468 52.35 20.98 37.90
N LEU B 469 53.13 20.89 38.98
CA LEU B 469 52.59 20.48 40.27
C LEU B 469 51.64 21.53 40.81
N GLU B 470 52.06 22.81 40.77
CA GLU B 470 51.19 23.88 41.25
C GLU B 470 49.91 23.92 40.43
N SER B 471 50.01 23.61 39.13
CA SER B 471 48.81 23.60 38.29
C SER B 471 47.89 22.48 38.73
N GLU B 472 48.45 21.33 39.11
CA GLU B 472 47.63 20.21 39.58
C GLU B 472 46.90 20.60 40.86
N MET B 473 47.61 21.25 41.78
CA MET B 473 46.98 21.68 43.03
C MET B 473 45.91 22.72 42.77
N GLU B 474 46.18 23.67 41.88
CA GLU B 474 45.22 24.71 41.56
C GLU B 474 43.98 24.13 40.90
N LEU B 475 44.15 23.15 40.02
CA LEU B 475 42.99 22.55 39.36
C LEU B 475 42.18 21.70 40.34
N GLN B 476 42.87 21.00 41.24
CA GLN B 476 42.15 20.20 42.24
C GLN B 476 41.33 21.12 43.13
N LYS B 477 41.94 22.19 43.63
CA LYS B 477 41.19 23.12 44.45
C LYS B 477 40.13 23.83 43.62
N MET B 478 40.31 23.92 42.30
CA MET B 478 39.30 24.52 41.44
C MET B 478 38.05 23.65 41.45
N GLY B 479 38.25 22.34 41.32
CA GLY B 479 37.11 21.43 41.37
C GLY B 479 36.43 21.51 42.73
N ALA B 480 37.23 21.62 43.79
CA ALA B 480 36.67 21.75 45.14
C ALA B 480 35.83 23.02 45.26
N ASN B 481 36.34 24.13 44.72
CA ASN B 481 35.61 25.40 44.74
C ASN B 481 34.32 25.28 43.95
N ILE B 482 34.35 24.53 42.84
CA ILE B 482 33.16 24.35 42.03
C ILE B 482 32.10 23.61 42.82
N VAL B 483 32.50 22.55 43.52
CA VAL B 483 31.53 21.78 44.30
C VAL B 483 30.98 22.58 45.48
N VAL B 484 31.83 23.37 46.14
CA VAL B 484 31.38 24.15 47.30
C VAL B 484 30.50 25.32 46.89
N SER B 485 30.95 26.11 45.90
CA SER B 485 30.22 27.29 45.44
C SER B 485 28.85 26.99 44.87
N SER B 486 28.51 25.73 44.62
CA SER B 486 27.21 25.36 44.06
C SER B 486 26.29 24.72 45.10
N LEU B 487 26.42 25.11 46.37
CA LEU B 487 25.58 24.55 47.41
C LEU B 487 24.44 25.46 47.83
N ASP B 488 24.50 26.74 47.51
CA ASP B 488 23.44 27.69 47.85
C ASP B 488 22.33 27.74 46.81
N VAL B 489 22.40 26.91 45.77
CA VAL B 489 21.39 26.93 44.72
C VAL B 489 20.06 26.38 45.18
N ILE B 490 20.04 25.43 46.12
CA ILE B 490 18.78 24.85 46.58
C ILE B 490 17.93 25.90 47.30
N THR B 491 18.47 26.47 48.37
CA THR B 491 17.72 27.47 49.13
C THR B 491 17.40 28.68 48.27
N LYS B 492 18.34 29.11 47.43
CA LYS B 492 18.10 30.26 46.56
C LYS B 492 16.94 29.99 45.60
N GLN B 493 16.92 28.80 44.99
CA GLN B 493 15.85 28.48 44.06
C GLN B 493 14.51 28.38 44.78
N ILE B 494 14.50 27.80 45.99
CA ILE B 494 13.24 27.69 46.73
C ILE B 494 12.70 29.08 47.04
N ALA B 495 13.56 29.98 47.54
CA ALA B 495 13.12 31.33 47.85
C ALA B 495 12.69 32.08 46.60
N ASP B 496 13.42 31.89 45.49
CA ASP B 496 13.06 32.57 44.25
C ASP B 496 11.68 32.11 43.78
N ASN B 497 11.43 30.80 43.81
CA ASN B 497 10.12 30.29 43.40
C ASN B 497 9.03 30.78 44.34
N ALA B 498 9.39 31.06 45.59
CA ALA B 498 8.40 31.55 46.55
C ALA B 498 8.04 33.01 46.33
N GLY B 499 8.78 33.73 45.49
CA GLY B 499 8.51 35.12 45.21
C GLY B 499 9.33 36.12 46.00
N VAL B 500 10.42 35.71 46.62
CA VAL B 500 11.28 36.59 47.39
C VAL B 500 12.69 36.48 46.84
N ASN B 501 13.51 37.49 47.16
CA ASN B 501 14.89 37.49 46.68
C ASN B 501 15.66 36.32 47.29
N GLY B 502 15.96 35.31 46.46
CA GLY B 502 16.69 34.15 46.95
C GLY B 502 18.09 34.49 47.39
N ASP B 503 18.83 35.23 46.55
CA ASP B 503 20.20 35.60 46.88
C ASP B 503 20.26 36.32 48.22
N ASN B 504 19.31 37.23 48.49
CA ASN B 504 19.31 37.93 49.75
C ASN B 504 19.02 36.98 50.91
N VAL B 505 18.18 35.97 50.69
CA VAL B 505 17.89 35.02 51.76
C VAL B 505 19.15 34.22 52.10
N VAL B 506 19.89 33.79 51.08
CA VAL B 506 21.12 33.06 51.32
C VAL B 506 22.14 33.94 52.02
N LYS B 507 22.24 35.20 51.61
CA LYS B 507 23.19 36.11 52.24
C LYS B 507 22.83 36.35 53.70
N ILE B 508 21.52 36.41 54.01
CA ILE B 508 21.10 36.61 55.39
C ILE B 508 21.43 35.38 56.23
N ILE B 509 21.14 34.20 55.70
CA ILE B 509 21.42 32.97 56.44
C ILE B 509 22.91 32.78 56.67
N LEU B 510 23.73 33.16 55.68
CA LEU B 510 25.17 32.99 55.80
C LEU B 510 25.83 34.08 56.66
N ASN B 511 25.30 35.30 56.67
CA ASN B 511 25.92 36.36 57.45
C ASN B 511 25.46 36.42 58.90
N SER B 512 24.36 35.76 59.24
CA SER B 512 23.90 35.77 60.63
C SER B 512 24.56 34.59 61.34
N LYS B 513 25.08 34.82 62.53
CA LYS B 513 25.72 33.72 63.26
C LYS B 513 24.75 33.18 64.30
N ASP B 514 23.73 32.52 63.78
CA ASP B 514 22.68 31.87 64.55
C ASP B 514 23.09 30.42 64.79
N LYS B 515 22.25 29.68 65.49
CA LYS B 515 22.57 28.29 65.74
C LYS B 515 22.44 27.50 64.44
N TYR B 516 22.84 26.24 64.46
CA TYR B 516 22.77 25.45 63.24
C TYR B 516 21.34 25.01 63.00
N GLY B 517 20.81 25.37 61.84
CA GLY B 517 19.45 25.08 61.44
C GLY B 517 18.63 26.32 61.18
N PHE B 518 19.23 27.50 61.30
CA PHE B 518 18.52 28.75 61.06
C PHE B 518 18.26 28.90 59.57
N GLY B 519 16.99 28.91 59.18
CA GLY B 519 16.65 29.05 57.79
C GLY B 519 15.44 29.93 57.55
N TYR B 520 14.98 29.97 56.30
CA TYR B 520 13.84 30.77 55.89
C TYR B 520 12.71 29.86 55.45
N ASP B 521 11.59 29.91 56.18
CA ASP B 521 10.41 29.12 55.86
C ASP B 521 9.60 29.91 54.84
N VAL B 522 9.44 29.33 53.65
CA VAL B 522 8.71 29.97 52.57
C VAL B 522 7.20 29.84 52.72
N ASN B 523 6.72 28.86 53.50
CA ASN B 523 5.29 28.71 53.66
C ASN B 523 4.69 29.84 54.49
N THR B 524 5.45 30.35 55.47
CA THR B 524 4.96 31.45 56.29
C THR B 524 5.93 32.61 56.28
N ASN B 525 6.57 32.85 55.13
CA ASN B 525 7.53 33.93 54.89
C ASN B 525 8.26 34.40 56.15
N LYS B 526 8.98 33.50 56.85
CA LYS B 526 9.63 33.96 58.07
C LYS B 526 10.94 33.24 58.30
N PHE B 527 11.89 33.95 58.91
CA PHE B 527 13.20 33.39 59.24
C PHE B 527 13.05 32.72 60.60
N VAL B 528 13.09 31.39 60.63
CA VAL B 528 12.92 30.63 61.85
C VAL B 528 13.95 29.50 61.88
N ASN B 529 13.85 28.65 62.90
CA ASN B 529 14.72 27.50 63.04
C ASN B 529 14.06 26.31 62.36
N MET B 530 14.81 25.65 61.47
CA MET B 530 14.24 24.53 60.73
C MET B 530 13.94 23.34 61.64
N VAL B 531 14.83 23.03 62.57
CA VAL B 531 14.61 21.90 63.47
C VAL B 531 13.41 22.14 64.39
N GLU B 532 13.03 23.39 64.60
CA GLU B 532 11.88 23.68 65.48
C GLU B 532 10.55 23.55 64.74
N LYS B 533 10.47 24.03 63.50
CA LYS B 533 9.23 23.96 62.73
C LYS B 533 9.04 22.62 62.02
N GLY B 534 9.88 21.63 62.30
CA GLY B 534 9.75 20.34 61.67
C GLY B 534 10.20 20.24 60.23
N ILE B 535 10.85 21.28 59.70
CA ILE B 535 11.33 21.26 58.32
C ILE B 535 12.71 20.61 58.37
N ILE B 536 12.73 19.29 58.23
CA ILE B 536 13.97 18.52 58.28
C ILE B 536 13.96 17.51 57.14
N ASP B 537 15.17 17.18 56.66
CA ASP B 537 15.37 16.23 55.59
C ASP B 537 16.20 15.07 56.10
N SER B 538 16.15 13.97 55.36
CA SER B 538 16.91 12.79 55.75
C SER B 538 18.36 13.00 55.35
N THR B 539 19.29 12.67 56.25
CA THR B 539 20.70 12.84 55.96
C THR B 539 21.12 12.01 54.75
N ASN B 540 20.52 10.82 54.60
CA ASN B 540 20.84 9.98 53.46
C ASN B 540 20.40 10.62 52.16
N VAL B 541 19.27 11.33 52.17
CA VAL B 541 18.78 11.98 50.96
C VAL B 541 19.76 13.06 50.51
N ILE B 542 20.20 13.90 51.43
CA ILE B 542 21.14 14.97 51.09
C ILE B 542 22.47 14.38 50.64
N ILE B 543 22.94 13.34 51.33
CA ILE B 543 24.20 12.69 50.96
C ILE B 543 24.09 12.14 49.55
N SER B 544 22.98 11.47 49.24
CA SER B 544 22.79 10.90 47.91
C SER B 544 22.71 11.99 46.86
N VAL B 545 22.07 13.12 47.20
CA VAL B 545 21.95 14.22 46.24
C VAL B 545 23.34 14.73 45.86
N ILE B 546 24.17 15.02 46.87
CA ILE B 546 25.50 15.54 46.60
C ILE B 546 26.37 14.51 45.89
N LYS B 547 26.30 13.25 46.33
CA LYS B 547 27.12 12.20 45.69
C LYS B 547 26.71 12.01 44.23
N ASN B 548 25.41 11.95 43.95
CA ASN B 548 24.95 11.77 42.58
C ASN B 548 25.35 12.95 41.71
N SER B 549 25.16 14.17 42.20
CA SER B 549 25.52 15.34 41.39
C SER B 549 27.02 15.34 41.07
N CYS B 550 27.86 15.09 42.07
CA CYS B 550 29.30 15.08 41.83
C CYS B 550 29.70 13.93 40.90
N SER B 551 29.09 12.75 41.07
CA SER B 551 29.43 11.62 40.21
C SER B 551 29.04 11.90 38.77
N ILE B 552 27.86 12.47 38.55
CA ILE B 552 27.43 12.77 37.18
C ILE B 552 28.35 13.83 36.57
N ALA B 553 28.71 14.85 37.36
CA ALA B 553 29.60 15.89 36.83
C ALA B 553 30.94 15.31 36.43
N SER B 554 31.53 14.47 37.30
CA SER B 554 32.81 13.86 36.98
C SER B 554 32.70 12.95 35.76
N MET B 555 31.60 12.20 35.66
CA MET B 555 31.41 11.31 34.52
C MET B 555 31.30 12.10 33.23
N VAL B 556 30.60 13.23 33.26
CA VAL B 556 30.48 14.06 32.06
C VAL B 556 31.84 14.65 31.70
N LEU B 557 32.62 15.04 32.71
CA LEU B 557 33.95 15.59 32.45
C LEU B 557 34.87 14.55 31.83
N THR B 558 34.71 13.29 32.23
CA THR B 558 35.55 12.22 31.69
C THR B 558 35.12 11.82 30.28
N THR B 559 33.85 12.03 29.94
CA THR B 559 33.36 11.69 28.61
C THR B 559 34.06 12.57 27.56
N GLU B 560 34.54 11.93 26.49
CA GLU B 560 35.24 12.64 25.43
C GLU B 560 34.75 12.26 24.04
N CYS B 561 33.60 11.61 23.92
CA CYS B 561 33.12 11.21 22.61
C CYS B 561 31.64 10.86 22.68
N MET B 562 30.94 11.11 21.57
CA MET B 562 29.53 10.84 21.41
C MET B 562 29.32 10.22 20.04
N MET B 563 28.42 9.24 19.97
CA MET B 563 28.10 8.53 18.74
C MET B 563 26.59 8.44 18.64
N VAL B 564 26.02 9.08 17.62
CA VAL B 564 24.58 9.10 17.39
C VAL B 564 24.26 8.37 16.09
N ASP B 565 23.30 7.47 16.14
CA ASP B 565 22.91 6.70 14.96
C ASP B 565 21.99 7.55 14.07
N HIS B 566 22.64 8.38 13.26
CA HIS B 566 22.03 9.29 12.30
C HIS B 566 23.14 10.01 11.55
N GLU B 567 22.81 10.57 10.40
CA GLU B 567 23.80 11.28 9.60
C GLU B 567 23.93 12.73 10.04
N GLY C 5 9.76 14.19 20.40
CA GLY C 5 10.47 15.40 20.79
C GLY C 5 9.55 16.49 21.30
N LYS C 6 9.94 17.12 22.40
CA LYS C 6 9.16 18.19 23.00
C LYS C 6 9.74 19.56 22.66
N ASP C 7 8.87 20.57 22.71
CA ASP C 7 9.18 21.96 22.46
C ASP C 7 8.87 22.68 23.76
N ILE C 8 9.91 23.17 24.43
CA ILE C 8 9.78 23.83 25.73
C ILE C 8 9.88 25.34 25.55
N ILE C 9 9.03 26.06 26.29
CA ILE C 9 9.00 27.52 26.25
C ILE C 9 8.68 28.02 27.65
N TYR C 10 9.43 29.00 28.14
CA TYR C 10 9.23 29.51 29.49
C TYR C 10 8.78 30.96 29.51
N GLY C 11 8.48 31.40 30.74
CA GLY C 11 8.07 32.75 31.11
C GLY C 11 6.99 33.42 30.31
N ASN C 12 7.23 34.71 30.03
CA ASN C 12 6.28 35.56 29.30
C ASN C 12 5.81 34.92 28.01
N GLU C 13 6.69 34.22 27.30
CA GLU C 13 6.26 33.57 26.06
C GLU C 13 5.19 32.52 26.33
N CYS C 14 5.41 31.69 27.34
CA CYS C 14 4.42 30.67 27.68
C CYS C 14 3.11 31.31 28.12
N ARG C 15 3.19 32.30 29.00
CA ARG C 15 1.97 32.96 29.48
C ARG C 15 1.21 33.65 28.35
N ASN C 16 1.91 34.34 27.45
CA ASN C 16 1.21 35.02 26.36
C ASN C 16 0.61 34.02 25.40
N GLU C 17 1.29 32.88 25.17
CA GLU C 17 0.73 31.87 24.28
C GLU C 17 -0.55 31.30 24.86
N LEU C 18 -0.57 31.03 26.18
CA LEU C 18 -1.79 30.54 26.81
C LEU C 18 -2.88 31.60 26.77
N LEU C 19 -2.49 32.86 26.98
CA LEU C 19 -3.44 33.96 26.96
C LEU C 19 -4.07 34.14 25.60
N LYS C 20 -3.33 33.88 24.52
CA LYS C 20 -3.92 34.03 23.20
C LYS C 20 -5.06 33.04 23.00
N GLY C 21 -4.89 31.80 23.47
CA GLY C 21 -5.97 30.83 23.37
C GLY C 21 -7.16 31.23 24.23
N ILE C 22 -6.87 31.69 25.46
CA ILE C 22 -7.94 32.12 26.35
C ILE C 22 -8.74 33.26 25.71
N LEU C 23 -8.02 34.22 25.13
CA LEU C 23 -8.68 35.35 24.47
C LEU C 23 -9.46 34.89 23.25
N THR C 24 -8.99 33.86 22.54
CA THR C 24 -9.74 33.36 21.40
C THR C 24 -11.08 32.82 21.85
N VAL C 25 -11.06 32.01 22.92
CA VAL C 25 -12.29 31.44 23.45
C VAL C 25 -13.24 32.56 23.89
N SER C 26 -12.70 33.58 24.57
CA SER C 26 -13.56 34.68 25.02
C SER C 26 -14.12 35.46 23.85
N ASP C 27 -13.30 35.76 22.84
CA ASP C 27 -13.76 36.51 21.69
C ASP C 27 -14.84 35.76 20.94
N VAL C 28 -14.82 34.43 20.95
CA VAL C 28 -15.85 33.69 20.24
C VAL C 28 -17.09 33.45 21.10
N VAL C 29 -16.95 33.44 22.42
CA VAL C 29 -18.10 33.19 23.29
C VAL C 29 -18.86 34.46 23.65
N LYS C 30 -18.16 35.56 23.97
CA LYS C 30 -18.82 36.80 24.37
C LYS C 30 -19.83 37.31 23.36
N LEU C 31 -19.78 36.87 22.11
CA LEU C 31 -20.76 37.33 21.13
C LEU C 31 -22.15 36.78 21.40
N THR C 32 -22.25 35.68 22.16
CA THR C 32 -23.52 35.06 22.47
C THR C 32 -23.98 35.36 23.90
N LEU C 33 -23.30 36.27 24.60
CA LEU C 33 -23.68 36.61 25.96
C LEU C 33 -24.98 37.40 25.98
N GLY C 34 -25.89 37.01 26.87
CA GLY C 34 -27.17 37.66 26.98
C GLY C 34 -28.21 37.05 26.07
N PRO C 35 -29.48 37.43 26.26
CA PRO C 35 -30.54 36.88 25.40
C PRO C 35 -30.47 37.40 23.97
N ARG C 36 -29.93 38.60 23.76
CA ARG C 36 -29.80 39.19 22.44
C ARG C 36 -28.43 38.97 21.83
N GLY C 37 -27.79 37.85 22.15
CA GLY C 37 -26.47 37.55 21.62
C GLY C 37 -26.48 37.35 20.12
N ARG C 38 -25.31 37.55 19.51
CA ARG C 38 -25.18 37.40 18.08
C ARG C 38 -25.10 35.92 17.70
N ASN C 39 -25.14 35.67 16.40
CA ASN C 39 -25.10 34.32 15.85
C ASN C 39 -23.68 33.94 15.43
N VAL C 40 -23.39 32.64 15.50
CA VAL C 40 -22.09 32.10 15.11
C VAL C 40 -22.34 30.91 14.18
N LEU C 41 -21.67 30.92 13.02
CA LEU C 41 -21.82 29.86 12.03
C LEU C 41 -20.68 28.85 12.16
N LEU C 42 -21.05 27.58 12.32
CA LEU C 42 -20.12 26.46 12.43
C LEU C 42 -20.40 25.51 11.29
N GLU C 43 -19.38 25.23 10.48
CA GLU C 43 -19.56 24.32 9.35
C GLU C 43 -19.27 22.90 9.79
N LYS C 44 -20.17 21.99 9.44
CA LYS C 44 -20.02 20.58 9.77
C LYS C 44 -19.45 19.86 8.56
N GLU C 45 -18.58 18.88 8.81
CA GLU C 45 -17.98 18.13 7.71
C GLU C 45 -19.00 17.31 6.93
N TYR C 46 -20.29 17.43 7.23
CA TYR C 46 -21.32 16.68 6.52
C TYR C 46 -21.93 17.45 5.36
N GLY C 47 -21.73 18.76 5.29
CA GLY C 47 -22.25 19.57 4.21
C GLY C 47 -23.21 20.67 4.60
N SER C 48 -23.65 20.76 5.85
CA SER C 48 -24.60 21.79 6.25
C SER C 48 -24.06 22.61 7.42
N PRO C 49 -24.14 23.93 7.34
CA PRO C 49 -23.67 24.78 8.44
C PRO C 49 -24.77 25.07 9.44
N LEU C 50 -24.39 25.18 10.70
CA LEU C 50 -25.32 25.44 11.79
C LEU C 50 -25.01 26.79 12.42
N ILE C 51 -26.04 27.61 12.57
CA ILE C 51 -25.92 28.93 13.17
C ILE C 51 -26.45 28.81 14.59
N ILE C 52 -25.55 28.88 15.57
CA ILE C 52 -25.90 28.72 16.96
C ILE C 52 -25.70 30.02 17.74
N ASN C 53 -26.41 30.10 18.86
CA ASN C 53 -26.37 31.22 19.79
C ASN C 53 -25.98 30.78 21.19
N ASP C 54 -25.68 29.50 21.38
CA ASP C 54 -25.28 28.96 22.68
C ASP C 54 -23.76 28.99 22.78
N GLY C 55 -23.24 29.62 23.83
CA GLY C 55 -21.79 29.73 23.98
C GLY C 55 -21.11 28.40 24.24
N VAL C 56 -21.74 27.51 25.00
CA VAL C 56 -21.14 26.22 25.32
C VAL C 56 -21.01 25.36 24.06
N THR C 57 -22.08 25.29 23.26
CA THR C 57 -22.05 24.48 22.05
C THR C 57 -20.96 24.94 21.09
N ILE C 58 -20.77 26.26 20.97
CA ILE C 58 -19.73 26.78 20.09
C ILE C 58 -18.35 26.55 20.69
N ALA C 59 -18.23 26.72 22.00
CA ALA C 59 -16.94 26.52 22.66
C ALA C 59 -16.49 25.08 22.58
N LYS C 60 -17.42 24.13 22.49
CA LYS C 60 -17.01 22.73 22.40
C LYS C 60 -16.32 22.40 21.07
N GLN C 61 -16.31 23.33 20.11
CA GLN C 61 -15.69 23.08 18.82
C GLN C 61 -14.49 23.96 18.48
N ILE C 62 -14.12 24.91 19.33
CA ILE C 62 -12.99 25.78 19.02
C ILE C 62 -11.69 25.01 19.23
N SER C 63 -10.81 25.07 18.23
CA SER C 63 -9.52 24.39 18.28
C SER C 63 -8.60 25.13 17.32
N LEU C 64 -7.49 25.65 17.82
CA LEU C 64 -6.55 26.41 17.01
C LEU C 64 -5.49 25.49 16.41
N LYS C 65 -5.06 25.84 15.20
CA LYS C 65 -4.02 25.05 14.54
C LYS C 65 -2.69 25.19 15.26
N ASP C 66 -2.46 26.33 15.89
CA ASP C 66 -1.23 26.57 16.64
C ASP C 66 -1.25 25.68 17.87
N ARG C 67 -0.44 24.63 17.85
CA ARG C 67 -0.38 23.70 18.97
C ARG C 67 -0.07 24.40 20.30
N LYS C 68 0.60 25.54 20.26
CA LYS C 68 0.92 26.27 21.48
C LYS C 68 -0.28 27.05 22.01
N LYS C 69 -0.89 27.88 21.15
CA LYS C 69 -2.04 28.67 21.58
C LYS C 69 -3.25 27.80 21.90
N ASN C 70 -3.43 26.70 21.15
CA ASN C 70 -4.58 25.84 21.40
C ASN C 70 -4.58 25.32 22.82
N ASN C 71 -3.41 25.20 23.46
CA ASN C 71 -3.37 24.74 24.83
C ASN C 71 -4.21 25.62 25.72
N GLY C 72 -4.09 26.95 25.55
CA GLY C 72 -4.88 27.85 26.36
C GLY C 72 -6.36 27.57 26.17
N VAL C 73 -6.77 27.35 24.92
CA VAL C 73 -8.17 27.02 24.66
C VAL C 73 -8.53 25.77 25.44
N LYS C 74 -7.72 24.72 25.28
CA LYS C 74 -7.97 23.48 25.98
C LYS C 74 -8.01 23.71 27.48
N LEU C 75 -7.16 24.61 27.98
CA LEU C 75 -7.15 24.88 29.42
C LEU C 75 -8.53 25.34 29.87
N MET C 76 -9.09 26.34 29.18
CA MET C 76 -10.41 26.78 29.64
C MET C 76 -11.47 25.76 29.29
N GLN C 77 -11.20 24.89 28.32
CA GLN C 77 -12.17 23.86 28.01
C GLN C 77 -12.18 22.80 29.10
N GLU C 78 -11.08 22.67 29.86
CA GLU C 78 -11.02 21.70 30.93
C GLU C 78 -11.39 22.30 32.28
N SER C 79 -11.03 23.56 32.52
CA SER C 79 -11.35 24.22 33.78
C SER C 79 -12.84 24.50 33.93
N THR C 80 -13.54 24.76 32.82
CA THR C 80 -14.96 25.05 32.85
C THR C 80 -15.83 23.82 32.61
N GLN C 81 -15.22 22.63 32.55
CA GLN C 81 -15.94 21.38 32.32
C GLN C 81 -16.69 21.37 30.99
N ILE C 82 -16.20 22.14 30.02
CA ILE C 82 -16.85 22.18 28.72
C ILE C 82 -16.55 20.91 27.94
N SER C 83 -15.29 20.48 27.94
CA SER C 83 -14.90 19.27 27.23
C SER C 83 -15.52 18.01 27.85
N ASN C 84 -15.87 18.07 29.13
CA ASN C 84 -16.47 16.92 29.81
C ASN C 84 -17.99 16.90 29.68
N ASP C 85 -18.57 17.89 29.00
CA ASP C 85 -20.03 17.99 28.80
C ASP C 85 -20.77 18.15 30.12
N LYS C 86 -20.09 18.68 31.14
CA LYS C 86 -20.70 18.91 32.45
C LYS C 86 -20.64 20.39 32.84
N ALA C 87 -20.49 21.28 31.87
CA ALA C 87 -20.42 22.71 32.14
C ALA C 87 -21.80 23.23 32.50
N GLY C 88 -21.95 23.70 33.74
CA GLY C 88 -23.22 24.23 34.20
C GLY C 88 -23.48 25.62 33.66
N ASP C 89 -24.38 26.33 34.35
CA ASP C 89 -24.73 27.68 33.95
C ASP C 89 -23.65 28.66 34.36
N GLY C 90 -23.56 29.78 33.62
CA GLY C 90 -22.59 30.81 33.90
C GLY C 90 -21.23 30.64 33.27
N THR C 91 -20.97 29.51 32.60
CA THR C 91 -19.68 29.31 31.97
C THR C 91 -19.40 30.35 30.90
N SER C 92 -20.44 30.77 30.17
CA SER C 92 -20.27 31.78 29.13
C SER C 92 -19.71 33.07 29.72
N SER C 93 -20.23 33.48 30.89
CA SER C 93 -19.73 34.69 31.53
C SER C 93 -18.38 34.44 32.16
N THR C 94 -18.15 33.22 32.64
CA THR C 94 -16.87 32.87 33.26
C THR C 94 -15.73 33.01 32.26
N ALA C 95 -15.97 32.61 31.01
CA ALA C 95 -14.92 32.71 29.99
C ALA C 95 -14.48 34.15 29.79
N LEU C 96 -15.45 35.06 29.62
CA LEU C 96 -15.13 36.47 29.41
C LEU C 96 -14.43 37.07 30.62
N MET C 97 -14.98 36.84 31.82
CA MET C 97 -14.36 37.40 33.01
C MET C 97 -12.94 36.85 33.20
N THR C 98 -12.77 35.55 32.98
CA THR C 98 -11.46 34.93 33.11
C THR C 98 -10.47 35.54 32.13
N ALA C 99 -10.90 35.76 30.88
CA ALA C 99 -10.01 36.34 29.89
C ALA C 99 -9.62 37.76 30.29
N THR C 100 -10.57 38.55 30.76
CA THR C 100 -10.26 39.93 31.15
C THR C 100 -9.27 39.97 32.31
N ILE C 101 -9.54 39.21 33.37
CA ILE C 101 -8.65 39.19 34.53
C ILE C 101 -7.28 38.66 34.14
N THR C 102 -7.25 37.56 33.38
CA THR C 102 -5.98 36.96 32.97
C THR C 102 -5.18 37.91 32.08
N LYS C 103 -5.86 38.63 31.19
CA LYS C 103 -5.15 39.56 30.31
C LYS C 103 -4.52 40.68 31.13
N LYS C 104 -5.28 41.30 32.02
CA LYS C 104 -4.70 42.37 32.82
C LYS C 104 -3.57 41.87 33.70
N GLY C 105 -3.73 40.66 34.27
CA GLY C 105 -2.69 40.13 35.13
C GLY C 105 -1.43 39.77 34.39
N ILE C 106 -1.56 39.14 33.22
CA ILE C 106 -0.38 38.78 32.45
C ILE C 106 0.31 40.04 31.93
N GLU C 107 -0.48 41.02 31.48
CA GLU C 107 0.09 42.28 31.01
C GLU C 107 0.85 42.99 32.12
N GLN C 108 0.41 42.83 33.37
CA GLN C 108 1.12 43.47 34.47
C GLN C 108 2.36 42.68 34.88
N VAL C 109 2.24 41.35 34.93
CA VAL C 109 3.35 40.49 35.31
C VAL C 109 4.50 40.58 34.30
N ASN C 110 4.17 40.59 33.01
CA ASN C 110 5.18 40.65 31.96
C ASN C 110 6.06 41.89 32.05
N ARG C 111 5.66 42.90 32.82
CA ARG C 111 6.46 44.12 32.94
C ARG C 111 7.34 44.08 34.18
N ASN C 112 8.19 43.05 34.23
CA ASN C 112 9.15 42.83 35.32
C ASN C 112 8.51 42.86 36.71
N HIS C 113 7.21 42.56 36.81
CA HIS C 113 6.55 42.56 38.10
C HIS C 113 6.57 41.15 38.72
N ASN C 114 6.18 41.08 39.99
CA ASN C 114 6.14 39.83 40.74
C ASN C 114 4.75 39.21 40.66
N PRO C 115 4.63 37.96 40.21
CA PRO C 115 3.31 37.34 40.10
C PRO C 115 2.75 36.79 41.41
N ILE C 116 3.60 36.48 42.39
CA ILE C 116 3.10 35.94 43.66
C ILE C 116 2.20 36.92 44.41
N PRO C 117 2.61 38.19 44.62
CA PRO C 117 1.70 39.10 45.34
C PRO C 117 0.42 39.37 44.57
N ILE C 118 0.50 39.45 43.24
CA ILE C 118 -0.70 39.68 42.45
C ILE C 118 -1.64 38.50 42.57
N GLN C 119 -1.09 37.29 42.58
CA GLN C 119 -1.91 36.09 42.74
C GLN C 119 -2.57 36.07 44.12
N ARG C 120 -1.82 36.46 45.15
CA ARG C 120 -2.37 36.50 46.50
C ARG C 120 -3.54 37.47 46.55
N GLY C 121 -3.35 38.66 45.97
CA GLY C 121 -4.42 39.65 45.96
C GLY C 121 -5.63 39.18 45.19
N ILE C 122 -5.41 38.50 44.06
CA ILE C 122 -6.52 38.01 43.26
C ILE C 122 -7.34 36.99 44.04
N GLN C 123 -6.68 36.02 44.65
CA GLN C 123 -7.40 35.00 45.41
C GLN C 123 -8.11 35.61 46.62
N LEU C 124 -7.45 36.51 47.35
CA LEU C 124 -8.09 37.14 48.51
C LEU C 124 -9.31 37.94 48.07
N ALA C 125 -9.20 38.67 46.98
CA ALA C 125 -10.32 39.44 46.47
C ALA C 125 -11.45 38.51 46.05
N SER C 126 -11.10 37.35 45.49
CA SER C 126 -12.13 36.38 45.09
C SER C 126 -12.92 35.91 46.29
N LYS C 127 -12.20 35.54 47.37
CA LYS C 127 -12.89 35.08 48.57
C LYS C 127 -13.79 36.17 49.15
N MET C 128 -13.27 37.40 49.22
CA MET C 128 -14.08 38.49 49.77
C MET C 128 -15.30 38.77 48.92
N ILE C 129 -15.14 38.73 47.60
CA ILE C 129 -16.28 38.99 46.72
C ILE C 129 -17.31 37.88 46.88
N ILE C 130 -16.85 36.65 47.08
CA ILE C 130 -17.79 35.55 47.28
C ILE C 130 -18.58 35.79 48.57
N GLU C 131 -17.90 36.24 49.62
CA GLU C 131 -18.58 36.52 50.88
C GLU C 131 -19.59 37.65 50.72
N LYS C 132 -19.22 38.69 49.97
CA LYS C 132 -20.14 39.81 49.74
C LYS C 132 -21.37 39.35 48.97
N ILE C 133 -21.16 38.57 47.90
CA ILE C 133 -22.28 38.06 47.11
C ILE C 133 -23.17 37.21 47.98
N LYS C 134 -22.58 36.42 48.89
CA LYS C 134 -23.38 35.61 49.80
C LYS C 134 -24.23 36.51 50.67
N SER C 135 -23.68 37.64 51.10
CA SER C 135 -24.42 38.58 51.92
C SER C 135 -25.45 39.37 51.11
N LEU C 136 -25.40 39.29 49.78
CA LEU C 136 -26.36 39.99 48.93
C LEU C 136 -27.44 39.09 48.35
N SER C 137 -27.54 37.85 48.80
CA SER C 137 -28.54 36.93 48.26
C SER C 137 -29.84 36.99 49.07
N THR C 138 -30.93 36.57 48.43
CA THR C 138 -32.25 36.54 49.03
C THR C 138 -32.85 35.13 48.92
N PRO C 139 -33.56 34.67 49.95
CA PRO C 139 -34.14 33.33 49.91
C PRO C 139 -35.25 33.22 48.88
N ILE C 140 -35.53 31.98 48.47
CA ILE C 140 -36.56 31.67 47.51
C ILE C 140 -37.85 31.36 48.28
N LYS C 141 -38.90 32.14 48.00
CA LYS C 141 -40.17 31.95 48.70
C LYS C 141 -41.33 31.62 47.77
N THR C 142 -41.57 32.43 46.75
CA THR C 142 -42.69 32.21 45.85
C THR C 142 -42.32 31.24 44.72
N TYR C 143 -43.35 30.64 44.13
CA TYR C 143 -43.16 29.72 43.01
C TYR C 143 -42.65 30.46 41.79
N LYS C 144 -43.10 31.70 41.61
CA LYS C 144 -42.64 32.50 40.47
C LYS C 144 -41.14 32.72 40.54
N ASP C 145 -40.56 32.72 41.74
CA ASP C 145 -39.12 32.86 41.86
C ASP C 145 -38.42 31.68 41.21
N ILE C 146 -38.91 30.47 41.50
CA ILE C 146 -38.35 29.26 40.91
C ILE C 146 -38.54 29.27 39.41
N LEU C 147 -39.73 29.68 38.96
CA LEU C 147 -39.99 29.72 37.52
C LEU C 147 -39.05 30.70 36.82
N ASN C 148 -38.83 31.87 37.43
CA ASN C 148 -37.96 32.87 36.84
C ASN C 148 -36.51 32.40 36.78
N ILE C 149 -36.00 31.82 37.87
CA ILE C 149 -34.62 31.35 37.85
C ILE C 149 -34.46 30.21 36.86
N ALA C 150 -35.46 29.34 36.74
CA ALA C 150 -35.38 28.24 35.79
C ALA C 150 -35.39 28.76 34.36
N THR C 151 -36.24 29.75 34.07
CA THR C 151 -36.31 30.30 32.72
C THR C 151 -35.01 31.03 32.37
N ILE C 152 -34.44 31.76 33.33
CA ILE C 152 -33.20 32.49 33.06
C ILE C 152 -32.05 31.51 32.85
N ALA C 153 -31.96 30.47 33.70
CA ALA C 153 -30.89 29.49 33.56
C ALA C 153 -31.07 28.59 32.35
N SER C 154 -32.19 28.70 31.63
CA SER C 154 -32.46 27.89 30.44
C SER C 154 -32.41 28.71 29.17
N ASN C 155 -31.61 29.78 29.17
CA ASN C 155 -31.45 30.66 28.01
C ASN C 155 -32.79 31.25 27.56
N ASN C 156 -33.62 31.63 28.53
CA ASN C 156 -34.93 32.23 28.28
C ASN C 156 -35.84 31.32 27.46
N ASP C 157 -35.95 30.06 27.89
CA ASP C 157 -36.80 29.07 27.23
C ASP C 157 -37.97 28.84 28.18
N VAL C 158 -39.12 29.44 27.84
CA VAL C 158 -40.31 29.33 28.67
C VAL C 158 -40.74 27.89 28.87
N HIS C 159 -40.54 27.04 27.85
CA HIS C 159 -40.93 25.64 27.96
C HIS C 159 -40.18 24.93 29.08
N MET C 160 -38.84 24.98 29.05
CA MET C 160 -38.06 24.31 30.09
C MET C 160 -38.32 24.94 31.45
N GLY C 161 -38.53 26.25 31.49
CA GLY C 161 -38.82 26.91 32.76
C GLY C 161 -40.11 26.40 33.37
N GLN C 162 -41.15 26.29 32.55
CA GLN C 162 -42.42 25.76 33.05
C GLN C 162 -42.30 24.31 33.46
N ILE C 163 -41.51 23.53 32.72
CA ILE C 163 -41.34 22.11 33.05
C ILE C 163 -40.69 21.96 34.43
N ILE C 164 -39.58 22.68 34.64
CA ILE C 164 -38.89 22.59 35.93
C ILE C 164 -39.77 23.15 37.06
N ALA C 165 -40.48 24.25 36.80
CA ALA C 165 -41.33 24.84 37.81
C ALA C 165 -42.43 23.85 38.23
N ASN C 166 -43.05 23.18 37.25
CA ASN C 166 -44.09 22.21 37.60
C ASN C 166 -43.50 20.98 38.26
N ALA C 167 -42.26 20.62 37.91
CA ALA C 167 -41.62 19.47 38.56
C ALA C 167 -41.31 19.78 40.02
N TYR C 168 -41.07 21.05 40.33
CA TYR C 168 -40.79 21.45 41.71
C TYR C 168 -42.03 21.78 42.52
N ASP C 169 -43.15 22.12 41.86
CA ASP C 169 -44.36 22.43 42.60
C ASP C 169 -45.00 21.17 43.17
N LYS C 170 -45.23 20.17 42.31
CA LYS C 170 -45.84 18.92 42.74
C LYS C 170 -44.90 18.02 43.53
N LEU C 171 -43.62 18.36 43.68
CA LEU C 171 -42.69 17.49 44.40
C LEU C 171 -41.88 18.19 45.49
N GLY C 172 -42.26 19.39 45.92
CA GLY C 172 -41.52 20.07 46.96
C GLY C 172 -40.17 20.64 46.50
N LYS C 173 -39.48 21.26 47.45
CA LYS C 173 -38.19 21.88 47.22
C LYS C 173 -37.00 20.92 47.34
N ASN C 174 -37.25 19.62 47.24
CA ASN C 174 -36.21 18.60 47.28
C ASN C 174 -36.54 17.48 46.30
N ALA C 175 -37.18 17.86 45.20
CA ALA C 175 -37.63 16.94 44.16
C ALA C 175 -36.48 16.23 43.44
N ALA C 176 -36.58 14.91 43.35
CA ALA C 176 -35.59 14.10 42.65
C ALA C 176 -36.05 14.05 41.20
N ILE C 177 -35.26 14.67 40.32
CA ILE C 177 -35.57 14.75 38.90
C ILE C 177 -34.60 13.88 38.10
N ILE C 178 -35.15 13.04 37.23
CA ILE C 178 -34.38 12.17 36.35
C ILE C 178 -34.59 12.67 34.93
N LEU C 179 -33.51 12.77 34.17
CA LEU C 179 -33.54 13.24 32.80
C LEU C 179 -33.34 12.06 31.86
N ASP C 180 -34.34 11.78 31.02
CA ASP C 180 -34.25 10.67 30.08
C ASP C 180 -34.50 11.20 28.68
N ASP C 181 -33.91 10.52 27.70
CA ASP C 181 -34.06 10.91 26.31
C ASP C 181 -35.43 10.50 25.79
N ASN C 182 -36.01 11.33 24.92
CA ASN C 182 -37.32 11.07 24.34
C ASN C 182 -37.24 11.21 22.83
N ALA C 183 -38.18 10.55 22.15
CA ALA C 183 -38.27 10.58 20.70
C ALA C 183 -39.20 11.66 20.18
N ASP C 184 -39.88 12.40 21.06
CA ASP C 184 -40.79 13.45 20.64
C ASP C 184 -40.09 14.81 20.63
N ILE C 185 -40.80 15.81 20.12
CA ILE C 185 -40.29 17.18 20.03
C ILE C 185 -40.89 18.12 21.07
N ASN C 186 -41.87 17.67 21.87
CA ASN C 186 -42.50 18.55 22.85
C ASN C 186 -41.95 18.44 24.26
N ASP C 187 -41.06 17.49 24.55
CA ASP C 187 -40.49 17.38 25.89
C ASP C 187 -41.55 17.21 26.97
N LYS C 188 -42.14 16.03 27.08
CA LYS C 188 -43.17 15.80 28.08
C LYS C 188 -42.56 15.49 29.44
N LEU C 189 -43.35 15.73 30.49
CA LEU C 189 -42.97 15.53 31.87
C LEU C 189 -43.93 14.55 32.54
N GLU C 190 -43.38 13.61 33.30
CA GLU C 190 -44.17 12.61 33.99
C GLU C 190 -43.77 12.55 35.46
N PHE C 191 -44.62 11.93 36.27
CA PHE C 191 -44.37 11.79 37.70
C PHE C 191 -44.62 10.35 38.12
N THR C 192 -43.74 9.81 38.96
CA THR C 192 -43.91 8.44 39.43
C THR C 192 -43.53 8.36 40.90
N GLU C 193 -44.33 7.66 41.68
CA GLU C 193 -44.05 7.52 43.10
C GLU C 193 -42.75 6.77 43.32
N GLY C 194 -41.99 7.22 44.31
CA GLY C 194 -40.71 6.57 44.61
C GLY C 194 -40.17 7.02 45.95
N TYR C 195 -39.01 6.45 46.28
CA TYR C 195 -38.32 6.74 47.53
C TYR C 195 -36.96 7.38 47.22
N ASN C 196 -36.61 8.41 47.98
CA ASN C 196 -35.36 9.12 47.78
C ASN C 196 -34.69 9.41 49.11
N PHE C 197 -33.49 8.88 49.31
CA PHE C 197 -32.72 9.12 50.52
C PHE C 197 -31.47 9.93 50.15
N ASP C 198 -30.58 10.13 51.12
CA ASP C 198 -29.39 10.96 50.90
C ASP C 198 -28.09 10.17 50.70
N ARG C 199 -28.11 9.06 49.97
CA ARG C 199 -26.89 8.31 49.71
C ARG C 199 -26.67 8.23 48.21
N GLY C 200 -25.41 8.12 47.80
CA GLY C 200 -25.11 8.04 46.39
C GLY C 200 -24.01 7.08 46.00
N ILE C 201 -23.15 7.53 45.09
CA ILE C 201 -22.01 6.74 44.62
C ILE C 201 -20.82 7.24 45.43
N ILE C 202 -20.59 6.60 46.58
CA ILE C 202 -19.50 6.94 47.48
C ILE C 202 -18.16 6.85 46.74
N ASN C 203 -17.80 5.65 46.33
CA ASN C 203 -16.56 5.37 45.61
C ASN C 203 -16.76 5.59 44.13
N PRO C 204 -16.29 6.72 43.58
CA PRO C 204 -16.50 7.01 42.15
C PRO C 204 -15.95 5.97 41.18
N TYR C 205 -15.12 5.02 41.62
CA TYR C 205 -14.62 4.03 40.66
C TYR C 205 -15.74 3.20 40.02
N LEU C 206 -16.96 3.26 40.56
CA LEU C 206 -18.07 2.54 39.97
C LEU C 206 -18.55 3.19 38.68
N LEU C 207 -18.00 4.36 38.34
CA LEU C 207 -18.37 5.09 37.13
C LEU C 207 -17.27 5.02 36.07
N TYR C 208 -16.30 4.14 36.23
CA TYR C 208 -15.24 4.00 35.25
C TYR C 208 -15.62 3.04 34.13
N ASN C 209 -16.87 2.57 34.12
CA ASN C 209 -17.35 1.69 33.08
C ASN C 209 -18.12 2.58 32.12
N GLU C 210 -19.31 3.01 32.53
CA GLU C 210 -20.12 3.92 31.75
C GLU C 210 -19.80 5.34 32.19
N ASN C 211 -19.45 6.20 31.24
CA ASN C 211 -19.13 7.59 31.56
C ASN C 211 -20.35 8.48 31.31
N LYS C 212 -21.43 8.16 32.02
CA LYS C 212 -22.68 8.89 31.91
C LYS C 212 -22.96 9.81 33.10
N ASP C 213 -22.07 9.84 34.09
CA ASP C 213 -22.18 10.65 35.30
C ASP C 213 -23.29 10.17 36.22
N TYR C 214 -24.07 9.17 35.83
CA TYR C 214 -25.16 8.64 36.64
C TYR C 214 -25.18 7.13 36.51
N ILE C 215 -26.12 6.51 37.21
CA ILE C 215 -26.31 5.06 37.16
C ILE C 215 -27.73 4.84 36.67
N GLU C 216 -27.89 3.99 35.66
CA GLU C 216 -29.21 3.71 35.11
C GLU C 216 -29.35 2.20 34.99
N TYR C 217 -30.10 1.62 35.93
CA TYR C 217 -30.35 0.19 35.98
C TYR C 217 -31.87 0.01 35.96
N SER C 218 -32.36 -0.87 35.10
CA SER C 218 -33.80 -1.09 35.00
C SER C 218 -34.18 -2.41 35.68
N GLN C 219 -35.17 -2.33 36.56
CA GLN C 219 -35.70 -3.49 37.29
C GLN C 219 -34.57 -4.23 38.02
N VAL C 220 -34.01 -3.54 39.02
CA VAL C 220 -32.92 -4.06 39.81
C VAL C 220 -33.46 -4.81 41.03
N SER C 221 -32.65 -5.70 41.58
CA SER C 221 -32.99 -6.50 42.76
C SER C 221 -32.28 -5.92 43.98
N THR C 222 -33.07 -5.61 45.01
CA THR C 222 -32.57 -5.01 46.24
C THR C 222 -32.25 -6.04 47.32
N LEU C 223 -31.19 -5.77 48.08
CA LEU C 223 -30.72 -6.60 49.19
C LEU C 223 -30.47 -5.60 50.32
N ILE C 224 -31.47 -5.42 51.18
CA ILE C 224 -31.42 -4.46 52.28
C ILE C 224 -31.13 -5.16 53.60
N THR C 225 -30.09 -4.69 54.29
CA THR C 225 -29.67 -5.22 55.59
C THR C 225 -29.52 -4.06 56.57
N ASP C 226 -29.09 -4.40 57.79
CA ASP C 226 -28.87 -3.43 58.86
C ASP C 226 -27.47 -3.48 59.45
N GLN C 227 -26.76 -4.59 59.33
CA GLN C 227 -25.42 -4.73 59.86
C GLN C 227 -24.40 -4.33 58.78
N ASN C 228 -23.12 -4.59 59.05
CA ASN C 228 -22.05 -4.29 58.11
C ASN C 228 -21.68 -5.60 57.44
N ILE C 229 -21.81 -5.65 56.11
CA ILE C 229 -21.51 -6.88 55.39
C ILE C 229 -20.02 -7.16 55.30
N ASP C 230 -19.53 -8.02 56.18
CA ASP C 230 -18.14 -8.44 56.22
C ASP C 230 -18.09 -9.91 55.82
N ASN C 231 -16.87 -10.43 55.65
CA ASN C 231 -16.68 -11.84 55.30
C ASN C 231 -17.49 -12.21 54.05
N ILE C 232 -17.02 -11.69 52.92
CA ILE C 232 -17.63 -11.86 51.60
C ILE C 232 -18.12 -13.29 51.36
N GLN C 233 -17.51 -14.28 52.02
CA GLN C 233 -17.97 -15.65 51.82
C GLN C 233 -19.36 -15.88 52.43
N SER C 234 -20.00 -14.85 52.96
CA SER C 234 -21.34 -14.95 53.54
C SER C 234 -22.41 -14.63 52.52
N ILE C 235 -22.10 -13.75 51.56
CA ILE C 235 -23.02 -13.36 50.49
C ILE C 235 -22.55 -13.86 49.14
N LEU C 236 -21.47 -14.64 49.10
CA LEU C 236 -20.95 -15.17 47.83
C LEU C 236 -21.97 -15.94 47.00
N PRO C 237 -22.85 -16.78 47.56
CA PRO C 237 -23.81 -17.48 46.69
C PRO C 237 -24.73 -16.55 45.91
N ILE C 238 -25.21 -15.48 46.54
CA ILE C 238 -26.07 -14.54 45.83
C ILE C 238 -25.31 -13.87 44.70
N LEU C 239 -24.05 -13.50 44.96
CA LEU C 239 -23.23 -12.86 43.94
C LEU C 239 -23.00 -13.80 42.77
N GLU C 240 -22.69 -15.07 43.05
CA GLU C 240 -22.46 -16.04 41.97
C GLU C 240 -23.74 -16.29 41.17
N ILE C 241 -24.88 -16.42 41.86
CA ILE C 241 -26.14 -16.66 41.15
C ILE C 241 -26.45 -15.48 40.24
N PHE C 242 -26.23 -14.25 40.72
CA PHE C 242 -26.51 -13.11 39.86
C PHE C 242 -25.44 -12.97 38.77
N ALA C 243 -24.26 -13.55 38.98
CA ALA C 243 -23.23 -13.51 37.96
C ALA C 243 -23.57 -14.47 36.83
N LYS C 244 -24.29 -15.54 37.16
CA LYS C 244 -24.70 -16.50 36.15
C LYS C 244 -25.98 -16.06 35.46
N ASN C 245 -26.88 -15.39 36.18
CA ASN C 245 -28.14 -14.91 35.61
C ASN C 245 -27.97 -13.57 34.89
N LYS C 246 -26.96 -12.77 35.27
CA LYS C 246 -26.66 -11.47 34.67
C LYS C 246 -27.67 -10.38 35.07
N GLN C 247 -28.29 -10.52 36.24
CA GLN C 247 -29.26 -9.50 36.65
C GLN C 247 -28.59 -8.46 37.55
N PRO C 248 -28.96 -7.18 37.44
CA PRO C 248 -28.34 -6.15 38.30
C PRO C 248 -28.80 -6.27 39.74
N LEU C 249 -27.88 -5.99 40.67
CA LEU C 249 -28.16 -6.08 42.10
C LEU C 249 -27.69 -4.83 42.86
N CYS C 250 -28.47 -4.46 43.88
CA CYS C 250 -28.20 -3.30 44.72
C CYS C 250 -28.15 -3.77 46.17
N ILE C 251 -27.12 -3.34 46.90
CA ILE C 251 -26.92 -3.74 48.30
C ILE C 251 -26.96 -2.49 49.18
N ILE C 252 -27.84 -2.51 50.17
CA ILE C 252 -28.00 -1.40 51.12
C ILE C 252 -27.50 -1.86 52.47
N ALA C 253 -26.24 -1.59 52.79
CA ALA C 253 -25.66 -1.98 54.06
C ALA C 253 -25.58 -0.78 55.00
N ASP C 254 -24.96 -0.98 56.16
CA ASP C 254 -24.83 0.07 57.16
C ASP C 254 -23.53 0.84 57.08
N ASP C 255 -22.38 0.15 56.97
CA ASP C 255 -21.11 0.87 56.93
C ASP C 255 -20.17 0.47 55.79
N PHE C 256 -20.21 -0.80 55.36
CA PHE C 256 -19.35 -1.27 54.29
C PHE C 256 -17.87 -1.09 54.63
N SER C 257 -17.35 -1.95 55.52
CA SER C 257 -15.97 -1.91 55.98
C SER C 257 -14.98 -1.76 54.82
N ASN C 258 -13.81 -1.20 55.15
CA ASN C 258 -12.73 -0.94 54.21
C ASN C 258 -12.45 -2.05 53.20
N GLU C 259 -12.14 -3.26 53.67
CA GLU C 259 -11.82 -4.32 52.72
C GLU C 259 -13.03 -4.96 52.05
N VAL C 260 -14.23 -4.87 52.62
CA VAL C 260 -15.33 -5.49 51.90
C VAL C 260 -15.96 -4.42 51.02
N LEU C 261 -15.19 -3.91 50.07
CA LEU C 261 -15.67 -2.90 49.15
C LEU C 261 -15.48 -3.27 47.69
N GLN C 262 -14.22 -3.54 47.34
CA GLN C 262 -13.77 -3.88 45.99
C GLN C 262 -13.14 -5.25 45.88
N THR C 263 -13.26 -6.11 46.90
CA THR C 263 -12.64 -7.42 46.84
C THR C 263 -13.04 -8.19 45.58
N LEU C 264 -14.31 -8.11 45.19
CA LEU C 264 -14.77 -8.81 44.00
C LEU C 264 -15.71 -8.01 43.10
N ILE C 265 -16.41 -7.00 43.61
CA ILE C 265 -17.38 -6.26 42.80
C ILE C 265 -16.70 -5.29 41.83
N ILE C 266 -15.88 -4.38 42.35
CA ILE C 266 -15.25 -3.35 41.50
C ILE C 266 -14.36 -3.97 40.42
N ASN C 267 -13.62 -5.02 40.74
CA ASN C 267 -12.75 -5.60 39.72
C ASN C 267 -13.55 -6.39 38.69
N LYS C 268 -14.68 -6.95 39.08
CA LYS C 268 -15.54 -7.72 38.20
C LYS C 268 -16.69 -6.93 37.58
N LEU C 269 -17.09 -5.81 38.18
CA LEU C 269 -18.20 -4.98 37.71
C LEU C 269 -18.13 -4.64 36.22
N LYS C 270 -16.98 -4.74 35.58
CA LYS C 270 -16.91 -4.39 34.17
C LYS C 270 -17.16 -5.58 33.25
N GLY C 271 -17.07 -6.81 33.75
CA GLY C 271 -17.34 -7.97 32.93
C GLY C 271 -18.36 -8.89 33.56
N ALA C 272 -18.41 -8.86 34.90
CA ALA C 272 -19.27 -9.63 35.78
C ALA C 272 -20.37 -8.75 36.38
N ILE C 273 -20.98 -9.24 37.46
CA ILE C 273 -22.05 -8.61 38.22
C ILE C 273 -21.94 -7.10 38.38
N LYS C 274 -23.07 -6.42 38.23
CA LYS C 274 -23.19 -4.97 38.37
C LYS C 274 -23.93 -4.79 39.69
N VAL C 275 -23.23 -4.31 40.70
CA VAL C 275 -23.76 -4.13 42.04
C VAL C 275 -23.61 -2.67 42.47
N VAL C 276 -24.62 -2.19 43.18
CA VAL C 276 -24.64 -0.81 43.68
C VAL C 276 -24.60 -0.86 45.20
N PRO C 277 -23.41 -0.68 45.81
CA PRO C 277 -23.28 -0.71 47.26
C PRO C 277 -23.57 0.63 47.92
N ILE C 278 -24.82 0.94 48.24
CA ILE C 278 -25.12 2.23 48.88
C ILE C 278 -25.01 2.09 50.39
N ARG C 279 -24.73 3.22 51.04
CA ARG C 279 -24.56 3.29 52.48
C ARG C 279 -25.83 3.76 53.19
N PRO C 281 -28.03 6.52 54.89
CA PRO C 281 -27.49 7.39 55.94
C PRO C 281 -27.73 6.81 57.33
N SER C 282 -26.65 6.49 58.04
CA SER C 282 -26.72 5.91 59.38
C SER C 282 -26.03 6.83 60.37
N PHE C 283 -26.81 7.48 61.23
CA PHE C 283 -26.30 8.39 62.25
C PHE C 283 -26.45 7.81 63.65
N GLY C 284 -27.62 7.28 63.97
CA GLY C 284 -27.89 6.70 65.28
C GLY C 284 -28.89 5.59 65.13
N ASP C 285 -29.80 5.47 66.11
CA ASP C 285 -30.82 4.44 66.02
C ASP C 285 -31.85 4.75 64.94
N ARG C 286 -32.01 6.04 64.60
CA ARG C 286 -32.96 6.45 63.58
C ARG C 286 -32.74 5.75 62.25
N ARG C 287 -31.54 5.18 62.04
CA ARG C 287 -31.26 4.48 60.80
C ARG C 287 -32.14 3.23 60.66
N LYS C 288 -32.32 2.49 61.75
CA LYS C 288 -33.10 1.25 61.68
C LYS C 288 -34.50 1.51 61.14
N ASP C 289 -35.19 2.51 61.69
CA ASP C 289 -36.54 2.81 61.21
C ASP C 289 -36.50 3.09 59.72
N TYR C 290 -35.52 3.89 59.27
CA TYR C 290 -35.44 4.19 57.85
C TYR C 290 -35.28 2.91 57.04
N LEU C 291 -34.42 2.00 57.50
CA LEU C 291 -34.23 0.75 56.78
C LEU C 291 -35.51 -0.03 56.69
N LYS C 292 -36.35 0.04 57.73
CA LYS C 292 -37.61 -0.69 57.68
C LYS C 292 -38.43 -0.23 56.48
N ASP C 293 -38.45 1.09 56.23
CA ASP C 293 -39.20 1.58 55.08
C ASP C 293 -38.68 0.94 53.80
N LEU C 294 -37.36 0.81 53.68
CA LEU C 294 -36.78 0.21 52.49
C LEU C 294 -37.25 -1.22 52.29
N CYS C 295 -37.51 -1.95 53.37
CA CYS C 295 -37.96 -3.33 53.19
C CYS C 295 -39.42 -3.42 52.78
N ILE C 296 -40.19 -2.34 52.90
CA ILE C 296 -41.59 -2.40 52.51
C ILE C 296 -41.76 -1.84 51.09
N VAL C 297 -40.90 -0.90 50.72
CA VAL C 297 -40.98 -0.31 49.39
C VAL C 297 -40.55 -1.29 48.31
N THR C 298 -39.59 -2.17 48.61
CA THR C 298 -39.11 -3.15 47.65
C THR C 298 -39.34 -4.60 48.06
N ASN C 299 -39.84 -4.86 49.27
CA ASN C 299 -40.07 -6.22 49.75
C ASN C 299 -38.77 -7.02 49.73
N SER C 300 -37.80 -6.55 50.51
CA SER C 300 -36.49 -7.17 50.60
C SER C 300 -36.25 -7.94 51.90
N LYS C 301 -37.25 -8.07 52.76
CA LYS C 301 -37.10 -8.81 54.01
C LYS C 301 -35.95 -8.27 54.86
N TYR C 302 -36.17 -7.13 55.51
CA TYR C 302 -35.20 -6.45 56.36
C TYR C 302 -34.39 -7.43 57.20
N ILE C 303 -33.06 -7.42 57.00
CA ILE C 303 -32.13 -8.29 57.70
C ILE C 303 -31.51 -7.53 58.85
N SER C 304 -31.54 -8.13 60.05
CA SER C 304 -30.98 -7.51 61.24
C SER C 304 -30.97 -8.53 62.37
N ALA C 305 -30.03 -8.34 63.31
CA ALA C 305 -29.91 -9.23 64.45
C ALA C 305 -31.05 -9.06 65.44
N ASP C 306 -31.74 -7.92 65.39
CA ASP C 306 -32.85 -7.66 66.32
C ASP C 306 -34.03 -8.60 66.06
N VAL C 307 -34.22 -9.03 64.83
CA VAL C 307 -35.34 -9.92 64.52
C VAL C 307 -34.93 -11.40 64.59
N GLY C 308 -33.66 -11.71 64.33
CA GLY C 308 -33.22 -13.09 64.37
C GLY C 308 -32.46 -13.53 63.14
N LEU C 309 -32.80 -12.93 61.99
CA LEU C 309 -32.15 -13.25 60.72
C LEU C 309 -30.81 -12.53 60.69
N ASP C 310 -29.75 -13.25 61.01
CA ASP C 310 -28.40 -12.69 61.04
C ASP C 310 -27.76 -12.74 59.66
N LEU C 311 -27.08 -11.64 59.31
CA LEU C 311 -26.40 -11.48 58.03
C LEU C 311 -25.17 -12.35 57.87
N ASN C 312 -24.72 -13.04 58.92
CA ASN C 312 -23.52 -13.87 58.84
C ASN C 312 -23.83 -15.34 58.59
N ASN C 313 -24.62 -15.97 59.46
CA ASN C 313 -24.95 -17.38 59.30
C ASN C 313 -26.30 -17.54 58.60
N LEU C 314 -26.29 -17.34 57.29
CA LEU C 314 -27.47 -17.51 56.47
C LEU C 314 -27.50 -18.87 55.80
N HIS C 315 -26.58 -19.76 56.18
CA HIS C 315 -26.48 -21.11 55.66
C HIS C 315 -26.95 -22.15 56.66
N ASN C 316 -27.07 -21.78 57.93
CA ASN C 316 -27.53 -22.72 58.95
C ASN C 316 -29.04 -22.85 58.89
N GLN C 317 -29.77 -21.78 59.21
CA GLN C 317 -31.23 -21.82 59.16
C GLN C 317 -31.68 -21.65 57.70
N MET C 318 -31.31 -22.64 56.89
CA MET C 318 -31.69 -22.67 55.48
C MET C 318 -33.18 -22.78 55.26
N SER C 319 -33.99 -22.81 56.32
CA SER C 319 -35.43 -22.93 56.16
C SER C 319 -36.16 -21.72 56.73
N SER C 320 -35.69 -20.52 56.34
CA SER C 320 -36.30 -19.27 56.75
C SER C 320 -36.91 -18.60 55.51
N PHE C 321 -36.07 -18.35 54.51
CA PHE C 321 -36.48 -17.80 53.22
C PHE C 321 -36.98 -18.89 52.27
N ASP C 322 -37.40 -20.03 52.82
CA ASP C 322 -37.90 -21.18 52.05
C ASP C 322 -36.81 -21.78 51.15
N ASN C 323 -35.55 -21.65 51.55
CA ASN C 323 -34.40 -22.17 50.82
C ASN C 323 -34.24 -21.50 49.47
N ASN C 324 -35.15 -20.59 49.14
CA ASN C 324 -35.17 -19.84 47.89
C ASN C 324 -34.33 -18.57 48.03
N TYR C 325 -33.04 -18.67 47.71
CA TYR C 325 -32.13 -17.53 47.79
C TYR C 325 -32.70 -16.27 47.14
N LEU C 326 -33.70 -16.40 46.27
CA LEU C 326 -34.33 -15.28 45.59
C LEU C 326 -35.53 -14.70 46.32
N SER C 327 -36.26 -15.49 47.12
CA SER C 327 -37.41 -14.96 47.82
C SER C 327 -37.02 -13.94 48.88
N LEU C 328 -35.76 -13.96 49.34
CA LEU C 328 -35.31 -13.02 50.35
C LEU C 328 -35.00 -11.64 49.78
N LEU C 329 -34.80 -11.53 48.47
CA LEU C 329 -34.50 -10.23 47.87
C LEU C 329 -35.76 -9.57 47.33
N GLY C 330 -35.64 -8.26 47.06
CA GLY C 330 -36.74 -7.48 46.55
C GLY C 330 -36.59 -7.13 45.08
N SER C 331 -37.44 -6.20 44.65
CA SER C 331 -37.46 -5.74 43.27
C SER C 331 -37.93 -4.30 43.23
N ALA C 332 -37.53 -3.59 42.17
CA ALA C 332 -37.91 -2.20 41.99
C ALA C 332 -38.04 -1.93 40.50
N ASN C 333 -38.75 -0.85 40.17
CA ASN C 333 -38.95 -0.48 38.78
C ASN C 333 -37.68 0.09 38.16
N THR C 334 -37.17 1.18 38.73
CA THR C 334 -35.96 1.84 38.24
C THR C 334 -35.14 2.33 39.40
N LEU C 335 -33.81 2.31 39.24
CA LEU C 335 -32.87 2.75 40.26
C LEU C 335 -31.96 3.82 39.67
N ILE C 336 -31.93 4.99 40.29
CA ILE C 336 -31.10 6.10 39.84
C ILE C 336 -30.26 6.56 41.04
N VAL C 337 -28.97 6.27 41.01
CA VAL C 337 -28.08 6.66 42.10
C VAL C 337 -27.21 7.81 41.63
N LYS C 338 -27.40 8.97 42.25
CA LYS C 338 -26.62 10.16 41.93
C LYS C 338 -25.41 10.18 42.86
N LYS C 339 -24.68 11.29 42.88
CA LYS C 339 -23.51 11.37 43.75
C LYS C 339 -23.90 11.30 45.23
N ASP C 340 -25.03 11.91 45.60
CA ASP C 340 -25.47 11.90 47.00
C ASP C 340 -26.98 11.79 47.16
N ARG C 341 -27.72 11.26 46.17
CA ARG C 341 -29.17 11.18 46.32
C ARG C 341 -29.71 9.98 45.54
N THR C 342 -29.80 8.83 46.21
CA THR C 342 -30.34 7.65 45.57
C THR C 342 -31.84 7.78 45.43
N SER C 343 -32.36 7.28 44.31
CA SER C 343 -33.78 7.33 44.00
C SER C 343 -34.22 5.96 43.49
N LEU C 344 -35.43 5.55 43.89
CA LEU C 344 -36.00 4.27 43.49
C LEU C 344 -37.45 4.48 43.09
N ILE C 345 -37.79 4.04 41.89
CA ILE C 345 -39.15 4.16 41.38
C ILE C 345 -39.93 2.96 41.90
N THR C 346 -40.97 3.22 42.69
CA THR C 346 -41.77 2.15 43.26
C THR C 346 -42.52 1.37 42.19
N LYS C 347 -42.60 0.06 42.38
CA LYS C 347 -43.31 -0.81 41.46
C LYS C 347 -44.81 -0.67 41.69
N GLU C 348 -45.60 -0.96 40.65
CA GLU C 348 -47.05 -0.86 40.73
C GLU C 348 -47.68 -1.93 41.62
N GLU C 349 -46.90 -2.86 42.17
CA GLU C 349 -47.43 -3.93 43.01
C GLU C 349 -47.41 -3.60 44.50
N TYR C 350 -46.37 -2.94 45.00
CA TYR C 350 -46.25 -2.62 46.42
C TYR C 350 -47.00 -1.36 46.85
N LYS C 351 -47.64 -0.66 45.92
CA LYS C 351 -48.38 0.57 46.24
C LYS C 351 -49.31 0.43 47.45
N LYS C 352 -50.09 -0.65 47.50
CA LYS C 352 -51.02 -0.84 48.60
C LYS C 352 -50.31 -1.00 49.94
N GLU C 353 -49.24 -1.80 49.98
CA GLU C 353 -48.50 -2.00 51.23
C GLU C 353 -48.00 -0.68 51.80
N ILE C 354 -47.29 0.11 50.98
CA ILE C 354 -46.80 1.39 51.44
C ILE C 354 -47.95 2.30 51.86
N ASP C 355 -49.06 2.28 51.10
CA ASP C 355 -50.21 3.12 51.46
C ASP C 355 -50.71 2.81 52.87
N GLU C 356 -50.98 1.53 53.16
CA GLU C 356 -51.47 1.16 54.49
C GLU C 356 -50.45 1.54 55.56
N ARG C 357 -49.17 1.25 55.33
CA ARG C 357 -48.14 1.63 56.29
C ARG C 357 -48.17 3.12 56.56
N ILE C 358 -48.29 3.93 55.51
CA ILE C 358 -48.37 5.37 55.63
C ILE C 358 -49.54 5.75 56.53
N ASN C 359 -50.69 5.11 56.33
CA ASN C 359 -51.85 5.39 57.16
C ASN C 359 -51.55 5.13 58.63
N VAL C 360 -50.89 4.01 58.92
CA VAL C 360 -50.54 3.69 60.31
C VAL C 360 -49.60 4.76 60.88
N LEU C 361 -48.63 5.19 60.07
CA LEU C 361 -47.70 6.22 60.53
C LEU C 361 -48.46 7.51 60.85
N LYS C 362 -49.45 7.85 60.02
CA LYS C 362 -50.26 9.03 60.26
C LYS C 362 -51.00 8.87 61.58
N LYS C 363 -51.48 7.66 61.85
CA LYS C 363 -52.17 7.40 63.11
C LYS C 363 -51.23 7.64 64.28
N GLU C 364 -49.93 7.39 64.08
CA GLU C 364 -48.98 7.62 65.17
C GLU C 364 -48.55 9.08 65.27
N TYR C 365 -48.76 9.88 64.22
CA TYR C 365 -48.33 11.28 64.27
C TYR C 365 -49.15 12.10 65.26
N GLU C 366 -50.46 11.86 65.35
CA GLU C 366 -51.32 12.62 66.25
C GLU C 366 -51.57 11.89 67.58
N GLU C 367 -50.69 10.98 67.98
CA GLU C 367 -50.87 10.24 69.23
C GLU C 367 -49.68 10.29 70.18
N THR C 368 -48.62 11.05 69.88
CA THR C 368 -47.44 11.13 70.71
C THR C 368 -47.14 12.59 71.01
N THR C 369 -46.59 12.84 72.20
CA THR C 369 -46.31 14.20 72.65
C THR C 369 -44.85 14.63 72.59
N SER C 370 -43.91 13.73 72.29
CA SER C 370 -42.50 14.13 72.18
C SER C 370 -42.27 14.64 70.77
N LYS C 371 -41.91 15.91 70.64
CA LYS C 371 -41.70 16.51 69.32
C LYS C 371 -40.62 15.80 68.51
N TYR C 372 -39.66 15.15 69.16
CA TYR C 372 -38.65 14.45 68.37
C TYR C 372 -39.26 13.27 67.62
N ASP C 373 -40.30 12.66 68.21
CA ASP C 373 -40.95 11.55 67.52
C ASP C 373 -41.80 12.07 66.37
N LYS C 374 -42.44 13.22 66.56
CA LYS C 374 -43.24 13.78 65.48
C LYS C 374 -42.35 14.23 64.33
N GLU C 375 -41.14 14.72 64.62
CA GLU C 375 -40.26 15.13 63.53
C GLU C 375 -39.71 13.91 62.80
N LYS C 376 -39.36 12.85 63.55
CA LYS C 376 -38.86 11.65 62.89
C LYS C 376 -39.92 11.04 62.00
N LEU C 377 -41.16 10.92 62.51
CA LEU C 377 -42.23 10.37 61.69
C LEU C 377 -42.58 11.30 60.53
N ASN C 378 -42.49 12.61 60.72
CA ASN C 378 -42.80 13.52 59.62
C ASN C 378 -41.81 13.32 58.49
N GLU C 379 -40.52 13.21 58.83
CA GLU C 379 -39.52 12.98 57.79
C GLU C 379 -39.74 11.63 57.12
N ARG C 380 -40.08 10.61 57.91
CA ARG C 380 -40.30 9.27 57.36
C ARG C 380 -41.49 9.26 56.40
N ILE C 381 -42.61 9.85 56.80
CA ILE C 381 -43.79 9.87 55.93
C ILE C 381 -43.53 10.73 54.69
N ALA C 382 -42.78 11.83 54.85
CA ALA C 382 -42.49 12.67 53.68
C ALA C 382 -41.60 11.93 52.69
N ALA C 383 -40.69 11.10 53.18
CA ALA C 383 -39.83 10.35 52.27
C ALA C 383 -40.59 9.20 51.62
N LEU C 384 -41.43 8.51 52.40
CA LEU C 384 -42.20 7.39 51.85
C LEU C 384 -43.20 7.84 50.79
N SER C 385 -43.92 8.92 51.06
CA SER C 385 -44.91 9.44 50.12
C SER C 385 -44.32 10.36 49.06
N GLY C 386 -42.99 10.41 48.95
CA GLY C 386 -42.37 11.27 47.96
C GLY C 386 -42.60 10.76 46.55
N GLY C 387 -41.89 11.39 45.62
CA GLY C 387 -42.01 11.02 44.22
C GLY C 387 -40.78 11.42 43.45
N ILE C 388 -40.77 11.02 42.18
CA ILE C 388 -39.68 11.29 41.26
C ILE C 388 -40.26 11.86 39.97
N ALA C 389 -39.68 12.97 39.51
CA ALA C 389 -40.12 13.64 38.29
C ALA C 389 -39.24 13.16 37.14
N LYS C 390 -39.87 12.73 36.05
CA LYS C 390 -39.16 12.23 34.88
C LYS C 390 -39.33 13.21 33.73
N ILE C 391 -38.22 13.76 33.25
CA ILE C 391 -38.22 14.73 32.16
C ILE C 391 -37.74 14.03 30.89
N LEU C 392 -38.67 13.81 29.96
CA LEU C 392 -38.38 13.18 28.68
C LEU C 392 -37.99 14.30 27.72
N ILE C 393 -36.71 14.43 27.44
CA ILE C 393 -36.20 15.48 26.58
C ILE C 393 -36.11 15.00 25.14
N GLY C 394 -36.47 15.88 24.20
CA GLY C 394 -36.43 15.57 22.79
C GLY C 394 -35.97 16.77 21.99
N GLY C 395 -35.81 16.55 20.68
CA GLY C 395 -35.38 17.62 19.79
C GLY C 395 -35.67 17.25 18.35
N ASN C 396 -35.25 18.13 17.45
CA ASN C 396 -35.44 17.92 16.02
C ASN C 396 -34.31 17.12 15.39
N SER C 397 -33.30 16.76 16.19
CA SER C 397 -32.17 15.98 15.71
C SER C 397 -31.66 15.14 16.87
N GLU C 398 -30.76 14.20 16.58
CA GLU C 398 -30.23 13.36 17.65
C GLU C 398 -29.26 14.14 18.53
N THR C 399 -28.54 15.12 17.95
CA THR C 399 -27.62 15.93 18.75
C THR C 399 -28.36 17.00 19.54
N GLU C 400 -29.47 17.50 19.00
CA GLU C 400 -30.24 18.51 19.71
C GLU C 400 -30.80 17.94 21.00
N GLN C 401 -31.06 16.62 21.03
CA GLN C 401 -31.55 15.98 22.24
C GLN C 401 -30.51 16.10 23.35
N LYS C 402 -29.25 15.78 23.03
CA LYS C 402 -28.18 15.89 24.01
C LYS C 402 -27.95 17.34 24.41
N GLU C 403 -28.09 18.26 23.45
CA GLU C 403 -27.91 19.67 23.75
C GLU C 403 -28.96 20.13 24.77
N ARG C 404 -30.23 19.81 24.51
CA ARG C 404 -31.28 20.19 25.45
C ARG C 404 -31.11 19.45 26.77
N LYS C 405 -30.52 18.24 26.74
CA LYS C 405 -30.29 17.51 27.98
C LYS C 405 -29.29 18.25 28.85
N PHE C 406 -28.20 18.73 28.24
CA PHE C 406 -27.21 19.50 28.98
C PHE C 406 -27.82 20.80 29.48
N LYS C 407 -28.67 21.42 28.65
CA LYS C 407 -29.34 22.66 29.03
C LYS C 407 -30.21 22.43 30.27
N TYR C 408 -30.98 21.35 30.27
CA TYR C 408 -31.83 21.01 31.40
C TYR C 408 -30.99 20.71 32.64
N GLU C 409 -29.85 20.05 32.45
CA GLU C 409 -28.99 19.75 33.59
C GLU C 409 -28.49 21.02 34.24
N ALA C 410 -28.03 21.97 33.42
CA ALA C 410 -27.53 23.23 33.97
C ALA C 410 -28.66 24.02 34.64
N ALA C 411 -29.84 24.04 34.03
CA ALA C 411 -30.96 24.78 34.61
C ALA C 411 -31.40 24.17 35.94
N THR C 412 -31.54 22.85 36.00
CA THR C 412 -31.94 22.20 37.25
C THR C 412 -30.89 22.37 38.33
N ASN C 413 -29.61 22.27 37.97
CA ASN C 413 -28.58 22.46 38.98
C ASN C 413 -28.60 23.90 39.50
N ALA C 414 -28.86 24.86 38.61
CA ALA C 414 -28.92 26.25 39.03
C ALA C 414 -30.12 26.49 39.96
N VAL C 415 -31.28 25.91 39.64
CA VAL C 415 -32.43 26.12 40.51
C VAL C 415 -32.21 25.45 41.86
N LYS C 416 -31.57 24.28 41.88
CA LYS C 416 -31.31 23.62 43.15
C LYS C 416 -30.34 24.45 43.99
N SER C 417 -29.29 24.97 43.36
CA SER C 417 -28.33 25.80 44.09
C SER C 417 -28.96 27.11 44.53
N ALA C 418 -30.00 27.57 43.83
CA ALA C 418 -30.65 28.81 44.23
C ALA C 418 -31.59 28.55 45.40
N ILE C 419 -32.22 27.38 45.44
CA ILE C 419 -33.09 27.06 46.55
C ILE C 419 -32.24 26.76 47.79
N ASP C 420 -30.97 26.40 47.58
CA ASP C 420 -30.08 26.13 48.70
C ASP C 420 -29.50 27.40 49.30
N ILE C 421 -29.13 28.37 48.47
CA ILE C 421 -28.52 29.63 48.94
C ILE C 421 -29.44 30.83 48.68
N GLY C 422 -29.69 31.17 47.43
CA GLY C 422 -30.52 32.32 47.15
C GLY C 422 -30.35 32.87 45.76
N TYR C 423 -31.31 33.70 45.38
CA TYR C 423 -31.36 34.36 44.08
C TYR C 423 -30.87 35.80 44.20
N VAL C 424 -30.01 36.22 43.27
CA VAL C 424 -29.43 37.57 43.26
C VAL C 424 -29.82 38.20 41.92
N PRO C 425 -29.95 39.53 41.83
CA PRO C 425 -30.33 40.14 40.55
C PRO C 425 -29.38 39.80 39.41
N GLY C 426 -29.96 39.45 38.27
CA GLY C 426 -29.22 39.10 37.08
C GLY C 426 -28.75 40.31 36.31
N GLY C 427 -28.47 40.09 35.02
CA GLY C 427 -28.02 41.15 34.15
C GLY C 427 -26.67 41.72 34.50
N GLY C 428 -25.87 40.99 35.27
CA GLY C 428 -24.56 41.46 35.66
C GLY C 428 -24.56 42.57 36.70
N VAL C 429 -25.73 42.92 37.25
CA VAL C 429 -25.78 43.97 38.25
C VAL C 429 -25.15 43.50 39.55
N THR C 430 -25.15 42.19 39.81
CA THR C 430 -24.53 41.68 41.02
C THR C 430 -23.04 41.96 40.99
N TYR C 431 -22.42 41.79 39.82
CA TYR C 431 -21.00 42.10 39.69
C TYR C 431 -20.78 43.60 39.77
N LEU C 432 -21.77 44.38 39.33
CA LEU C 432 -21.68 45.83 39.36
C LEU C 432 -21.82 46.39 40.77
N GLU C 433 -22.44 45.66 41.69
CA GLU C 433 -22.60 46.18 43.04
C GLU C 433 -21.25 46.38 43.71
N ILE C 434 -20.28 45.50 43.44
CA ILE C 434 -18.96 45.64 44.03
C ILE C 434 -18.28 46.90 43.50
N ILE C 435 -18.74 47.42 42.36
CA ILE C 435 -18.18 48.63 41.78
C ILE C 435 -18.95 49.86 42.26
N LYS C 436 -20.27 49.74 42.40
CA LYS C 436 -21.07 50.86 42.87
C LYS C 436 -20.79 51.16 44.33
N SER C 437 -20.45 50.13 45.10
CA SER C 437 -20.08 50.27 46.49
C SER C 437 -18.56 50.33 46.55
N ASN C 438 -18.01 51.01 47.56
CA ASN C 438 -16.57 51.08 47.62
C ASN C 438 -16.00 49.85 48.30
N PHE C 439 -16.48 48.67 47.90
CA PHE C 439 -16.00 47.43 48.49
C PHE C 439 -14.54 47.19 48.17
N ILE C 440 -14.04 47.78 47.08
CA ILE C 440 -12.64 47.63 46.73
C ILE C 440 -11.78 48.19 47.86
N GLN C 441 -12.27 49.23 48.53
CA GLN C 441 -11.50 49.78 49.64
C GLN C 441 -11.50 48.83 50.84
N GLU C 442 -12.61 48.12 51.06
CA GLU C 442 -12.67 47.20 52.20
C GLU C 442 -11.61 46.14 52.10
N ILE C 443 -11.51 45.49 50.94
CA ILE C 443 -10.50 44.45 50.79
C ILE C 443 -9.13 45.09 50.96
N HIS C 444 -8.99 46.34 50.52
CA HIS C 444 -7.72 47.05 50.67
C HIS C 444 -7.34 47.12 52.13
N LYS C 445 -8.29 47.53 52.98
CA LYS C 445 -7.99 47.64 54.40
C LYS C 445 -7.52 46.31 54.95
N LYS C 446 -8.12 45.21 54.49
CA LYS C 446 -7.73 43.91 55.00
C LYS C 446 -6.28 43.63 54.68
N ILE C 447 -5.86 43.87 53.43
CA ILE C 447 -4.46 43.58 53.14
C ILE C 447 -3.59 44.47 54.00
N GLU C 448 -4.02 45.72 54.22
CA GLU C 448 -3.23 46.62 55.05
C GLU C 448 -3.10 46.06 56.45
N GLU C 449 -4.17 45.48 56.99
CA GLU C 449 -4.04 44.90 58.31
C GLU C 449 -3.29 43.57 58.24
N ASP C 450 -3.51 42.78 57.18
CA ASP C 450 -2.85 41.49 57.06
C ASP C 450 -1.34 41.61 57.06
N LEU C 451 -0.80 42.72 56.58
CA LEU C 451 0.64 42.93 56.57
C LEU C 451 1.13 43.55 57.87
N GLN C 452 0.26 44.29 58.57
CA GLN C 452 0.67 44.95 59.80
C GLN C 452 1.02 43.94 60.89
N ILE C 453 0.40 42.77 60.86
CA ILE C 453 0.64 41.72 61.83
C ILE C 453 2.00 41.07 61.59
N SER C 454 2.76 41.57 60.61
CA SER C 454 4.06 41.00 60.32
C SER C 454 5.26 41.88 60.68
N SER C 455 5.07 43.20 60.80
CA SER C 455 6.17 44.10 61.14
C SER C 455 6.40 44.12 62.66
N ASN C 456 7.21 45.08 63.11
CA ASN C 456 7.55 45.30 64.53
C ASN C 456 8.24 44.08 65.16
N ASN C 457 9.42 43.77 64.63
CA ASN C 457 10.24 42.66 65.11
C ASN C 457 11.55 42.66 64.32
N ASP C 458 12.44 41.70 64.59
CA ASP C 458 13.67 41.66 63.81
C ASP C 458 13.36 41.11 62.43
N GLU C 459 12.23 40.40 62.32
CA GLU C 459 11.79 39.88 61.03
C GLU C 459 11.53 41.03 60.08
N LYS C 460 11.38 42.25 60.59
CA LYS C 460 11.21 43.40 59.71
C LYS C 460 12.51 43.68 58.99
N LYS C 461 13.61 43.79 59.75
CA LYS C 461 14.92 44.01 59.14
C LYS C 461 15.35 42.80 58.32
N TYR C 462 14.75 41.64 58.56
CA TYR C 462 15.10 40.46 57.79
C TYR C 462 14.29 40.34 56.50
N LEU C 463 13.04 40.81 56.53
CA LEU C 463 12.14 40.80 55.38
C LEU C 463 12.25 42.06 54.54
N GLU C 464 12.79 43.14 55.10
CA GLU C 464 12.95 44.37 54.33
C GLU C 464 14.07 44.26 53.32
N LEU C 465 15.00 43.32 53.54
CA LEU C 465 16.11 43.10 52.62
C LEU C 465 15.78 42.09 51.54
N ILE C 466 14.78 41.23 51.76
CA ILE C 466 14.40 40.24 50.76
C ILE C 466 13.23 40.69 49.91
N GLY C 467 12.73 41.91 50.13
CA GLY C 467 11.62 42.45 49.37
C GLY C 467 10.97 43.63 50.05
N ASN C 468 10.62 44.66 49.28
CA ASN C 468 9.98 45.84 49.85
C ASN C 468 8.56 45.51 50.30
N LEU C 469 8.25 45.82 51.55
CA LEU C 469 6.91 45.55 52.07
C LEU C 469 5.87 46.41 51.37
N GLU C 470 6.18 47.70 51.18
CA GLU C 470 5.24 48.59 50.49
C GLU C 470 5.02 48.12 49.06
N SER C 471 6.06 47.58 48.42
CA SER C 471 5.90 47.08 47.06
C SER C 471 4.98 45.87 47.04
N GLU C 472 5.09 44.99 48.04
CA GLU C 472 4.22 43.83 48.10
C GLU C 472 2.77 44.28 48.31
N MET C 473 2.57 45.26 49.19
CA MET C 473 1.21 45.75 49.43
C MET C 473 0.63 46.38 48.17
N GLU C 474 1.44 47.17 47.45
CA GLU C 474 0.96 47.79 46.22
C GLU C 474 0.63 46.75 45.16
N LEU C 475 1.44 45.70 45.05
CA LEU C 475 1.17 44.67 44.05
C LEU C 475 -0.07 43.86 44.43
N GLN C 476 -0.26 43.61 45.73
CA GLN C 476 -1.43 42.87 46.18
C GLN C 476 -2.70 43.66 45.88
N LYS C 477 -2.69 44.95 46.25
CA LYS C 477 -3.87 45.77 45.95
C LYS C 477 -4.02 45.94 44.44
N MET C 478 -2.93 45.86 43.68
CA MET C 478 -3.05 45.95 42.23
C MET C 478 -3.81 44.76 41.69
N GLY C 479 -3.48 43.57 42.18
CA GLY C 479 -4.21 42.38 41.76
C GLY C 479 -5.67 42.47 42.15
N ALA C 480 -5.93 43.03 43.34
CA ALA C 480 -7.30 43.20 43.79
C ALA C 480 -8.05 44.15 42.85
N ASN C 481 -7.39 45.25 42.46
CA ASN C 481 -8.01 46.19 41.53
C ASN C 481 -8.26 45.53 40.19
N ILE C 482 -7.37 44.62 39.78
CA ILE C 482 -7.54 43.91 38.52
C ILE C 482 -8.81 43.07 38.58
N VAL C 483 -9.01 42.36 39.70
CA VAL C 483 -10.20 41.52 39.85
C VAL C 483 -11.47 42.36 39.91
N VAL C 484 -11.42 43.51 40.58
CA VAL C 484 -12.61 44.35 40.71
C VAL C 484 -12.95 45.04 39.39
N SER C 485 -11.94 45.65 38.74
CA SER C 485 -12.14 46.37 37.49
C SER C 485 -12.64 45.50 36.35
N SER C 486 -12.67 44.17 36.53
CA SER C 486 -13.14 43.26 35.49
C SER C 486 -14.52 42.70 35.80
N LEU C 487 -15.35 43.47 36.51
CA LEU C 487 -16.70 43.03 36.86
C LEU C 487 -17.78 43.66 36.00
N ASP C 488 -17.49 44.76 35.32
CA ASP C 488 -18.46 45.42 34.46
C ASP C 488 -18.48 44.86 33.05
N VAL C 489 -17.67 43.84 32.77
CA VAL C 489 -17.60 43.26 31.43
C VAL C 489 -18.84 42.43 31.09
N ILE C 490 -19.45 41.78 32.08
CA ILE C 490 -20.62 40.93 31.83
C ILE C 490 -21.78 41.78 31.31
N THR C 491 -22.22 42.74 32.14
CA THR C 491 -23.35 43.59 31.74
C THR C 491 -23.02 44.38 30.48
N LYS C 492 -21.78 44.85 30.35
CA LYS C 492 -21.40 45.60 29.16
C LYS C 492 -21.52 44.75 27.91
N GLN C 493 -21.04 43.50 27.96
CA GLN C 493 -21.14 42.63 26.80
C GLN C 493 -22.60 42.30 26.49
N ILE C 494 -23.40 42.08 27.53
CA ILE C 494 -24.82 41.76 27.31
C ILE C 494 -25.50 42.92 26.59
N ALA C 495 -25.26 44.14 27.06
CA ALA C 495 -25.88 45.31 26.44
C ALA C 495 -25.33 45.54 25.02
N ASP C 496 -24.03 45.32 24.83
CA ASP C 496 -23.42 45.52 23.51
C ASP C 496 -23.97 44.55 22.48
N ASN C 497 -24.10 43.28 22.84
CA ASN C 497 -24.64 42.30 21.89
C ASN C 497 -26.06 42.64 21.48
N ALA C 498 -26.81 43.32 22.35
CA ALA C 498 -28.18 43.70 22.06
C ALA C 498 -28.27 44.88 21.10
N GLY C 499 -27.17 45.56 20.82
CA GLY C 499 -27.18 46.70 19.93
C GLY C 499 -27.23 48.03 20.63
N VAL C 500 -26.89 48.09 21.91
CA VAL C 500 -26.92 49.31 22.70
C VAL C 500 -25.53 49.54 23.28
N ASN C 501 -25.24 50.81 23.60
CA ASN C 501 -23.93 51.17 24.17
C ASN C 501 -23.77 50.50 25.54
N GLY C 502 -22.90 49.48 25.60
CA GLY C 502 -22.69 48.79 26.86
C GLY C 502 -22.05 49.66 27.92
N ASP C 503 -20.96 50.34 27.57
CA ASP C 503 -20.27 51.20 28.54
C ASP C 503 -21.22 52.21 29.14
N ASN C 504 -22.08 52.81 28.31
CA ASN C 504 -23.03 53.79 28.84
C ASN C 504 -24.04 53.13 29.77
N VAL C 505 -24.44 51.90 29.47
CA VAL C 505 -25.39 51.21 30.35
C VAL C 505 -24.76 50.97 31.71
N VAL C 506 -23.50 50.54 31.73
CA VAL C 506 -22.81 50.31 33.00
C VAL C 506 -22.65 51.63 33.75
N LYS C 507 -22.30 52.70 33.04
CA LYS C 507 -22.12 53.99 33.70
C LYS C 507 -23.44 54.49 34.29
N ILE C 508 -24.55 54.23 33.59
CA ILE C 508 -25.85 54.67 34.11
C ILE C 508 -26.23 53.86 35.34
N ILE C 509 -26.01 52.55 35.30
CA ILE C 509 -26.34 51.70 36.44
C ILE C 509 -25.49 52.09 37.66
N LEU C 510 -24.23 52.43 37.42
CA LEU C 510 -23.34 52.79 38.53
C LEU C 510 -23.57 54.21 39.04
N ASN C 511 -23.94 55.15 38.17
CA ASN C 511 -24.14 56.53 38.58
C ASN C 511 -25.55 56.84 39.08
N SER C 512 -26.52 55.96 38.86
CA SER C 512 -27.87 56.23 39.35
C SER C 512 -27.94 55.72 40.78
N LYS C 513 -28.52 56.51 41.66
CA LYS C 513 -28.64 56.11 43.06
C LYS C 513 -30.02 55.53 43.36
N ASP C 514 -30.33 54.49 42.60
CA ASP C 514 -31.57 53.74 42.70
C ASP C 514 -31.35 52.62 43.71
N LYS C 515 -32.39 51.83 43.94
CA LYS C 515 -32.26 50.73 44.88
C LYS C 515 -31.37 49.64 44.28
N TYR C 516 -31.06 48.64 45.10
CA TYR C 516 -30.19 47.56 44.65
C TYR C 516 -30.96 46.58 43.78
N GLY C 517 -30.44 46.35 42.58
CA GLY C 517 -31.05 45.47 41.59
C GLY C 517 -31.45 46.21 40.32
N PHE C 518 -31.18 47.51 40.25
CA PHE C 518 -31.51 48.32 39.09
C PHE C 518 -30.60 47.95 37.93
N GLY C 519 -31.19 47.43 36.85
CA GLY C 519 -30.40 47.05 35.69
C GLY C 519 -31.08 47.40 34.38
N TYR C 520 -30.50 46.93 33.28
CA TYR C 520 -31.01 47.20 31.94
C TYR C 520 -31.47 45.89 31.29
N ASP C 521 -32.75 45.81 30.99
CA ASP C 521 -33.33 44.64 30.34
C ASP C 521 -33.15 44.83 28.84
N VAL C 522 -32.41 43.91 28.22
CA VAL C 522 -32.13 43.97 26.79
C VAL C 522 -33.28 43.42 25.96
N ASN C 523 -34.17 42.62 26.56
CA ASN C 523 -35.28 42.07 25.79
C ASN C 523 -36.30 43.15 25.45
N THR C 524 -36.48 44.13 26.33
CA THR C 524 -37.42 45.21 26.06
C THR C 524 -36.73 46.57 26.17
N ASN C 525 -35.47 46.63 25.75
CA ASN C 525 -34.64 47.84 25.74
C ASN C 525 -35.04 48.85 26.81
N LYS C 526 -35.03 48.47 28.08
CA LYS C 526 -35.46 49.44 29.10
C LYS C 526 -34.73 49.25 30.41
N PHE C 527 -34.54 50.37 31.12
CA PHE C 527 -33.89 50.36 32.43
C PHE C 527 -34.98 50.05 33.45
N VAL C 528 -34.92 48.87 34.05
CA VAL C 528 -35.92 48.43 35.02
C VAL C 528 -35.23 47.80 36.22
N ASN C 529 -36.04 47.26 37.13
CA ASN C 529 -35.55 46.59 38.33
C ASN C 529 -35.46 45.10 38.01
N MET C 530 -34.31 44.50 38.29
CA MET C 530 -34.11 43.08 37.96
C MET C 530 -34.98 42.16 38.81
N VAL C 531 -35.03 42.38 40.13
CA VAL C 531 -35.82 41.47 40.96
C VAL C 531 -37.31 41.57 40.67
N GLU C 532 -37.78 42.67 40.08
CA GLU C 532 -39.21 42.80 39.78
C GLU C 532 -39.59 42.08 38.49
N LYS C 533 -38.78 42.19 37.44
CA LYS C 533 -39.09 41.55 36.18
C LYS C 533 -38.64 40.10 36.10
N GLY C 534 -38.18 39.52 37.21
CA GLY C 534 -37.76 38.13 37.23
C GLY C 534 -36.40 37.82 36.65
N ILE C 535 -35.58 38.81 36.34
CA ILE C 535 -34.25 38.56 35.78
C ILE C 535 -33.33 38.36 36.98
N ILE C 536 -33.23 37.12 37.44
CA ILE C 536 -32.42 36.77 38.60
C ILE C 536 -31.62 35.51 38.31
N ASP C 537 -30.45 35.42 38.94
CA ASP C 537 -29.55 34.30 38.81
C ASP C 537 -29.33 33.66 40.18
N SER C 538 -28.83 32.42 40.18
CA SER C 538 -28.56 31.74 41.43
C SER C 538 -27.23 32.23 42.00
N THR C 539 -27.21 32.44 43.32
CA THR C 539 -25.98 32.92 43.96
C THR C 539 -24.81 31.98 43.70
N ASN C 540 -25.08 30.68 43.64
CA ASN C 540 -24.00 29.73 43.38
C ASN C 540 -23.39 29.92 42.00
N VAL C 541 -24.21 30.27 41.01
CA VAL C 541 -23.68 30.48 39.66
C VAL C 541 -22.72 31.65 39.63
N ILE C 542 -23.11 32.78 40.23
CA ILE C 542 -22.24 33.95 40.25
C ILE C 542 -20.97 33.68 41.06
N ILE C 543 -21.14 33.03 42.22
CA ILE C 543 -19.98 32.70 43.05
C ILE C 543 -19.02 31.81 42.30
N SER C 544 -19.55 30.78 41.61
CA SER C 544 -18.71 29.88 40.85
C SER C 544 -18.03 30.60 39.69
N VAL C 545 -18.74 31.54 39.06
CA VAL C 545 -18.15 32.28 37.95
C VAL C 545 -16.91 33.04 38.43
N ILE C 546 -17.07 33.81 39.50
CA ILE C 546 -15.94 34.59 40.01
C ILE C 546 -14.83 33.69 40.54
N LYS C 547 -15.19 32.62 41.26
CA LYS C 547 -14.19 31.71 41.81
C LYS C 547 -13.38 31.05 40.69
N ASN C 548 -14.07 30.54 39.67
CA ASN C 548 -13.38 29.88 38.57
C ASN C 548 -12.49 30.85 37.81
N SER C 549 -13.00 32.06 37.52
CA SER C 549 -12.18 33.03 36.79
C SER C 549 -10.92 33.38 37.58
N CYS C 550 -11.07 33.67 38.87
CA CYS C 550 -9.91 34.01 39.68
C CYS C 550 -8.93 32.85 39.80
N SER C 551 -9.45 31.62 39.95
CA SER C 551 -8.57 30.47 40.07
C SER C 551 -7.78 30.25 38.80
N ILE C 552 -8.44 30.37 37.63
CA ILE C 552 -7.73 30.19 36.37
C ILE C 552 -6.69 31.29 36.18
N ALA C 553 -7.04 32.54 36.53
CA ALA C 553 -6.09 33.63 36.38
C ALA C 553 -4.86 33.41 37.25
N SER C 554 -5.07 33.02 38.51
CA SER C 554 -3.95 32.77 39.41
C SER C 554 -3.10 31.60 38.93
N MET C 555 -3.75 30.54 38.43
CA MET C 555 -3.01 29.38 37.96
C MET C 555 -2.15 29.75 36.75
N VAL C 556 -2.69 30.56 35.84
CA VAL C 556 -1.92 30.98 34.67
C VAL C 556 -0.77 31.86 35.09
N LEU C 557 -1.00 32.74 36.08
CA LEU C 557 0.08 33.61 36.55
C LEU C 557 1.20 32.78 37.19
N THR C 558 0.84 31.70 37.86
CA THR C 558 1.85 30.85 38.50
C THR C 558 2.57 29.97 37.48
N THR C 559 1.93 29.66 36.35
CA THR C 559 2.56 28.82 35.34
C THR C 559 3.78 29.51 34.75
N GLU C 560 4.88 28.77 34.64
CA GLU C 560 6.13 29.34 34.11
C GLU C 560 6.79 28.45 33.06
N CYS C 561 6.08 27.47 32.50
CA CYS C 561 6.71 26.61 31.51
C CYS C 561 5.65 25.85 30.72
N MET C 562 5.95 25.59 29.46
CA MET C 562 5.06 24.87 28.55
C MET C 562 5.89 23.88 27.74
N MET C 563 5.31 22.70 27.51
CA MET C 563 5.95 21.63 26.76
C MET C 563 4.93 21.07 25.76
N VAL C 564 5.24 21.19 24.47
CA VAL C 564 4.36 20.71 23.42
C VAL C 564 5.05 19.58 22.65
N ASP C 565 4.35 18.47 22.47
CA ASP C 565 4.90 17.31 21.75
C ASP C 565 4.78 17.54 20.25
N HIS C 566 5.70 18.35 19.71
CA HIS C 566 5.72 18.66 18.27
C HIS C 566 6.91 19.54 17.91
N GLU C 567 6.95 20.00 16.67
CA GLU C 567 8.01 20.86 16.15
C GLU C 567 7.49 21.72 15.00
N GLY D 5 -7.68 21.68 13.45
CA GLY D 5 -7.56 23.10 13.67
C GLY D 5 -8.64 23.91 13.00
N LYS D 6 -9.21 24.86 13.73
CA LYS D 6 -10.27 25.72 13.22
C LYS D 6 -9.71 27.08 12.81
N ASP D 7 -10.43 27.72 11.90
CA ASP D 7 -10.12 29.05 11.37
C ASP D 7 -11.32 29.91 11.72
N ILE D 8 -11.12 30.86 12.61
CA ILE D 8 -12.20 31.74 13.07
C ILE D 8 -12.06 33.09 12.39
N ILE D 9 -13.19 33.66 11.98
CA ILE D 9 -13.22 34.96 11.34
C ILE D 9 -14.47 35.69 11.80
N TYR D 10 -14.32 36.95 12.19
CA TYR D 10 -15.44 37.72 12.71
C TYR D 10 -15.79 38.92 11.82
N GLY D 11 -16.89 39.55 12.21
CA GLY D 11 -17.46 40.76 11.63
C GLY D 11 -17.66 40.83 10.13
N ASN D 12 -17.33 42.01 9.60
CA ASN D 12 -17.50 42.33 8.18
C ASN D 12 -16.92 41.29 7.24
N GLU D 13 -15.74 40.74 7.58
CA GLU D 13 -15.14 39.74 6.69
C GLU D 13 -16.02 38.50 6.61
N CYS D 14 -16.51 38.03 7.76
CA CYS D 14 -17.38 36.85 7.78
C CYS D 14 -18.65 37.12 6.99
N ARG D 15 -19.28 38.27 7.25
CA ARG D 15 -20.51 38.60 6.54
C ARG D 15 -20.26 38.72 5.03
N ASN D 16 -19.11 39.27 4.64
CA ASN D 16 -18.79 39.43 3.23
C ASN D 16 -18.59 38.07 2.56
N GLU D 17 -17.95 37.12 3.24
CA GLU D 17 -17.76 35.81 2.62
C GLU D 17 -19.09 35.08 2.48
N LEU D 18 -19.94 35.16 3.52
CA LEU D 18 -21.25 34.53 3.41
C LEU D 18 -22.03 35.18 2.27
N LEU D 19 -21.87 36.50 2.13
CA LEU D 19 -22.54 37.23 1.07
C LEU D 19 -22.01 36.79 -0.28
N LYS D 20 -20.71 36.48 -0.37
CA LYS D 20 -20.15 36.03 -1.64
C LYS D 20 -20.79 34.72 -2.05
N GLY D 21 -21.01 33.82 -1.09
CA GLY D 21 -21.68 32.57 -1.42
C GLY D 21 -23.11 32.81 -1.86
N ILE D 22 -23.82 33.69 -1.15
CA ILE D 22 -25.20 34.02 -1.50
C ILE D 22 -25.27 34.57 -2.92
N LEU D 23 -24.36 35.49 -3.25
CA LEU D 23 -24.31 36.06 -4.59
C LEU D 23 -23.96 35.03 -5.65
N THR D 24 -23.14 34.04 -5.30
CA THR D 24 -22.84 33.01 -6.30
C THR D 24 -24.12 32.25 -6.64
N VAL D 25 -24.85 31.84 -5.61
CA VAL D 25 -26.10 31.12 -5.82
C VAL D 25 -27.08 31.95 -6.64
N SER D 26 -27.23 33.24 -6.28
CA SER D 26 -28.16 34.10 -7.00
C SER D 26 -27.72 34.34 -8.44
N ASP D 27 -26.45 34.62 -8.68
CA ASP D 27 -25.97 34.86 -10.03
C ASP D 27 -26.15 33.64 -10.91
N VAL D 28 -26.09 32.44 -10.34
CA VAL D 28 -26.27 31.26 -11.18
C VAL D 28 -27.74 30.89 -11.34
N VAL D 29 -28.60 31.25 -10.39
CA VAL D 29 -30.01 30.88 -10.48
C VAL D 29 -30.85 31.90 -11.24
N LYS D 30 -30.64 33.21 -11.01
CA LYS D 30 -31.43 34.25 -11.66
C LYS D 30 -31.46 34.16 -13.18
N LEU D 31 -30.51 33.47 -13.81
CA LEU D 31 -30.53 33.38 -15.26
C LEU D 31 -31.66 32.50 -15.78
N THR D 32 -32.23 31.65 -14.92
CA THR D 32 -33.32 30.76 -15.29
C THR D 32 -34.67 31.27 -14.81
N LEU D 33 -34.74 32.50 -14.31
CA LEU D 33 -36.00 33.04 -13.81
C LEU D 33 -36.96 33.32 -14.97
N GLY D 34 -38.21 32.91 -14.82
CA GLY D 34 -39.21 33.13 -15.84
C GLY D 34 -39.28 31.99 -16.84
N PRO D 35 -40.31 31.99 -17.67
CA PRO D 35 -40.44 30.92 -18.68
C PRO D 35 -39.40 31.00 -19.78
N ARG D 36 -38.88 32.21 -20.07
CA ARG D 36 -37.87 32.40 -21.10
C ARG D 36 -36.45 32.44 -20.52
N GLY D 37 -36.21 31.68 -19.45
CA GLY D 37 -34.90 31.67 -18.84
C GLY D 37 -33.83 31.08 -19.74
N ARG D 38 -32.59 31.46 -19.47
CA ARG D 38 -31.44 30.99 -20.23
C ARG D 38 -31.06 29.58 -19.81
N ASN D 39 -30.12 28.99 -20.55
CA ASN D 39 -29.64 27.65 -20.28
C ASN D 39 -28.36 27.68 -19.45
N VAL D 40 -28.15 26.63 -18.67
CA VAL D 40 -26.96 26.48 -17.84
C VAL D 40 -26.39 25.09 -18.09
N LEU D 41 -25.09 25.02 -18.36
CA LEU D 41 -24.42 23.75 -18.65
C LEU D 41 -23.76 23.19 -17.40
N LEU D 42 -24.11 21.95 -17.08
CA LEU D 42 -23.57 21.23 -15.93
C LEU D 42 -22.89 19.97 -16.44
N GLU D 43 -21.62 19.80 -16.11
CA GLU D 43 -20.87 18.62 -16.55
C GLU D 43 -21.01 17.52 -15.51
N LYS D 44 -21.27 16.31 -15.98
CA LYS D 44 -21.43 15.16 -15.10
C LYS D 44 -20.10 14.43 -14.95
N GLU D 45 -19.90 13.87 -13.76
CA GLU D 45 -18.68 13.13 -13.43
C GLU D 45 -18.49 11.89 -14.29
N TYR D 46 -19.38 11.65 -15.26
CA TYR D 46 -19.26 10.49 -16.14
C TYR D 46 -18.99 10.82 -17.59
N GLY D 47 -19.11 12.08 -18.01
CA GLY D 47 -18.83 12.40 -19.40
C GLY D 47 -19.96 13.08 -20.16
N SER D 48 -21.11 13.35 -19.57
CA SER D 48 -22.21 13.95 -20.31
C SER D 48 -22.60 15.31 -19.78
N PRO D 49 -22.70 16.33 -20.65
CA PRO D 49 -23.12 17.66 -20.19
C PRO D 49 -24.62 17.83 -20.32
N LEU D 50 -25.21 18.54 -19.38
CA LEU D 50 -26.65 18.76 -19.34
C LEU D 50 -26.97 20.25 -19.38
N ILE D 51 -27.90 20.63 -20.25
CA ILE D 51 -28.36 22.00 -20.40
C ILE D 51 -29.68 22.10 -19.66
N ILE D 52 -29.68 22.79 -18.52
CA ILE D 52 -30.89 22.89 -17.71
C ILE D 52 -31.39 24.33 -17.68
N ASN D 53 -32.70 24.45 -17.43
CA ASN D 53 -33.41 25.71 -17.30
C ASN D 53 -34.13 25.81 -15.98
N ASP D 54 -34.04 24.78 -15.13
CA ASP D 54 -34.70 24.76 -13.83
C ASP D 54 -33.71 25.27 -12.78
N GLY D 55 -34.13 26.26 -12.01
CA GLY D 55 -33.25 26.83 -10.99
C GLY D 55 -32.93 25.88 -9.86
N VAL D 56 -33.89 25.05 -9.46
CA VAL D 56 -33.66 24.13 -8.34
C VAL D 56 -32.62 23.06 -8.70
N THR D 57 -32.74 22.48 -9.90
CA THR D 57 -31.79 21.44 -10.31
C THR D 57 -30.37 21.97 -10.38
N ILE D 58 -30.20 23.20 -10.87
CA ILE D 58 -28.87 23.77 -10.98
C ILE D 58 -28.35 24.19 -9.61
N ALA D 59 -29.22 24.76 -8.78
CA ALA D 59 -28.81 25.19 -7.44
C ALA D 59 -28.43 24.02 -6.56
N LYS D 60 -29.02 22.85 -6.77
CA LYS D 60 -28.66 21.71 -5.93
C LYS D 60 -27.25 21.20 -6.18
N GLN D 61 -26.55 21.69 -7.20
CA GLN D 61 -25.20 21.22 -7.49
C GLN D 61 -24.11 22.28 -7.37
N ILE D 62 -24.44 23.53 -7.06
CA ILE D 62 -23.42 24.56 -6.94
C ILE D 62 -22.67 24.37 -5.63
N SER D 63 -21.33 24.35 -5.71
CA SER D 63 -20.49 24.17 -4.54
C SER D 63 -19.11 24.75 -4.86
N LEU D 64 -18.67 25.72 -4.06
CA LEU D 64 -17.38 26.34 -4.29
C LEU D 64 -16.28 25.65 -3.49
N LYS D 65 -15.08 25.62 -4.06
CA LYS D 65 -13.95 25.00 -3.36
C LYS D 65 -13.55 25.81 -2.13
N ASP D 66 -13.79 27.11 -2.15
CA ASP D 66 -13.46 27.96 -1.02
C ASP D 66 -14.36 27.54 0.13
N ARG D 67 -13.80 26.80 1.08
CA ARG D 67 -14.55 26.33 2.23
C ARG D 67 -15.26 27.45 2.99
N LYS D 68 -14.71 28.66 2.94
CA LYS D 68 -15.34 29.78 3.63
C LYS D 68 -16.53 30.32 2.86
N LYS D 69 -16.32 30.65 1.57
CA LYS D 69 -17.41 31.17 0.76
C LYS D 69 -18.48 30.11 0.53
N ASN D 70 -18.09 28.84 0.42
CA ASN D 70 -19.04 27.76 0.21
C ASN D 70 -20.07 27.68 1.34
N ASN D 71 -19.73 28.22 2.52
CA ASN D 71 -20.67 28.21 3.63
C ASN D 71 -21.94 28.96 3.27
N GLY D 72 -21.81 30.11 2.62
CA GLY D 72 -22.99 30.86 2.21
C GLY D 72 -23.84 30.08 1.22
N VAL D 73 -23.18 29.41 0.27
CA VAL D 73 -23.90 28.60 -0.71
C VAL D 73 -24.69 27.51 0.00
N LYS D 74 -24.04 26.77 0.90
CA LYS D 74 -24.72 25.72 1.64
C LYS D 74 -25.84 26.30 2.49
N LEU D 75 -25.63 27.48 3.06
CA LEU D 75 -26.65 28.13 3.87
C LEU D 75 -27.89 28.40 3.05
N MET D 76 -27.72 28.90 1.83
CA MET D 76 -28.88 29.17 0.98
C MET D 76 -29.48 27.89 0.44
N GLN D 77 -28.67 26.83 0.33
CA GLN D 77 -29.18 25.55 -0.14
C GLN D 77 -30.00 24.85 0.94
N GLU D 78 -29.72 25.17 2.20
CA GLU D 78 -30.43 24.57 3.33
C GLU D 78 -31.62 25.41 3.77
N SER D 79 -31.52 26.73 3.68
CA SER D 79 -32.63 27.60 4.07
C SER D 79 -33.80 27.46 3.12
N THR D 80 -33.54 27.16 1.85
CA THR D 80 -34.58 26.99 0.84
C THR D 80 -35.00 25.54 0.67
N GLN D 81 -34.49 24.64 1.52
CA GLN D 81 -34.81 23.21 1.47
C GLN D 81 -34.41 22.57 0.15
N ILE D 82 -33.39 23.12 -0.52
CA ILE D 82 -32.95 22.54 -1.78
C ILE D 82 -32.18 21.26 -1.54
N SER D 83 -31.28 21.26 -0.54
CA SER D 83 -30.51 20.06 -0.23
C SER D 83 -31.39 18.95 0.33
N ASN D 84 -32.53 19.30 0.92
CA ASN D 84 -33.45 18.32 1.48
C ASN D 84 -34.43 17.78 0.45
N ASP D 85 -34.35 18.24 -0.80
CA ASP D 85 -35.23 17.82 -1.89
C ASP D 85 -36.69 18.17 -1.61
N LYS D 86 -36.92 19.18 -0.78
CA LYS D 86 -38.26 19.63 -0.43
C LYS D 86 -38.48 21.09 -0.79
N ALA D 87 -37.66 21.63 -1.70
CA ALA D 87 -37.79 23.02 -2.11
C ALA D 87 -39.02 23.17 -3.00
N GLY D 88 -40.01 23.91 -2.53
CA GLY D 88 -41.22 24.12 -3.28
C GLY D 88 -41.02 25.13 -4.39
N ASP D 89 -42.13 25.70 -4.84
CA ASP D 89 -42.09 26.70 -5.90
C ASP D 89 -41.65 28.04 -5.33
N GLY D 90 -41.07 28.87 -6.20
CA GLY D 90 -40.62 30.18 -5.80
C GLY D 90 -39.21 30.28 -5.24
N THR D 91 -38.51 29.15 -5.06
CA THR D 91 -37.15 29.23 -4.51
C THR D 91 -36.23 30.02 -5.43
N SER D 92 -36.44 29.93 -6.75
CA SER D 92 -35.62 30.68 -7.69
C SER D 92 -35.75 32.17 -7.42
N SER D 93 -36.97 32.64 -7.12
CA SER D 93 -37.18 34.04 -6.82
C SER D 93 -36.64 34.38 -5.43
N THR D 94 -36.72 33.42 -4.50
CA THR D 94 -36.21 33.63 -3.16
C THR D 94 -34.71 33.89 -3.18
N ALA D 95 -33.98 33.17 -4.03
CA ALA D 95 -32.55 33.38 -4.12
C ALA D 95 -32.22 34.81 -4.54
N LEU D 96 -32.88 35.30 -5.58
CA LEU D 96 -32.64 36.66 -6.05
C LEU D 96 -32.99 37.70 -5.00
N MET D 97 -34.20 37.59 -4.42
CA MET D 97 -34.60 38.57 -3.42
C MET D 97 -33.67 38.54 -2.21
N THR D 98 -33.32 37.34 -1.74
CA THR D 98 -32.44 37.22 -0.59
C THR D 98 -31.08 37.83 -0.87
N ALA D 99 -30.51 37.56 -2.06
CA ALA D 99 -29.21 38.12 -2.37
C ALA D 99 -29.25 39.63 -2.47
N THR D 100 -30.28 40.17 -3.12
CA THR D 100 -30.38 41.62 -3.25
C THR D 100 -30.51 42.29 -1.88
N ILE D 101 -31.44 41.81 -1.05
CA ILE D 101 -31.64 42.39 0.27
C ILE D 101 -30.40 42.22 1.13
N THR D 102 -29.78 41.04 1.10
CA THR D 102 -28.59 40.79 1.90
C THR D 102 -27.43 41.68 1.48
N LYS D 103 -27.24 41.87 0.17
CA LYS D 103 -26.14 42.72 -0.26
C LYS D 103 -26.38 44.17 0.14
N LYS D 104 -27.61 44.67 -0.09
CA LYS D 104 -27.89 46.06 0.29
C LYS D 104 -27.75 46.25 1.79
N GLY D 105 -28.14 45.25 2.59
CA GLY D 105 -28.04 45.37 4.03
C GLY D 105 -26.61 45.28 4.52
N ILE D 106 -25.83 44.34 3.99
CA ILE D 106 -24.43 44.19 4.40
C ILE D 106 -23.61 45.40 4.01
N GLU D 107 -23.88 45.97 2.83
CA GLU D 107 -23.14 47.16 2.40
C GLU D 107 -23.33 48.30 3.39
N GLN D 108 -24.47 48.35 4.06
CA GLN D 108 -24.73 49.38 5.05
C GLN D 108 -24.19 49.02 6.42
N VAL D 109 -24.37 47.76 6.84
CA VAL D 109 -23.89 47.31 8.14
C VAL D 109 -22.37 47.36 8.23
N ASN D 110 -21.69 46.88 7.20
CA ASN D 110 -20.23 46.90 7.21
C ASN D 110 -19.65 48.31 7.27
N ARG D 111 -20.46 49.34 7.03
CA ARG D 111 -19.99 50.71 7.07
C ARG D 111 -20.27 51.35 8.43
N ASN D 112 -19.73 50.70 9.46
CA ASN D 112 -19.84 51.13 10.86
C ASN D 112 -21.28 51.37 11.31
N HIS D 113 -22.25 50.73 10.67
CA HIS D 113 -23.64 50.91 11.08
C HIS D 113 -24.06 49.82 12.07
N ASN D 114 -25.24 50.00 12.65
CA ASN D 114 -25.77 49.06 13.63
C ASN D 114 -26.66 48.04 12.93
N PRO D 115 -26.39 46.74 13.09
CA PRO D 115 -27.23 45.73 12.41
C PRO D 115 -28.55 45.45 13.11
N ILE D 116 -28.67 45.70 14.42
CA ILE D 116 -29.92 45.42 15.11
C ILE D 116 -31.08 46.26 14.59
N PRO D 117 -30.97 47.59 14.46
CA PRO D 117 -32.11 48.35 13.92
C PRO D 117 -32.43 47.98 12.49
N ILE D 118 -31.42 47.68 11.68
CA ILE D 118 -31.68 47.29 10.30
C ILE D 118 -32.44 45.98 10.26
N GLN D 119 -32.06 45.03 11.12
CA GLN D 119 -32.78 43.76 11.18
C GLN D 119 -34.21 43.97 11.64
N ARG D 120 -34.41 44.87 12.61
CA ARG D 120 -35.75 45.16 13.10
C ARG D 120 -36.61 45.72 11.98
N GLY D 121 -36.06 46.67 11.22
CA GLY D 121 -36.81 47.25 10.12
C GLY D 121 -37.11 46.22 9.04
N ILE D 122 -36.15 45.34 8.74
CA ILE D 122 -36.37 44.32 7.73
C ILE D 122 -37.49 43.38 8.16
N GLN D 123 -37.44 42.91 9.41
CA GLN D 123 -38.47 41.99 9.91
C GLN D 123 -39.85 42.66 9.93
N LEU D 124 -39.91 43.91 10.40
CA LEU D 124 -41.20 44.60 10.43
C LEU D 124 -41.74 44.80 9.02
N ALA D 125 -40.86 45.18 8.09
CA ALA D 125 -41.29 45.34 6.70
C ALA D 125 -41.78 44.03 6.13
N SER D 126 -41.14 42.92 6.51
CA SER D 126 -41.56 41.62 6.02
C SER D 126 -42.97 41.30 6.51
N LYS D 127 -43.22 41.52 7.80
CA LYS D 127 -44.55 41.24 8.35
C LYS D 127 -45.61 42.13 7.69
N MET D 128 -45.31 43.42 7.54
CA MET D 128 -46.27 44.34 6.93
C MET D 128 -46.53 43.98 5.47
N ILE D 129 -45.48 43.60 4.74
CA ILE D 129 -45.67 43.22 3.33
C ILE D 129 -46.49 41.94 3.24
N ILE D 130 -46.29 41.01 4.18
CA ILE D 130 -47.07 39.78 4.17
C ILE D 130 -48.54 40.08 4.40
N GLU D 131 -48.82 40.97 5.37
CA GLU D 131 -50.22 41.33 5.63
C GLU D 131 -50.83 42.04 4.42
N LYS D 132 -50.04 42.90 3.76
CA LYS D 132 -50.54 43.60 2.58
C LYS D 132 -50.87 42.62 1.47
N ILE D 133 -49.98 41.66 1.22
CA ILE D 133 -50.22 40.66 0.19
C ILE D 133 -51.45 39.84 0.54
N LYS D 134 -51.63 39.52 1.82
CA LYS D 134 -52.82 38.77 2.23
C LYS D 134 -54.08 39.57 1.94
N SER D 135 -54.03 40.87 2.19
CA SER D 135 -55.19 41.73 1.91
C SER D 135 -55.35 41.98 0.42
N LEU D 136 -54.35 41.62 -0.38
CA LEU D 136 -54.36 41.80 -1.83
C LEU D 136 -54.66 40.50 -2.58
N SER D 137 -55.07 39.45 -1.88
CA SER D 137 -55.36 38.16 -2.47
C SER D 137 -56.83 38.01 -2.90
N THR D 138 -57.06 37.09 -3.84
CA THR D 138 -58.38 36.78 -4.37
C THR D 138 -58.64 35.28 -4.27
N PRO D 139 -59.86 34.89 -3.92
CA PRO D 139 -60.17 33.45 -3.81
C PRO D 139 -60.23 32.75 -5.17
N ILE D 140 -60.07 31.43 -5.12
CA ILE D 140 -60.10 30.58 -6.31
C ILE D 140 -61.53 30.11 -6.53
N LYS D 141 -62.11 30.43 -7.68
CA LYS D 141 -63.49 30.04 -7.97
C LYS D 141 -63.66 29.17 -9.21
N THR D 142 -63.16 29.60 -10.37
CA THR D 142 -63.32 28.86 -11.62
C THR D 142 -62.27 27.76 -11.79
N TYR D 143 -62.61 26.78 -12.64
CA TYR D 143 -61.69 25.69 -12.94
C TYR D 143 -60.48 26.20 -13.69
N LYS D 144 -60.69 27.23 -14.53
CA LYS D 144 -59.58 27.82 -15.26
C LYS D 144 -58.54 28.38 -14.30
N ASP D 145 -58.98 28.84 -13.13
CA ASP D 145 -58.05 29.35 -12.14
C ASP D 145 -57.14 28.24 -11.64
N ILE D 146 -57.72 27.07 -11.36
CA ILE D 146 -56.92 25.93 -10.91
C ILE D 146 -55.96 25.49 -11.99
N LEU D 147 -56.45 25.41 -13.23
CA LEU D 147 -55.59 24.99 -14.34
C LEU D 147 -54.44 25.98 -14.55
N ASN D 148 -54.73 27.28 -14.48
CA ASN D 148 -53.72 28.30 -14.66
C ASN D 148 -52.68 28.26 -13.55
N ILE D 149 -53.13 28.14 -12.30
CA ILE D 149 -52.18 28.09 -11.19
C ILE D 149 -51.32 26.85 -11.27
N ALA D 150 -51.90 25.72 -11.68
CA ALA D 150 -51.13 24.49 -11.81
C ALA D 150 -50.10 24.61 -12.93
N THR D 151 -50.49 25.21 -14.06
CA THR D 151 -49.56 25.36 -15.18
C THR D 151 -48.44 26.33 -14.83
N ILE D 152 -48.75 27.43 -14.15
CA ILE D 152 -47.73 28.40 -13.79
C ILE D 152 -46.77 27.82 -12.75
N ALA D 153 -47.32 27.15 -11.73
CA ALA D 153 -46.48 26.56 -10.69
C ALA D 153 -45.69 25.35 -11.18
N SER D 154 -45.94 24.90 -12.41
CA SER D 154 -45.24 23.76 -12.99
C SER D 154 -44.29 24.20 -14.10
N ASN D 155 -43.79 25.43 -14.02
CA ASN D 155 -42.87 25.99 -15.01
C ASN D 155 -43.48 26.00 -16.41
N ASN D 156 -44.77 26.36 -16.49
CA ASN D 156 -45.51 26.45 -17.74
C ASN D 156 -45.53 25.13 -18.51
N ASP D 157 -45.90 24.07 -17.80
CA ASP D 157 -46.01 22.74 -18.39
C ASP D 157 -47.51 22.44 -18.51
N VAL D 158 -48.03 22.57 -19.74
CA VAL D 158 -49.45 22.34 -19.97
C VAL D 158 -49.85 20.94 -19.58
N HIS D 159 -48.96 19.96 -19.75
CA HIS D 159 -49.28 18.58 -19.39
C HIS D 159 -49.57 18.45 -17.91
N MET D 160 -48.63 18.90 -17.06
CA MET D 160 -48.84 18.80 -15.62
C MET D 160 -50.04 19.64 -15.18
N GLY D 161 -50.23 20.79 -15.83
CA GLY D 161 -51.37 21.62 -15.48
C GLY D 161 -52.68 20.91 -15.76
N GLN D 162 -52.78 20.27 -16.92
CA GLN D 162 -54.00 19.54 -17.27
C GLN D 162 -54.20 18.34 -16.34
N ILE D 163 -53.11 17.66 -15.97
CA ILE D 163 -53.22 16.51 -15.08
C ILE D 163 -53.77 16.94 -13.72
N ILE D 164 -53.19 17.98 -13.14
CA ILE D 164 -53.66 18.45 -11.84
C ILE D 164 -55.08 18.99 -11.94
N ALA D 165 -55.38 19.72 -13.02
CA ALA D 165 -56.72 20.26 -13.21
C ALA D 165 -57.76 19.15 -13.30
N ASN D 166 -57.45 18.07 -14.03
CA ASN D 166 -58.40 16.97 -14.13
C ASN D 166 -58.49 16.20 -12.81
N ALA D 167 -57.40 16.14 -12.05
CA ALA D 167 -57.44 15.44 -10.77
C ALA D 167 -58.30 16.22 -9.77
N TYR D 168 -58.35 17.55 -9.92
CA TYR D 168 -59.15 18.39 -9.05
C TYR D 168 -60.58 18.57 -9.54
N ASP D 169 -60.83 18.36 -10.83
CA ASP D 169 -62.17 18.50 -11.38
C ASP D 169 -63.05 17.31 -11.02
N LYS D 170 -62.56 16.09 -11.29
CA LYS D 170 -63.32 14.89 -10.97
C LYS D 170 -63.39 14.63 -9.47
N LEU D 171 -62.72 15.44 -8.65
CA LEU D 171 -62.71 15.29 -7.20
C LEU D 171 -63.05 16.63 -6.57
N GLY D 172 -63.03 16.67 -5.24
CA GLY D 172 -63.32 17.89 -4.50
C GLY D 172 -62.10 18.78 -4.34
N LYS D 173 -62.32 19.90 -3.63
CA LYS D 173 -61.25 20.85 -3.37
C LYS D 173 -60.40 20.45 -2.16
N ASN D 174 -60.45 19.17 -1.81
CA ASN D 174 -59.67 18.58 -0.72
C ASN D 174 -59.19 17.20 -1.16
N ALA D 175 -58.99 17.04 -2.46
CA ALA D 175 -58.54 15.79 -3.05
C ALA D 175 -57.12 15.42 -2.62
N ALA D 176 -56.98 14.19 -2.13
CA ALA D 176 -55.68 13.67 -1.72
C ALA D 176 -55.03 13.06 -2.97
N ILE D 177 -53.90 13.64 -3.39
CA ILE D 177 -53.19 13.19 -4.58
C ILE D 177 -51.95 12.42 -4.17
N ILE D 178 -51.76 11.26 -4.79
CA ILE D 178 -50.63 10.38 -4.52
C ILE D 178 -49.70 10.41 -5.73
N LEU D 179 -48.41 10.54 -5.47
CA LEU D 179 -47.39 10.59 -6.52
C LEU D 179 -46.62 9.27 -6.51
N ASP D 180 -46.71 8.52 -7.61
CA ASP D 180 -46.02 7.24 -7.73
C ASP D 180 -45.18 7.23 -9.00
N ASP D 181 -44.10 6.47 -8.96
CA ASP D 181 -43.21 6.36 -10.11
C ASP D 181 -43.81 5.44 -11.18
N ASN D 182 -43.53 5.77 -12.44
CA ASN D 182 -44.02 5.02 -13.58
C ASN D 182 -42.85 4.69 -14.50
N ALA D 183 -43.02 3.61 -15.27
CA ALA D 183 -41.98 3.18 -16.21
C ALA D 183 -42.16 3.74 -17.62
N ASP D 184 -43.26 4.45 -17.89
CA ASP D 184 -43.51 5.02 -19.20
C ASP D 184 -43.10 6.49 -19.18
N ILE D 185 -43.17 7.14 -20.34
CA ILE D 185 -42.82 8.56 -20.44
C ILE D 185 -44.05 9.46 -20.45
N ASN D 186 -45.25 8.89 -20.55
CA ASN D 186 -46.49 9.65 -20.58
C ASN D 186 -47.13 9.57 -19.19
N ASP D 187 -47.11 10.70 -18.47
CA ASP D 187 -47.66 10.77 -17.13
C ASP D 187 -49.15 10.44 -17.13
N LYS D 188 -49.50 9.22 -16.72
CA LYS D 188 -50.90 8.84 -16.72
C LYS D 188 -51.56 9.21 -15.39
N LEU D 189 -52.88 9.36 -15.43
CA LEU D 189 -53.67 9.70 -14.25
C LEU D 189 -54.75 8.66 -14.06
N GLU D 190 -54.91 8.17 -12.84
CA GLU D 190 -55.91 7.16 -12.51
C GLU D 190 -56.66 7.59 -11.26
N PHE D 191 -57.80 6.93 -11.03
CA PHE D 191 -58.65 7.20 -9.88
C PHE D 191 -58.98 5.88 -9.22
N THR D 192 -58.94 5.85 -7.89
CA THR D 192 -59.24 4.63 -7.14
C THR D 192 -60.05 4.99 -5.91
N GLU D 193 -61.05 4.16 -5.61
CA GLU D 193 -61.89 4.38 -4.45
C GLU D 193 -61.06 4.36 -3.18
N GLY D 194 -61.32 5.29 -2.28
CA GLY D 194 -60.55 5.33 -1.04
C GLY D 194 -61.15 6.28 -0.02
N TYR D 195 -60.50 6.27 1.15
CA TYR D 195 -60.88 7.10 2.29
C TYR D 195 -59.72 8.02 2.66
N ASN D 196 -60.05 9.27 2.97
CA ASN D 196 -59.04 10.26 3.35
C ASN D 196 -59.56 11.10 4.51
N PHE D 197 -58.84 11.08 5.63
CA PHE D 197 -59.23 11.87 6.79
C PHE D 197 -58.19 12.98 6.99
N ASP D 198 -58.33 13.72 8.09
CA ASP D 198 -57.46 14.87 8.38
C ASP D 198 -56.37 14.59 9.41
N ARG D 199 -55.75 13.41 9.38
CA ARG D 199 -54.68 13.09 10.30
C ARG D 199 -53.43 12.71 9.50
N GLY D 200 -52.27 12.85 10.15
CA GLY D 200 -51.02 12.54 9.48
C GLY D 200 -50.02 11.77 10.33
N ILE D 201 -48.77 12.21 10.30
CA ILE D 201 -47.67 11.60 11.03
C ILE D 201 -47.53 12.40 12.32
N ILE D 202 -48.12 11.89 13.40
CA ILE D 202 -48.08 12.56 14.70
C ILE D 202 -46.65 12.86 15.14
N ASN D 203 -45.86 11.84 15.46
CA ASN D 203 -44.48 12.01 15.88
C ASN D 203 -43.55 11.89 14.67
N PRO D 204 -43.00 12.99 14.16
CA PRO D 204 -42.12 12.90 12.98
C PRO D 204 -40.92 11.97 13.15
N TYR D 205 -40.63 11.52 14.38
CA TYR D 205 -39.49 10.62 14.58
C TYR D 205 -39.61 9.34 13.77
N LEU D 206 -40.78 9.08 13.17
CA LEU D 206 -41.02 7.93 12.31
C LEU D 206 -40.31 8.04 10.98
N LEU D 207 -39.62 9.16 10.73
CA LEU D 207 -38.92 9.36 9.48
C LEU D 207 -37.41 9.15 9.59
N TYR D 208 -36.95 8.51 10.66
CA TYR D 208 -35.52 8.23 10.80
C TYR D 208 -35.18 6.92 10.10
N ASN D 209 -35.66 6.86 8.86
CA ASN D 209 -35.50 5.74 7.94
C ASN D 209 -35.27 6.39 6.58
N GLU D 210 -35.48 5.64 5.50
CA GLU D 210 -35.31 6.22 4.17
C GLU D 210 -36.10 7.52 4.09
N ASN D 211 -35.40 8.59 3.73
CA ASN D 211 -36.05 9.90 3.64
C ASN D 211 -36.43 10.24 2.21
N ASP D 213 -40.31 10.69 2.03
CA ASP D 213 -40.72 11.91 2.72
C ASP D 213 -42.02 11.72 3.50
N TYR D 214 -42.66 10.58 3.26
CA TYR D 214 -43.92 10.19 3.87
C TYR D 214 -43.85 8.68 4.09
N ILE D 215 -44.94 8.07 4.56
CA ILE D 215 -44.97 6.63 4.81
C ILE D 215 -45.97 5.99 3.86
N GLU D 216 -45.53 4.96 3.15
CA GLU D 216 -46.36 4.24 2.17
C GLU D 216 -46.21 2.74 2.38
N TYR D 217 -47.30 2.09 2.84
CA TYR D 217 -47.32 0.65 3.10
C TYR D 217 -48.39 -0.01 2.24
N SER D 218 -48.03 -1.14 1.64
CA SER D 218 -48.94 -1.89 0.78
C SER D 218 -49.50 -3.10 1.55
N GLN D 219 -50.81 -3.28 1.47
CA GLN D 219 -51.52 -4.38 2.13
C GLN D 219 -51.28 -4.37 3.64
N VAL D 220 -51.75 -3.31 4.27
CA VAL D 220 -51.61 -3.12 5.71
C VAL D 220 -52.86 -3.63 6.42
N SER D 221 -52.69 -3.97 7.70
CA SER D 221 -53.77 -4.44 8.55
C SER D 221 -54.14 -3.30 9.50
N THR D 222 -55.41 -2.92 9.51
CA THR D 222 -55.87 -1.81 10.34
C THR D 222 -56.42 -2.27 11.68
N LEU D 223 -56.14 -1.46 12.71
CA LEU D 223 -56.60 -1.67 14.08
C LEU D 223 -57.18 -0.33 14.50
N ILE D 224 -58.49 -0.17 14.34
CA ILE D 224 -59.18 1.07 14.66
C ILE D 224 -59.88 0.90 15.99
N THR D 225 -59.58 1.80 16.93
CA THR D 225 -60.16 1.79 18.26
C THR D 225 -60.70 3.19 18.59
N ASP D 226 -61.22 3.34 19.81
CA ASP D 226 -61.76 4.61 20.27
C ASP D 226 -61.15 5.11 21.56
N GLN D 227 -60.55 4.24 22.37
CA GLN D 227 -59.95 4.67 23.63
C GLN D 227 -58.49 5.05 23.41
N ASN D 228 -57.78 5.31 24.51
CA ASN D 228 -56.37 5.69 24.47
C ASN D 228 -55.52 4.50 24.90
N ILE D 229 -54.59 4.08 24.04
CA ILE D 229 -53.73 2.96 24.36
C ILE D 229 -52.72 3.43 25.41
N ASP D 230 -52.96 3.06 26.67
CA ASP D 230 -52.10 3.43 27.78
C ASP D 230 -51.21 2.29 28.27
N ASN D 231 -51.71 1.07 28.26
CA ASN D 231 -50.94 -0.09 28.70
C ASN D 231 -50.48 -0.85 27.47
N ILE D 232 -49.16 -0.95 27.30
CA ILE D 232 -48.61 -1.67 26.14
C ILE D 232 -49.00 -3.13 26.19
N GLN D 233 -49.24 -3.67 27.39
CA GLN D 233 -49.63 -5.08 27.49
C GLN D 233 -51.06 -5.33 27.02
N SER D 234 -51.74 -4.32 26.47
CA SER D 234 -53.09 -4.48 25.96
C SER D 234 -53.07 -4.89 24.50
N ILE D 235 -52.04 -4.47 23.77
CA ILE D 235 -51.85 -4.80 22.37
C ILE D 235 -50.63 -5.69 22.18
N LEU D 236 -50.00 -6.11 23.27
CA LEU D 236 -48.82 -6.98 23.18
C LEU D 236 -49.06 -8.24 22.35
N PRO D 237 -50.20 -8.96 22.47
CA PRO D 237 -50.37 -10.14 21.63
C PRO D 237 -50.40 -9.79 20.15
N ILE D 238 -51.07 -8.69 19.78
CA ILE D 238 -51.14 -8.29 18.39
C ILE D 238 -49.76 -7.89 17.88
N LEU D 239 -49.00 -7.16 18.70
CA LEU D 239 -47.66 -6.75 18.29
C LEU D 239 -46.75 -7.95 18.11
N GLU D 240 -46.81 -8.91 19.03
CA GLU D 240 -45.97 -10.11 18.92
C GLU D 240 -46.37 -10.92 17.69
N ILE D 241 -47.67 -11.07 17.45
CA ILE D 241 -48.14 -11.83 16.30
C ILE D 241 -47.66 -11.18 15.02
N PHE D 242 -47.75 -9.85 14.94
CA PHE D 242 -47.27 -9.18 13.73
C PHE D 242 -45.74 -9.19 13.70
N ALA D 243 -45.10 -9.41 14.85
CA ALA D 243 -43.64 -9.49 14.90
C ALA D 243 -43.20 -10.80 14.30
N LYS D 244 -44.06 -11.82 14.36
CA LYS D 244 -43.73 -13.11 13.76
C LYS D 244 -43.98 -13.07 12.27
N ASN D 245 -45.02 -12.34 11.86
CA ASN D 245 -45.38 -12.18 10.46
C ASN D 245 -44.55 -11.06 9.85
N LYS D 246 -44.73 -10.83 8.55
CA LYS D 246 -44.01 -9.77 7.83
C LYS D 246 -44.98 -8.80 7.20
N GLN D 247 -46.18 -8.69 7.76
CA GLN D 247 -47.23 -7.80 7.27
C GLN D 247 -47.22 -6.47 8.01
N PRO D 248 -47.48 -5.37 7.30
CA PRO D 248 -47.53 -4.05 7.95
C PRO D 248 -48.78 -3.90 8.80
N LEU D 249 -48.65 -3.15 9.89
CA LEU D 249 -49.76 -2.91 10.80
C LEU D 249 -49.93 -1.43 11.05
N CYS D 250 -51.19 -0.99 11.10
CA CYS D 250 -51.56 0.40 11.34
C CYS D 250 -52.53 0.44 12.51
N ILE D 251 -52.27 1.30 13.48
CA ILE D 251 -53.13 1.43 14.66
C ILE D 251 -53.63 2.87 14.71
N ILE D 252 -54.96 3.03 14.73
CA ILE D 252 -55.56 4.35 14.78
C ILE D 252 -56.16 4.54 16.16
N ALA D 253 -55.40 5.13 17.07
CA ALA D 253 -55.87 5.34 18.43
C ALA D 253 -56.30 6.79 18.65
N ASP D 254 -56.63 7.12 19.89
CA ASP D 254 -57.06 8.46 20.27
C ASP D 254 -55.92 9.33 20.81
N ASP D 255 -55.09 8.79 21.70
CA ASP D 255 -54.01 9.59 22.26
C ASP D 255 -52.63 8.96 22.20
N PHE D 256 -52.54 7.62 22.27
CA PHE D 256 -51.24 6.96 22.24
C PHE D 256 -50.37 7.46 23.38
N SER D 257 -50.64 6.99 24.60
CA SER D 257 -49.92 7.41 25.81
C SER D 257 -48.41 7.47 25.64
N ASN D 258 -47.78 8.32 26.46
CA ASN D 258 -46.34 8.58 26.45
C ASN D 258 -45.45 7.35 26.24
N GLU D 259 -45.55 6.35 27.10
CA GLU D 259 -44.69 5.19 26.92
C GLU D 259 -45.17 4.23 25.83
N VAL D 260 -46.39 4.39 25.34
CA VAL D 260 -46.90 3.52 24.29
C VAL D 260 -46.51 4.20 22.98
N LEU D 261 -45.53 5.09 23.08
CA LEU D 261 -44.97 5.82 21.97
C LEU D 261 -43.53 5.35 21.80
N GLN D 262 -43.40 4.02 21.89
CA GLN D 262 -42.15 3.29 21.79
C GLN D 262 -42.12 2.44 20.54
N THR D 263 -43.29 2.19 19.94
CA THR D 263 -43.36 1.42 18.70
C THR D 263 -42.39 1.97 17.67
N LEU D 264 -42.19 3.29 17.67
CA LEU D 264 -41.25 3.90 16.74
C LEU D 264 -39.86 3.32 16.91
N ILE D 265 -39.51 2.95 18.15
CA ILE D 265 -38.20 2.38 18.44
C ILE D 265 -38.12 0.96 17.94
N ILE D 266 -39.13 0.16 18.26
CA ILE D 266 -39.15 -1.24 17.83
C ILE D 266 -39.12 -1.31 16.31
N ASN D 267 -39.80 -0.37 15.65
CA ASN D 267 -39.84 -0.34 14.20
C ASN D 267 -38.54 0.18 13.59
N LYS D 268 -37.84 1.09 14.28
CA LYS D 268 -36.59 1.64 13.72
C LYS D 268 -35.33 0.93 14.22
N LEU D 269 -35.07 0.96 15.53
CA LEU D 269 -33.85 0.36 16.07
C LEU D 269 -33.70 -1.13 15.76
N LYS D 270 -34.80 -1.89 15.69
CA LYS D 270 -34.66 -3.32 15.41
C LYS D 270 -35.72 -3.86 14.46
N GLY D 271 -36.56 -3.02 13.87
CA GLY D 271 -37.57 -3.50 12.95
C GLY D 271 -38.39 -4.64 13.51
N ALA D 272 -38.60 -5.67 12.67
CA ALA D 272 -39.34 -6.87 12.99
C ALA D 272 -40.83 -6.59 13.21
N ILE D 273 -41.20 -5.31 13.22
CA ILE D 273 -42.59 -4.88 13.40
C ILE D 273 -42.79 -3.63 12.56
N LYS D 274 -43.89 -3.60 11.80
CA LYS D 274 -44.24 -2.46 10.97
C LYS D 274 -45.51 -1.87 11.57
N VAL D 275 -45.38 -0.73 12.26
CA VAL D 275 -46.51 -0.10 12.91
C VAL D 275 -46.63 1.36 12.50
N VAL D 276 -47.86 1.79 12.25
CA VAL D 276 -48.17 3.17 11.89
C VAL D 276 -49.15 3.71 12.93
N PRO D 277 -48.66 4.50 13.89
CA PRO D 277 -49.54 5.04 14.94
C PRO D 277 -50.28 6.31 14.54
N ILE D 278 -51.44 6.17 13.90
CA ILE D 278 -52.23 7.32 13.49
C ILE D 278 -53.23 7.68 14.60
N ARG D 279 -53.62 8.94 14.62
CA ARG D 279 -54.55 9.50 15.58
C ARG D 279 -55.95 9.59 14.98
N ALA D 280 -56.92 9.82 15.86
CA ALA D 280 -58.30 9.95 15.42
C ALA D 280 -58.48 11.24 14.63
N PRO D 281 -59.36 11.24 13.62
CA PRO D 281 -59.55 12.46 12.80
C PRO D 281 -60.14 13.67 13.50
N SER D 282 -61.28 13.53 14.15
CA SER D 282 -61.93 14.67 14.81
C SER D 282 -61.87 14.56 16.33
N PHE D 283 -62.54 15.51 16.99
CA PHE D 283 -62.62 15.59 18.44
C PHE D 283 -64.07 15.52 18.88
N GLY D 284 -64.33 14.79 19.96
CA GLY D 284 -65.68 14.66 20.48
C GLY D 284 -66.46 13.47 19.95
N ASP D 285 -67.78 13.64 19.78
CA ASP D 285 -68.59 12.54 19.26
C ASP D 285 -68.37 12.33 17.77
N ARG D 286 -68.04 13.41 17.04
CA ARG D 286 -67.79 13.23 15.61
C ARG D 286 -66.59 12.33 15.40
N ARG D 287 -65.71 12.26 16.40
CA ARG D 287 -64.58 11.36 16.32
C ARG D 287 -65.06 9.93 16.34
N LYS D 288 -66.03 9.65 17.22
CA LYS D 288 -66.62 8.31 17.30
C LYS D 288 -67.29 7.95 15.99
N ASP D 289 -68.09 8.87 15.44
CA ASP D 289 -68.76 8.62 14.17
C ASP D 289 -67.75 8.32 13.06
N TYR D 290 -66.69 9.14 12.98
CA TYR D 290 -65.66 8.92 11.98
C TYR D 290 -64.99 7.56 12.17
N LEU D 291 -64.73 7.19 13.43
CA LEU D 291 -64.12 5.89 13.69
C LEU D 291 -65.04 4.77 13.23
N LYS D 292 -66.36 4.95 13.41
CA LYS D 292 -67.31 3.95 12.95
C LYS D 292 -67.21 3.81 11.43
N ASP D 293 -67.16 4.94 10.73
CA ASP D 293 -67.02 4.91 9.28
C ASP D 293 -65.72 4.21 8.87
N LEU D 294 -64.64 4.49 9.61
CA LEU D 294 -63.35 3.85 9.32
C LEU D 294 -63.44 2.34 9.53
N CYS D 295 -64.21 1.91 10.52
CA CYS D 295 -64.38 0.50 10.82
C CYS D 295 -65.35 -0.17 9.87
N ILE D 296 -66.10 0.60 9.10
CA ILE D 296 -67.04 0.03 8.14
C ILE D 296 -66.39 -0.02 6.77
N VAL D 297 -65.49 0.93 6.49
CA VAL D 297 -64.81 0.92 5.18
C VAL D 297 -63.88 -0.28 5.09
N THR D 298 -63.28 -0.68 6.21
CA THR D 298 -62.39 -1.82 6.31
C THR D 298 -63.04 -2.81 7.27
N ASN D 299 -62.66 -4.08 7.17
CA ASN D 299 -63.26 -5.10 8.05
C ASN D 299 -62.67 -5.02 9.45
N SER D 300 -62.88 -3.87 10.10
CA SER D 300 -62.39 -3.61 11.44
C SER D 300 -63.52 -3.69 12.46
N LYS D 301 -63.18 -4.14 13.66
CA LYS D 301 -64.11 -4.30 14.78
C LYS D 301 -63.89 -3.16 15.77
N TYR D 302 -64.61 -2.05 15.55
CA TYR D 302 -64.54 -0.85 16.37
C TYR D 302 -64.45 -1.18 17.84
N ILE D 303 -63.35 -0.78 18.48
CA ILE D 303 -63.09 -1.04 19.89
C ILE D 303 -63.46 0.20 20.69
N SER D 304 -64.30 0.03 21.69
CA SER D 304 -64.75 1.12 22.56
C SER D 304 -65.57 0.53 23.70
N ALA D 305 -65.61 1.25 24.82
CA ALA D 305 -66.39 0.79 25.96
C ALA D 305 -67.88 0.93 25.69
N ASP D 306 -68.27 1.78 24.74
CA ASP D 306 -69.69 1.96 24.42
C ASP D 306 -70.28 0.70 23.80
N VAL D 307 -69.47 -0.06 23.06
CA VAL D 307 -69.95 -1.28 22.43
C VAL D 307 -69.68 -2.51 23.30
N GLY D 308 -68.75 -2.40 24.26
CA GLY D 308 -68.40 -3.49 25.16
C GLY D 308 -66.97 -3.94 25.02
N LEU D 309 -66.40 -3.82 23.81
CA LEU D 309 -65.02 -4.22 23.55
C LEU D 309 -64.10 -3.12 24.06
N ASP D 310 -63.58 -3.29 25.27
CA ASP D 310 -62.67 -2.33 25.88
C ASP D 310 -61.24 -2.64 25.47
N LEU D 311 -60.48 -1.59 25.13
CA LEU D 311 -59.09 -1.79 24.71
C LEU D 311 -58.18 -2.24 25.84
N ASN D 312 -58.62 -2.17 27.09
CA ASN D 312 -57.79 -2.59 28.20
C ASN D 312 -58.15 -3.99 28.69
N ASN D 313 -59.44 -4.31 28.77
CA ASN D 313 -59.88 -5.62 29.22
C ASN D 313 -60.08 -6.58 28.06
N LEU D 314 -59.05 -6.75 27.23
CA LEU D 314 -59.13 -7.67 26.10
C LEU D 314 -58.49 -9.01 26.42
N HIS D 315 -58.11 -9.25 27.66
CA HIS D 315 -57.54 -10.53 28.06
C HIS D 315 -58.53 -11.35 28.85
N ASN D 316 -59.52 -10.69 29.45
CA ASN D 316 -60.58 -11.34 30.20
C ASN D 316 -61.68 -11.78 29.24
N GLN D 317 -62.12 -10.87 28.38
CA GLN D 317 -63.16 -11.17 27.40
C GLN D 317 -62.57 -11.89 26.20
N MET D 318 -61.75 -12.93 26.45
CA MET D 318 -61.16 -13.69 25.36
C MET D 318 -62.21 -14.40 24.52
N SER D 319 -63.48 -14.33 24.90
CA SER D 319 -64.55 -14.98 24.16
C SER D 319 -65.61 -13.96 23.77
N SER D 320 -65.19 -12.87 23.13
CA SER D 320 -66.10 -11.82 22.71
C SER D 320 -66.25 -11.79 21.19
N PHE D 321 -65.15 -11.63 20.46
CA PHE D 321 -65.24 -11.63 19.01
C PHE D 321 -65.35 -13.05 18.46
N ASP D 322 -64.22 -13.77 18.44
CA ASP D 322 -64.15 -15.16 17.99
C ASP D 322 -62.97 -15.88 18.65
N ASN D 323 -62.53 -15.41 19.82
CA ASN D 323 -61.40 -15.95 20.57
C ASN D 323 -60.09 -15.77 19.80
N ASN D 324 -60.17 -15.28 18.57
CA ASN D 324 -59.01 -15.00 17.74
C ASN D 324 -58.73 -13.50 17.78
N TYR D 325 -57.52 -13.14 18.17
CA TYR D 325 -57.17 -11.73 18.26
C TYR D 325 -57.06 -11.07 16.89
N LEU D 326 -56.96 -11.86 15.80
CA LEU D 326 -56.82 -11.33 14.46
C LEU D 326 -58.16 -11.03 13.79
N SER D 327 -59.23 -11.72 14.17
CA SER D 327 -60.51 -11.48 13.53
C SER D 327 -61.06 -10.09 13.83
N LEU D 328 -60.58 -9.44 14.91
CA LEU D 328 -61.08 -8.11 15.24
C LEU D 328 -60.49 -6.99 14.38
N LEU D 329 -59.34 -7.20 13.73
CA LEU D 329 -58.76 -6.14 12.91
C LEU D 329 -59.14 -6.28 11.45
N GLY D 330 -58.93 -5.19 10.70
CA GLY D 330 -59.24 -5.11 9.30
C GLY D 330 -58.03 -5.18 8.38
N SER D 331 -58.27 -4.85 7.11
CA SER D 331 -57.24 -4.86 6.10
C SER D 331 -57.57 -3.80 5.04
N ALA D 332 -56.53 -3.36 4.34
CA ALA D 332 -56.67 -2.35 3.30
C ALA D 332 -55.63 -2.63 2.21
N ASN D 333 -55.88 -2.05 1.03
CA ASN D 333 -54.97 -2.26 -0.09
C ASN D 333 -53.66 -1.50 0.12
N THR D 334 -53.73 -0.18 0.26
CA THR D 334 -52.54 0.63 0.48
C THR D 334 -52.87 1.76 1.44
N LEU D 335 -51.87 2.10 2.26
CA LEU D 335 -51.98 3.16 3.26
C LEU D 335 -50.84 4.15 3.04
N ILE D 336 -51.17 5.41 2.86
CA ILE D 336 -50.18 6.46 2.65
C ILE D 336 -50.44 7.54 3.68
N VAL D 337 -49.51 7.67 4.63
CA VAL D 337 -49.60 8.64 5.71
C VAL D 337 -48.63 9.76 5.41
N LYS D 338 -49.18 10.94 5.16
CA LYS D 338 -48.43 12.15 4.88
C LYS D 338 -48.27 12.89 6.21
N LYS D 339 -47.77 14.13 6.15
CA LYS D 339 -47.61 14.89 7.40
C LYS D 339 -48.96 15.22 8.02
N ASP D 340 -49.98 15.50 7.19
CA ASP D 340 -51.30 15.82 7.72
C ASP D 340 -52.47 15.29 6.90
N ARG D 341 -52.25 14.41 5.92
CA ARG D 341 -53.36 13.90 5.10
C ARG D 341 -53.20 12.40 4.82
N THR D 342 -53.75 11.57 5.72
CA THR D 342 -53.69 10.13 5.53
C THR D 342 -54.68 9.68 4.46
N SER D 343 -54.27 8.70 3.67
CA SER D 343 -55.08 8.15 2.60
C SER D 343 -55.05 6.62 2.65
N LEU D 344 -56.19 6.00 2.33
CA LEU D 344 -56.32 4.54 2.34
C LEU D 344 -57.10 4.10 1.10
N ILE D 345 -56.52 3.19 0.33
CA ILE D 345 -57.19 2.68 -0.87
C ILE D 345 -58.09 1.53 -0.44
N THR D 346 -59.39 1.68 -0.68
CA THR D 346 -60.35 0.65 -0.30
C THR D 346 -60.10 -0.64 -1.07
N LYS D 347 -60.29 -1.77 -0.38
CA LYS D 347 -60.11 -3.07 -1.01
C LYS D 347 -61.30 -3.41 -1.89
N GLU D 348 -61.05 -4.23 -2.91
CA GLU D 348 -62.07 -4.67 -3.85
C GLU D 348 -63.07 -5.65 -3.24
N GLU D 349 -62.89 -6.04 -1.98
CA GLU D 349 -63.79 -6.99 -1.33
C GLU D 349 -64.97 -6.34 -0.62
N TYR D 350 -64.73 -5.22 0.07
CA TYR D 350 -65.75 -4.49 0.82
C TYR D 350 -66.54 -3.50 -0.02
N LYS D 351 -66.32 -3.45 -1.33
CA LYS D 351 -66.99 -2.48 -2.21
C LYS D 351 -68.45 -2.23 -1.88
N LYS D 352 -69.24 -3.28 -1.69
CA LYS D 352 -70.66 -3.12 -1.39
C LYS D 352 -70.93 -2.59 0.02
N GLU D 353 -70.20 -3.08 1.04
CA GLU D 353 -70.45 -2.66 2.43
C GLU D 353 -70.47 -1.13 2.60
N ILE D 354 -69.43 -0.44 2.15
CA ILE D 354 -69.40 1.01 2.28
C ILE D 354 -70.64 1.62 1.63
N ASP D 355 -71.07 1.05 0.49
CA ASP D 355 -72.27 1.53 -0.17
C ASP D 355 -73.46 1.45 0.78
N GLU D 356 -73.61 0.32 1.46
CA GLU D 356 -74.71 0.17 2.42
C GLU D 356 -74.64 1.25 3.50
N ARG D 357 -73.45 1.46 4.07
CA ARG D 357 -73.30 2.47 5.10
C ARG D 357 -73.69 3.86 4.59
N ILE D 358 -73.19 4.23 3.40
CA ILE D 358 -73.53 5.54 2.83
C ILE D 358 -75.04 5.65 2.64
N ASN D 359 -75.68 4.57 2.17
CA ASN D 359 -77.13 4.58 2.00
C ASN D 359 -77.83 4.87 3.32
N VAL D 360 -77.39 4.21 4.39
CA VAL D 360 -77.99 4.44 5.71
C VAL D 360 -77.81 5.90 6.12
N LEU D 361 -76.61 6.44 5.90
CA LEU D 361 -76.38 7.85 6.25
C LEU D 361 -77.31 8.76 5.46
N LYS D 362 -77.52 8.46 4.18
CA LYS D 362 -78.44 9.27 3.38
C LYS D 362 -79.86 9.15 3.92
N LYS D 363 -80.25 7.94 4.35
CA LYS D 363 -81.57 7.75 4.92
C LYS D 363 -81.74 8.58 6.18
N GLU D 364 -80.65 8.77 6.92
CA GLU D 364 -80.69 9.58 8.14
C GLU D 364 -80.56 11.06 7.82
N TYR D 365 -80.09 11.39 6.62
CA TYR D 365 -79.92 12.77 6.19
C TYR D 365 -81.26 13.43 5.91
N GLU D 366 -82.19 12.67 5.32
CA GLU D 366 -83.52 13.16 4.97
C GLU D 366 -84.55 12.81 6.04
N GLU D 367 -84.12 12.60 7.28
CA GLU D 367 -85.02 12.25 8.37
C GLU D 367 -84.89 13.18 9.58
N THR D 368 -84.02 14.18 9.52
CA THR D 368 -83.81 15.11 10.62
C THR D 368 -83.80 16.53 10.07
N THR D 369 -84.34 17.45 10.87
CA THR D 369 -84.43 18.86 10.48
C THR D 369 -83.40 19.73 11.20
N SER D 370 -82.50 19.12 11.97
CA SER D 370 -81.47 19.88 12.69
C SER D 370 -80.34 20.13 11.69
N LYS D 371 -80.31 21.35 11.13
CA LYS D 371 -79.29 21.72 10.15
C LYS D 371 -77.88 21.45 10.66
N TYR D 372 -77.65 21.68 11.97
CA TYR D 372 -76.32 21.43 12.51
C TYR D 372 -75.95 19.96 12.41
N ASP D 373 -76.96 19.08 12.47
CA ASP D 373 -76.71 17.65 12.32
C ASP D 373 -76.60 17.27 10.85
N LYS D 374 -77.37 17.96 9.99
CA LYS D 374 -77.32 17.68 8.55
C LYS D 374 -75.98 18.05 7.95
N GLU D 375 -75.32 19.09 8.45
CA GLU D 375 -74.01 19.44 7.89
C GLU D 375 -72.97 18.40 8.25
N LYS D 376 -73.01 17.91 9.49
CA LYS D 376 -72.07 16.87 9.92
C LYS D 376 -72.33 15.58 9.16
N LEU D 377 -73.60 15.21 8.98
CA LEU D 377 -73.91 14.00 8.23
C LEU D 377 -73.48 14.15 6.78
N ASN D 378 -73.61 15.35 6.23
CA ASN D 378 -73.17 15.59 4.85
C ASN D 378 -71.67 15.41 4.74
N GLU D 379 -70.93 15.92 5.73
CA GLU D 379 -69.48 15.76 5.71
C GLU D 379 -69.11 14.28 5.79
N ARG D 380 -69.83 13.53 6.61
CA ARG D 380 -69.57 12.09 6.73
C ARG D 380 -69.82 11.38 5.41
N ILE D 381 -70.94 11.70 4.75
CA ILE D 381 -71.28 11.07 3.48
C ILE D 381 -70.25 11.44 2.42
N ALA D 382 -69.78 12.70 2.43
CA ALA D 382 -68.77 13.12 1.47
C ALA D 382 -67.45 12.41 1.71
N ALA D 383 -67.13 12.13 2.97
CA ALA D 383 -65.88 11.44 3.29
C ALA D 383 -65.96 9.97 2.90
N LEU D 384 -67.11 9.32 3.16
CA LEU D 384 -67.25 7.92 2.82
C LEU D 384 -67.15 7.71 1.31
N SER D 385 -67.82 8.55 0.53
CA SER D 385 -67.79 8.47 -0.92
C SER D 385 -66.53 9.19 -1.41
N GLY D 386 -66.45 9.43 -2.70
CA GLY D 386 -65.30 10.11 -3.26
C GLY D 386 -64.28 9.14 -3.81
N GLY D 387 -63.11 9.69 -4.10
CA GLY D 387 -62.02 8.90 -4.65
C GLY D 387 -60.68 9.54 -4.36
N ILE D 388 -59.64 8.83 -4.77
CA ILE D 388 -58.26 9.26 -4.59
C ILE D 388 -57.59 9.21 -5.96
N ALA D 389 -56.91 10.29 -6.33
CA ALA D 389 -56.25 10.38 -7.62
C ALA D 389 -54.79 9.97 -7.51
N LYS D 390 -54.38 9.06 -8.38
CA LYS D 390 -53.01 8.56 -8.43
C LYS D 390 -52.38 9.06 -9.74
N ILE D 391 -51.32 9.84 -9.61
CA ILE D 391 -50.63 10.39 -10.77
C ILE D 391 -49.36 9.58 -10.98
N LEU D 392 -49.36 8.76 -12.02
CA LEU D 392 -48.20 7.93 -12.36
C LEU D 392 -47.32 8.79 -13.25
N ILE D 393 -46.24 9.30 -12.68
CA ILE D 393 -45.29 10.18 -13.37
C ILE D 393 -44.17 9.36 -13.96
N GLY D 394 -43.73 9.76 -15.15
CA GLY D 394 -42.66 9.06 -15.84
C GLY D 394 -41.73 10.05 -16.52
N GLY D 395 -40.66 9.50 -17.10
CA GLY D 395 -39.67 10.30 -17.78
C GLY D 395 -38.84 9.40 -18.69
N ASN D 396 -37.84 10.01 -19.32
CA ASN D 396 -36.97 9.26 -20.23
C ASN D 396 -35.82 8.59 -19.49
N SER D 397 -35.25 9.26 -18.49
CA SER D 397 -34.15 8.73 -17.71
C SER D 397 -34.65 8.36 -16.31
N GLU D 398 -33.79 7.66 -15.57
CA GLU D 398 -34.17 7.25 -14.22
C GLU D 398 -34.17 8.45 -13.27
N THR D 399 -33.29 9.43 -13.52
CA THR D 399 -33.24 10.62 -12.69
C THR D 399 -34.33 11.62 -13.09
N GLU D 400 -34.71 11.61 -14.37
CA GLU D 400 -35.76 12.50 -14.84
C GLU D 400 -37.07 12.19 -14.15
N GLN D 401 -37.26 10.91 -13.76
CA GLN D 401 -38.48 10.54 -13.05
C GLN D 401 -38.55 11.27 -11.72
N LYS D 402 -37.45 11.26 -10.96
CA LYS D 402 -37.43 11.94 -9.68
C LYS D 402 -37.54 13.46 -9.87
N GLU D 403 -36.94 13.97 -10.95
CA GLU D 403 -37.04 15.41 -11.21
C GLU D 403 -38.50 15.81 -11.44
N ARG D 404 -39.19 15.08 -12.31
CA ARG D 404 -40.60 15.37 -12.57
C ARG D 404 -41.44 15.12 -11.32
N LYS D 405 -41.04 14.16 -10.48
CA LYS D 405 -41.77 13.90 -9.25
C LYS D 405 -41.70 15.10 -8.33
N PHE D 406 -40.50 15.67 -8.18
CA PHE D 406 -40.35 16.85 -7.34
C PHE D 406 -41.13 18.02 -7.93
N LYS D 407 -41.10 18.16 -9.26
CA LYS D 407 -41.83 19.23 -9.92
C LYS D 407 -43.32 19.10 -9.67
N TYR D 408 -43.86 17.88 -9.80
CA TYR D 408 -45.28 17.65 -9.55
C TYR D 408 -45.62 17.91 -8.10
N GLU D 409 -44.73 17.53 -7.18
CA GLU D 409 -45.00 17.77 -5.76
C GLU D 409 -45.07 19.26 -5.49
N ALA D 410 -44.14 20.04 -6.04
CA ALA D 410 -44.17 21.49 -5.83
C ALA D 410 -45.42 22.11 -6.44
N ALA D 411 -45.81 21.66 -7.64
CA ALA D 411 -47.00 22.21 -8.28
C ALA D 411 -48.26 21.89 -7.47
N THR D 412 -48.40 20.63 -7.04
CA THR D 412 -49.58 20.25 -6.27
C THR D 412 -49.62 20.98 -4.93
N ASN D 413 -48.45 21.15 -4.29
CA ASN D 413 -48.43 21.88 -3.02
C ASN D 413 -48.81 23.33 -3.24
N ALA D 414 -48.39 23.91 -4.37
CA ALA D 414 -48.74 25.30 -4.66
C ALA D 414 -50.24 25.44 -4.86
N VAL D 415 -50.85 24.48 -5.58
CA VAL D 415 -52.29 24.55 -5.79
C VAL D 415 -53.03 24.36 -4.47
N LYS D 416 -52.52 23.47 -3.60
CA LYS D 416 -53.16 23.24 -2.31
C LYS D 416 -53.10 24.51 -1.46
N SER D 417 -51.94 25.17 -1.45
CA SER D 417 -51.80 26.41 -0.69
C SER D 417 -52.58 27.56 -1.32
N ALA D 418 -52.85 27.49 -2.62
CA ALA D 418 -53.60 28.56 -3.28
C ALA D 418 -55.10 28.44 -3.05
N ILE D 419 -55.63 27.22 -2.93
CA ILE D 419 -57.06 27.09 -2.69
C ILE D 419 -57.40 27.49 -1.26
N ASP D 420 -56.41 27.52 -0.36
CA ASP D 420 -56.64 27.87 1.04
C ASP D 420 -56.73 29.37 1.28
N ILE D 421 -55.82 30.17 0.70
CA ILE D 421 -55.79 31.62 0.91
C ILE D 421 -56.20 32.37 -0.35
N GLY D 422 -55.39 32.28 -1.41
CA GLY D 422 -55.75 33.02 -2.61
C GLY D 422 -54.70 32.94 -3.68
N TYR D 423 -54.87 33.81 -4.68
CA TYR D 423 -53.98 33.91 -5.83
C TYR D 423 -53.80 35.38 -6.20
N VAL D 424 -52.56 35.77 -6.46
CA VAL D 424 -52.23 37.16 -6.81
C VAL D 424 -51.59 37.15 -8.20
N PRO D 425 -51.69 38.25 -8.95
CA PRO D 425 -51.10 38.28 -10.30
C PRO D 425 -49.62 37.96 -10.29
N GLY D 426 -49.23 37.11 -11.24
CA GLY D 426 -47.85 36.70 -11.39
C GLY D 426 -47.01 37.73 -12.12
N GLY D 427 -45.89 37.28 -12.67
CA GLY D 427 -45.00 38.17 -13.38
C GLY D 427 -44.35 39.22 -12.51
N GLY D 428 -44.33 39.02 -11.20
CA GLY D 428 -43.74 39.97 -10.29
C GLY D 428 -44.54 41.24 -10.08
N VAL D 429 -45.77 41.30 -10.60
CA VAL D 429 -46.57 42.50 -10.41
C VAL D 429 -47.01 42.64 -8.96
N THR D 430 -47.13 41.52 -8.24
CA THR D 430 -47.51 41.61 -6.84
C THR D 430 -46.42 42.32 -6.05
N TYR D 431 -45.16 42.04 -6.37
CA TYR D 431 -44.04 42.71 -5.71
C TYR D 431 -43.98 44.17 -6.14
N LEU D 432 -44.41 44.47 -7.35
CA LEU D 432 -44.39 45.85 -7.84
C LEU D 432 -45.51 46.69 -7.25
N GLU D 433 -46.62 46.06 -6.86
CA GLU D 433 -47.74 46.81 -6.31
C GLU D 433 -47.40 47.44 -4.96
N ILE D 434 -46.66 46.72 -4.10
CA ILE D 434 -46.31 47.29 -2.81
C ILE D 434 -45.40 48.49 -2.98
N ILE D 435 -44.78 48.64 -4.15
CA ILE D 435 -43.94 49.79 -4.46
C ILE D 435 -44.75 50.89 -5.11
N LYS D 436 -45.69 50.50 -6.00
CA LYS D 436 -46.54 51.43 -6.72
C LYS D 436 -47.61 52.06 -5.83
N SER D 437 -48.06 51.35 -4.78
CA SER D 437 -49.07 51.89 -3.89
C SER D 437 -48.47 52.63 -2.70
N ASN D 438 -47.18 52.96 -2.78
CA ASN D 438 -46.45 53.66 -1.73
C ASN D 438 -46.64 53.08 -0.32
N PHE D 439 -46.53 51.75 -0.21
CA PHE D 439 -46.65 51.09 1.09
C PHE D 439 -45.43 51.38 1.97
N ILE D 440 -44.32 51.79 1.35
CA ILE D 440 -43.11 52.11 2.09
C ILE D 440 -43.38 53.25 3.06
N GLN D 441 -44.26 54.18 2.70
CA GLN D 441 -44.60 55.25 3.62
C GLN D 441 -45.39 54.70 4.79
N GLU D 442 -46.19 53.65 4.54
CA GLU D 442 -46.95 53.04 5.63
C GLU D 442 -46.01 52.39 6.64
N ILE D 443 -45.02 51.62 6.15
CA ILE D 443 -44.08 51.02 7.10
C ILE D 443 -43.29 52.12 7.81
N HIS D 444 -43.01 53.22 7.11
CA HIS D 444 -42.29 54.34 7.71
C HIS D 444 -43.09 54.90 8.88
N LYS D 445 -44.37 55.17 8.65
CA LYS D 445 -45.23 55.67 9.72
C LYS D 445 -45.32 54.66 10.86
N LYS D 446 -45.33 53.38 10.53
CA LYS D 446 -45.40 52.34 11.55
C LYS D 446 -44.18 52.39 12.47
N ILE D 447 -42.98 52.48 11.89
CA ILE D 447 -41.79 52.54 12.73
C ILE D 447 -41.77 53.84 13.53
N GLU D 448 -42.23 54.94 12.93
CA GLU D 448 -42.23 56.22 13.65
C GLU D 448 -43.17 56.16 14.85
N GLU D 449 -44.34 55.54 14.68
CA GLU D 449 -45.29 55.43 15.79
C GLU D 449 -44.78 54.43 16.84
N ASP D 450 -44.18 53.32 16.39
CA ASP D 450 -43.66 52.34 17.32
C ASP D 450 -42.55 52.94 18.17
N LEU D 451 -41.82 53.92 17.63
CA LEU D 451 -40.77 54.57 18.40
C LEU D 451 -41.33 55.71 19.25
N GLN D 452 -42.42 56.33 18.81
CA GLN D 452 -43.02 57.41 19.59
C GLN D 452 -43.70 56.86 20.84
N ILE D 453 -44.30 55.68 20.73
CA ILE D 453 -44.96 55.07 21.89
C ILE D 453 -43.95 54.49 22.87
N SER D 454 -42.67 54.54 22.54
CA SER D 454 -41.60 54.03 23.39
C SER D 454 -40.63 55.09 23.85
N SER D 455 -40.58 56.25 23.18
CA SER D 455 -39.63 57.30 23.56
C SER D 455 -40.05 58.06 24.81
N ASN D 456 -41.16 58.81 24.73
CA ASN D 456 -41.58 59.56 25.91
C ASN D 456 -42.26 58.69 26.97
N ASN D 457 -41.73 57.49 27.21
CA ASN D 457 -42.25 56.57 28.21
C ASN D 457 -41.29 56.48 29.39
N ASP D 458 -40.04 56.10 29.13
CA ASP D 458 -39.01 55.97 30.14
C ASP D 458 -38.47 57.37 30.45
N GLU D 459 -38.92 57.93 31.57
CA GLU D 459 -38.49 59.26 31.98
C GLU D 459 -36.97 59.29 32.21
N LYS D 460 -36.46 60.50 32.42
CA LYS D 460 -35.06 60.83 32.66
C LYS D 460 -34.25 60.77 31.37
N LYS D 461 -34.83 60.35 30.25
CA LYS D 461 -34.15 60.28 28.95
C LYS D 461 -32.88 59.44 29.05
N TYR D 462 -33.12 58.15 29.33
CA TYR D 462 -32.05 57.17 29.48
C TYR D 462 -31.65 56.50 28.17
N LEU D 463 -32.54 56.43 27.19
CA LEU D 463 -32.21 55.77 25.92
C LEU D 463 -31.44 56.65 24.96
N GLU D 464 -31.48 57.98 25.10
CA GLU D 464 -30.73 58.81 24.18
C GLU D 464 -29.23 58.81 24.45
N LEU D 465 -28.81 58.43 25.67
CA LEU D 465 -27.39 58.40 25.98
C LEU D 465 -26.76 57.07 25.59
N ILE D 466 -27.58 56.02 25.43
CA ILE D 466 -27.10 54.70 25.04
C ILE D 466 -27.23 54.48 23.54
N GLY D 467 -27.68 55.49 22.79
CA GLY D 467 -27.85 55.38 21.36
C GLY D 467 -28.71 56.51 20.83
N ASN D 468 -28.36 57.07 19.67
CA ASN D 468 -29.14 58.15 19.09
C ASN D 468 -30.49 57.65 18.63
N LEU D 469 -31.55 58.30 19.09
CA LEU D 469 -32.90 57.89 18.70
C LEU D 469 -33.12 58.13 17.20
N GLU D 470 -32.73 59.31 16.71
CA GLU D 470 -32.90 59.59 15.30
C GLU D 470 -32.10 58.62 14.45
N SER D 471 -30.91 58.22 14.95
CA SER D 471 -30.11 57.25 14.20
C SER D 471 -30.80 55.89 14.19
N GLU D 472 -31.45 55.52 15.29
CA GLU D 472 -32.17 54.26 15.34
C GLU D 472 -33.32 54.27 14.34
N MET D 473 -34.06 55.38 14.29
CA MET D 473 -35.16 55.48 13.34
C MET D 473 -34.66 55.44 11.91
N GLU D 474 -33.56 56.14 11.63
CA GLU D 474 -32.99 56.15 10.28
C GLU D 474 -32.52 54.76 9.87
N LEU D 475 -31.93 54.01 10.81
CA LEU D 475 -31.46 52.66 10.46
C LEU D 475 -32.65 51.72 10.25
N GLN D 476 -33.70 51.89 11.05
CA GLN D 476 -34.89 51.04 10.88
C GLN D 476 -35.52 51.31 9.52
N LYS D 477 -35.69 52.60 9.17
CA LYS D 477 -36.23 52.92 7.86
C LYS D 477 -35.26 52.50 6.77
N MET D 478 -33.97 52.41 7.08
CA MET D 478 -32.99 51.95 6.10
C MET D 478 -33.28 50.50 5.75
N GLY D 479 -33.52 49.67 6.77
CA GLY D 479 -33.86 48.28 6.52
C GLY D 479 -35.15 48.17 5.74
N ALA D 480 -36.13 49.02 6.07
CA ALA D 480 -37.38 49.00 5.32
C ALA D 480 -37.16 49.37 3.87
N ASN D 481 -36.34 50.39 3.62
CA ASN D 481 -36.04 50.81 2.25
C ASN D 481 -35.30 49.71 1.51
N ILE D 482 -34.45 48.96 2.21
CA ILE D 482 -33.72 47.86 1.59
C ILE D 482 -34.69 46.79 1.13
N VAL D 483 -35.65 46.45 1.98
CA VAL D 483 -36.63 45.43 1.62
C VAL D 483 -37.53 45.91 0.48
N VAL D 484 -37.88 47.19 0.47
CA VAL D 484 -38.77 47.72 -0.57
C VAL D 484 -38.05 47.81 -1.92
N SER D 485 -36.86 48.41 -1.93
CA SER D 485 -36.10 48.60 -3.16
C SER D 485 -35.69 47.29 -3.83
N SER D 486 -35.84 46.14 -3.16
CA SER D 486 -35.45 44.86 -3.72
C SER D 486 -36.66 44.02 -4.14
N LEU D 487 -37.75 44.68 -4.54
CA LEU D 487 -38.96 43.97 -4.95
C LEU D 487 -39.14 43.93 -6.46
N ASP D 488 -38.47 44.80 -7.20
CA ASP D 488 -38.58 44.84 -8.65
C ASP D 488 -37.60 43.90 -9.34
N VAL D 489 -36.83 43.12 -8.56
CA VAL D 489 -35.84 42.22 -9.14
C VAL D 489 -36.49 41.04 -9.86
N ILE D 490 -37.65 40.58 -9.39
CA ILE D 490 -38.30 39.42 -10.02
C ILE D 490 -38.72 39.76 -11.46
N THR D 491 -39.61 40.75 -11.61
CA THR D 491 -40.08 41.12 -12.93
C THR D 491 -38.95 41.61 -13.82
N LYS D 492 -38.00 42.37 -13.26
CA LYS D 492 -36.89 42.87 -14.06
C LYS D 492 -36.04 41.72 -14.58
N GLN D 493 -35.74 40.74 -13.73
CA GLN D 493 -34.94 39.61 -14.16
C GLN D 493 -35.68 38.77 -15.20
N ILE D 494 -36.99 38.59 -15.01
CA ILE D 494 -37.77 37.81 -15.98
C ILE D 494 -37.74 38.48 -17.34
N ALA D 495 -37.98 39.80 -17.37
CA ALA D 495 -37.96 40.52 -18.63
C ALA D 495 -36.57 40.52 -19.25
N ASP D 496 -35.53 40.66 -18.42
CA ASP D 496 -34.17 40.66 -18.95
C ASP D 496 -33.84 39.31 -19.58
N ASN D 497 -34.20 38.22 -18.89
CA ASN D 497 -33.95 36.89 -19.44
C ASN D 497 -34.75 36.69 -20.72
N ALA D 498 -35.90 37.36 -20.85
CA ALA D 498 -36.70 37.23 -22.05
C ALA D 498 -36.11 37.97 -23.25
N GLY D 499 -35.10 38.81 -23.02
CA GLY D 499 -34.46 39.56 -24.09
C GLY D 499 -34.94 40.98 -24.28
N VAL D 500 -35.64 41.56 -23.31
CA VAL D 500 -36.14 42.92 -23.38
C VAL D 500 -35.63 43.69 -22.17
N ASN D 501 -35.66 45.01 -22.27
CA ASN D 501 -35.21 45.86 -21.17
C ASN D 501 -36.10 45.64 -19.96
N GLY D 502 -35.58 44.96 -18.94
CA GLY D 502 -36.37 44.68 -17.75
C GLY D 502 -36.71 45.94 -16.96
N ASP D 503 -35.70 46.77 -16.69
CA ASP D 503 -35.93 48.00 -15.95
C ASP D 503 -37.00 48.85 -16.60
N ASN D 504 -36.98 48.94 -17.94
CA ASN D 504 -38.01 49.73 -18.62
C ASN D 504 -39.39 49.08 -18.47
N VAL D 505 -39.45 47.76 -18.42
CA VAL D 505 -40.73 47.08 -18.22
C VAL D 505 -41.29 47.44 -16.85
N VAL D 506 -40.43 47.44 -15.83
CA VAL D 506 -40.86 47.81 -14.50
C VAL D 506 -41.29 49.27 -14.46
N LYS D 507 -40.57 50.13 -15.18
CA LYS D 507 -40.92 51.55 -15.22
C LYS D 507 -42.28 51.74 -15.87
N ILE D 508 -42.59 50.95 -16.89
CA ILE D 508 -43.88 51.06 -17.57
C ILE D 508 -44.99 50.58 -16.65
N ILE D 509 -44.79 49.46 -15.97
CA ILE D 509 -45.81 48.92 -15.08
C ILE D 509 -46.07 49.88 -13.91
N LEU D 510 -45.01 50.50 -13.38
CA LEU D 510 -45.17 51.41 -12.24
C LEU D 510 -45.66 52.80 -12.62
N ASN D 511 -45.32 53.32 -13.81
CA ASN D 511 -45.75 54.68 -14.14
C ASN D 511 -47.13 54.76 -14.78
N SER D 512 -47.69 53.67 -15.27
CA SER D 512 -49.03 53.74 -15.84
C SER D 512 -50.03 53.48 -14.73
N LYS D 513 -51.11 54.25 -14.71
CA LYS D 513 -52.12 54.06 -13.68
C LYS D 513 -53.25 53.21 -14.25
N ASP D 514 -52.90 51.95 -14.47
CA ASP D 514 -53.77 50.91 -14.99
C ASP D 514 -54.40 50.18 -13.82
N LYS D 515 -55.21 49.16 -14.13
CA LYS D 515 -55.85 48.38 -13.11
C LYS D 515 -54.81 47.50 -12.40
N TYR D 516 -55.25 46.82 -11.34
CA TYR D 516 -54.35 45.97 -10.59
C TYR D 516 -54.16 44.66 -11.34
N GLY D 517 -52.91 44.31 -11.60
CA GLY D 517 -52.55 43.11 -12.32
C GLY D 517 -51.97 43.39 -13.68
N PHE D 518 -51.78 44.66 -14.04
CA PHE D 518 -51.22 45.03 -15.33
C PHE D 518 -49.75 44.68 -15.35
N GLY D 519 -49.36 43.75 -16.20
CA GLY D 519 -47.98 43.33 -16.30
C GLY D 519 -47.54 43.07 -17.72
N TYR D 520 -46.34 42.53 -17.88
CA TYR D 520 -45.77 42.21 -19.19
C TYR D 520 -45.65 40.70 -19.33
N ASP D 521 -46.31 40.14 -20.33
CA ASP D 521 -46.24 38.70 -20.55
C ASP D 521 -45.00 38.41 -21.37
N VAL D 522 -44.12 37.55 -20.85
CA VAL D 522 -42.90 37.27 -21.59
C VAL D 522 -43.09 36.28 -22.74
N ASN D 523 -44.16 35.47 -22.72
CA ASN D 523 -44.37 34.53 -23.82
C ASN D 523 -44.80 35.25 -25.09
N THR D 524 -45.54 36.34 -24.95
CA THR D 524 -46.00 37.17 -26.05
C THR D 524 -45.52 38.58 -25.75
N ASN D 525 -44.85 39.22 -26.70
CA ASN D 525 -44.31 40.55 -26.47
C ASN D 525 -45.40 41.59 -26.30
N LYS D 526 -46.21 41.46 -25.25
CA LYS D 526 -47.29 42.39 -24.99
C LYS D 526 -47.54 42.61 -23.51
N PHE D 527 -47.97 43.84 -23.19
CA PHE D 527 -48.34 44.24 -21.85
C PHE D 527 -49.83 43.92 -21.70
N VAL D 528 -50.16 42.96 -20.84
CA VAL D 528 -51.54 42.54 -20.67
C VAL D 528 -51.87 42.40 -19.19
N ASN D 529 -53.09 41.93 -18.92
CA ASN D 529 -53.58 41.72 -17.57
C ASN D 529 -53.22 40.30 -17.15
N MET D 530 -52.58 40.18 -15.98
CA MET D 530 -52.17 38.87 -15.50
C MET D 530 -53.37 37.99 -15.14
N VAL D 531 -54.36 38.55 -14.44
CA VAL D 531 -55.53 37.77 -14.06
C VAL D 531 -56.34 37.32 -15.27
N GLU D 532 -56.24 38.04 -16.40
CA GLU D 532 -57.00 37.64 -17.58
C GLU D 532 -56.30 36.54 -18.37
N LYS D 533 -54.98 36.65 -18.53
CA LYS D 533 -54.21 35.66 -19.29
C LYS D 533 -53.83 34.43 -18.47
N GLY D 534 -54.34 34.30 -17.25
CA GLY D 534 -54.05 33.15 -16.42
C GLY D 534 -52.69 33.12 -15.76
N ILE D 535 -51.92 34.20 -15.82
CA ILE D 535 -50.60 34.24 -15.20
C ILE D 535 -50.82 34.66 -13.76
N ILE D 536 -51.01 33.68 -12.88
CA ILE D 536 -51.26 33.94 -11.46
C ILE D 536 -50.42 32.99 -10.61
N ASP D 537 -50.03 33.48 -9.44
CA ASP D 537 -49.24 32.71 -8.48
C ASP D 537 -50.02 32.58 -7.19
N SER D 538 -49.63 31.60 -6.38
CA SER D 538 -50.29 31.39 -5.10
C SER D 538 -49.74 32.39 -4.09
N THR D 539 -50.65 33.00 -3.31
CA THR D 539 -50.23 33.97 -2.31
C THR D 539 -49.27 33.36 -1.31
N ASN D 540 -49.44 32.07 -1.00
CA ASN D 540 -48.54 31.44 -0.03
C ASN D 540 -47.12 31.41 -0.56
N VAL D 541 -46.94 31.20 -1.87
CA VAL D 541 -45.61 31.17 -2.45
C VAL D 541 -44.92 32.52 -2.32
N ILE D 542 -45.62 33.59 -2.68
CA ILE D 542 -45.03 34.93 -2.60
C ILE D 542 -44.75 35.31 -1.15
N ILE D 543 -45.69 35.01 -0.25
CA ILE D 543 -45.51 35.32 1.16
C ILE D 543 -44.30 34.59 1.71
N SER D 544 -44.17 33.30 1.38
CA SER D 544 -43.03 32.51 1.86
C SER D 544 -41.73 33.03 1.26
N VAL D 545 -41.76 33.45 -0.01
CA VAL D 545 -40.55 33.97 -0.65
C VAL D 545 -40.05 35.20 0.10
N ILE D 546 -40.94 36.16 0.33
CA ILE D 546 -40.54 37.39 1.01
C ILE D 546 -40.11 37.11 2.45
N LYS D 547 -40.86 36.26 3.16
CA LYS D 547 -40.52 35.95 4.54
C LYS D 547 -39.17 35.26 4.64
N ASN D 548 -38.92 34.27 3.77
CA ASN D 548 -37.65 33.55 3.80
C ASN D 548 -36.49 34.47 3.46
N SER D 549 -36.65 35.30 2.43
CA SER D 549 -35.57 36.21 2.06
C SER D 549 -35.24 37.17 3.19
N CYS D 550 -36.28 37.78 3.79
CA CYS D 550 -36.04 38.72 4.89
C CYS D 550 -35.43 38.02 6.09
N SER D 551 -35.88 36.80 6.41
CA SER D 551 -35.34 36.08 7.55
C SER D 551 -33.87 35.75 7.34
N ILE D 552 -33.50 35.29 6.13
CA ILE D 552 -32.10 34.97 5.86
C ILE D 552 -31.25 36.22 5.92
N ALA D 553 -31.76 37.34 5.38
CA ALA D 553 -31.00 38.58 5.41
C ALA D 553 -30.75 39.04 6.85
N SER D 554 -31.79 39.02 7.68
CA SER D 554 -31.64 39.43 9.07
C SER D 554 -30.69 38.49 9.82
N MET D 555 -30.80 37.19 9.55
CA MET D 555 -29.93 36.22 10.21
C MET D 555 -28.47 36.46 9.84
N VAL D 556 -28.20 36.74 8.56
CA VAL D 556 -26.83 37.01 8.14
C VAL D 556 -26.32 38.30 8.76
N LEU D 557 -27.20 39.32 8.85
CA LEU D 557 -26.78 40.59 9.45
C LEU D 557 -26.46 40.41 10.93
N THR D 558 -27.18 39.52 11.61
CA THR D 558 -26.93 39.29 13.03
C THR D 558 -25.70 38.41 13.25
N THR D 559 -25.35 37.59 12.26
CA THR D 559 -24.18 36.71 12.38
C THR D 559 -22.90 37.54 12.51
N GLU D 560 -22.05 37.16 13.46
CA GLU D 560 -20.80 37.86 13.71
C GLU D 560 -19.58 36.95 13.84
N CYS D 561 -19.70 35.69 13.41
CA CYS D 561 -18.55 34.80 13.53
C CYS D 561 -18.71 33.58 12.64
N MET D 562 -17.58 33.08 12.15
CA MET D 562 -17.53 31.91 11.29
C MET D 562 -16.34 31.05 11.70
N MET D 563 -16.53 29.73 11.65
CA MET D 563 -15.50 28.76 12.04
C MET D 563 -15.44 27.71 10.93
N VAL D 564 -14.30 27.65 10.24
CA VAL D 564 -14.09 26.72 9.14
C VAL D 564 -12.91 25.80 9.46
N ASP D 565 -13.06 24.51 9.13
CA ASP D 565 -11.97 23.60 9.42
C ASP D 565 -10.85 23.78 8.40
N HIS D 566 -9.70 23.16 8.68
CA HIS D 566 -8.52 23.23 7.82
C HIS D 566 -8.02 24.67 7.67
N GLU D 567 -7.63 25.25 8.81
CA GLU D 567 -7.12 26.62 8.85
C GLU D 567 -5.92 26.81 7.94
N GLY E 5 -16.03 20.84 -5.38
CA GLY E 5 -16.03 22.25 -5.72
C GLY E 5 -16.29 22.50 -7.20
N LYS E 6 -17.17 23.46 -7.48
CA LYS E 6 -17.51 23.81 -8.85
C LYS E 6 -16.81 25.09 -9.31
N ASP E 7 -16.62 25.18 -10.62
CA ASP E 7 -15.99 26.31 -11.28
C ASP E 7 -17.04 26.84 -12.25
N ILE E 8 -17.55 28.04 -11.96
CA ILE E 8 -18.60 28.66 -12.76
C ILE E 8 -18.03 29.75 -13.66
N ILE E 9 -18.55 29.82 -14.88
CA ILE E 9 -18.14 30.81 -15.87
C ILE E 9 -19.38 31.23 -16.65
N TYR E 10 -19.58 32.53 -16.82
CA TYR E 10 -20.75 33.04 -17.51
C TYR E 10 -20.38 33.79 -18.79
N GLY E 11 -21.44 34.14 -19.51
CA GLY E 11 -21.41 34.92 -20.74
C GLY E 11 -20.43 34.49 -21.80
N ASN E 12 -19.76 35.49 -22.38
CA ASN E 12 -18.81 35.30 -23.48
C ASN E 12 -17.77 34.23 -23.16
N GLU E 13 -17.32 34.15 -21.91
CA GLU E 13 -16.32 33.13 -21.58
C GLU E 13 -16.88 31.73 -21.78
N CYS E 14 -18.08 31.49 -21.26
CA CYS E 14 -18.71 30.19 -21.43
C CYS E 14 -18.96 29.87 -22.90
N ARG E 15 -19.56 30.83 -23.63
CA ARG E 15 -19.85 30.61 -25.03
C ARG E 15 -18.60 30.40 -25.88
N ASN E 16 -17.55 31.19 -25.65
CA ASN E 16 -16.34 31.04 -26.45
C ASN E 16 -15.64 29.72 -26.15
N GLU E 17 -15.64 29.27 -24.89
CA GLU E 17 -15.00 28.00 -24.61
C GLU E 17 -15.78 26.85 -25.25
N LEU E 18 -17.11 26.91 -25.19
CA LEU E 18 -17.90 25.88 -25.85
C LEU E 18 -17.64 25.92 -27.35
N LEU E 19 -17.48 27.12 -27.89
CA LEU E 19 -17.22 27.29 -29.32
C LEU E 19 -15.86 26.74 -29.71
N LYS E 20 -14.84 26.90 -28.87
CA LYS E 20 -13.54 26.35 -29.25
C LYS E 20 -13.61 24.83 -29.26
N GLY E 21 -14.36 24.23 -28.31
CA GLY E 21 -14.48 22.78 -28.35
C GLY E 21 -15.21 22.33 -29.62
N ILE E 22 -16.28 23.03 -29.96
CA ILE E 22 -17.05 22.75 -31.17
C ILE E 22 -16.15 22.86 -32.40
N LEU E 23 -15.34 23.92 -32.45
CA LEU E 23 -14.44 24.13 -33.57
C LEU E 23 -13.38 23.05 -33.64
N THR E 24 -12.95 22.52 -32.48
CA THR E 24 -11.97 21.43 -32.51
C THR E 24 -12.58 20.22 -33.19
N VAL E 25 -13.80 19.88 -32.79
CA VAL E 25 -14.48 18.73 -33.41
C VAL E 25 -14.63 18.94 -34.90
N SER E 26 -15.04 20.15 -35.31
CA SER E 26 -15.21 20.42 -36.74
C SER E 26 -13.89 20.38 -37.50
N ASP E 27 -12.83 20.96 -36.93
CA ASP E 27 -11.54 20.97 -37.61
C ASP E 27 -11.01 19.55 -37.79
N VAL E 28 -11.36 18.64 -36.90
CA VAL E 28 -10.88 17.26 -37.06
C VAL E 28 -11.80 16.43 -37.94
N VAL E 29 -13.10 16.75 -38.01
CA VAL E 29 -14.03 15.96 -38.81
C VAL E 29 -14.11 16.42 -40.27
N LYS E 30 -14.14 17.73 -40.54
CA LYS E 30 -14.27 18.22 -41.90
C LYS E 30 -13.23 17.67 -42.87
N LEU E 31 -12.11 17.15 -42.37
CA LEU E 31 -11.09 16.60 -43.27
C LEU E 31 -11.53 15.31 -43.94
N THR E 32 -12.54 14.63 -43.40
CA THR E 32 -13.04 13.38 -43.96
C THR E 32 -14.33 13.56 -44.75
N LEU E 33 -14.75 14.79 -44.99
CA LEU E 33 -15.98 15.02 -45.74
C LEU E 33 -15.80 14.68 -47.21
N GLY E 34 -16.77 13.95 -47.76
CA GLY E 34 -16.73 13.55 -49.15
C GLY E 34 -16.01 12.24 -49.35
N PRO E 35 -16.13 11.67 -50.56
CA PRO E 35 -15.44 10.40 -50.84
C PRO E 35 -13.93 10.54 -50.91
N ARG E 36 -13.44 11.72 -51.29
CA ARG E 36 -12.01 11.97 -51.41
C ARG E 36 -11.45 12.66 -50.16
N GLY E 37 -12.02 12.35 -48.99
CA GLY E 37 -11.55 12.94 -47.77
C GLY E 37 -10.13 12.52 -47.41
N ARG E 38 -9.48 13.36 -46.61
CA ARG E 38 -8.11 13.09 -46.19
C ARG E 38 -8.10 12.03 -45.09
N ASN E 39 -6.89 11.60 -44.74
CA ASN E 39 -6.68 10.58 -43.72
C ASN E 39 -6.41 11.21 -42.37
N VAL E 40 -6.78 10.49 -41.32
CA VAL E 40 -6.58 10.92 -39.94
C VAL E 40 -5.95 9.77 -39.18
N LEU E 41 -4.85 10.04 -38.48
CA LEU E 41 -4.13 9.03 -37.72
C LEU E 41 -4.57 9.06 -36.27
N LEU E 42 -5.00 7.89 -35.78
CA LEU E 42 -5.46 7.73 -34.40
C LEU E 42 -4.55 6.70 -33.75
N GLU E 43 -3.86 7.08 -32.68
CA GLU E 43 -3.00 6.14 -32.00
C GLU E 43 -3.81 5.46 -30.91
N LYS E 44 -3.75 4.14 -30.86
CA LYS E 44 -4.45 3.39 -29.83
C LYS E 44 -3.46 3.10 -28.73
N GLU E 45 -3.89 3.25 -27.48
CA GLU E 45 -2.96 2.95 -26.40
C GLU E 45 -2.61 1.48 -26.37
N TYR E 46 -3.44 0.64 -26.99
CA TYR E 46 -3.19 -0.79 -27.04
C TYR E 46 -1.91 -1.13 -27.81
N GLY E 47 -1.38 -0.20 -28.60
CA GLY E 47 -0.13 -0.43 -29.32
C GLY E 47 -0.19 -0.31 -30.83
N SER E 48 -1.35 -0.12 -31.46
CA SER E 48 -1.43 -0.06 -32.92
C SER E 48 -2.06 1.23 -33.43
N PRO E 49 -1.46 1.89 -34.42
CA PRO E 49 -2.05 3.12 -34.97
C PRO E 49 -2.98 2.80 -36.14
N LEU E 50 -4.06 3.58 -36.25
CA LEU E 50 -5.07 3.39 -37.28
C LEU E 50 -5.24 4.63 -38.15
N ILE E 51 -5.27 4.42 -39.47
CA ILE E 51 -5.47 5.49 -40.43
C ILE E 51 -6.93 5.39 -40.86
N ILE E 52 -7.76 6.32 -40.40
CA ILE E 52 -9.18 6.28 -40.71
C ILE E 52 -9.60 7.48 -41.56
N ASN E 53 -10.70 7.27 -42.29
CA ASN E 53 -11.33 8.27 -43.15
C ASN E 53 -12.79 8.45 -42.80
N ASP E 54 -13.31 7.74 -41.79
CA ASP E 54 -14.70 7.84 -41.38
C ASP E 54 -14.82 8.90 -40.29
N GLY E 55 -15.72 9.86 -40.50
CA GLY E 55 -15.88 10.93 -39.53
C GLY E 55 -16.48 10.50 -38.20
N VAL E 56 -17.39 9.53 -38.22
CA VAL E 56 -18.03 9.08 -36.97
C VAL E 56 -17.02 8.39 -36.06
N THR E 57 -16.26 7.44 -36.60
CA THR E 57 -15.28 6.71 -35.78
C THR E 57 -14.22 7.64 -35.20
N ILE E 58 -13.76 8.62 -35.98
CA ILE E 58 -12.73 9.53 -35.48
C ILE E 58 -13.33 10.51 -34.48
N ALA E 59 -14.54 11.01 -34.75
CA ALA E 59 -15.17 11.95 -33.84
C ALA E 59 -15.51 11.31 -32.50
N LYS E 60 -15.77 10.00 -32.49
CA LYS E 60 -16.11 9.32 -31.24
C LYS E 60 -14.94 9.24 -30.25
N GLN E 61 -13.73 9.64 -30.65
CA GLN E 61 -12.57 9.58 -29.77
C GLN E 61 -11.98 10.93 -29.41
N ILE E 62 -12.55 12.03 -29.89
CA ILE E 62 -11.99 13.35 -29.58
C ILE E 62 -12.30 13.72 -28.13
N SER E 63 -11.27 14.17 -27.41
CA SER E 63 -11.41 14.57 -26.02
C SER E 63 -10.30 15.54 -25.66
N LEU E 64 -10.66 16.74 -25.24
CA LEU E 64 -9.69 17.77 -24.87
C LEU E 64 -9.39 17.70 -23.37
N LYS E 65 -8.13 18.02 -23.02
CA LYS E 65 -7.76 18.01 -21.61
C LYS E 65 -8.44 19.12 -20.83
N ASP E 66 -8.72 20.25 -21.47
CA ASP E 66 -9.38 21.36 -20.80
C ASP E 66 -10.82 20.94 -20.52
N ARG E 67 -11.12 20.64 -19.26
CA ARG E 67 -12.46 20.21 -18.88
C ARG E 67 -13.53 21.19 -19.33
N LYS E 68 -13.19 22.47 -19.45
CA LYS E 68 -14.16 23.46 -19.90
C LYS E 68 -14.35 23.38 -21.40
N LYS E 69 -13.26 23.39 -22.16
CA LYS E 69 -13.36 23.30 -23.62
C LYS E 69 -13.87 21.94 -24.03
N ASN E 70 -13.52 20.89 -23.29
CA ASN E 70 -13.99 19.53 -23.58
C ASN E 70 -15.51 19.42 -23.52
N ASN E 71 -16.16 20.34 -22.80
CA ASN E 71 -17.61 20.31 -22.70
C ASN E 71 -18.25 20.45 -24.07
N GLY E 72 -17.72 21.36 -24.90
CA GLY E 72 -18.26 21.52 -26.24
C GLY E 72 -18.12 20.25 -27.06
N VAL E 73 -16.95 19.59 -26.94
CA VAL E 73 -16.71 18.34 -27.64
C VAL E 73 -17.76 17.30 -27.24
N LYS E 74 -17.93 17.11 -25.93
CA LYS E 74 -18.92 16.13 -25.46
C LYS E 74 -20.32 16.51 -25.90
N LEU E 75 -20.64 17.81 -25.87
CA LEU E 75 -21.96 18.29 -26.27
C LEU E 75 -22.25 17.92 -27.71
N MET E 76 -21.29 18.15 -28.61
CA MET E 76 -21.51 17.79 -30.00
C MET E 76 -21.42 16.28 -30.23
N GLN E 77 -20.71 15.56 -29.37
CA GLN E 77 -20.64 14.10 -29.52
C GLN E 77 -21.96 13.46 -29.14
N GLU E 78 -22.71 14.11 -28.25
CA GLU E 78 -23.99 13.58 -27.81
C GLU E 78 -25.17 14.13 -28.62
N SER E 79 -25.08 15.37 -29.10
CA SER E 79 -26.18 15.92 -29.88
C SER E 79 -26.32 15.20 -31.21
N THR E 80 -25.23 14.71 -31.78
CA THR E 80 -25.25 13.97 -33.03
C THR E 80 -25.30 12.47 -32.80
N GLN E 81 -25.42 12.05 -31.53
CA GLN E 81 -25.49 10.64 -31.14
C GLN E 81 -24.25 9.86 -31.58
N ILE E 82 -23.10 10.55 -31.70
CA ILE E 82 -21.88 9.85 -32.10
C ILE E 82 -21.37 9.03 -30.93
N SER E 83 -21.35 9.61 -29.73
CA SER E 83 -20.92 8.90 -28.54
C SER E 83 -21.90 7.80 -28.16
N ASN E 84 -23.16 7.92 -28.60
CA ASN E 84 -24.22 6.96 -28.33
C ASN E 84 -24.23 5.82 -29.34
N ASP E 85 -23.34 5.85 -30.34
CA ASP E 85 -23.23 4.83 -31.38
C ASP E 85 -24.50 4.74 -32.23
N LYS E 86 -25.28 5.82 -32.30
CA LYS E 86 -26.50 5.87 -33.09
C LYS E 86 -26.46 6.98 -34.12
N ALA E 87 -25.27 7.48 -34.46
CA ALA E 87 -25.12 8.55 -35.44
C ALA E 87 -25.35 8.01 -36.84
N GLY E 88 -26.41 8.46 -37.50
CA GLY E 88 -26.72 8.03 -38.83
C GLY E 88 -25.82 8.71 -39.86
N ASP E 89 -26.28 8.72 -41.10
CA ASP E 89 -25.51 9.35 -42.16
C ASP E 89 -25.67 10.87 -42.09
N GLY E 90 -24.66 11.58 -42.57
CA GLY E 90 -24.67 13.02 -42.57
C GLY E 90 -24.17 13.71 -41.32
N THR E 91 -23.83 12.96 -40.27
CA THR E 91 -23.33 13.58 -39.05
C THR E 91 -22.03 14.34 -39.30
N SER E 92 -21.19 13.84 -40.20
CA SER E 92 -19.95 14.52 -40.52
C SER E 92 -20.23 15.92 -41.05
N SER E 93 -21.27 16.04 -41.87
CA SER E 93 -21.65 17.35 -42.40
C SER E 93 -22.31 18.19 -41.31
N THR E 94 -23.02 17.53 -40.39
CA THR E 94 -23.66 18.24 -39.29
C THR E 94 -22.64 18.95 -38.43
N ALA E 95 -21.48 18.32 -38.22
CA ALA E 95 -20.43 18.96 -37.42
C ALA E 95 -20.00 20.27 -38.05
N LEU E 96 -19.73 20.27 -39.36
CA LEU E 96 -19.30 21.47 -40.06
C LEU E 96 -20.38 22.54 -40.02
N MET E 97 -21.62 22.16 -40.32
CA MET E 97 -22.72 23.13 -40.33
C MET E 97 -22.89 23.76 -38.96
N THR E 98 -22.90 22.94 -37.91
CA THR E 98 -23.06 23.43 -36.56
C THR E 98 -21.92 24.35 -36.16
N ALA E 99 -20.68 23.97 -36.47
CA ALA E 99 -19.55 24.81 -36.09
C ALA E 99 -19.58 26.15 -36.80
N THR E 100 -19.87 26.16 -38.10
CA THR E 100 -19.90 27.43 -38.84
C THR E 100 -20.99 28.34 -38.30
N ILE E 101 -22.21 27.82 -38.17
CA ILE E 101 -23.32 28.64 -37.68
C ILE E 101 -23.05 29.12 -36.25
N THR E 102 -22.56 28.22 -35.39
CA THR E 102 -22.28 28.60 -34.00
C THR E 102 -21.19 29.65 -33.92
N LYS E 103 -20.16 29.54 -34.75
CA LYS E 103 -19.09 30.54 -34.71
C LYS E 103 -19.60 31.90 -35.13
N LYS E 104 -20.36 31.96 -36.24
CA LYS E 104 -20.89 33.24 -36.68
C LYS E 104 -21.85 33.83 -35.63
N GLY E 105 -22.66 32.98 -35.02
CA GLY E 105 -23.61 33.47 -34.02
C GLY E 105 -22.93 33.96 -32.76
N ILE E 106 -21.93 33.23 -32.28
CA ILE E 106 -21.22 33.66 -31.08
C ILE E 106 -20.43 34.93 -31.37
N GLU E 107 -19.82 35.02 -32.56
CA GLU E 107 -19.09 36.23 -32.91
C GLU E 107 -20.02 37.43 -32.96
N GLN E 108 -21.30 37.21 -33.30
CA GLN E 108 -22.22 38.34 -33.32
C GLN E 108 -22.74 38.66 -31.92
N VAL E 109 -23.09 37.63 -31.15
CA VAL E 109 -23.63 37.83 -29.80
C VAL E 109 -22.58 38.44 -28.87
N ASN E 110 -21.35 37.93 -28.91
CA ASN E 110 -20.30 38.45 -28.04
C ASN E 110 -19.99 39.93 -28.28
N ARG E 111 -20.44 40.47 -29.41
CA ARG E 111 -20.18 41.87 -29.74
C ARG E 111 -21.37 42.76 -29.36
N ASN E 112 -21.70 42.71 -28.07
CA ASN E 112 -22.79 43.48 -27.45
C ASN E 112 -24.15 43.28 -28.14
N HIS E 113 -24.36 42.16 -28.83
CA HIS E 113 -25.65 41.94 -29.47
C HIS E 113 -26.58 41.12 -28.57
N ASN E 114 -27.85 41.04 -28.99
CA ASN E 114 -28.90 40.31 -28.29
C ASN E 114 -29.02 38.90 -28.86
N PRO E 115 -28.92 37.85 -28.03
CA PRO E 115 -29.02 36.48 -28.57
C PRO E 115 -30.43 36.00 -28.84
N ILE E 116 -31.45 36.56 -28.19
CA ILE E 116 -32.83 36.10 -28.42
C ILE E 116 -33.28 36.31 -29.86
N PRO E 117 -33.15 37.51 -30.46
CA PRO E 117 -33.59 37.65 -31.86
C PRO E 117 -32.79 36.80 -32.83
N ILE E 118 -31.49 36.65 -32.60
CA ILE E 118 -30.67 35.82 -33.48
C ILE E 118 -31.14 34.37 -33.41
N GLN E 119 -31.45 33.90 -32.19
CA GLN E 119 -31.94 32.55 -32.02
C GLN E 119 -33.28 32.36 -32.71
N ARG E 120 -34.16 33.36 -32.60
CA ARG E 120 -35.46 33.29 -33.24
C ARG E 120 -35.30 33.18 -34.75
N GLY E 121 -34.43 34.02 -35.32
CA GLY E 121 -34.21 33.98 -36.76
C GLY E 121 -33.60 32.67 -37.21
N ILE E 122 -32.67 32.12 -36.42
CA ILE E 122 -32.04 30.85 -36.77
C ILE E 122 -33.07 29.73 -36.79
N GLN E 123 -33.92 29.66 -35.75
CA GLN E 123 -34.93 28.61 -35.71
C GLN E 123 -35.93 28.74 -36.86
N LEU E 124 -36.39 29.97 -37.13
CA LEU E 124 -37.34 30.16 -38.21
C LEU E 124 -36.72 29.77 -39.54
N ALA E 125 -35.47 30.18 -39.78
CA ALA E 125 -34.81 29.84 -41.02
C ALA E 125 -34.64 28.34 -41.14
N SER E 126 -34.35 27.65 -40.03
CA SER E 126 -34.18 26.20 -40.09
C SER E 126 -35.47 25.52 -40.51
N LYS E 127 -36.60 25.89 -39.88
CA LYS E 127 -37.88 25.27 -40.23
C LYS E 127 -38.26 25.57 -41.69
N MET E 128 -38.13 26.82 -42.11
CA MET E 128 -38.48 27.17 -43.48
C MET E 128 -37.58 26.46 -44.48
N ILE E 129 -36.29 26.35 -44.18
CA ILE E 129 -35.38 25.66 -45.09
C ILE E 129 -35.75 24.19 -45.15
N ILE E 130 -36.21 23.63 -44.03
CA ILE E 130 -36.64 22.23 -44.04
C ILE E 130 -37.81 22.05 -44.99
N GLU E 131 -38.76 22.99 -44.94
CA GLU E 131 -39.91 22.91 -45.85
C GLU E 131 -39.47 23.04 -47.30
N LYS E 132 -38.53 23.95 -47.57
CA LYS E 132 -38.05 24.13 -48.94
C LYS E 132 -37.37 22.87 -49.46
N ILE E 133 -36.48 22.28 -48.64
CA ILE E 133 -35.79 21.06 -49.04
C ILE E 133 -36.81 19.96 -49.29
N LYS E 134 -37.86 19.90 -48.47
CA LYS E 134 -38.90 18.90 -48.68
C LYS E 134 -39.58 19.14 -50.02
N SER E 135 -39.79 20.41 -50.37
CA SER E 135 -40.42 20.76 -51.64
C SER E 135 -39.49 20.53 -52.83
N LEU E 136 -38.20 20.29 -52.58
CA LEU E 136 -37.23 20.05 -53.65
C LEU E 136 -36.90 18.56 -53.80
N SER E 137 -37.62 17.68 -53.11
CA SER E 137 -37.38 16.25 -53.18
C SER E 137 -38.24 15.58 -54.24
N THR E 138 -37.79 14.41 -54.68
CA THR E 138 -38.44 13.58 -55.68
C THR E 138 -38.65 12.18 -55.11
N PRO E 139 -39.77 11.52 -55.41
CA PRO E 139 -39.99 10.16 -54.89
C PRO E 139 -39.03 9.14 -55.50
N ILE E 140 -38.88 8.03 -54.80
CA ILE E 140 -37.99 6.94 -55.22
C ILE E 140 -38.84 5.98 -56.05
N LYS E 141 -38.46 5.79 -57.32
CA LYS E 141 -39.23 4.91 -58.20
C LYS E 141 -38.42 3.74 -58.75
N THR E 142 -37.29 3.98 -59.41
CA THR E 142 -36.50 2.90 -59.98
C THR E 142 -35.54 2.29 -58.97
N TYR E 143 -35.10 1.06 -59.29
CA TYR E 143 -34.17 0.34 -58.43
C TYR E 143 -32.79 1.00 -58.42
N LYS E 144 -32.39 1.60 -59.56
CA LYS E 144 -31.09 2.26 -59.61
C LYS E 144 -31.02 3.39 -58.59
N ASP E 145 -32.15 4.03 -58.30
CA ASP E 145 -32.16 5.09 -57.30
C ASP E 145 -31.85 4.53 -55.93
N ILE E 146 -32.43 3.39 -55.59
CA ILE E 146 -32.16 2.76 -54.29
C ILE E 146 -30.70 2.36 -54.20
N LEU E 147 -30.17 1.75 -55.27
CA LEU E 147 -28.77 1.36 -55.26
C LEU E 147 -27.85 2.56 -55.09
N ASN E 148 -28.16 3.66 -55.79
CA ASN E 148 -27.33 4.86 -55.70
C ASN E 148 -27.40 5.46 -54.31
N ILE E 149 -28.60 5.53 -53.71
CA ILE E 149 -28.74 6.10 -52.38
C ILE E 149 -27.99 5.25 -51.36
N ALA E 150 -28.05 3.91 -51.52
CA ALA E 150 -27.34 3.03 -50.60
C ALA E 150 -25.83 3.17 -50.74
N THR E 151 -25.33 3.28 -51.97
CA THR E 151 -23.90 3.42 -52.18
C THR E 151 -23.39 4.77 -51.66
N ILE E 152 -24.16 5.84 -51.88
CA ILE E 152 -23.74 7.16 -51.42
C ILE E 152 -23.77 7.23 -49.90
N ALA E 153 -24.83 6.72 -49.28
CA ALA E 153 -24.93 6.76 -47.82
C ALA E 153 -23.97 5.80 -47.13
N SER E 154 -23.27 4.95 -47.87
CA SER E 154 -22.33 3.99 -47.30
C SER E 154 -20.87 4.34 -47.63
N ASN E 155 -20.60 5.63 -47.82
CA ASN E 155 -19.24 6.12 -48.13
C ASN E 155 -18.68 5.49 -49.41
N ASN E 156 -19.54 5.35 -50.42
CA ASN E 156 -19.17 4.81 -51.72
C ASN E 156 -18.64 3.37 -51.65
N ASP E 157 -19.40 2.50 -51.00
CA ASP E 157 -19.06 1.09 -50.87
C ASP E 157 -20.00 0.36 -51.82
N VAL E 158 -19.51 0.03 -53.02
CA VAL E 158 -20.33 -0.62 -54.03
C VAL E 158 -20.83 -1.99 -53.56
N HIS E 159 -20.01 -2.71 -52.80
CA HIS E 159 -20.43 -4.04 -52.33
C HIS E 159 -21.65 -3.95 -51.42
N MET E 160 -21.55 -3.17 -50.34
CA MET E 160 -22.69 -3.07 -49.45
C MET E 160 -23.88 -2.40 -50.14
N GLY E 161 -23.61 -1.46 -51.05
CA GLY E 161 -24.70 -0.83 -51.76
C GLY E 161 -25.47 -1.86 -52.57
N GLN E 162 -24.75 -2.74 -53.25
CA GLN E 162 -25.38 -3.81 -54.01
C GLN E 162 -26.11 -4.77 -53.08
N ILE E 163 -25.57 -5.01 -51.89
CA ILE E 163 -26.22 -5.90 -50.94
C ILE E 163 -27.57 -5.34 -50.54
N ILE E 164 -27.61 -4.06 -50.18
CA ILE E 164 -28.88 -3.43 -49.78
C ILE E 164 -29.84 -3.38 -50.98
N ALA E 165 -29.30 -3.07 -52.16
CA ALA E 165 -30.14 -3.01 -53.36
C ALA E 165 -30.77 -4.37 -53.65
N ASN E 166 -30.01 -5.45 -53.51
CA ASN E 166 -30.55 -6.78 -53.75
C ASN E 166 -31.51 -7.16 -52.63
N ALA E 167 -31.28 -6.67 -51.42
CA ALA E 167 -32.20 -6.97 -50.33
C ALA E 167 -33.54 -6.31 -50.58
N TYR E 168 -33.54 -5.19 -51.29
CA TYR E 168 -34.77 -4.49 -51.62
C TYR E 168 -35.39 -4.97 -52.92
N ASP E 169 -34.61 -5.55 -53.83
CA ASP E 169 -35.15 -6.05 -55.09
C ASP E 169 -35.82 -7.40 -54.90
N LYS E 170 -35.11 -8.35 -54.28
CA LYS E 170 -35.66 -9.68 -54.05
C LYS E 170 -36.74 -9.68 -52.98
N LEU E 171 -36.99 -8.54 -52.34
CA LEU E 171 -37.99 -8.36 -51.31
C LEU E 171 -38.80 -7.11 -51.67
N GLY E 172 -39.74 -6.73 -50.79
CA GLY E 172 -40.56 -5.56 -51.03
C GLY E 172 -39.89 -4.27 -50.54
N LYS E 173 -40.62 -3.16 -50.71
CA LYS E 173 -40.12 -1.86 -50.27
C LYS E 173 -40.36 -1.62 -48.79
N ASN E 174 -40.61 -2.70 -48.05
CA ASN E 174 -40.83 -2.70 -46.62
C ASN E 174 -40.15 -3.92 -46.03
N ALA E 175 -39.06 -4.35 -46.67
CA ALA E 175 -38.29 -5.51 -46.26
C ALA E 175 -37.65 -5.29 -44.90
N ALA E 176 -37.85 -6.26 -43.99
CA ALA E 176 -37.26 -6.21 -42.67
C ALA E 176 -35.86 -6.79 -42.78
N ILE E 177 -34.85 -5.94 -42.58
CA ILE E 177 -33.46 -6.32 -42.69
C ILE E 177 -32.84 -6.34 -41.30
N ILE E 178 -32.22 -7.46 -40.96
CA ILE E 178 -31.54 -7.65 -39.68
C ILE E 178 -30.06 -7.79 -39.97
N LEU E 179 -29.24 -7.12 -39.16
CA LEU E 179 -27.79 -7.15 -39.31
C LEU E 179 -27.22 -8.05 -38.23
N ASP E 180 -26.56 -9.14 -38.65
CA ASP E 180 -25.97 -10.09 -37.72
C ASP E 180 -24.49 -10.23 -38.01
N ASP E 181 -23.74 -10.57 -36.96
CA ASP E 181 -22.30 -10.73 -37.09
C ASP E 181 -21.98 -12.03 -37.80
N ASN E 182 -20.89 -12.00 -38.58
CA ASN E 182 -20.43 -13.15 -39.34
C ASN E 182 -18.96 -13.40 -39.04
N ALA E 183 -18.54 -14.64 -39.23
CA ALA E 183 -17.15 -15.01 -38.99
C ALA E 183 -16.30 -14.91 -40.24
N ASP E 184 -16.90 -14.62 -41.40
CA ASP E 184 -16.15 -14.49 -42.64
C ASP E 184 -15.84 -13.02 -42.92
N ILE E 185 -15.07 -12.79 -43.98
CA ILE E 185 -14.71 -11.44 -44.37
C ILE E 185 -15.58 -10.91 -45.51
N ASN E 186 -16.37 -11.77 -46.14
CA ASN E 186 -17.25 -11.39 -47.24
C ASN E 186 -18.66 -11.26 -46.66
N ASP E 187 -19.15 -10.03 -46.56
CA ASP E 187 -20.48 -9.78 -46.01
C ASP E 187 -21.53 -10.49 -46.86
N LYS E 188 -22.03 -11.63 -46.40
CA LYS E 188 -23.02 -12.36 -47.17
C LYS E 188 -24.43 -11.92 -46.81
N LEU E 189 -25.35 -12.17 -47.74
CA LEU E 189 -26.76 -11.82 -47.57
C LEU E 189 -27.60 -13.06 -47.80
N GLU E 190 -28.54 -13.33 -46.89
CA GLU E 190 -29.42 -14.47 -46.99
C GLU E 190 -30.85 -14.03 -46.73
N PHE E 191 -31.80 -14.89 -47.06
CA PHE E 191 -33.22 -14.60 -46.90
C PHE E 191 -33.90 -15.76 -46.18
N THR E 192 -34.81 -15.43 -45.27
CA THR E 192 -35.53 -16.45 -44.51
C THR E 192 -36.99 -16.07 -44.38
N GLU E 193 -37.86 -17.08 -44.51
CA GLU E 193 -39.30 -16.86 -44.41
C GLU E 193 -39.66 -16.35 -43.01
N GLY E 194 -40.56 -15.39 -42.96
CA GLY E 194 -40.97 -14.85 -41.68
C GLY E 194 -42.19 -13.96 -41.79
N TYR E 195 -42.63 -13.48 -40.63
CA TYR E 195 -43.78 -12.60 -40.49
C TYR E 195 -43.34 -11.26 -39.93
N ASN E 196 -43.87 -10.18 -40.50
CA ASN E 196 -43.52 -8.83 -40.07
C ASN E 196 -44.77 -7.97 -40.02
N PHE E 197 -45.10 -7.44 -38.85
CA PHE E 197 -46.24 -6.56 -38.70
C PHE E 197 -45.74 -5.15 -38.36
N ASP E 198 -46.66 -4.24 -38.08
CA ASP E 198 -46.31 -2.84 -37.83
C ASP E 198 -46.35 -2.43 -36.36
N ARG E 199 -45.88 -3.25 -35.44
CA ARG E 199 -45.85 -2.90 -34.03
C ARG E 199 -44.42 -2.94 -33.51
N GLY E 200 -44.16 -2.20 -32.44
CA GLY E 200 -42.82 -2.14 -31.88
C GLY E 200 -42.68 -2.23 -30.37
N ILE E 201 -41.81 -1.39 -29.82
CA ILE E 201 -41.54 -1.37 -28.38
C ILE E 201 -42.35 -0.23 -27.80
N ILE E 202 -43.57 -0.56 -27.33
CA ILE E 202 -44.48 0.42 -26.74
C ILE E 202 -43.91 1.13 -25.52
N ASN E 203 -42.94 0.53 -24.84
CA ASN E 203 -42.34 1.12 -23.63
C ASN E 203 -40.83 1.04 -23.71
N PRO E 204 -40.13 2.17 -23.96
CA PRO E 204 -38.67 2.12 -24.08
C PRO E 204 -37.93 1.54 -22.89
N TYR E 205 -38.56 1.41 -21.71
CA TYR E 205 -37.83 0.83 -20.60
C TYR E 205 -37.42 -0.61 -20.88
N LEU E 206 -37.98 -1.24 -21.92
CA LEU E 206 -37.60 -2.60 -22.26
C LEU E 206 -36.24 -2.68 -22.93
N LEU E 207 -35.67 -1.54 -23.31
CA LEU E 207 -34.35 -1.51 -23.94
C LEU E 207 -33.30 -0.91 -23.03
N TYR E 208 -33.58 -0.76 -21.74
CA TYR E 208 -32.62 -0.20 -20.81
C TYR E 208 -31.64 -1.22 -20.26
N ASN E 209 -31.96 -2.51 -20.35
CA ASN E 209 -31.05 -3.53 -19.88
C ASN E 209 -29.79 -3.48 -20.73
N GLU E 210 -29.88 -4.02 -21.94
CA GLU E 210 -28.80 -4.02 -22.91
C GLU E 210 -28.97 -2.82 -23.86
N ASN E 211 -27.87 -2.15 -24.17
CA ASN E 211 -27.92 -0.98 -25.05
C ASN E 211 -27.73 -1.42 -26.50
N LYS E 212 -28.74 -2.12 -27.01
CA LYS E 212 -28.78 -2.61 -28.38
C LYS E 212 -29.90 -1.98 -29.19
N ASP E 213 -30.74 -1.16 -28.57
CA ASP E 213 -31.88 -0.45 -29.14
C ASP E 213 -32.98 -1.38 -29.64
N TYR E 214 -32.76 -2.69 -29.57
CA TYR E 214 -33.76 -3.65 -30.02
C TYR E 214 -33.76 -4.84 -29.07
N ILE E 215 -34.68 -5.78 -29.33
CA ILE E 215 -34.82 -7.00 -28.55
C ILE E 215 -34.68 -8.18 -29.50
N GLU E 216 -33.82 -9.13 -29.17
CA GLU E 216 -33.58 -10.30 -30.01
C GLU E 216 -33.61 -11.54 -29.12
N TYR E 217 -34.65 -12.36 -29.28
CA TYR E 217 -34.82 -13.58 -28.50
C TYR E 217 -34.90 -14.80 -29.42
N SER E 218 -34.18 -15.86 -29.06
CA SER E 218 -34.13 -17.09 -29.83
C SER E 218 -35.01 -18.15 -29.18
N GLN E 219 -35.81 -18.85 -30.01
CA GLN E 219 -36.72 -19.90 -29.55
C GLN E 219 -37.71 -19.34 -28.52
N VAL E 220 -38.56 -18.44 -29.00
CA VAL E 220 -39.53 -17.78 -28.15
C VAL E 220 -40.86 -18.51 -28.19
N SER E 221 -41.64 -18.35 -27.12
CA SER E 221 -42.96 -18.94 -26.99
C SER E 221 -43.97 -17.80 -27.14
N THR E 222 -44.90 -17.93 -28.07
CA THR E 222 -45.89 -16.89 -28.32
C THR E 222 -47.21 -17.14 -27.60
N LEU E 223 -47.79 -16.05 -27.10
CA LEU E 223 -49.08 -16.05 -26.39
C LEU E 223 -49.84 -14.89 -27.04
N ILE E 224 -50.66 -15.21 -28.03
CA ILE E 224 -51.43 -14.22 -28.79
C ILE E 224 -52.87 -14.24 -28.32
N THR E 225 -53.39 -13.07 -27.95
CA THR E 225 -54.76 -12.92 -27.51
C THR E 225 -55.43 -11.82 -28.31
N ASP E 226 -56.71 -11.55 -28.00
CA ASP E 226 -57.49 -10.53 -28.69
C ASP E 226 -58.14 -9.51 -27.76
N GLN E 227 -58.30 -9.83 -26.48
CA GLN E 227 -58.92 -8.91 -25.53
C GLN E 227 -57.86 -8.02 -24.89
N ASN E 228 -58.26 -7.27 -23.87
CA ASN E 228 -57.36 -6.39 -23.15
C ASN E 228 -56.96 -7.07 -21.85
N ILE E 229 -55.66 -7.28 -21.67
CA ILE E 229 -55.13 -7.96 -20.48
C ILE E 229 -55.23 -7.05 -19.25
N ASP E 230 -56.19 -7.33 -18.38
CA ASP E 230 -56.35 -6.55 -17.16
C ASP E 230 -55.89 -7.35 -15.95
N ILE E 232 -54.48 -8.79 -13.27
CA ILE E 232 -53.17 -9.33 -13.55
C ILE E 232 -53.17 -10.85 -13.41
N GLN E 233 -54.06 -11.37 -12.58
CA GLN E 233 -54.14 -12.81 -12.38
C GLN E 233 -54.77 -13.51 -13.57
N SER E 234 -54.23 -13.24 -14.76
CA SER E 234 -54.68 -13.84 -16.00
C SER E 234 -53.55 -14.59 -16.69
N ILE E 235 -52.30 -14.14 -16.49
CA ILE E 235 -51.11 -14.76 -17.02
C ILE E 235 -50.25 -15.33 -15.91
N LEU E 236 -50.73 -15.28 -14.66
CA LEU E 236 -49.98 -15.79 -13.53
C LEU E 236 -49.53 -17.25 -13.70
N PRO E 237 -50.36 -18.18 -14.18
CA PRO E 237 -49.85 -19.55 -14.34
C PRO E 237 -48.73 -19.63 -15.36
N ILE E 238 -48.87 -18.93 -16.49
CA ILE E 238 -47.83 -18.94 -17.51
C ILE E 238 -46.56 -18.27 -16.98
N LEU E 239 -46.72 -17.16 -16.26
CA LEU E 239 -45.55 -16.46 -15.72
C LEU E 239 -44.80 -17.32 -14.71
N GLU E 240 -45.55 -17.96 -13.79
CA GLU E 240 -44.89 -18.82 -12.81
C GLU E 240 -44.22 -20.01 -13.47
N ILE E 241 -44.88 -20.59 -14.49
CA ILE E 241 -44.29 -21.73 -15.19
C ILE E 241 -42.99 -21.33 -15.88
N PHE E 242 -42.99 -20.17 -16.55
CA PHE E 242 -41.81 -19.69 -17.25
C PHE E 242 -40.74 -19.12 -16.34
N ALA E 243 -41.06 -18.84 -15.07
CA ALA E 243 -40.05 -18.29 -14.18
C ALA E 243 -38.99 -19.32 -13.81
N LYS E 244 -39.34 -20.60 -13.82
CA LYS E 244 -38.37 -21.64 -13.49
C LYS E 244 -37.53 -22.08 -14.67
N ASN E 245 -38.10 -22.09 -15.89
CA ASN E 245 -37.33 -22.53 -17.04
C ASN E 245 -36.45 -21.43 -17.63
N LYS E 246 -36.80 -20.15 -17.45
CA LYS E 246 -36.03 -19.02 -17.96
C LYS E 246 -36.12 -18.92 -19.48
N GLN E 247 -37.23 -19.37 -20.06
CA GLN E 247 -37.37 -19.32 -21.51
C GLN E 247 -38.05 -18.02 -21.92
N PRO E 248 -37.67 -17.44 -23.06
CA PRO E 248 -38.29 -16.17 -23.49
C PRO E 248 -39.72 -16.38 -23.94
N LEU E 249 -40.57 -15.41 -23.59
CA LEU E 249 -41.99 -15.45 -23.93
C LEU E 249 -42.41 -14.10 -24.51
N CYS E 250 -43.31 -14.15 -25.48
CA CYS E 250 -43.83 -12.99 -26.18
C CYS E 250 -45.34 -12.96 -26.04
N ILE E 251 -45.88 -11.80 -25.66
CA ILE E 251 -47.32 -11.65 -25.48
C ILE E 251 -47.84 -10.59 -26.44
N ILE E 252 -48.81 -10.97 -27.28
CA ILE E 252 -49.39 -10.04 -28.24
C ILE E 252 -50.83 -9.77 -27.82
N ALA E 253 -51.02 -8.68 -27.07
CA ALA E 253 -52.34 -8.28 -26.59
C ALA E 253 -52.89 -7.15 -27.45
N ASP E 254 -54.03 -6.61 -27.05
CA ASP E 254 -54.67 -5.53 -27.80
C ASP E 254 -54.28 -4.14 -27.28
N ASP E 255 -54.34 -3.92 -25.97
CA ASP E 255 -54.01 -2.61 -25.42
C ASP E 255 -53.06 -2.62 -24.24
N PHE E 256 -52.95 -3.71 -23.48
CA PHE E 256 -52.03 -3.76 -22.34
C PHE E 256 -52.34 -2.66 -21.33
N SER E 257 -53.38 -2.86 -20.52
CA SER E 257 -53.85 -1.91 -19.51
C SER E 257 -52.72 -1.29 -18.69
N ASN E 258 -52.98 -0.08 -18.18
CA ASN E 258 -52.04 0.71 -17.39
C ASN E 258 -51.22 -0.09 -16.37
N GLU E 259 -51.90 -0.76 -15.44
CA GLU E 259 -51.22 -1.51 -14.39
C GLU E 259 -50.68 -2.88 -14.81
N VAL E 260 -51.05 -3.39 -15.98
CA VAL E 260 -50.55 -4.72 -16.34
C VAL E 260 -49.22 -4.61 -17.09
N LEU E 261 -48.58 -3.43 -17.04
CA LEU E 261 -47.30 -3.26 -17.70
C LEU E 261 -46.17 -2.91 -16.75
N GLN E 262 -46.46 -2.58 -15.50
CA GLN E 262 -45.42 -2.24 -14.54
C GLN E 262 -45.46 -3.07 -13.27
N THR E 263 -46.62 -3.59 -12.88
CA THR E 263 -46.71 -4.37 -11.65
C THR E 263 -45.77 -5.57 -11.64
N LEU E 264 -45.70 -6.31 -12.74
CA LEU E 264 -44.82 -7.49 -12.78
C LEU E 264 -44.03 -7.70 -14.06
N ILE E 265 -44.48 -7.20 -15.21
CA ILE E 265 -43.76 -7.48 -16.46
C ILE E 265 -42.47 -6.67 -16.58
N ILE E 266 -42.56 -5.35 -16.53
CA ILE E 266 -41.37 -4.52 -16.72
C ILE E 266 -40.37 -4.71 -15.57
N ASN E 267 -40.87 -4.89 -14.34
CA ASN E 267 -39.98 -5.06 -13.19
C ASN E 267 -39.33 -6.43 -13.16
N LYS E 268 -39.90 -7.44 -13.81
CA LYS E 268 -39.33 -8.77 -13.80
C LYS E 268 -38.31 -8.98 -14.92
N LEU E 269 -38.41 -8.22 -16.01
CA LEU E 269 -37.45 -8.36 -17.10
C LEU E 269 -36.02 -8.26 -16.61
N LYS E 270 -35.80 -7.59 -15.47
CA LYS E 270 -34.49 -7.47 -14.86
C LYS E 270 -34.33 -8.40 -13.68
N GLY E 271 -35.32 -9.28 -13.47
CA GLY E 271 -35.33 -10.25 -12.39
C GLY E 271 -35.04 -11.66 -12.89
N ALA E 272 -36.10 -12.42 -13.13
CA ALA E 272 -35.96 -13.79 -13.62
C ALA E 272 -36.90 -14.16 -14.75
N ILE E 273 -37.78 -13.26 -15.19
CA ILE E 273 -38.71 -13.50 -16.29
C ILE E 273 -38.35 -12.62 -17.47
N LYS E 274 -38.32 -13.21 -18.66
CA LYS E 274 -38.03 -12.49 -19.89
C LYS E 274 -39.31 -12.51 -20.73
N VAL E 275 -40.02 -11.39 -20.75
CA VAL E 275 -41.28 -11.26 -21.47
C VAL E 275 -41.23 -10.03 -22.37
N VAL E 276 -41.78 -10.16 -23.57
CA VAL E 276 -41.82 -9.08 -24.54
C VAL E 276 -43.28 -8.78 -24.87
N PRO E 277 -43.84 -7.69 -24.31
CA PRO E 277 -45.24 -7.32 -24.55
C PRO E 277 -45.46 -6.51 -25.82
N ILE E 278 -45.65 -7.16 -26.96
CA ILE E 278 -45.87 -6.45 -28.21
C ILE E 278 -47.37 -6.19 -28.34
N ARG E 279 -47.73 -5.15 -29.09
CA ARG E 279 -49.12 -4.77 -29.27
C ARG E 279 -49.72 -5.38 -30.53
N ALA E 280 -51.05 -5.30 -30.64
CA ALA E 280 -51.78 -5.86 -31.76
C ALA E 280 -51.59 -5.05 -33.03
N PRO E 281 -51.80 -5.67 -34.19
CA PRO E 281 -51.64 -4.97 -35.48
C PRO E 281 -52.73 -3.95 -35.78
N SER E 282 -52.75 -3.49 -37.04
CA SER E 282 -53.65 -2.48 -37.60
C SER E 282 -55.06 -2.48 -37.01
N PHE E 283 -55.54 -1.28 -36.69
CA PHE E 283 -56.84 -1.01 -36.08
C PHE E 283 -58.04 -1.57 -36.84
N GLY E 284 -59.18 -1.61 -36.16
CA GLY E 284 -60.44 -2.06 -36.73
C GLY E 284 -60.66 -3.57 -36.66
N ASP E 285 -61.40 -4.08 -37.65
CA ASP E 285 -61.68 -5.51 -37.71
C ASP E 285 -60.49 -6.32 -38.19
N ARG E 286 -59.62 -5.71 -38.99
CA ARG E 286 -58.43 -6.40 -39.48
C ARG E 286 -57.52 -6.84 -38.35
N ARG E 287 -57.68 -6.26 -37.15
CA ARG E 287 -56.84 -6.65 -36.03
C ARG E 287 -57.06 -8.12 -35.67
N LYS E 288 -58.34 -8.55 -35.65
CA LYS E 288 -58.64 -9.94 -35.34
C LYS E 288 -58.04 -10.87 -36.39
N ASP E 289 -58.22 -10.54 -37.67
CA ASP E 289 -57.67 -11.35 -38.75
C ASP E 289 -56.16 -11.46 -38.64
N TYR E 290 -55.48 -10.34 -38.39
CA TYR E 290 -54.03 -10.36 -38.24
C TYR E 290 -53.63 -11.23 -37.06
N LEU E 291 -54.36 -11.14 -35.95
CA LEU E 291 -54.05 -11.97 -34.79
C LEU E 291 -54.20 -13.45 -35.15
N LYS E 292 -55.22 -13.77 -35.94
CA LYS E 292 -55.43 -15.16 -36.36
C LYS E 292 -54.24 -15.63 -37.19
N ASP E 293 -53.79 -14.79 -38.12
CA ASP E 293 -52.63 -15.13 -38.94
C ASP E 293 -51.41 -15.34 -38.05
N LEU E 294 -51.25 -14.49 -37.04
CA LEU E 294 -50.13 -14.62 -36.10
C LEU E 294 -50.22 -15.93 -35.34
N CYS E 295 -51.44 -16.38 -35.04
CA CYS E 295 -51.63 -17.64 -34.32
C CYS E 295 -51.45 -18.83 -35.24
N ILE E 296 -51.47 -18.59 -36.55
CA ILE E 296 -51.28 -19.69 -37.50
C ILE E 296 -49.81 -19.82 -37.89
N VAL E 297 -49.06 -18.72 -37.91
CA VAL E 297 -47.64 -18.79 -38.26
C VAL E 297 -46.84 -19.46 -37.16
N THR E 298 -47.28 -19.34 -35.90
CA THR E 298 -46.58 -19.93 -34.77
C THR E 298 -47.38 -21.02 -34.06
N ASN E 299 -48.55 -21.37 -34.61
CA ASN E 299 -49.42 -22.41 -34.04
C ASN E 299 -49.81 -22.09 -32.59
N SER E 300 -50.49 -20.95 -32.43
CA SER E 300 -50.95 -20.48 -31.13
C SER E 300 -52.46 -20.64 -31.03
N LYS E 301 -52.94 -21.01 -29.84
CA LYS E 301 -54.38 -21.20 -29.60
C LYS E 301 -55.00 -19.83 -29.35
N TYR E 302 -55.34 -19.14 -30.44
CA TYR E 302 -55.94 -17.81 -30.43
C TYR E 302 -57.02 -17.67 -29.35
N ILE E 303 -56.77 -16.77 -28.40
CA ILE E 303 -57.69 -16.51 -27.29
C ILE E 303 -58.51 -15.28 -27.63
N SER E 304 -59.83 -15.40 -27.51
CA SER E 304 -60.73 -14.30 -27.81
C SER E 304 -62.14 -14.66 -27.38
N ALA E 305 -62.94 -13.63 -27.09
CA ALA E 305 -64.32 -13.85 -26.66
C ALA E 305 -65.20 -14.34 -27.80
N ASP E 306 -64.80 -14.14 -29.05
CA ASP E 306 -65.63 -14.63 -30.16
C ASP E 306 -65.66 -16.15 -30.14
N VAL E 307 -64.56 -16.76 -29.74
CA VAL E 307 -64.45 -18.19 -29.59
C VAL E 307 -64.64 -18.45 -28.10
N GLY E 308 -65.02 -19.67 -27.74
CA GLY E 308 -65.24 -20.03 -26.35
C GLY E 308 -64.25 -19.59 -25.28
N LEU E 309 -62.97 -19.42 -25.65
CA LEU E 309 -61.90 -19.06 -24.72
C LEU E 309 -61.84 -17.59 -24.31
N ASP E 310 -62.41 -17.28 -23.14
CA ASP E 310 -62.37 -15.92 -22.59
C ASP E 310 -61.14 -15.84 -21.69
N LEU E 311 -60.37 -14.75 -21.83
CA LEU E 311 -59.16 -14.55 -21.03
C LEU E 311 -59.45 -14.21 -19.57
N ASN E 312 -60.70 -13.96 -19.21
CA ASN E 312 -61.06 -13.58 -17.84
C ASN E 312 -61.54 -14.72 -16.95
N ASN E 313 -61.68 -15.95 -17.47
CA ASN E 313 -62.15 -17.04 -16.61
C ASN E 313 -61.45 -18.35 -16.95
N LEU E 314 -60.61 -18.80 -16.01
CA LEU E 314 -59.86 -20.06 -16.08
C LEU E 314 -60.55 -21.14 -15.26
N HIS E 315 -61.88 -21.17 -15.28
CA HIS E 315 -62.65 -22.15 -14.50
C HIS E 315 -63.13 -23.33 -15.34
N ASN E 316 -63.88 -23.05 -16.42
CA ASN E 316 -64.37 -24.15 -17.24
C ASN E 316 -63.32 -24.65 -18.22
N GLN E 317 -62.45 -23.76 -18.70
CA GLN E 317 -61.40 -24.14 -19.65
C GLN E 317 -60.22 -24.76 -18.89
N MET E 318 -60.44 -25.99 -18.42
CA MET E 318 -59.39 -26.71 -17.70
C MET E 318 -59.33 -28.17 -18.12
N SER E 319 -60.22 -28.63 -19.00
CA SER E 319 -60.26 -30.00 -19.49
C SER E 319 -60.18 -30.06 -21.00
N SER E 320 -59.66 -29.02 -21.65
CA SER E 320 -59.54 -28.98 -23.11
C SER E 320 -58.10 -29.08 -23.59
N PHE E 321 -57.21 -28.21 -23.12
CA PHE E 321 -55.81 -28.27 -23.53
C PHE E 321 -55.04 -29.37 -22.80
N ASP E 322 -55.76 -30.35 -22.23
CA ASP E 322 -55.17 -31.46 -21.50
C ASP E 322 -54.40 -30.99 -20.27
N ASN E 323 -54.80 -29.84 -19.72
CA ASN E 323 -54.18 -29.26 -18.52
C ASN E 323 -52.72 -28.87 -18.76
N ASN E 324 -52.21 -29.10 -19.97
CA ASN E 324 -50.82 -28.77 -20.30
C ASN E 324 -50.76 -27.31 -20.73
N TYR E 325 -50.67 -26.43 -19.72
CA TYR E 325 -50.56 -24.98 -19.91
C TYR E 325 -49.47 -24.58 -20.90
N LEU E 326 -48.55 -25.50 -21.18
CA LEU E 326 -47.44 -25.25 -22.08
C LEU E 326 -47.78 -25.58 -23.54
N SER E 327 -48.89 -26.28 -23.79
CA SER E 327 -49.28 -26.65 -25.15
C SER E 327 -50.24 -25.68 -25.84
N LEU E 328 -50.97 -24.83 -25.12
CA LEU E 328 -51.88 -23.91 -25.79
C LEU E 328 -51.18 -22.74 -26.46
N LEU E 329 -49.94 -22.45 -26.09
CA LEU E 329 -49.22 -21.34 -26.70
C LEU E 329 -48.39 -21.87 -27.87
N GLY E 330 -47.91 -20.94 -28.71
CA GLY E 330 -47.12 -21.30 -29.86
C GLY E 330 -45.64 -21.07 -29.64
N SER E 331 -44.88 -21.21 -30.74
CA SER E 331 -43.44 -21.02 -30.65
C SER E 331 -42.90 -20.51 -31.97
N ALA E 332 -41.73 -19.87 -31.89
CA ALA E 332 -41.05 -19.31 -33.05
C ALA E 332 -39.54 -19.44 -32.83
N ASN E 333 -38.82 -19.39 -33.95
CA ASN E 333 -37.36 -19.53 -33.92
C ASN E 333 -36.70 -18.28 -33.32
N THR E 334 -36.93 -17.12 -33.92
CA THR E 334 -36.34 -15.88 -33.43
C THR E 334 -37.32 -14.74 -33.55
N LEU E 335 -37.26 -13.83 -32.57
CA LEU E 335 -38.10 -12.66 -32.48
C LEU E 335 -37.22 -11.44 -32.36
N ILE E 336 -37.43 -10.46 -33.24
CA ILE E 336 -36.66 -9.22 -33.27
C ILE E 336 -37.65 -8.07 -33.17
N VAL E 337 -37.66 -7.39 -32.03
CA VAL E 337 -38.55 -6.27 -31.76
C VAL E 337 -37.73 -4.99 -31.77
N LYS E 338 -37.92 -4.18 -32.80
CA LYS E 338 -37.27 -2.89 -32.94
C LYS E 338 -38.24 -1.84 -32.42
N LYS E 339 -37.93 -0.56 -32.65
CA LYS E 339 -38.86 0.49 -32.21
C LYS E 339 -40.19 0.34 -32.92
N ASP E 340 -40.15 -0.13 -34.16
CA ASP E 340 -41.31 -0.37 -35.00
C ASP E 340 -41.04 -1.61 -35.85
N ARG E 341 -42.09 -2.16 -36.46
CA ARG E 341 -42.00 -3.33 -37.31
C ARG E 341 -41.38 -4.56 -36.65
N THR E 342 -42.17 -5.27 -35.84
CA THR E 342 -41.68 -6.47 -35.19
C THR E 342 -41.53 -7.59 -36.22
N SER E 343 -40.53 -8.45 -36.02
CA SER E 343 -40.25 -9.54 -36.95
C SER E 343 -40.15 -10.87 -36.22
N LEU E 344 -40.67 -11.92 -36.85
CA LEU E 344 -40.67 -13.27 -36.31
C LEU E 344 -40.30 -14.27 -37.39
N ILE E 345 -39.31 -15.11 -37.12
CA ILE E 345 -38.90 -16.12 -38.09
C ILE E 345 -39.81 -17.34 -37.92
N THR E 346 -40.49 -17.72 -38.98
CA THR E 346 -41.42 -18.85 -38.94
C THR E 346 -40.68 -20.15 -38.61
N LYS E 347 -41.36 -21.01 -37.86
CA LYS E 347 -40.78 -22.29 -37.48
C LYS E 347 -40.77 -23.26 -38.66
N GLU E 348 -39.80 -24.16 -38.65
CA GLU E 348 -39.67 -25.15 -39.72
C GLU E 348 -40.75 -26.23 -39.68
N GLU E 349 -41.56 -26.27 -38.62
CA GLU E 349 -42.60 -27.29 -38.52
C GLU E 349 -43.95 -26.80 -39.04
N TYR E 350 -44.31 -25.55 -38.77
CA TYR E 350 -45.57 -25.00 -39.22
C TYR E 350 -45.52 -24.46 -40.64
N LYS E 351 -44.34 -24.50 -41.28
CA LYS E 351 -44.17 -23.99 -42.64
C LYS E 351 -45.28 -24.46 -43.57
N LYS E 352 -45.61 -25.76 -43.52
CA LYS E 352 -46.66 -26.27 -44.40
C LYS E 352 -48.01 -25.66 -44.08
N GLU E 353 -48.38 -25.64 -42.79
CA GLU E 353 -49.68 -25.10 -42.38
C GLU E 353 -49.88 -23.69 -42.91
N ILE E 354 -48.93 -22.80 -42.63
CA ILE E 354 -49.06 -21.41 -43.09
C ILE E 354 -49.22 -21.39 -44.60
N ASP E 355 -48.50 -22.25 -45.32
CA ASP E 355 -48.63 -22.28 -46.78
C ASP E 355 -50.07 -22.51 -47.16
N GLU E 356 -50.72 -23.51 -46.53
CA GLU E 356 -52.12 -23.78 -46.82
C GLU E 356 -52.94 -22.52 -46.61
N ARG E 357 -52.73 -21.86 -45.46
CA ARG E 357 -53.47 -20.63 -45.17
C ARG E 357 -53.28 -19.63 -46.30
N ILE E 358 -52.03 -19.45 -46.72
CA ILE E 358 -51.74 -18.50 -47.80
C ILE E 358 -52.56 -18.87 -49.03
N ASN E 359 -52.53 -20.16 -49.39
CA ASN E 359 -53.29 -20.61 -50.55
C ASN E 359 -54.76 -20.27 -50.40
N VAL E 360 -55.33 -20.55 -49.23
CA VAL E 360 -56.74 -20.24 -49.02
C VAL E 360 -56.97 -18.75 -49.21
N LEU E 361 -56.09 -17.92 -48.65
CA LEU E 361 -56.26 -16.49 -48.81
C LEU E 361 -56.20 -16.11 -50.29
N LYS E 362 -55.30 -16.75 -51.04
CA LYS E 362 -55.20 -16.45 -52.46
C LYS E 362 -56.52 -16.80 -53.15
N LYS E 363 -57.14 -17.91 -52.74
CA LYS E 363 -58.41 -18.29 -53.34
C LYS E 363 -59.47 -17.23 -53.07
N GLU E 364 -59.37 -16.53 -51.95
CA GLU E 364 -60.33 -15.48 -51.65
C GLU E 364 -59.97 -14.17 -52.31
N TYR E 365 -58.71 -14.01 -52.75
CA TYR E 365 -58.32 -12.77 -53.40
C TYR E 365 -58.89 -12.68 -54.81
N GLU E 366 -58.94 -13.80 -55.52
CA GLU E 366 -59.45 -13.86 -56.89
C GLU E 366 -60.92 -14.27 -56.96
N GLU E 367 -61.69 -14.06 -55.89
CA GLU E 367 -63.11 -14.41 -55.88
C GLU E 367 -64.00 -13.23 -55.53
N THR E 368 -63.44 -12.06 -55.25
CA THR E 368 -64.20 -10.86 -54.93
C THR E 368 -63.63 -9.71 -55.72
N THR E 369 -64.50 -8.79 -56.15
CA THR E 369 -64.06 -7.66 -56.95
C THR E 369 -64.07 -6.35 -56.19
N SER E 370 -64.39 -6.35 -54.89
CA SER E 370 -64.37 -5.13 -54.10
C SER E 370 -62.92 -4.78 -53.85
N LYS E 371 -62.37 -3.89 -54.69
CA LYS E 371 -60.98 -3.46 -54.65
C LYS E 371 -60.44 -3.18 -53.25
N TYR E 372 -61.25 -2.61 -52.36
CA TYR E 372 -60.75 -2.33 -51.02
C TYR E 372 -60.53 -3.62 -50.24
N ASP E 373 -61.41 -4.62 -50.47
CA ASP E 373 -61.23 -5.90 -49.80
C ASP E 373 -60.10 -6.65 -50.46
N LYS E 374 -59.92 -6.47 -51.78
CA LYS E 374 -58.82 -7.12 -52.46
C LYS E 374 -57.50 -6.57 -51.98
N GLU E 375 -57.46 -5.27 -51.64
CA GLU E 375 -56.22 -4.68 -51.14
C GLU E 375 -55.93 -5.16 -49.73
N LYS E 376 -56.97 -5.25 -48.88
CA LYS E 376 -56.72 -5.74 -47.53
C LYS E 376 -56.25 -7.20 -47.55
N LEU E 377 -56.91 -8.02 -48.37
CA LEU E 377 -56.50 -9.42 -48.46
C LEU E 377 -55.10 -9.54 -49.08
N ASN E 378 -54.79 -8.68 -50.05
CA ASN E 378 -53.47 -8.73 -50.68
C ASN E 378 -52.38 -8.37 -49.69
N GLU E 379 -52.60 -7.32 -48.88
CA GLU E 379 -51.60 -6.96 -47.88
C GLU E 379 -51.45 -8.07 -46.86
N ARG E 380 -52.55 -8.73 -46.49
CA ARG E 380 -52.46 -9.83 -45.53
C ARG E 380 -51.62 -10.98 -46.08
N ILE E 381 -51.88 -11.39 -47.34
CA ILE E 381 -51.09 -12.47 -47.92
C ILE E 381 -49.63 -12.06 -48.11
N ALA E 382 -49.39 -10.79 -48.47
CA ALA E 382 -48.02 -10.34 -48.66
C ALA E 382 -47.28 -10.34 -47.33
N ALA E 383 -47.97 -10.05 -46.24
CA ALA E 383 -47.32 -10.07 -44.93
C ALA E 383 -47.09 -11.52 -44.49
N LEU E 384 -48.04 -12.40 -44.76
CA LEU E 384 -47.90 -13.81 -44.40
C LEU E 384 -46.72 -14.46 -45.11
N SER E 385 -46.57 -14.20 -46.41
CA SER E 385 -45.46 -14.79 -47.14
C SER E 385 -44.19 -13.96 -46.91
N GLY E 386 -44.16 -12.74 -47.45
CA GLY E 386 -43.06 -11.82 -47.30
C GLY E 386 -41.68 -12.44 -47.25
N GLY E 387 -40.90 -12.01 -46.27
CA GLY E 387 -39.56 -12.51 -46.06
C GLY E 387 -38.78 -11.59 -45.16
N ILE E 388 -37.62 -12.07 -44.72
CA ILE E 388 -36.72 -11.33 -43.86
C ILE E 388 -35.31 -11.45 -44.41
N ALA E 389 -34.63 -10.32 -44.54
CA ALA E 389 -33.26 -10.30 -45.06
C ALA E 389 -32.29 -10.31 -43.89
N LYS E 390 -31.34 -11.24 -43.91
CA LYS E 390 -30.32 -11.38 -42.87
C LYS E 390 -28.97 -11.05 -43.50
N ILE E 391 -28.32 -10.00 -43.01
CA ILE E 391 -27.03 -9.58 -43.53
C ILE E 391 -25.95 -9.99 -42.54
N LEU E 392 -25.16 -11.00 -42.91
CA LEU E 392 -24.07 -11.48 -42.09
C LEU E 392 -22.86 -10.64 -42.49
N ILE E 393 -22.53 -9.66 -41.65
CA ILE E 393 -21.43 -8.73 -41.88
C ILE E 393 -20.17 -9.18 -41.18
N GLY E 394 -19.03 -9.01 -41.85
CA GLY E 394 -17.74 -9.38 -41.29
C GLY E 394 -16.68 -8.38 -41.68
N GLY E 395 -15.49 -8.57 -41.11
CA GLY E 395 -14.37 -7.70 -41.39
C GLY E 395 -13.08 -8.37 -40.94
N ASN E 396 -11.96 -7.68 -41.17
CA ASN E 396 -10.67 -8.23 -40.77
C ASN E 396 -10.24 -7.82 -39.37
N SER E 397 -11.14 -7.87 -38.39
CA SER E 397 -10.84 -7.53 -37.00
C SER E 397 -12.12 -7.64 -36.19
N GLU E 398 -11.97 -7.62 -34.86
CA GLU E 398 -13.14 -7.66 -33.99
C GLU E 398 -13.84 -6.31 -33.96
N THR E 399 -13.06 -5.22 -34.07
CA THR E 399 -13.60 -3.88 -34.08
C THR E 399 -14.13 -3.50 -35.46
N GLU E 400 -13.54 -4.05 -36.52
CA GLU E 400 -14.01 -3.74 -37.87
C GLU E 400 -15.44 -4.24 -38.07
N GLN E 401 -15.81 -5.34 -37.39
CA GLN E 401 -17.16 -5.85 -37.53
C GLN E 401 -18.18 -4.85 -36.98
N LYS E 402 -17.94 -4.35 -35.77
CA LYS E 402 -18.87 -3.38 -35.19
C LYS E 402 -18.83 -2.06 -35.97
N GLU E 403 -17.65 -1.66 -36.45
CA GLU E 403 -17.57 -0.42 -37.22
C GLU E 403 -18.39 -0.52 -38.49
N ARG E 404 -18.20 -1.61 -39.25
CA ARG E 404 -18.97 -1.83 -40.46
C ARG E 404 -20.44 -2.00 -40.14
N LYS E 405 -20.75 -2.55 -38.95
CA LYS E 405 -22.13 -2.72 -38.55
C LYS E 405 -22.80 -1.37 -38.36
N PHE E 406 -22.13 -0.44 -37.67
CA PHE E 406 -22.71 0.88 -37.47
C PHE E 406 -22.84 1.62 -38.80
N LYS E 407 -21.82 1.52 -39.65
CA LYS E 407 -21.85 2.20 -40.94
C LYS E 407 -23.00 1.68 -41.80
N TYR E 408 -23.10 0.36 -41.93
CA TYR E 408 -24.16 -0.24 -42.75
C TYR E 408 -25.53 -0.02 -42.12
N GLU E 409 -25.62 -0.02 -40.79
CA GLU E 409 -26.91 0.22 -40.15
C GLU E 409 -27.38 1.63 -40.47
N ALA E 410 -26.45 2.60 -40.41
CA ALA E 410 -26.79 3.97 -40.76
C ALA E 410 -27.21 4.07 -42.21
N ALA E 411 -26.51 3.33 -43.09
CA ALA E 411 -26.86 3.35 -44.51
C ALA E 411 -28.26 2.79 -44.75
N THR E 412 -28.58 1.68 -44.08
CA THR E 412 -29.91 1.08 -44.22
C THR E 412 -30.98 2.02 -43.68
N ASN E 413 -30.69 2.70 -42.57
CA ASN E 413 -31.66 3.65 -42.03
C ASN E 413 -31.86 4.80 -42.99
N ALA E 414 -30.77 5.22 -43.66
CA ALA E 414 -30.87 6.30 -44.63
C ALA E 414 -31.72 5.88 -45.82
N VAL E 415 -31.55 4.64 -46.30
CA VAL E 415 -32.35 4.17 -47.42
C VAL E 415 -33.81 4.04 -47.00
N LYS E 416 -34.07 3.63 -45.75
CA LYS E 416 -35.45 3.51 -45.27
C LYS E 416 -36.09 4.88 -45.18
N SER E 417 -35.36 5.87 -44.69
CA SER E 417 -35.90 7.22 -44.62
C SER E 417 -36.02 7.84 -46.01
N ALA E 418 -35.23 7.34 -46.96
CA ALA E 418 -35.23 7.84 -48.33
C ALA E 418 -36.40 7.28 -49.15
N ILE E 419 -36.84 6.05 -48.88
CA ILE E 419 -37.95 5.52 -49.64
C ILE E 419 -39.24 6.24 -49.30
N ASP E 420 -39.26 6.98 -48.19
CA ASP E 420 -40.48 7.71 -47.82
C ASP E 420 -40.61 8.99 -48.64
N ILE E 421 -39.72 9.95 -48.41
CA ILE E 421 -39.76 11.22 -49.12
C ILE E 421 -38.37 11.71 -49.54
N GLY E 422 -37.32 11.03 -49.08
CA GLY E 422 -35.96 11.49 -49.36
C GLY E 422 -35.12 11.12 -50.56
N TYR E 423 -35.14 11.97 -51.60
CA TYR E 423 -34.31 11.76 -52.79
C TYR E 423 -33.99 13.16 -53.35
N VAL E 424 -32.85 13.70 -52.92
CA VAL E 424 -32.39 15.04 -53.32
C VAL E 424 -30.99 14.96 -53.92
N PRO E 425 -30.61 15.86 -54.83
CA PRO E 425 -29.24 15.82 -55.39
C PRO E 425 -28.18 15.95 -54.31
N GLY E 426 -27.16 15.10 -54.42
CA GLY E 426 -26.06 15.08 -53.48
C GLY E 426 -25.01 16.14 -53.78
N GLY E 427 -23.81 15.91 -53.25
CA GLY E 427 -22.69 16.81 -53.43
C GLY E 427 -22.85 18.16 -52.78
N GLY E 428 -23.78 18.30 -51.83
CA GLY E 428 -23.98 19.57 -51.17
C GLY E 428 -24.64 20.63 -52.01
N VAL E 429 -25.11 20.29 -53.22
CA VAL E 429 -25.77 21.26 -54.07
C VAL E 429 -27.13 21.66 -53.51
N THR E 430 -27.74 20.79 -52.70
CA THR E 430 -29.03 21.13 -52.12
C THR E 430 -28.90 22.35 -51.22
N TYR E 431 -27.80 22.43 -50.46
CA TYR E 431 -27.58 23.58 -49.60
C TYR E 431 -27.26 24.82 -50.43
N LEU E 432 -26.68 24.62 -51.62
CA LEU E 432 -26.36 25.74 -52.50
C LEU E 432 -27.60 26.28 -53.20
N GLU E 433 -28.62 25.45 -53.38
CA GLU E 433 -29.83 25.88 -54.06
C GLU E 433 -30.58 26.93 -53.25
N ILE E 434 -30.66 26.76 -51.92
CA ILE E 434 -31.36 27.74 -51.11
C ILE E 434 -30.60 29.07 -51.10
N ILE E 435 -29.33 29.07 -51.48
CA ILE E 435 -28.56 30.30 -51.55
C ILE E 435 -28.70 30.96 -52.92
N LYS E 436 -28.64 30.15 -53.98
CA LYS E 436 -28.77 30.68 -55.33
C LYS E 436 -30.21 31.05 -55.67
N SER E 437 -31.20 30.41 -55.03
CA SER E 437 -32.60 30.72 -55.28
C SER E 437 -33.16 31.79 -54.34
N ASN E 438 -32.29 32.63 -53.78
CA ASN E 438 -32.63 33.72 -52.87
C ASN E 438 -33.78 33.41 -51.92
N PHE E 439 -33.73 32.25 -51.27
CA PHE E 439 -34.78 31.90 -50.31
C PHE E 439 -34.70 32.79 -49.08
N ILE E 440 -33.52 33.35 -48.83
CA ILE E 440 -33.31 34.24 -47.70
C ILE E 440 -34.22 35.47 -47.82
N GLN E 441 -34.51 35.90 -49.05
CA GLN E 441 -35.41 37.04 -49.22
C GLN E 441 -36.80 36.68 -48.76
N GLU E 442 -37.21 35.43 -49.01
CA GLU E 442 -38.51 34.97 -48.54
C GLU E 442 -38.54 34.97 -47.02
N ILE E 443 -37.45 34.50 -46.40
CA ILE E 443 -37.40 34.49 -44.94
C ILE E 443 -37.43 35.92 -44.41
N HIS E 444 -36.78 36.84 -45.13
CA HIS E 444 -36.79 38.25 -44.72
C HIS E 444 -38.21 38.78 -44.72
N LYS E 445 -38.94 38.55 -45.81
CA LYS E 445 -40.33 39.00 -45.88
C LYS E 445 -41.17 38.33 -44.80
N LYS E 446 -40.87 37.07 -44.48
CA LYS E 446 -41.61 36.35 -43.45
C LYS E 446 -41.42 37.00 -42.09
N ILE E 447 -40.18 37.32 -41.73
CA ILE E 447 -39.97 37.96 -40.43
C ILE E 447 -40.58 39.36 -40.45
N GLU E 448 -40.53 40.04 -41.61
CA GLU E 448 -41.10 41.37 -41.71
C GLU E 448 -42.61 41.33 -41.47
N GLU E 449 -43.29 40.32 -42.02
CA GLU E 449 -44.73 40.24 -41.79
C GLU E 449 -45.02 39.81 -40.35
N ASP E 450 -44.20 38.90 -39.80
CA ASP E 450 -44.43 38.46 -38.43
C ASP E 450 -44.28 39.63 -37.47
N LEU E 451 -43.43 40.59 -37.79
CA LEU E 451 -43.25 41.77 -36.95
C LEU E 451 -44.26 42.86 -37.30
N GLN E 452 -44.73 42.88 -38.55
CA GLN E 452 -45.72 43.86 -39.00
C GLN E 452 -47.10 43.57 -38.42
N ILE E 453 -47.43 42.29 -38.21
CA ILE E 453 -48.73 41.94 -37.65
C ILE E 453 -48.74 42.35 -36.18
N SER E 454 -47.62 42.86 -35.72
CA SER E 454 -47.48 43.32 -34.35
C SER E 454 -47.18 44.80 -34.23
N SER E 455 -46.57 45.42 -35.25
CA SER E 455 -46.17 46.84 -35.19
C SER E 455 -47.33 47.83 -35.23
N ASN E 456 -48.56 47.38 -35.46
CA ASN E 456 -49.68 48.32 -35.49
C ASN E 456 -50.94 47.72 -34.86
N ASN E 457 -50.79 46.69 -34.03
CA ASN E 457 -51.92 46.02 -33.39
C ASN E 457 -52.81 46.96 -32.57
N ASP E 458 -52.34 47.42 -31.42
CA ASP E 458 -53.13 48.31 -30.57
C ASP E 458 -52.29 49.49 -30.08
N GLU E 459 -51.67 50.20 -31.03
CA GLU E 459 -50.84 51.37 -30.72
C GLU E 459 -49.76 51.04 -29.68
N LYS E 460 -48.79 50.22 -30.06
CA LYS E 460 -47.78 49.94 -29.05
C LYS E 460 -46.89 51.16 -28.87
N LYS E 461 -46.97 51.71 -27.66
CA LYS E 461 -46.18 52.83 -27.19
C LYS E 461 -45.34 52.33 -26.04
N TYR E 462 -45.15 51.00 -26.01
CA TYR E 462 -44.45 50.27 -24.97
C TYR E 462 -43.34 49.37 -25.49
N LEU E 463 -43.46 48.86 -26.72
CA LEU E 463 -42.42 47.97 -27.22
C LEU E 463 -41.22 48.70 -27.79
N GLU E 464 -41.38 49.95 -28.21
CA GLU E 464 -40.24 50.70 -28.71
C GLU E 464 -39.37 51.21 -27.57
N LEU E 465 -39.92 51.30 -26.37
CA LEU E 465 -39.19 51.77 -25.20
C LEU E 465 -38.44 50.65 -24.50
N ILE E 466 -38.85 49.40 -24.68
CA ILE E 466 -38.18 48.26 -24.07
C ILE E 466 -37.20 47.60 -25.03
N GLY E 467 -37.04 48.14 -26.23
CA GLY E 467 -36.14 47.59 -27.22
C GLY E 467 -36.46 48.14 -28.60
N ASN E 468 -35.44 48.44 -29.40
CA ASN E 468 -35.68 48.98 -30.73
C ASN E 468 -36.30 47.92 -31.62
N LEU E 469 -37.45 48.23 -32.21
CA LEU E 469 -38.14 47.28 -33.09
C LEU E 469 -37.35 47.04 -34.36
N GLU E 470 -36.88 48.12 -35.00
CA GLU E 470 -36.12 47.96 -36.24
C GLU E 470 -34.84 47.18 -35.97
N SER E 471 -34.22 47.42 -34.81
CA SER E 471 -33.00 46.68 -34.47
C SER E 471 -33.33 45.21 -34.24
N GLU E 472 -34.49 44.93 -33.64
CA GLU E 472 -34.90 43.55 -33.41
C GLU E 472 -35.10 42.84 -34.75
N MET E 473 -35.72 43.53 -35.71
CA MET E 473 -35.92 42.94 -37.03
C MET E 473 -34.58 42.67 -37.70
N GLU E 474 -33.63 43.62 -37.55
CA GLU E 474 -32.32 43.44 -38.15
C GLU E 474 -31.60 42.26 -37.52
N LEU E 475 -31.77 42.05 -36.21
CA LEU E 475 -31.11 40.91 -35.55
C LEU E 475 -31.75 39.59 -35.98
N GLN E 476 -33.07 39.57 -36.16
CA GLN E 476 -33.71 38.33 -36.61
C GLN E 476 -33.24 37.99 -38.02
N LYS E 477 -33.25 38.97 -38.92
CA LYS E 477 -32.75 38.69 -40.26
C LYS E 477 -31.25 38.41 -40.22
N MET E 478 -30.56 38.89 -39.18
CA MET E 478 -29.14 38.59 -39.03
C MET E 478 -28.95 37.11 -38.76
N GLY E 479 -29.78 36.55 -37.88
CA GLY E 479 -29.70 35.13 -37.62
C GLY E 479 -30.00 34.34 -38.88
N ALA E 480 -30.98 34.82 -39.66
CA ALA E 480 -31.31 34.16 -40.91
C ALA E 480 -30.10 34.21 -41.87
N ASN E 481 -29.43 35.36 -41.92
CA ASN E 481 -28.25 35.51 -42.76
C ASN E 481 -27.14 34.57 -42.31
N ILE E 482 -27.04 34.36 -40.99
CA ILE E 482 -26.02 33.47 -40.45
C ILE E 482 -26.27 32.05 -40.91
N VAL E 483 -27.54 31.62 -40.85
CA VAL E 483 -27.87 30.26 -41.27
C VAL E 483 -27.68 30.09 -42.78
N VAL E 484 -28.01 31.12 -43.56
CA VAL E 484 -27.89 31.02 -45.02
C VAL E 484 -26.44 31.04 -45.47
N SER E 485 -25.66 31.99 -44.98
CA SER E 485 -24.26 32.14 -45.38
C SER E 485 -23.39 30.94 -45.01
N SER E 486 -23.87 30.01 -44.19
CA SER E 486 -23.09 28.85 -43.79
C SER E 486 -23.55 27.56 -44.47
N LEU E 487 -24.09 27.66 -45.68
CA LEU E 487 -24.57 26.48 -46.39
C LEU E 487 -23.64 26.00 -47.48
N ASP E 488 -22.71 26.84 -47.94
CA ASP E 488 -21.77 26.44 -48.98
C ASP E 488 -20.54 25.74 -48.41
N VAL E 489 -20.50 25.53 -47.10
CA VAL E 489 -19.35 24.89 -46.47
C VAL E 489 -19.26 23.40 -46.79
N ILE E 490 -20.39 22.74 -46.99
CA ILE E 490 -20.36 21.30 -47.27
C ILE E 490 -19.68 21.02 -48.61
N THR E 491 -20.26 21.56 -49.68
CA THR E 491 -19.68 21.34 -51.02
C THR E 491 -18.27 21.90 -51.12
N LYS E 492 -18.02 23.06 -50.50
CA LYS E 492 -16.68 23.63 -50.55
C LYS E 492 -15.67 22.71 -49.88
N GLN E 493 -16.03 22.17 -48.71
CA GLN E 493 -15.13 21.27 -48.01
C GLN E 493 -14.91 19.99 -48.80
N ILE E 494 -15.96 19.48 -49.45
CA ILE E 494 -15.83 18.27 -50.25
C ILE E 494 -14.84 18.50 -51.37
N ALA E 495 -14.97 19.64 -52.08
CA ALA E 495 -14.06 19.94 -53.16
C ALA E 495 -12.65 20.21 -52.66
N ASP E 496 -12.53 20.89 -51.52
CA ASP E 496 -11.21 21.20 -50.95
C ASP E 496 -10.45 19.94 -50.56
N ASN E 497 -11.14 18.99 -49.92
CA ASN E 497 -10.46 17.75 -49.51
C ASN E 497 -9.93 16.99 -50.73
N ALA E 498 -10.57 17.16 -51.89
CA ALA E 498 -10.14 16.49 -53.10
C ALA E 498 -8.91 17.15 -53.73
N GLY E 499 -8.52 18.33 -53.25
CA GLY E 499 -7.38 19.03 -53.79
C GLY E 499 -7.70 20.10 -54.80
N VAL E 500 -8.94 20.57 -54.85
CA VAL E 500 -9.35 21.59 -55.81
C VAL E 500 -9.94 22.78 -55.05
N ASN E 501 -9.98 23.93 -55.71
CA ASN E 501 -10.50 25.15 -55.12
C ASN E 501 -11.99 25.01 -54.81
N GLY E 502 -12.33 24.90 -53.54
CA GLY E 502 -13.73 24.75 -53.15
C GLY E 502 -14.57 25.98 -53.43
N ASP E 503 -14.09 27.15 -53.00
CA ASP E 503 -14.84 28.38 -53.22
C ASP E 503 -15.14 28.60 -54.69
N ASN E 504 -14.17 28.34 -55.57
CA ASN E 504 -14.41 28.51 -57.00
C ASN E 504 -15.45 27.51 -57.49
N VAL E 505 -15.46 26.30 -56.95
CA VAL E 505 -16.45 25.31 -57.36
C VAL E 505 -17.85 25.79 -56.97
N VAL E 506 -17.96 26.36 -55.76
CA VAL E 506 -19.25 26.87 -55.31
C VAL E 506 -19.69 28.04 -56.18
N LYS E 507 -18.76 28.92 -56.53
CA LYS E 507 -19.10 30.06 -57.37
C LYS E 507 -19.53 29.61 -58.75
N ILE E 508 -18.91 28.56 -59.29
CA ILE E 508 -19.27 28.04 -60.60
C ILE E 508 -20.66 27.41 -60.55
N ILE E 509 -20.93 26.62 -59.52
CA ILE E 509 -22.24 25.96 -59.40
C ILE E 509 -23.34 27.01 -59.22
N LEU E 510 -23.06 28.08 -58.49
CA LEU E 510 -24.07 29.12 -58.26
C LEU E 510 -24.24 30.06 -59.44
N ASN E 511 -23.18 30.31 -60.21
CA ASN E 511 -23.27 31.24 -61.33
C ASN E 511 -23.71 30.61 -62.64
N SER E 512 -23.73 29.29 -62.75
CA SER E 512 -24.18 28.66 -63.98
C SER E 512 -25.69 28.47 -63.91
N LYS E 513 -26.35 28.75 -65.02
CA LYS E 513 -27.81 28.60 -65.09
C LYS E 513 -28.17 27.25 -65.68
N ASP E 514 -27.60 26.21 -65.10
CA ASP E 514 -27.82 24.83 -65.50
C ASP E 514 -29.04 24.30 -64.75
N LYS E 515 -29.22 22.98 -64.78
CA LYS E 515 -30.36 22.37 -64.11
C LYS E 515 -30.12 22.33 -62.60
N TYR E 516 -31.18 21.94 -61.88
CA TYR E 516 -31.15 21.87 -60.42
C TYR E 516 -30.02 20.96 -59.94
N GLY E 517 -29.97 19.73 -60.44
CA GLY E 517 -28.97 18.76 -60.04
C GLY E 517 -27.54 19.01 -60.49
N PHE E 518 -27.27 20.17 -61.08
CA PHE E 518 -25.92 20.49 -61.57
C PHE E 518 -24.95 20.67 -60.40
N GLY E 519 -23.96 19.79 -60.30
CA GLY E 519 -22.95 19.85 -59.27
C GLY E 519 -21.57 19.45 -59.78
N TYR E 520 -20.61 19.31 -58.86
CA TYR E 520 -19.24 18.93 -59.20
C TYR E 520 -18.93 17.57 -58.60
N ASP E 521 -18.64 16.59 -59.46
CA ASP E 521 -18.29 15.25 -59.04
C ASP E 521 -16.79 15.21 -58.76
N VAL E 522 -16.44 14.91 -57.51
CA VAL E 522 -15.04 14.84 -57.09
C VAL E 522 -14.39 13.53 -57.46
N ASN E 523 -15.17 12.48 -57.71
CA ASN E 523 -14.56 11.19 -58.06
C ASN E 523 -13.94 11.25 -59.45
N THR E 524 -14.52 12.02 -60.37
CA THR E 524 -13.97 12.14 -61.71
C THR E 524 -13.75 13.61 -62.07
N ASN E 525 -13.37 14.42 -61.07
CA ASN E 525 -13.08 15.86 -61.21
C ASN E 525 -13.83 16.52 -62.36
N LYS E 526 -15.16 16.45 -62.38
CA LYS E 526 -15.87 17.05 -63.50
C LYS E 526 -17.22 17.61 -63.06
N PHE E 527 -17.66 18.66 -63.74
CA PHE E 527 -18.95 19.28 -63.45
C PHE E 527 -20.02 18.50 -64.19
N VAL E 528 -20.85 17.76 -63.47
CA VAL E 528 -21.90 16.94 -64.06
C VAL E 528 -23.20 17.09 -63.28
N ASN E 529 -24.21 16.30 -63.65
CA ASN E 529 -25.49 16.32 -62.97
C ASN E 529 -25.46 15.27 -61.86
N MET E 530 -25.80 15.70 -60.64
CA MET E 530 -25.77 14.77 -59.51
C MET E 530 -26.85 13.70 -59.63
N VAL E 531 -28.08 14.08 -59.99
CA VAL E 531 -29.16 13.12 -60.11
C VAL E 531 -28.93 12.12 -61.24
N GLU E 532 -28.11 12.48 -62.24
CA GLU E 532 -27.88 11.57 -63.36
C GLU E 532 -26.81 10.53 -63.03
N LYS E 533 -25.72 10.95 -62.39
CA LYS E 533 -24.64 10.03 -62.05
C LYS E 533 -24.89 9.26 -60.75
N GLY E 534 -26.09 9.35 -60.19
CA GLY E 534 -26.42 8.64 -58.97
C GLY E 534 -25.93 9.24 -57.67
N ILE E 535 -25.38 10.45 -57.68
CA ILE E 535 -24.89 11.09 -56.46
C ILE E 535 -26.11 11.80 -55.87
N ILE E 536 -26.84 11.07 -55.01
CA ILE E 536 -28.05 11.60 -54.39
C ILE E 536 -28.07 11.28 -52.90
N ASP E 537 -28.69 12.16 -52.13
CA ASP E 537 -28.83 12.02 -50.69
C ASP E 537 -30.31 11.99 -50.32
N SER E 538 -30.57 11.45 -49.12
CA SER E 538 -31.94 11.37 -48.61
C SER E 538 -32.36 12.70 -48.00
N THR E 539 -33.61 13.12 -48.28
CA THR E 539 -34.11 14.36 -47.72
C THR E 539 -34.07 14.33 -46.20
N ASN E 540 -34.31 13.17 -45.60
CA ASN E 540 -34.31 13.08 -44.15
C ASN E 540 -32.93 13.38 -43.57
N VAL E 541 -31.87 12.92 -44.22
CA VAL E 541 -30.53 13.19 -43.69
C VAL E 541 -30.24 14.69 -43.75
N ILE E 542 -30.55 15.35 -44.87
CA ILE E 542 -30.30 16.78 -45.00
C ILE E 542 -31.16 17.57 -44.01
N ILE E 543 -32.44 17.19 -43.88
CA ILE E 543 -33.35 17.85 -42.96
C ILE E 543 -32.84 17.75 -41.54
N SER E 544 -32.42 16.54 -41.15
CA SER E 544 -31.91 16.33 -39.79
C SER E 544 -30.61 17.09 -39.59
N VAL E 545 -29.75 17.14 -40.61
CA VAL E 545 -28.49 17.85 -40.49
C VAL E 545 -28.73 19.33 -40.21
N ILE E 546 -29.55 19.97 -41.04
CA ILE E 546 -29.81 21.39 -40.87
C ILE E 546 -30.58 21.67 -39.58
N LYS E 547 -31.57 20.84 -39.25
CA LYS E 547 -32.35 21.06 -38.03
C LYS E 547 -31.47 20.92 -36.79
N ASN E 548 -30.65 19.87 -36.74
CA ASN E 548 -29.78 19.66 -35.60
C ASN E 548 -28.75 20.77 -35.48
N SER E 549 -28.13 21.16 -36.58
CA SER E 549 -27.13 22.23 -36.52
C SER E 549 -27.74 23.53 -36.02
N CYS E 550 -28.89 23.91 -36.57
CA CYS E 550 -29.52 25.16 -36.14
C CYS E 550 -29.97 25.07 -34.69
N SER E 551 -30.50 23.92 -34.27
CA SER E 551 -30.94 23.77 -32.89
C SER E 551 -29.76 23.89 -31.93
N ILE E 552 -28.63 23.26 -32.26
CA ILE E 552 -27.45 23.35 -31.41
C ILE E 552 -26.94 24.77 -31.36
N ALA E 553 -26.95 25.47 -32.50
CA ALA E 553 -26.49 26.85 -32.53
C ALA E 553 -27.34 27.73 -31.63
N SER E 554 -28.67 27.59 -31.74
CA SER E 554 -29.57 28.37 -30.89
C SER E 554 -29.36 28.02 -29.42
N MET E 555 -29.16 26.74 -29.13
CA MET E 555 -28.94 26.30 -27.76
C MET E 555 -27.68 26.92 -27.17
N VAL E 556 -26.61 26.98 -27.97
CA VAL E 556 -25.37 27.58 -27.51
C VAL E 556 -25.54 29.08 -27.32
N LEU E 557 -26.29 29.72 -28.22
CA LEU E 557 -26.50 31.16 -28.10
C LEU E 557 -27.30 31.51 -26.85
N THR E 558 -28.29 30.70 -26.49
CA THR E 558 -29.07 30.97 -25.30
C THR E 558 -28.36 30.57 -24.02
N THR E 559 -27.41 29.62 -24.10
CA THR E 559 -26.68 29.19 -22.92
C THR E 559 -25.85 30.35 -22.37
N GLU E 560 -25.91 30.55 -21.05
CA GLU E 560 -25.20 31.66 -20.41
C GLU E 560 -24.40 31.23 -19.19
N CYS E 561 -24.13 29.94 -19.00
CA CYS E 561 -23.39 29.54 -17.82
C CYS E 561 -22.82 28.14 -18.00
N MET E 562 -21.65 27.92 -17.39
CA MET E 562 -20.95 26.64 -17.42
C MET E 562 -20.38 26.34 -16.05
N MET E 563 -20.42 25.05 -15.68
CA MET E 563 -19.93 24.58 -14.39
C MET E 563 -19.08 23.34 -14.58
N VAL E 564 -17.79 23.44 -14.25
CA VAL E 564 -16.84 22.33 -14.36
C VAL E 564 -16.34 22.00 -12.95
N ASP E 565 -16.32 20.72 -12.60
CA ASP E 565 -15.91 20.31 -11.26
C ASP E 565 -14.39 20.29 -11.08
N HIS E 566 -13.77 21.46 -11.17
CA HIS E 566 -12.33 21.52 -10.96
C HIS E 566 -11.88 22.69 -10.09
N GLU E 567 -12.48 23.87 -10.32
CA GLU E 567 -12.19 25.12 -9.62
C GLU E 567 -10.74 25.26 -9.17
N GLY F 5 -7.32 13.14 -21.84
CA GLY F 5 -7.14 14.21 -22.80
C GLY F 5 -6.34 13.80 -24.01
N LYS F 6 -6.81 14.20 -25.19
CA LYS F 6 -6.16 13.88 -26.45
C LYS F 6 -5.35 15.09 -26.93
N ASP F 7 -4.34 14.81 -27.75
CA ASP F 7 -3.46 15.83 -28.31
C ASP F 7 -3.63 15.78 -29.82
N ILE F 8 -4.24 16.81 -30.40
CA ILE F 8 -4.49 16.88 -31.83
C ILE F 8 -3.49 17.81 -32.49
N ILE F 9 -2.99 17.42 -33.66
CA ILE F 9 -2.02 18.21 -34.41
C ILE F 9 -2.31 18.01 -35.90
N TYR F 10 -2.35 19.10 -36.67
CA TYR F 10 -2.66 19.02 -38.08
C TYR F 10 -1.50 19.43 -38.96
N GLY F 11 -1.72 19.23 -40.26
CA GLY F 11 -0.83 19.58 -41.36
C GLY F 11 0.63 19.18 -41.26
N ASN F 12 1.48 20.14 -41.66
CA ASN F 12 2.93 19.96 -41.71
C ASN F 12 3.50 19.41 -40.41
N GLU F 13 2.99 19.85 -39.27
CA GLU F 13 3.52 19.34 -38.00
C GLU F 13 3.29 17.84 -37.88
N CYS F 14 2.07 17.39 -38.17
CA CYS F 14 1.75 15.97 -38.10
C CYS F 14 2.60 15.17 -39.10
N ARG F 15 2.68 15.67 -40.33
CA ARG F 15 3.47 14.96 -41.35
C ARG F 15 4.94 14.90 -40.94
N ASN F 16 5.46 15.99 -40.35
CA ASN F 16 6.86 16.01 -39.94
C ASN F 16 7.12 15.03 -38.81
N GLU F 17 6.18 14.90 -37.88
CA GLU F 17 6.39 13.96 -36.78
C GLU F 17 6.39 12.53 -37.32
N LEU F 18 5.44 12.22 -38.21
CA LEU F 18 5.39 10.89 -38.80
C LEU F 18 6.66 10.62 -39.60
N LEU F 19 7.14 11.63 -40.32
CA LEU F 19 8.36 11.47 -41.11
C LEU F 19 9.56 11.28 -40.21
N LYS F 20 9.58 11.92 -39.04
CA LYS F 20 10.70 11.74 -38.13
C LYS F 20 10.74 10.31 -37.62
N GLY F 21 9.57 9.73 -37.32
CA GLY F 21 9.56 8.34 -36.89
C GLY F 21 10.02 7.41 -38.02
N ILE F 22 9.50 7.65 -39.22
CA ILE F 22 9.88 6.85 -40.39
C ILE F 22 11.39 6.93 -40.61
N LEU F 23 11.95 8.13 -40.53
CA LEU F 23 13.38 8.32 -40.72
C LEU F 23 14.18 7.66 -39.63
N THR F 24 13.65 7.60 -38.40
CA THR F 24 14.38 6.92 -37.33
C THR F 24 14.54 5.46 -37.68
N VAL F 25 13.42 4.82 -38.05
CA VAL F 25 13.45 3.40 -38.41
C VAL F 25 14.37 3.17 -39.59
N SER F 26 14.30 4.03 -40.61
CA SER F 26 15.15 3.84 -41.79
C SER F 26 16.62 4.06 -41.47
N ASP F 27 16.95 5.10 -40.71
CA ASP F 27 18.34 5.36 -40.38
C ASP F 27 18.95 4.21 -39.60
N VAL F 28 18.16 3.51 -38.80
CA VAL F 28 18.73 2.38 -38.06
C VAL F 28 18.70 1.08 -38.85
N VAL F 29 17.79 0.92 -39.81
CA VAL F 29 17.71 -0.32 -40.57
C VAL F 29 18.64 -0.33 -41.79
N LYS F 30 18.75 0.78 -42.52
CA LYS F 30 19.59 0.83 -43.71
C LYS F 30 21.04 0.41 -43.46
N LEU F 31 21.48 0.43 -42.20
CA LEU F 31 22.86 0.03 -41.91
C LEU F 31 23.09 -1.46 -42.07
N THR F 32 22.02 -2.27 -42.07
CA THR F 32 22.12 -3.71 -42.23
C THR F 32 21.76 -4.19 -43.64
N LEU F 33 21.59 -3.27 -44.58
CA LEU F 33 21.24 -3.65 -45.94
C LEU F 33 22.43 -4.32 -46.64
N GLY F 34 22.15 -5.44 -47.32
CA GLY F 34 23.18 -6.16 -48.03
C GLY F 34 23.87 -7.20 -47.17
N PRO F 35 24.66 -8.07 -47.80
CA PRO F 35 25.37 -9.10 -47.04
C PRO F 35 26.48 -8.55 -46.18
N ARG F 36 27.07 -7.41 -46.57
CA ARG F 36 28.14 -6.78 -45.81
C ARG F 36 27.61 -5.66 -44.92
N GLY F 37 26.40 -5.80 -44.42
CA GLY F 37 25.82 -4.78 -43.57
C GLY F 37 26.55 -4.64 -42.24
N ARG F 38 26.39 -3.46 -41.64
CA ARG F 38 27.02 -3.18 -40.37
C ARG F 38 26.28 -3.87 -39.23
N ASN F 39 26.86 -3.78 -38.04
CA ASN F 39 26.30 -4.39 -36.85
C ASN F 39 25.49 -3.36 -36.06
N VAL F 40 24.47 -3.85 -35.35
CA VAL F 40 23.61 -3.01 -34.53
C VAL F 40 23.51 -3.65 -33.16
N LEU F 41 23.72 -2.85 -32.11
CA LEU F 41 23.68 -3.32 -30.74
C LEU F 41 22.30 -3.08 -30.13
N LEU F 42 21.69 -4.14 -29.62
CA LEU F 42 20.38 -4.10 -28.98
C LEU F 42 20.56 -4.58 -27.55
N GLU F 43 20.16 -3.74 -26.60
CA GLU F 43 20.30 -4.08 -25.19
C GLU F 43 19.06 -4.80 -24.68
N LYS F 44 19.28 -5.91 -23.99
CA LYS F 44 18.22 -6.69 -23.39
C LYS F 44 18.10 -6.22 -21.94
N GLU F 45 16.88 -6.28 -21.42
CA GLU F 45 16.67 -5.78 -20.06
C GLU F 45 17.49 -6.48 -18.99
N TYR F 46 18.49 -5.76 -18.48
CA TYR F 46 19.37 -6.18 -17.39
C TYR F 46 20.05 -7.53 -17.63
N GLY F 47 21.01 -7.53 -18.56
CA GLY F 47 21.75 -8.76 -18.79
C GLY F 47 22.31 -9.20 -20.13
N SER F 48 22.02 -8.53 -21.25
CA SER F 48 22.64 -9.06 -22.47
C SER F 48 22.65 -8.13 -23.67
N PRO F 49 23.83 -7.91 -24.28
CA PRO F 49 23.90 -7.10 -25.49
C PRO F 49 23.84 -8.02 -26.69
N LEU F 50 23.16 -7.58 -27.75
CA LEU F 50 23.02 -8.38 -28.96
C LEU F 50 23.57 -7.63 -30.17
N ILE F 51 24.43 -8.31 -30.93
CA ILE F 51 25.02 -7.75 -32.13
C ILE F 51 24.25 -8.40 -33.28
N ILE F 52 23.35 -7.66 -33.92
CA ILE F 52 22.56 -8.21 -34.99
C ILE F 52 22.85 -7.50 -36.31
N ASN F 53 22.60 -8.22 -37.41
CA ASN F 53 22.77 -7.74 -38.77
C ASN F 53 21.49 -7.88 -39.57
N ASP F 54 20.41 -8.38 -38.98
CA ASP F 54 19.14 -8.56 -39.67
C ASP F 54 18.26 -7.35 -39.43
N GLY F 55 17.77 -6.75 -40.51
CA GLY F 55 16.93 -5.57 -40.39
C GLY F 55 15.59 -5.81 -39.73
N VAL F 56 14.98 -6.97 -39.96
CA VAL F 56 13.67 -7.26 -39.37
C VAL F 56 13.76 -7.38 -37.86
N THR F 57 14.73 -8.15 -37.37
CA THR F 57 14.88 -8.35 -35.93
C THR F 57 15.16 -7.04 -35.21
N ILE F 58 15.98 -6.17 -35.81
CA ILE F 58 16.29 -4.90 -35.17
C ILE F 58 15.10 -3.96 -35.26
N ALA F 59 14.41 -3.96 -36.41
CA ALA F 59 13.26 -3.09 -36.59
C ALA F 59 12.11 -3.44 -35.66
N LYS F 60 11.98 -4.72 -35.29
CA LYS F 60 10.89 -5.11 -34.41
C LYS F 60 11.04 -4.58 -32.99
N GLN F 61 12.16 -3.94 -32.66
CA GLN F 61 12.38 -3.41 -31.32
C GLN F 61 12.46 -1.89 -31.26
N ILE F 62 12.34 -1.19 -32.39
CA ILE F 62 12.42 0.26 -32.37
C ILE F 62 11.15 0.86 -31.79
N SER F 63 11.30 1.77 -30.84
CA SER F 63 10.18 2.44 -30.21
C SER F 63 10.71 3.75 -29.65
N LEU F 64 10.17 4.87 -30.11
CA LEU F 64 10.62 6.18 -29.65
C LEU F 64 9.75 6.65 -28.49
N LYS F 65 10.38 7.38 -27.56
CA LYS F 65 9.65 7.90 -26.42
C LYS F 65 8.66 8.97 -26.85
N ASP F 66 8.96 9.70 -27.91
CA ASP F 66 8.06 10.72 -28.43
C ASP F 66 6.84 10.02 -29.01
N ARG F 67 5.72 10.08 -28.30
CA ARG F 67 4.49 9.44 -28.75
C ARG F 67 4.11 9.84 -30.17
N LYS F 68 4.52 11.02 -30.61
CA LYS F 68 4.21 11.46 -31.97
C LYS F 68 5.12 10.77 -32.99
N LYS F 69 6.43 10.80 -32.76
CA LYS F 69 7.34 10.13 -33.68
C LYS F 69 7.15 8.62 -33.61
N ASN F 70 6.83 8.11 -32.42
CA ASN F 70 6.59 6.67 -32.29
C ASN F 70 5.43 6.26 -33.17
N ASN F 71 4.53 7.19 -33.49
CA ASN F 71 3.43 6.86 -34.38
C ASN F 71 3.97 6.48 -35.75
N GLY F 72 4.92 7.26 -36.27
CA GLY F 72 5.52 6.93 -37.55
C GLY F 72 6.28 5.61 -37.46
N VAL F 73 6.99 5.40 -36.35
CA VAL F 73 7.71 4.14 -36.17
C VAL F 73 6.75 2.96 -36.25
N LYS F 74 5.67 3.02 -35.48
CA LYS F 74 4.66 1.96 -35.49
C LYS F 74 4.02 1.83 -36.85
N LEU F 75 3.82 2.95 -37.54
CA LEU F 75 3.21 2.92 -38.88
C LEU F 75 4.04 2.06 -39.81
N MET F 76 5.35 2.29 -39.85
CA MET F 76 6.16 1.46 -40.73
C MET F 76 6.39 0.06 -40.16
N GLN F 77 6.28 -0.12 -38.85
CA GLN F 77 6.45 -1.45 -38.29
C GLN F 77 5.25 -2.33 -38.60
N GLU F 78 4.09 -1.72 -38.82
CA GLU F 78 2.86 -2.43 -39.15
C GLU F 78 2.66 -2.55 -40.65
N SER F 79 3.09 -1.55 -41.42
CA SER F 79 2.92 -1.60 -42.86
C SER F 79 3.78 -2.69 -43.50
N THR F 80 4.92 -3.00 -42.90
CA THR F 80 5.82 -4.02 -43.39
C THR F 80 5.59 -5.38 -42.74
N GLN F 81 4.54 -5.50 -41.93
CA GLN F 81 4.19 -6.74 -41.23
C GLN F 81 5.30 -7.20 -40.29
N ILE F 82 6.09 -6.27 -39.78
CA ILE F 82 7.16 -6.64 -38.85
C ILE F 82 6.59 -6.98 -37.49
N SER F 83 5.64 -6.16 -37.00
CA SER F 83 5.03 -6.43 -35.71
C SER F 83 4.19 -7.69 -35.73
N ASN F 84 3.70 -8.09 -36.90
CA ASN F 84 2.90 -9.29 -37.05
C ASN F 84 3.75 -10.54 -37.28
N ASP F 85 5.08 -10.39 -37.33
CA ASP F 85 5.99 -11.50 -37.55
C ASP F 85 5.78 -12.16 -38.90
N LYS F 86 5.26 -11.39 -39.87
CA LYS F 86 5.01 -11.87 -41.22
C LYS F 86 5.79 -11.08 -42.27
N ALA F 87 6.86 -10.41 -41.85
CA ALA F 87 7.67 -9.62 -42.77
C ALA F 87 8.52 -10.54 -43.64
N GLY F 88 8.24 -10.55 -44.94
CA GLY F 88 8.98 -11.36 -45.87
C GLY F 88 10.32 -10.74 -46.19
N ASP F 89 10.89 -11.18 -47.31
CA ASP F 89 12.18 -10.66 -47.74
C ASP F 89 12.00 -9.29 -48.37
N GLY F 90 13.05 -8.47 -48.32
CA GLY F 90 13.01 -7.14 -48.88
C GLY F 90 12.49 -6.05 -47.99
N THR F 91 12.00 -6.39 -46.79
CA THR F 91 11.47 -5.35 -45.89
C THR F 91 12.55 -4.34 -45.52
N SER F 92 13.80 -4.80 -45.38
CA SER F 92 14.89 -3.89 -45.05
C SER F 92 15.03 -2.83 -46.14
N SER F 93 14.89 -3.24 -47.41
CA SER F 93 14.97 -2.29 -48.51
C SER F 93 13.70 -1.45 -48.58
N THR F 94 12.56 -2.03 -48.19
CA THR F 94 11.31 -1.30 -48.21
C THR F 94 11.35 -0.12 -47.26
N ALA F 95 11.97 -0.30 -46.09
CA ALA F 95 12.07 0.79 -45.14
C ALA F 95 12.84 1.97 -45.72
N LEU F 96 14.00 1.71 -46.32
CA LEU F 96 14.80 2.76 -46.91
C LEU F 96 14.07 3.45 -48.06
N MET F 97 13.51 2.67 -48.98
CA MET F 97 12.79 3.27 -50.10
C MET F 97 11.61 4.12 -49.62
N THR F 98 10.86 3.59 -48.66
CA THR F 98 9.70 4.32 -48.13
C THR F 98 10.14 5.63 -47.49
N ALA F 99 11.22 5.60 -46.69
CA ALA F 99 11.68 6.82 -46.06
C ALA F 99 12.15 7.85 -47.08
N THR F 100 12.88 7.41 -48.10
CA THR F 100 13.37 8.35 -49.11
C THR F 100 12.21 9.00 -49.87
N ILE F 101 11.29 8.18 -50.38
CA ILE F 101 10.15 8.71 -51.13
C ILE F 101 9.29 9.60 -50.25
N THR F 102 9.00 9.16 -49.02
CA THR F 102 8.17 9.94 -48.11
C THR F 102 8.84 11.27 -47.78
N LYS F 103 10.15 11.27 -47.59
CA LYS F 103 10.85 12.51 -47.27
C LYS F 103 10.77 13.49 -48.43
N LYS F 104 11.05 13.02 -49.65
CA LYS F 104 10.99 13.92 -50.80
C LYS F 104 9.57 14.46 -51.00
N GLY F 105 8.57 13.59 -50.82
CA GLY F 105 7.19 14.02 -51.01
C GLY F 105 6.72 14.99 -49.95
N ILE F 106 7.04 14.73 -48.68
CA ILE F 106 6.64 15.62 -47.61
C ILE F 106 7.34 16.96 -47.75
N GLU F 107 8.63 16.93 -48.12
CA GLU F 107 9.37 18.18 -48.31
C GLU F 107 8.73 19.02 -49.39
N GLN F 108 8.11 18.38 -50.39
CA GLN F 108 7.46 19.17 -51.43
C GLN F 108 6.05 19.61 -51.01
N VAL F 109 5.30 18.74 -50.35
CA VAL F 109 3.93 19.08 -49.92
C VAL F 109 3.95 20.23 -48.92
N ASN F 110 4.85 20.18 -47.95
CA ASN F 110 4.94 21.24 -46.94
C ASN F 110 5.25 22.61 -47.55
N ARG F 111 5.64 22.67 -48.80
CA ARG F 111 5.99 23.93 -49.45
C ARG F 111 4.79 24.50 -50.23
N ASN F 112 3.68 24.67 -49.52
CA ASN F 112 2.44 25.22 -50.07
C ASN F 112 2.01 24.52 -51.37
N HIS F 113 2.43 23.27 -51.57
CA HIS F 113 2.06 22.55 -52.77
C HIS F 113 0.81 21.70 -52.56
N ASN F 114 0.31 21.16 -53.65
CA ASN F 114 -0.88 20.32 -53.61
C ASN F 114 -0.47 18.86 -53.47
N PRO F 115 -0.96 18.14 -52.45
CA PRO F 115 -0.57 16.73 -52.30
C PRO F 115 -1.31 15.78 -53.21
N ILE F 116 -2.49 16.14 -53.69
CA ILE F 116 -3.25 15.23 -54.56
C ILE F 116 -2.52 14.92 -55.87
N PRO F 117 -2.01 15.91 -56.62
CA PRO F 117 -1.29 15.54 -57.86
C PRO F 117 -0.03 14.74 -57.60
N ILE F 118 0.69 15.04 -56.53
CA ILE F 118 1.89 14.28 -56.21
C ILE F 118 1.52 12.84 -55.89
N GLN F 119 0.43 12.65 -55.14
CA GLN F 119 -0.01 11.29 -54.82
C GLN F 119 -0.43 10.55 -56.07
N ARG F 120 -1.11 11.24 -56.99
CA ARG F 120 -1.53 10.61 -58.23
C ARG F 120 -0.32 10.16 -59.03
N GLY F 121 0.68 11.04 -59.13
CA GLY F 121 1.89 10.68 -59.86
C GLY F 121 2.63 9.53 -59.21
N ILE F 122 2.68 9.51 -57.88
CA ILE F 122 3.38 8.43 -57.17
C ILE F 122 2.70 7.10 -57.44
N GLN F 123 1.37 7.06 -57.33
CA GLN F 123 0.64 5.81 -57.56
C GLN F 123 0.79 5.34 -59.01
N LEU F 124 0.65 6.27 -59.97
CA LEU F 124 0.78 5.89 -61.36
C LEU F 124 2.18 5.39 -61.66
N ALA F 125 3.20 6.07 -61.13
CA ALA F 125 4.57 5.64 -61.35
C ALA F 125 4.81 4.27 -60.75
N SER F 126 4.20 4.00 -59.59
CA SER F 126 4.36 2.70 -58.96
C SER F 126 3.80 1.60 -59.85
N LYS F 127 2.58 1.81 -60.37
CA LYS F 127 1.97 0.80 -61.23
C LYS F 127 2.78 0.59 -62.52
N MET F 128 3.21 1.70 -63.15
CA MET F 128 3.98 1.58 -64.38
C MET F 128 5.31 0.88 -64.14
N ILE F 129 5.97 1.19 -63.03
CA ILE F 129 7.25 0.54 -62.71
C ILE F 129 7.02 -0.93 -62.42
N ILE F 130 5.90 -1.27 -61.79
CA ILE F 130 5.62 -2.68 -61.52
C ILE F 130 5.48 -3.43 -62.84
N GLU F 131 4.77 -2.82 -63.80
CA GLU F 131 4.61 -3.46 -65.10
C GLU F 131 5.97 -3.60 -65.81
N LYS F 132 6.82 -2.58 -65.71
CA LYS F 132 8.13 -2.64 -66.34
C LYS F 132 8.98 -3.76 -65.73
N ILE F 133 8.98 -3.85 -64.39
CA ILE F 133 9.74 -4.89 -63.71
C ILE F 133 9.22 -6.26 -64.13
N LYS F 134 7.90 -6.38 -64.29
CA LYS F 134 7.33 -7.64 -64.75
C LYS F 134 7.85 -7.96 -66.15
N SER F 135 7.99 -6.95 -66.99
CA SER F 135 8.51 -7.15 -68.34
C SER F 135 10.01 -7.40 -68.35
N LEU F 136 10.69 -7.17 -67.23
CA LEU F 136 12.13 -7.39 -67.14
C LEU F 136 12.49 -8.67 -66.39
N SER F 137 11.50 -9.52 -66.10
CA SER F 137 11.73 -10.76 -65.38
C SER F 137 11.97 -11.93 -66.34
N THR F 138 12.63 -12.97 -65.81
CA THR F 138 12.95 -14.18 -66.55
C THR F 138 12.42 -15.40 -65.80
N PRO F 139 11.90 -16.41 -66.51
CA PRO F 139 11.38 -17.59 -65.84
C PRO F 139 12.48 -18.42 -65.19
N ILE F 140 12.07 -19.23 -64.21
CA ILE F 140 12.98 -20.10 -63.47
C ILE F 140 12.98 -21.47 -64.17
N LYS F 141 14.15 -21.88 -64.65
CA LYS F 141 14.25 -23.16 -65.35
C LYS F 141 15.23 -24.14 -64.69
N THR F 142 16.47 -23.73 -64.46
CA THR F 142 17.48 -24.61 -63.88
C THR F 142 17.41 -24.66 -62.36
N TYR F 143 18.00 -25.72 -61.81
CA TYR F 143 18.05 -25.91 -60.36
C TYR F 143 18.94 -24.86 -59.70
N LYS F 144 20.01 -24.44 -60.40
CA LYS F 144 20.90 -23.43 -59.85
C LYS F 144 20.13 -22.14 -59.58
N ASP F 145 19.08 -21.87 -60.36
CA ASP F 145 18.28 -20.68 -60.11
C ASP F 145 17.60 -20.78 -58.75
N ILE F 146 17.06 -21.95 -58.44
CA ILE F 146 16.40 -22.16 -57.15
C ILE F 146 17.41 -22.01 -56.02
N LEU F 147 18.59 -22.64 -56.18
CA LEU F 147 19.60 -22.55 -55.14
C LEU F 147 20.06 -21.11 -54.93
N ASN F 148 20.29 -20.37 -56.01
CA ASN F 148 20.75 -18.99 -55.91
C ASN F 148 19.69 -18.10 -55.27
N ILE F 149 18.43 -18.24 -55.68
CA ILE F 149 17.37 -17.42 -55.11
C ILE F 149 17.18 -17.75 -53.63
N ALA F 150 17.29 -19.03 -53.27
CA ALA F 150 17.14 -19.42 -51.88
C ALA F 150 18.28 -18.86 -51.03
N THR F 151 19.51 -18.92 -51.54
CA THR F 151 20.64 -18.40 -50.79
C THR F 151 20.57 -16.88 -50.64
N ILE F 152 20.18 -16.17 -51.70
CA ILE F 152 20.09 -14.72 -51.62
C ILE F 152 18.96 -14.28 -50.71
N ALA F 153 17.78 -14.91 -50.84
CA ALA F 153 16.63 -14.57 -50.00
C ALA F 153 16.79 -15.02 -48.56
N SER F 154 17.84 -15.76 -48.23
CA SER F 154 18.07 -16.24 -46.87
C SER F 154 19.24 -15.54 -46.21
N ASN F 155 19.51 -14.29 -46.62
CA ASN F 155 20.61 -13.49 -46.09
C ASN F 155 21.96 -14.18 -46.29
N ASN F 156 22.12 -14.80 -47.47
CA ASN F 156 23.35 -15.50 -47.84
C ASN F 156 23.70 -16.63 -46.86
N ASP F 157 22.72 -17.49 -46.60
CA ASP F 157 22.90 -18.64 -45.73
C ASP F 157 22.96 -19.85 -46.66
N VAL F 158 24.17 -20.34 -46.91
CA VAL F 158 24.36 -21.47 -47.81
C VAL F 158 23.65 -22.72 -47.31
N HIS F 159 23.60 -22.90 -45.98
CA HIS F 159 22.95 -24.09 -45.43
C HIS F 159 21.47 -24.12 -45.79
N MET F 160 20.73 -23.08 -45.40
CA MET F 160 19.31 -23.06 -45.72
C MET F 160 19.07 -22.98 -47.21
N GLY F 161 19.95 -22.28 -47.94
CA GLY F 161 19.78 -22.22 -49.39
C GLY F 161 19.85 -23.60 -50.01
N GLN F 162 20.82 -24.41 -49.57
CA GLN F 162 20.95 -25.77 -50.06
C GLN F 162 19.75 -26.61 -49.63
N ILE F 163 19.25 -26.35 -48.42
CA ILE F 163 18.09 -27.10 -47.93
C ILE F 163 16.88 -26.84 -48.83
N ILE F 164 16.61 -25.58 -49.13
CA ILE F 164 15.48 -25.24 -50.00
C ILE F 164 15.71 -25.80 -51.40
N ALA F 165 16.94 -25.70 -51.89
CA ALA F 165 17.25 -26.21 -53.23
C ALA F 165 16.99 -27.71 -53.31
N ASN F 166 17.40 -28.46 -52.28
CA ASN F 166 17.16 -29.90 -52.28
C ASN F 166 15.70 -30.22 -52.07
N ALA F 167 14.97 -29.38 -51.31
CA ALA F 167 13.55 -29.63 -51.11
C ALA F 167 12.76 -29.42 -52.40
N TYR F 168 13.24 -28.52 -53.27
CA TYR F 168 12.56 -28.29 -54.53
C TYR F 168 13.08 -29.18 -55.66
N ASP F 169 14.33 -29.66 -55.56
CA ASP F 169 14.89 -30.53 -56.58
C ASP F 169 14.42 -31.97 -56.42
N LYS F 170 14.56 -32.51 -55.21
CA LYS F 170 14.13 -33.89 -54.95
C LYS F 170 12.62 -34.04 -54.94
N LEU F 171 11.90 -32.92 -55.07
CA LEU F 171 10.45 -32.88 -55.10
C LEU F 171 10.05 -32.04 -56.30
N GLY F 172 8.78 -31.75 -56.51
CA GLY F 172 8.37 -30.95 -57.64
C GLY F 172 8.53 -29.46 -57.38
N LYS F 173 8.19 -28.67 -58.40
CA LYS F 173 8.29 -27.22 -58.30
C LYS F 173 7.07 -26.59 -57.65
N ASN F 174 6.29 -27.39 -56.93
CA ASN F 174 5.12 -26.94 -56.19
C ASN F 174 5.03 -27.69 -54.87
N ALA F 175 6.19 -28.09 -54.35
CA ALA F 175 6.27 -28.83 -53.10
C ALA F 175 5.82 -27.98 -51.93
N ALA F 176 4.91 -28.52 -51.12
CA ALA F 176 4.41 -27.83 -49.94
C ALA F 176 5.40 -28.16 -48.83
N ILE F 177 6.10 -27.14 -48.34
CA ILE F 177 7.12 -27.29 -47.31
C ILE F 177 6.59 -26.71 -45.99
N ILE F 178 6.72 -27.49 -44.92
CA ILE F 178 6.29 -27.09 -43.59
C ILE F 178 7.52 -26.87 -42.73
N LEU F 179 7.53 -25.78 -41.97
CA LEU F 179 8.63 -25.44 -41.09
C LEU F 179 8.20 -25.72 -39.65
N ASP F 180 8.91 -26.64 -38.99
CA ASP F 180 8.61 -27.02 -37.63
C ASP F 180 9.84 -26.82 -36.76
N ASP F 181 9.61 -26.59 -35.47
CA ASP F 181 10.71 -26.37 -34.55
C ASP F 181 11.40 -27.69 -34.23
N ASN F 182 12.71 -27.62 -34.03
CA ASN F 182 13.52 -28.79 -33.73
C ASN F 182 14.37 -28.50 -32.50
N ALA F 183 14.78 -29.58 -31.83
CA ALA F 183 15.59 -29.47 -30.62
C ALA F 183 17.09 -29.53 -30.90
N ASP F 184 17.51 -29.76 -32.13
CA ASP F 184 18.92 -29.82 -32.48
C ASP F 184 19.38 -28.48 -33.04
N ILE F 185 20.68 -28.37 -33.30
CA ILE F 185 21.25 -27.14 -33.84
C ILE F 185 21.50 -27.23 -35.34
N ASN F 186 21.41 -28.42 -35.92
CA ASN F 186 21.63 -28.63 -37.35
C ASN F 186 20.27 -28.77 -38.04
N ASP F 187 19.89 -27.76 -38.82
CA ASP F 187 18.61 -27.78 -39.53
C ASP F 187 18.54 -28.97 -40.48
N LYS F 188 17.84 -30.02 -40.08
CA LYS F 188 17.74 -31.21 -40.91
C LYS F 188 16.56 -31.13 -41.87
N LEU F 189 16.62 -31.91 -42.94
CA LEU F 189 15.57 -31.96 -43.94
C LEU F 189 15.10 -33.40 -44.13
N GLU F 190 13.79 -33.61 -44.15
CA GLU F 190 13.21 -34.93 -44.33
C GLU F 190 12.11 -34.88 -45.37
N PHE F 191 11.75 -36.06 -45.88
CA PHE F 191 10.70 -36.21 -46.89
C PHE F 191 9.76 -37.33 -46.47
N THR F 192 8.46 -37.11 -46.63
CA THR F 192 7.47 -38.11 -46.26
C THR F 192 6.35 -38.13 -47.28
N GLU F 193 5.90 -39.34 -47.65
CA GLU F 193 4.83 -39.46 -48.64
C GLU F 193 3.55 -38.82 -48.11
N GLY F 194 2.85 -38.11 -48.99
CA GLY F 194 1.63 -37.44 -48.60
C GLY F 194 0.84 -36.96 -49.80
N TYR F 195 -0.30 -36.35 -49.52
CA TYR F 195 -1.21 -35.81 -50.52
C TYR F 195 -1.33 -34.30 -50.34
N ASN F 196 -1.30 -33.57 -51.46
CA ASN F 196 -1.38 -32.11 -51.43
C ASN F 196 -2.32 -31.62 -52.51
N PHE F 197 -3.38 -30.92 -52.13
CA PHE F 197 -4.32 -30.36 -53.10
C PHE F 197 -4.23 -28.83 -53.06
N ASP F 198 -5.10 -28.16 -53.81
CA ASP F 198 -5.10 -26.69 -53.93
C ASP F 198 -6.21 -25.98 -53.15
N ARG F 199 -6.50 -26.41 -51.93
CA ARG F 199 -7.52 -25.77 -51.10
C ARG F 199 -6.84 -25.30 -49.82
N GLY F 200 -7.45 -24.32 -49.13
CA GLY F 200 -6.80 -23.80 -47.94
C GLY F 200 -7.67 -23.60 -46.70
N ILE F 201 -7.44 -22.45 -46.06
CA ILE F 201 -8.05 -22.00 -44.81
C ILE F 201 -9.15 -20.96 -45.04
N ILE F 202 -10.06 -21.25 -45.98
CA ILE F 202 -11.15 -20.30 -46.23
C ILE F 202 -11.81 -19.98 -44.89
N ASN F 203 -12.20 -18.71 -44.71
CA ASN F 203 -12.79 -18.23 -43.47
C ASN F 203 -11.73 -18.38 -42.38
N PRO F 204 -10.67 -17.56 -42.44
CA PRO F 204 -9.56 -17.67 -41.47
C PRO F 204 -9.92 -17.47 -40.00
N TYR F 205 -11.14 -17.05 -39.65
CA TYR F 205 -11.48 -16.84 -38.24
C TYR F 205 -11.29 -18.10 -37.40
N LEU F 206 -11.02 -19.24 -38.02
CA LEU F 206 -10.77 -20.49 -37.31
C LEU F 206 -9.41 -20.51 -36.61
N LEU F 207 -8.61 -19.46 -36.80
CA LEU F 207 -7.27 -19.36 -36.21
C LEU F 207 -7.19 -18.36 -35.06
N TYR F 208 -8.32 -17.96 -34.48
CA TYR F 208 -8.27 -17.00 -33.39
C TYR F 208 -8.04 -17.62 -32.02
N ASN F 209 -7.71 -18.92 -31.97
CA ASN F 209 -7.43 -19.54 -30.67
C ASN F 209 -5.90 -19.57 -30.55
N GLU F 210 -5.24 -20.41 -31.33
CA GLU F 210 -3.79 -20.47 -31.34
C GLU F 210 -3.31 -19.50 -32.40
N ASN F 211 -2.38 -18.61 -32.03
CA ASN F 211 -1.86 -17.60 -32.96
C ASN F 211 -0.55 -18.11 -33.56
N LYS F 212 -0.69 -18.98 -34.56
CA LYS F 212 0.46 -19.55 -35.26
C LYS F 212 0.35 -19.40 -36.77
N ASP F 213 -0.66 -18.66 -37.26
CA ASP F 213 -0.94 -18.38 -38.68
C ASP F 213 -1.17 -19.65 -39.49
N TYR F 214 -1.09 -20.82 -38.86
CA TYR F 214 -1.30 -22.09 -39.53
C TYR F 214 -2.06 -23.01 -38.58
N ILE F 215 -2.33 -24.22 -39.03
CA ILE F 215 -3.02 -25.23 -38.23
C ILE F 215 -2.09 -26.43 -38.11
N GLU F 216 -1.91 -26.90 -36.88
CA GLU F 216 -1.04 -28.05 -36.62
C GLU F 216 -1.87 -28.99 -35.76
N TYR F 217 -2.39 -30.04 -36.39
CA TYR F 217 -3.23 -31.04 -35.74
C TYR F 217 -2.59 -32.40 -35.98
N SER F 218 -2.43 -33.19 -34.92
CA SER F 218 -1.81 -34.50 -35.03
C SER F 218 -2.85 -35.60 -34.93
N GLN F 219 -2.82 -36.54 -35.88
CA GLN F 219 -3.72 -37.69 -35.93
C GLN F 219 -5.19 -37.27 -35.89
N VAL F 220 -5.60 -36.63 -36.98
CA VAL F 220 -6.97 -36.14 -37.12
C VAL F 220 -7.82 -37.23 -37.76
N SER F 221 -9.15 -37.14 -37.55
CA SER F 221 -10.10 -38.08 -38.13
C SER F 221 -10.77 -37.40 -39.31
N THR F 222 -10.72 -38.04 -40.47
CA THR F 222 -11.28 -37.46 -41.69
C THR F 222 -12.70 -37.90 -42.00
N LEU F 223 -13.48 -36.97 -42.54
CA LEU F 223 -14.87 -37.14 -42.97
C LEU F 223 -14.94 -36.53 -44.36
N ILE F 224 -14.74 -37.36 -45.39
CA ILE F 224 -14.72 -36.92 -46.78
C ILE F 224 -16.04 -37.30 -47.44
N THR F 225 -16.70 -36.34 -48.06
CA THR F 225 -17.97 -36.54 -48.76
C THR F 225 -17.86 -35.94 -50.15
N ASP F 226 -18.98 -35.99 -50.89
CA ASP F 226 -19.04 -35.47 -52.25
C ASP F 226 -20.13 -34.43 -52.44
N GLN F 227 -21.15 -34.43 -51.58
CA GLN F 227 -22.24 -33.47 -51.69
C GLN F 227 -21.92 -32.24 -50.83
N ASN F 228 -22.89 -31.35 -50.69
CA ASN F 228 -22.75 -30.14 -49.90
C ASN F 228 -23.47 -30.33 -48.57
N ILE F 229 -22.73 -30.22 -47.48
CA ILE F 229 -23.32 -30.36 -46.15
C ILE F 229 -24.16 -29.10 -45.94
N ASP F 230 -25.48 -29.22 -46.04
CA ASP F 230 -26.35 -28.06 -45.88
C ASP F 230 -27.03 -28.01 -44.52
N ASN F 231 -27.62 -29.12 -44.07
CA ASN F 231 -28.28 -29.16 -42.77
C ASN F 231 -27.24 -29.60 -41.74
N ILE F 232 -26.97 -28.72 -40.76
CA ILE F 232 -25.98 -29.03 -39.75
C ILE F 232 -26.36 -30.29 -38.97
N GLN F 233 -27.66 -30.58 -38.85
CA GLN F 233 -28.05 -31.79 -38.13
C GLN F 233 -27.60 -33.04 -38.85
N SER F 234 -27.43 -32.95 -40.18
CA SER F 234 -26.95 -34.09 -40.94
C SER F 234 -25.63 -34.58 -40.40
N ILE F 235 -24.83 -33.68 -39.81
CA ILE F 235 -23.54 -34.06 -39.24
C ILE F 235 -23.55 -33.93 -37.73
N LEU F 236 -24.70 -33.59 -37.13
CA LEU F 236 -24.77 -33.45 -35.68
C LEU F 236 -24.38 -34.72 -34.91
N PRO F 237 -24.79 -35.94 -35.30
CA PRO F 237 -24.38 -37.12 -34.51
C PRO F 237 -22.88 -37.36 -34.48
N ILE F 238 -22.19 -37.19 -35.60
CA ILE F 238 -20.74 -37.41 -35.63
C ILE F 238 -20.02 -36.39 -34.76
N LEU F 239 -20.43 -35.11 -34.84
CA LEU F 239 -19.78 -34.06 -34.08
C LEU F 239 -19.99 -34.22 -32.57
N GLU F 240 -21.21 -34.55 -32.14
CA GLU F 240 -21.48 -34.66 -30.70
C GLU F 240 -20.57 -35.68 -30.03
N ILE F 241 -20.35 -36.83 -30.67
CA ILE F 241 -19.47 -37.82 -30.07
C ILE F 241 -18.07 -37.25 -29.91
N PHE F 242 -17.59 -36.55 -30.94
CA PHE F 242 -16.26 -35.98 -30.87
C PHE F 242 -16.18 -34.85 -29.85
N ALA F 243 -17.33 -34.33 -29.40
CA ALA F 243 -17.30 -33.30 -28.39
C ALA F 243 -16.89 -33.89 -27.05
N LYS F 244 -17.15 -35.18 -26.84
CA LYS F 244 -16.79 -35.82 -25.57
C LYS F 244 -15.36 -36.35 -25.53
N ASN F 245 -14.82 -36.83 -26.66
CA ASN F 245 -13.47 -37.37 -26.66
C ASN F 245 -12.40 -36.29 -26.80
N LYS F 246 -12.73 -35.14 -27.39
CA LYS F 246 -11.81 -34.01 -27.57
C LYS F 246 -10.75 -34.31 -28.64
N GLN F 247 -11.09 -35.19 -29.63
CA GLN F 247 -10.21 -35.60 -30.72
C GLN F 247 -10.40 -34.70 -31.94
N PRO F 248 -9.33 -34.43 -32.69
CA PRO F 248 -9.45 -33.57 -33.87
C PRO F 248 -10.22 -34.24 -35.00
N LEU F 249 -11.04 -33.43 -35.67
CA LEU F 249 -11.88 -33.86 -36.78
C LEU F 249 -11.69 -32.92 -37.97
N CYS F 250 -11.72 -33.51 -39.17
CA CYS F 250 -11.58 -32.79 -40.42
C CYS F 250 -12.78 -33.14 -41.28
N ILE F 251 -13.44 -32.12 -41.82
CA ILE F 251 -14.62 -32.29 -42.65
C ILE F 251 -14.33 -31.72 -44.02
N ILE F 252 -14.46 -32.55 -45.05
CA ILE F 252 -14.22 -32.12 -46.43
C ILE F 252 -15.54 -32.11 -47.19
N ALA F 253 -16.19 -30.95 -47.24
CA ALA F 253 -17.46 -30.80 -47.92
C ALA F 253 -17.22 -30.16 -49.30
N ASP F 254 -18.31 -29.86 -50.01
CA ASP F 254 -18.18 -29.27 -51.32
C ASP F 254 -18.24 -27.73 -51.28
N ASP F 255 -19.24 -27.17 -50.59
CA ASP F 255 -19.36 -25.72 -50.51
C ASP F 255 -19.60 -25.18 -49.11
N PHE F 256 -19.93 -26.01 -48.12
CA PHE F 256 -20.15 -25.54 -46.76
C PHE F 256 -21.10 -24.35 -46.69
N SER F 257 -22.41 -24.62 -46.81
CA SER F 257 -23.46 -23.61 -46.78
C SER F 257 -23.26 -22.58 -45.67
N ASN F 258 -23.82 -21.39 -45.88
CA ASN F 258 -23.71 -20.26 -44.95
C ASN F 258 -23.81 -20.64 -43.48
N GLU F 259 -24.91 -21.26 -43.06
CA GLU F 259 -25.09 -21.60 -41.66
C GLU F 259 -24.35 -22.85 -41.20
N VAL F 260 -23.84 -23.68 -42.10
CA VAL F 260 -23.13 -24.89 -41.68
C VAL F 260 -21.63 -24.63 -41.56
N LEU F 261 -21.25 -23.36 -41.46
CA LEU F 261 -19.83 -23.02 -41.35
C LEU F 261 -19.46 -22.36 -40.03
N GLN F 262 -20.31 -21.49 -39.47
CA GLN F 262 -19.99 -20.83 -38.22
C GLN F 262 -20.97 -21.11 -37.09
N THR F 263 -22.21 -21.53 -37.40
CA THR F 263 -23.19 -21.78 -36.34
C THR F 263 -22.67 -22.79 -35.31
N LEU F 264 -22.02 -23.86 -35.75
CA LEU F 264 -21.51 -24.84 -34.82
C LEU F 264 -19.99 -25.05 -34.85
N ILE F 265 -19.34 -24.84 -35.99
CA ILE F 265 -17.90 -25.09 -36.09
C ILE F 265 -17.06 -23.94 -35.54
N ILE F 266 -17.22 -22.74 -36.11
CA ILE F 266 -16.40 -21.60 -35.72
C ILE F 266 -16.68 -21.12 -34.29
N ASN F 267 -17.94 -21.07 -33.88
CA ASN F 267 -18.22 -20.56 -32.53
C ASN F 267 -17.89 -21.56 -31.43
N LYS F 268 -17.91 -22.87 -31.73
CA LYS F 268 -17.63 -23.88 -30.72
C LYS F 268 -16.17 -24.29 -30.66
N LEU F 269 -15.42 -24.13 -31.76
CA LEU F 269 -14.01 -24.54 -31.76
C LEU F 269 -13.24 -23.92 -30.61
N LYS F 270 -13.69 -22.75 -30.13
CA LYS F 270 -12.99 -22.15 -29.00
C LYS F 270 -13.25 -22.91 -27.70
N GLY F 271 -14.11 -23.92 -27.76
CA GLY F 271 -14.43 -24.76 -26.63
C GLY F 271 -13.44 -25.91 -26.62
N ALA F 272 -13.95 -27.13 -26.88
CA ALA F 272 -13.11 -28.31 -26.93
C ALA F 272 -13.53 -29.13 -28.16
N ILE F 273 -13.13 -28.66 -29.34
CA ILE F 273 -13.43 -29.35 -30.61
C ILE F 273 -12.55 -28.77 -31.70
N LYS F 274 -11.97 -29.64 -32.53
CA LYS F 274 -11.10 -29.25 -33.64
C LYS F 274 -11.72 -29.67 -34.96
N VAL F 275 -12.18 -28.68 -35.75
CA VAL F 275 -12.80 -28.95 -37.04
C VAL F 275 -12.09 -28.12 -38.11
N VAL F 276 -11.81 -28.74 -39.24
CA VAL F 276 -11.14 -28.09 -40.36
C VAL F 276 -12.05 -28.19 -41.58
N PRO F 277 -12.77 -27.13 -41.93
CA PRO F 277 -13.68 -27.18 -43.10
C PRO F 277 -13.04 -26.87 -44.45
N ILE F 278 -12.42 -27.90 -45.07
CA ILE F 278 -11.81 -27.71 -46.38
C ILE F 278 -12.82 -28.09 -47.45
N ARG F 279 -12.71 -27.45 -48.61
CA ARG F 279 -13.61 -27.72 -49.73
C ARG F 279 -12.94 -28.55 -50.83
N SER F 282 -13.12 -28.81 -56.71
CA SER F 282 -14.45 -28.39 -57.14
C SER F 282 -14.38 -27.60 -58.44
N PHE F 283 -14.16 -28.30 -59.55
CA PHE F 283 -14.07 -27.68 -60.86
C PHE F 283 -14.93 -28.36 -61.91
N GLY F 284 -15.71 -29.36 -61.55
CA GLY F 284 -16.56 -30.08 -62.48
C GLY F 284 -16.61 -31.54 -62.07
N ASP F 285 -16.63 -32.43 -63.06
CA ASP F 285 -16.67 -33.85 -62.76
C ASP F 285 -15.33 -34.34 -62.21
N ARG F 286 -14.24 -33.67 -62.59
CA ARG F 286 -12.91 -34.06 -62.14
C ARG F 286 -12.79 -34.08 -60.63
N ARG F 287 -13.69 -33.40 -59.92
CA ARG F 287 -13.64 -33.40 -58.46
C ARG F 287 -13.95 -34.78 -57.89
N LYS F 288 -14.96 -35.47 -58.45
CA LYS F 288 -15.33 -36.77 -57.89
C LYS F 288 -14.14 -37.73 -57.84
N ASP F 289 -13.43 -37.87 -58.95
CA ASP F 289 -12.27 -38.76 -58.97
C ASP F 289 -11.29 -38.34 -57.88
N TYR F 290 -11.01 -37.04 -57.78
CA TYR F 290 -10.08 -36.59 -56.76
C TYR F 290 -10.59 -36.95 -55.37
N LEU F 291 -11.90 -36.76 -55.14
CA LEU F 291 -12.43 -37.12 -53.83
C LEU F 291 -12.23 -38.59 -53.55
N LYS F 292 -12.37 -39.43 -54.58
CA LYS F 292 -12.14 -40.85 -54.38
C LYS F 292 -10.74 -41.09 -53.86
N ASP F 293 -9.76 -40.40 -54.43
CA ASP F 293 -8.39 -40.55 -53.98
C ASP F 293 -8.26 -40.16 -52.51
N LEU F 294 -8.94 -39.08 -52.11
CA LEU F 294 -8.87 -38.67 -50.72
C LEU F 294 -9.41 -39.77 -49.81
N CYS F 295 -10.41 -40.51 -50.28
CA CYS F 295 -11.00 -41.58 -49.50
C CYS F 295 -10.19 -42.87 -49.52
N ILE F 296 -9.21 -43.00 -50.43
CA ILE F 296 -8.43 -44.23 -50.47
C ILE F 296 -7.14 -44.03 -49.68
N VAL F 297 -6.67 -42.78 -49.62
CA VAL F 297 -5.45 -42.48 -48.90
C VAL F 297 -5.65 -42.60 -47.40
N THR F 298 -6.83 -42.26 -46.89
CA THR F 298 -7.11 -42.33 -45.46
C THR F 298 -8.22 -43.30 -45.08
N ASN F 299 -8.85 -43.98 -46.05
CA ASN F 299 -9.93 -44.92 -45.76
C ASN F 299 -11.05 -44.21 -44.98
N SER F 300 -11.66 -43.22 -45.64
CA SER F 300 -12.70 -42.41 -45.05
C SER F 300 -14.10 -42.77 -45.53
N LYS F 301 -14.28 -43.92 -46.19
CA LYS F 301 -15.59 -44.35 -46.65
C LYS F 301 -16.28 -43.27 -47.48
N TYR F 302 -15.86 -43.11 -48.73
CA TYR F 302 -16.39 -42.11 -49.66
C TYR F 302 -17.89 -41.97 -49.55
N ILE F 303 -18.34 -40.77 -49.17
CA ILE F 303 -19.75 -40.46 -48.99
C ILE F 303 -20.27 -39.75 -50.23
N SER F 304 -21.37 -40.26 -50.78
CA SER F 304 -22.01 -39.70 -51.97
C SER F 304 -23.33 -40.42 -52.20
N ALA F 305 -24.27 -39.73 -52.82
CA ALA F 305 -25.57 -40.34 -53.09
C ALA F 305 -25.47 -41.41 -54.18
N ASP F 306 -24.44 -41.35 -55.01
CA ASP F 306 -24.28 -42.35 -56.07
C ASP F 306 -23.94 -43.72 -55.49
N VAL F 307 -23.22 -43.75 -54.38
CA VAL F 307 -22.83 -45.00 -53.73
C VAL F 307 -23.81 -45.37 -52.60
N GLY F 308 -24.98 -44.74 -52.56
CA GLY F 308 -25.95 -45.04 -51.53
C GLY F 308 -25.79 -44.33 -50.20
N LEU F 309 -24.56 -43.99 -49.82
CA LEU F 309 -24.32 -43.31 -48.55
C LEU F 309 -24.63 -41.83 -48.73
N ASP F 310 -25.86 -41.45 -48.38
CA ASP F 310 -26.30 -40.07 -48.50
C ASP F 310 -26.00 -39.31 -47.22
N LEU F 311 -25.47 -38.10 -47.38
CA LEU F 311 -25.11 -37.24 -46.26
C LEU F 311 -26.32 -36.66 -45.54
N ASN F 312 -27.54 -36.89 -46.05
CA ASN F 312 -28.73 -36.33 -45.42
C ASN F 312 -29.33 -37.30 -44.42
N ASN F 313 -29.64 -38.53 -44.84
CA ASN F 313 -30.21 -39.52 -43.93
C ASN F 313 -29.11 -40.47 -43.48
N LEU F 314 -28.30 -40.01 -42.52
CA LEU F 314 -27.23 -40.83 -41.97
C LEU F 314 -27.64 -41.49 -40.66
N HIS F 315 -28.90 -41.34 -40.26
CA HIS F 315 -29.46 -41.95 -39.07
C HIS F 315 -30.45 -43.05 -39.41
N ASN F 316 -30.95 -43.06 -40.64
CA ASN F 316 -31.91 -44.06 -41.09
C ASN F 316 -31.21 -45.35 -41.49
N GLN F 317 -30.39 -45.30 -42.54
CA GLN F 317 -29.68 -46.49 -43.01
C GLN F 317 -28.52 -46.79 -42.05
N MET F 318 -28.88 -47.16 -40.82
CA MET F 318 -27.92 -47.50 -39.79
C MET F 318 -27.12 -48.76 -40.12
N SER F 319 -27.35 -49.38 -41.28
CA SER F 319 -26.60 -50.59 -41.61
C SER F 319 -25.78 -50.40 -42.88
N SER F 320 -25.08 -49.28 -42.96
CA SER F 320 -24.20 -48.99 -44.09
C SER F 320 -22.76 -48.95 -43.61
N PHE F 321 -22.47 -48.09 -42.63
CA PHE F 321 -21.16 -47.97 -42.00
C PHE F 321 -20.96 -49.00 -40.89
N ASP F 322 -21.69 -50.12 -40.96
CA ASP F 322 -21.64 -51.20 -39.97
C ASP F 322 -22.15 -50.77 -38.61
N ASN F 323 -23.07 -49.81 -38.58
CA ASN F 323 -23.69 -49.23 -37.37
C ASN F 323 -22.68 -48.48 -36.53
N ASN F 324 -21.40 -48.51 -36.92
CA ASN F 324 -20.32 -47.82 -36.22
C ASN F 324 -20.12 -46.43 -36.81
N TYR F 325 -20.64 -45.41 -36.12
CA TYR F 325 -20.46 -44.04 -36.60
C TYR F 325 -18.98 -43.67 -36.75
N LEU F 326 -18.07 -44.41 -36.11
CA LEU F 326 -16.63 -44.15 -36.18
C LEU F 326 -15.93 -44.88 -37.31
N SER F 327 -16.42 -46.04 -37.72
CA SER F 327 -15.78 -46.78 -38.81
C SER F 327 -15.93 -46.08 -40.15
N LEU F 328 -16.89 -45.16 -40.25
CA LEU F 328 -17.10 -44.41 -41.48
C LEU F 328 -16.03 -43.34 -41.69
N LEU F 329 -15.29 -43.00 -40.64
CA LEU F 329 -14.26 -41.99 -40.71
C LEU F 329 -12.90 -42.60 -41.02
N GLY F 330 -11.97 -41.74 -41.43
CA GLY F 330 -10.63 -42.14 -41.77
C GLY F 330 -9.62 -41.72 -40.70
N SER F 331 -8.35 -41.83 -41.07
CA SER F 331 -7.26 -41.45 -40.18
C SER F 331 -6.08 -40.97 -40.99
N ALA F 332 -5.27 -40.11 -40.38
CA ALA F 332 -4.10 -39.55 -41.04
C ALA F 332 -3.03 -39.26 -40.00
N ASN F 333 -1.79 -39.15 -40.47
CA ASN F 333 -0.67 -38.88 -39.57
C ASN F 333 -0.68 -37.42 -39.11
N THR F 334 -0.57 -36.49 -40.06
CA THR F 334 -0.55 -35.07 -39.75
C THR F 334 -1.28 -34.30 -40.85
N LEU F 335 -1.95 -33.22 -40.45
CA LEU F 335 -2.70 -32.36 -41.36
C LEU F 335 -2.22 -30.92 -41.20
N ILE F 336 -1.80 -30.31 -42.31
CA ILE F 336 -1.31 -28.93 -42.32
C ILE F 336 -2.08 -28.19 -43.40
N VAL F 337 -2.98 -27.29 -42.99
CA VAL F 337 -3.80 -26.54 -43.93
C VAL F 337 -3.29 -25.10 -43.98
N LYS F 338 -2.76 -24.70 -45.13
CA LYS F 338 -2.26 -23.34 -45.31
C LYS F 338 -3.40 -22.50 -45.92
N LYS F 339 -3.11 -21.26 -46.29
CA LYS F 339 -4.14 -20.42 -46.88
C LYS F 339 -4.64 -20.94 -48.22
N ASP F 340 -3.77 -21.58 -49.01
CA ASP F 340 -4.19 -22.09 -50.31
C ASP F 340 -3.57 -23.44 -50.68
N ARG F 341 -2.96 -24.17 -49.74
CA ARG F 341 -2.36 -25.45 -50.12
C ARG F 341 -2.42 -26.42 -48.93
N THR F 342 -3.49 -27.19 -48.86
CA THR F 342 -3.65 -28.18 -47.81
C THR F 342 -2.76 -29.39 -48.07
N SER F 343 -2.19 -29.94 -46.99
CA SER F 343 -1.31 -31.09 -47.07
C SER F 343 -1.69 -32.10 -45.99
N LEU F 344 -1.62 -33.38 -46.33
CA LEU F 344 -1.94 -34.46 -45.39
C LEU F 344 -0.91 -35.57 -45.55
N ILE F 345 -0.28 -35.96 -44.46
CA ILE F 345 0.72 -37.02 -44.50
C ILE F 345 0.01 -38.36 -44.41
N THR F 346 0.21 -39.20 -45.43
CA THR F 346 -0.44 -40.50 -45.46
C THR F 346 0.04 -41.36 -44.29
N LYS F 347 -0.87 -42.18 -43.76
CA LYS F 347 -0.53 -43.04 -42.64
C LYS F 347 0.32 -44.21 -43.13
N GLU F 348 1.15 -44.74 -42.23
CA GLU F 348 2.01 -45.86 -42.57
C GLU F 348 1.24 -47.16 -42.74
N GLU F 349 -0.05 -47.18 -42.40
CA GLU F 349 -0.86 -48.38 -42.51
C GLU F 349 -1.63 -48.47 -43.83
N TYR F 350 -2.20 -47.35 -44.30
CA TYR F 350 -2.96 -47.37 -45.53
C TYR F 350 -2.10 -47.22 -46.79
N LYS F 351 -0.80 -46.99 -46.62
CA LYS F 351 0.10 -46.81 -47.77
C LYS F 351 -0.11 -47.88 -48.83
N LYS F 352 -0.12 -49.15 -48.43
CA LYS F 352 -0.27 -50.24 -49.40
C LYS F 352 -1.54 -50.07 -50.21
N GLU F 353 -2.66 -49.75 -49.54
CA GLU F 353 -3.90 -49.54 -50.26
C GLU F 353 -3.70 -48.52 -51.38
N ILE F 354 -3.14 -47.36 -51.04
CA ILE F 354 -2.91 -46.33 -52.05
C ILE F 354 -2.09 -46.90 -53.20
N ASP F 355 -1.05 -47.68 -52.88
CA ASP F 355 -0.21 -48.26 -53.91
C ASP F 355 -1.07 -49.03 -54.90
N GLU F 356 -1.96 -49.88 -54.39
CA GLU F 356 -2.82 -50.65 -55.29
C GLU F 356 -3.56 -49.72 -56.22
N ARG F 357 -4.21 -48.69 -55.65
CA ARG F 357 -4.93 -47.74 -56.49
C ARG F 357 -4.00 -47.10 -57.51
N ILE F 358 -2.79 -46.71 -57.07
CA ILE F 358 -1.85 -46.11 -58.00
C ILE F 358 -1.68 -47.03 -59.21
N ASN F 359 -1.49 -48.33 -58.94
CA ASN F 359 -1.32 -49.28 -60.02
C ASN F 359 -2.50 -49.25 -60.98
N VAL F 360 -3.73 -49.27 -60.46
CA VAL F 360 -4.88 -49.24 -61.36
C VAL F 360 -4.86 -47.94 -62.16
N LEU F 361 -4.53 -46.81 -61.50
CA LEU F 361 -4.47 -45.56 -62.24
C LEU F 361 -3.45 -45.67 -63.37
N LYS F 362 -2.32 -46.33 -63.09
CA LYS F 362 -1.31 -46.49 -64.13
C LYS F 362 -1.86 -47.32 -65.28
N LYS F 363 -2.62 -48.39 -64.98
CA LYS F 363 -3.19 -49.18 -66.07
C LYS F 363 -4.16 -48.35 -66.89
N GLU F 364 -4.76 -47.34 -66.28
CA GLU F 364 -5.69 -46.46 -66.97
C GLU F 364 -4.98 -45.35 -67.73
N TYR F 365 -3.69 -45.12 -67.46
CA TYR F 365 -2.97 -44.06 -68.15
C TYR F 365 -2.69 -44.39 -69.61
N GLU F 366 -2.31 -45.64 -69.89
CA GLU F 366 -1.99 -46.09 -71.24
C GLU F 366 -3.14 -46.84 -71.90
N GLU F 367 -4.39 -46.57 -71.48
CA GLU F 367 -5.55 -47.27 -72.04
C GLU F 367 -6.62 -46.35 -72.61
N THR F 368 -6.41 -45.03 -72.63
CA THR F 368 -7.39 -44.09 -73.12
C THR F 368 -6.72 -43.22 -74.19
N THR F 369 -7.50 -42.82 -75.19
CA THR F 369 -6.97 -42.05 -76.32
C THR F 369 -7.26 -40.56 -76.29
N SER F 370 -8.15 -40.06 -75.43
CA SER F 370 -8.39 -38.62 -75.39
C SER F 370 -7.27 -37.98 -74.58
N LYS F 371 -6.52 -37.06 -75.20
CA LYS F 371 -5.41 -36.44 -74.52
C LYS F 371 -5.83 -35.65 -73.28
N TYR F 372 -7.02 -35.06 -73.26
CA TYR F 372 -7.41 -34.33 -72.06
C TYR F 372 -7.64 -35.29 -70.90
N ASP F 373 -8.10 -36.51 -71.20
CA ASP F 373 -8.30 -37.49 -70.14
C ASP F 373 -6.96 -38.03 -69.67
N LYS F 374 -6.01 -38.18 -70.60
CA LYS F 374 -4.69 -38.64 -70.19
C LYS F 374 -3.99 -37.59 -69.36
N GLU F 375 -4.27 -36.30 -69.63
CA GLU F 375 -3.66 -35.23 -68.85
C GLU F 375 -4.27 -35.20 -67.45
N LYS F 376 -5.58 -35.39 -67.36
CA LYS F 376 -6.21 -35.40 -66.05
C LYS F 376 -5.71 -36.58 -65.22
N LEU F 377 -5.61 -37.75 -65.85
CA LEU F 377 -5.12 -38.92 -65.13
C LEU F 377 -3.65 -38.74 -64.74
N ASN F 378 -2.87 -38.07 -65.59
CA ASN F 378 -1.46 -37.83 -65.26
C ASN F 378 -1.37 -36.92 -64.05
N GLU F 379 -2.22 -35.90 -63.99
CA GLU F 379 -2.21 -35.01 -62.84
C GLU F 379 -2.60 -35.78 -61.58
N ARG F 380 -3.56 -36.69 -61.71
CA ARG F 380 -3.99 -37.49 -60.56
C ARG F 380 -2.87 -38.39 -60.06
N ILE F 381 -2.20 -39.11 -60.96
CA ILE F 381 -1.13 -40.00 -60.53
C ILE F 381 0.03 -39.19 -59.95
N ALA F 382 0.30 -38.02 -60.53
CA ALA F 382 1.37 -37.18 -60.00
C ALA F 382 1.02 -36.65 -58.62
N ALA F 383 -0.27 -36.39 -58.36
CA ALA F 383 -0.66 -35.89 -57.05
C ALA F 383 -0.60 -36.98 -56.00
N LEU F 384 -1.09 -38.19 -56.32
CA LEU F 384 -1.03 -39.28 -55.35
C LEU F 384 0.41 -39.67 -55.05
N SER F 385 1.22 -39.83 -56.09
CA SER F 385 2.63 -40.21 -55.94
C SER F 385 3.49 -38.96 -55.70
N GLY F 386 3.14 -38.24 -54.64
CA GLY F 386 3.85 -37.03 -54.28
C GLY F 386 4.47 -37.11 -52.90
N GLY F 387 4.94 -35.98 -52.38
CA GLY F 387 5.55 -35.98 -51.06
C GLY F 387 5.49 -34.62 -50.40
N ILE F 388 5.91 -34.59 -49.14
CA ILE F 388 5.93 -33.39 -48.32
C ILE F 388 7.30 -33.30 -47.66
N ALA F 389 7.92 -32.12 -47.77
CA ALA F 389 9.23 -31.86 -47.20
C ALA F 389 9.09 -31.19 -45.84
N LYS F 390 9.77 -31.74 -44.83
CA LYS F 390 9.75 -31.21 -43.47
C LYS F 390 11.16 -30.68 -43.16
N ILE F 391 11.25 -29.38 -42.92
CA ILE F 391 12.52 -28.72 -42.62
C ILE F 391 12.55 -28.39 -41.14
N LEU F 392 13.39 -29.12 -40.39
CA LEU F 392 13.55 -28.94 -38.95
C LEU F 392 14.64 -27.89 -38.70
N ILE F 393 14.21 -26.71 -38.25
CA ILE F 393 15.07 -25.56 -37.96
C ILE F 393 15.53 -25.60 -36.52
N GLY F 394 16.77 -25.16 -36.29
CA GLY F 394 17.32 -25.11 -34.95
C GLY F 394 18.10 -23.82 -34.75
N GLY F 395 18.53 -23.60 -33.52
CA GLY F 395 19.28 -22.41 -33.19
C GLY F 395 19.99 -22.55 -31.87
N ASN F 396 20.68 -21.48 -31.48
CA ASN F 396 21.41 -21.47 -30.21
C ASN F 396 20.59 -20.97 -29.03
N SER F 397 19.35 -20.53 -29.27
CA SER F 397 18.49 -20.05 -28.19
C SER F 397 17.04 -20.30 -28.57
N GLU F 398 16.14 -20.08 -27.61
CA GLU F 398 14.73 -20.30 -27.89
C GLU F 398 14.16 -19.20 -28.77
N THR F 399 14.67 -17.97 -28.65
CA THR F 399 14.18 -16.89 -29.49
C THR F 399 14.82 -16.93 -30.86
N GLU F 400 16.09 -17.37 -30.93
CA GLU F 400 16.77 -17.48 -32.21
C GLU F 400 16.09 -18.53 -33.07
N GLN F 401 15.47 -19.54 -32.44
CA GLN F 401 14.77 -20.57 -33.19
C GLN F 401 13.61 -19.97 -33.97
N LYS F 402 12.78 -19.17 -33.29
CA LYS F 402 11.66 -18.53 -33.96
C LYS F 402 12.15 -17.50 -34.97
N GLU F 403 13.26 -16.82 -34.66
CA GLU F 403 13.82 -15.84 -35.58
C GLU F 403 14.23 -16.51 -36.90
N ARG F 404 14.98 -17.60 -36.79
CA ARG F 404 15.41 -18.34 -37.97
C ARG F 404 14.22 -18.95 -38.69
N LYS F 405 13.18 -19.34 -37.94
CA LYS F 405 11.99 -19.90 -38.55
C LYS F 405 11.29 -18.86 -39.43
N PHE F 406 11.13 -17.64 -38.90
CA PHE F 406 10.48 -16.58 -39.68
C PHE F 406 11.34 -16.20 -40.89
N LYS F 407 12.67 -16.13 -40.70
CA LYS F 407 13.56 -15.78 -41.80
C LYS F 407 13.45 -16.81 -42.92
N TYR F 408 13.51 -18.09 -42.56
CA TYR F 408 13.42 -19.15 -43.55
C TYR F 408 12.03 -19.20 -44.18
N GLU F 409 10.98 -18.89 -43.42
CA GLU F 409 9.65 -18.86 -44.01
C GLU F 409 9.59 -17.80 -45.10
N ALA F 410 10.18 -16.63 -44.82
CA ALA F 410 10.21 -15.56 -45.80
C ALA F 410 11.01 -15.99 -47.03
N ALA F 411 12.13 -16.69 -46.81
CA ALA F 411 12.95 -17.14 -47.93
C ALA F 411 12.18 -18.14 -48.79
N THR F 412 11.49 -19.08 -48.16
CA THR F 412 10.71 -20.07 -48.91
C THR F 412 9.59 -19.39 -49.69
N ASN F 413 8.96 -18.37 -49.09
CA ASN F 413 7.90 -17.65 -49.79
C ASN F 413 8.47 -16.92 -51.00
N ALA F 414 9.70 -16.39 -50.85
CA ALA F 414 10.33 -15.69 -51.97
C ALA F 414 10.63 -16.66 -53.11
N VAL F 415 11.11 -17.86 -52.77
CA VAL F 415 11.39 -18.85 -53.81
C VAL F 415 10.09 -19.29 -54.48
N LYS F 416 9.01 -19.41 -53.70
CA LYS F 416 7.73 -19.81 -54.27
C LYS F 416 7.21 -18.73 -55.22
N SER F 417 7.35 -17.46 -54.84
CA SER F 417 6.90 -16.39 -55.72
C SER F 417 7.80 -16.22 -56.93
N ALA F 418 9.05 -16.68 -56.85
CA ALA F 418 10.00 -16.56 -57.96
C ALA F 418 9.82 -17.62 -59.03
N ILE F 419 9.38 -18.83 -58.66
CA ILE F 419 9.21 -19.91 -59.64
C ILE F 419 8.06 -19.71 -60.61
N ASP F 420 7.21 -18.70 -60.44
CA ASP F 420 6.12 -18.59 -61.38
C ASP F 420 6.55 -18.06 -62.74
N ILE F 421 6.93 -16.79 -62.86
CA ILE F 421 7.34 -16.30 -64.17
C ILE F 421 8.61 -15.46 -64.14
N GLY F 422 9.01 -14.95 -62.97
CA GLY F 422 10.20 -14.13 -62.99
C GLY F 422 11.10 -14.06 -61.76
N TYR F 423 12.34 -13.69 -62.05
CA TYR F 423 13.44 -13.46 -61.12
C TYR F 423 14.29 -12.37 -61.76
N VAL F 424 14.65 -11.34 -61.00
CA VAL F 424 15.43 -10.25 -61.58
C VAL F 424 16.77 -10.10 -60.88
N PRO F 425 17.78 -9.56 -61.56
CA PRO F 425 19.11 -9.40 -60.94
C PRO F 425 19.04 -8.60 -59.65
N GLY F 426 19.76 -9.09 -58.64
CA GLY F 426 19.79 -8.45 -57.35
C GLY F 426 20.74 -7.27 -57.32
N GLY F 427 21.16 -6.90 -56.11
CA GLY F 427 22.06 -5.78 -55.96
C GLY F 427 21.46 -4.44 -56.34
N GLY F 428 20.13 -4.34 -56.42
CA GLY F 428 19.50 -3.09 -56.77
C GLY F 428 19.61 -2.69 -58.22
N VAL F 429 20.11 -3.57 -59.10
CA VAL F 429 20.24 -3.20 -60.51
C VAL F 429 18.87 -3.09 -61.17
N THR F 430 17.86 -3.82 -60.66
CA THR F 430 16.53 -3.71 -61.24
C THR F 430 15.97 -2.31 -61.05
N TYR F 431 16.25 -1.70 -59.88
CA TYR F 431 15.80 -0.34 -59.63
C TYR F 431 16.59 0.66 -60.47
N LEU F 432 17.85 0.34 -60.77
CA LEU F 432 18.69 1.23 -61.57
C LEU F 432 18.35 1.18 -63.05
N GLU F 433 17.79 0.06 -63.53
CA GLU F 433 17.47 -0.03 -64.95
C GLU F 433 16.38 0.94 -65.36
N ILE F 434 15.35 1.11 -64.52
CA ILE F 434 14.28 2.04 -64.88
C ILE F 434 14.79 3.48 -64.90
N ILE F 435 15.94 3.74 -64.30
CA ILE F 435 16.54 5.06 -64.33
C ILE F 435 17.46 5.21 -65.54
N LYS F 436 18.22 4.15 -65.83
CA LYS F 436 19.16 4.15 -66.95
C LYS F 436 18.45 4.05 -68.30
N SER F 437 17.27 3.42 -68.37
CA SER F 437 16.55 3.30 -69.63
C SER F 437 15.53 4.42 -69.85
N ASN F 438 15.70 5.56 -69.19
CA ASN F 438 14.81 6.72 -69.33
C ASN F 438 13.31 6.38 -69.28
N PHE F 439 12.91 5.57 -68.29
CA PHE F 439 11.49 5.24 -68.13
C PHE F 439 10.68 6.43 -67.64
N ILE F 440 11.37 7.41 -67.03
CA ILE F 440 10.71 8.62 -66.52
C ILE F 440 10.03 9.37 -67.66
N GLN F 441 10.62 9.34 -68.85
CA GLN F 441 9.98 10.00 -69.98
C GLN F 441 8.70 9.26 -70.37
N GLU F 442 8.70 7.93 -70.21
CA GLU F 442 7.51 7.16 -70.53
C GLU F 442 6.37 7.52 -69.58
N ILE F 443 6.66 7.57 -68.28
CA ILE F 443 5.59 7.94 -67.36
C ILE F 443 5.15 9.38 -67.60
N HIS F 444 6.09 10.25 -67.99
CA HIS F 444 5.73 11.63 -68.29
C HIS F 444 4.74 11.70 -69.45
N LYS F 445 5.05 11.00 -70.54
CA LYS F 445 4.15 10.97 -71.68
C LYS F 445 2.81 10.37 -71.31
N LYS F 446 2.82 9.36 -70.43
CA LYS F 446 1.57 8.74 -70.01
C LYS F 446 0.69 9.72 -69.25
N ILE F 447 1.28 10.48 -68.31
CA ILE F 447 0.46 11.44 -67.58
C ILE F 447 -0.02 12.53 -68.54
N GLU F 448 0.81 12.90 -69.52
CA GLU F 448 0.40 13.90 -70.48
C GLU F 448 -0.81 13.41 -71.27
N GLU F 449 -0.83 12.12 -71.61
CA GLU F 449 -1.98 11.58 -72.34
C GLU F 449 -3.20 11.51 -71.43
N ASP F 450 -2.99 11.17 -70.16
CA ASP F 450 -4.09 11.11 -69.21
C ASP F 450 -4.72 12.48 -69.04
N LEU F 451 -3.93 13.53 -69.23
CA LEU F 451 -4.45 14.90 -69.14
C LEU F 451 -5.00 15.34 -70.49
N GLN F 452 -4.51 14.75 -71.58
CA GLN F 452 -5.01 15.06 -72.91
C GLN F 452 -6.41 14.54 -73.11
N ILE F 453 -6.74 13.41 -72.46
CA ILE F 453 -8.08 12.83 -72.59
C ILE F 453 -9.05 13.68 -71.78
N SER F 454 -8.54 14.72 -71.12
CA SER F 454 -9.37 15.63 -70.35
C SER F 454 -9.35 17.05 -70.88
N SER F 455 -8.26 17.46 -71.55
CA SER F 455 -8.18 18.81 -72.11
C SER F 455 -8.88 18.86 -73.46
N ASN F 456 -8.31 18.16 -74.46
CA ASN F 456 -8.90 18.11 -75.80
C ASN F 456 -10.11 17.20 -75.78
N ASN F 457 -11.10 17.59 -74.96
CA ASN F 457 -12.35 16.88 -74.76
C ASN F 457 -13.41 17.94 -74.47
N ASP F 458 -14.45 17.58 -73.72
CA ASP F 458 -15.53 18.51 -73.39
C ASP F 458 -14.98 19.91 -73.17
N GLU F 459 -15.43 20.84 -74.00
CA GLU F 459 -14.98 22.23 -73.95
C GLU F 459 -15.63 22.95 -72.79
N LYS F 460 -14.87 23.19 -71.73
CA LYS F 460 -15.39 23.90 -70.58
C LYS F 460 -14.26 24.69 -69.93
N LYS F 461 -14.54 25.94 -69.58
CA LYS F 461 -13.58 26.79 -68.90
C LYS F 461 -13.87 26.82 -67.42
N TYR F 462 -14.56 25.78 -66.94
CA TYR F 462 -14.95 25.61 -65.56
C TYR F 462 -13.86 24.89 -64.78
N LEU F 463 -13.08 24.05 -65.46
CA LEU F 463 -11.99 23.31 -64.84
C LEU F 463 -10.71 24.14 -64.77
N GLU F 464 -10.59 25.16 -65.62
CA GLU F 464 -9.43 26.03 -65.63
C GLU F 464 -9.45 27.04 -64.50
N LEU F 465 -10.62 27.34 -63.95
CA LEU F 465 -10.79 28.30 -62.87
C LEU F 465 -10.63 27.68 -61.50
N ILE F 466 -10.76 26.35 -61.38
CA ILE F 466 -10.62 25.67 -60.11
C ILE F 466 -9.21 25.14 -59.87
N GLY F 467 -8.28 25.42 -60.77
CA GLY F 467 -6.91 24.97 -60.61
C GLY F 467 -6.12 25.05 -61.90
N ASN F 468 -4.85 25.45 -61.80
CA ASN F 468 -4.02 25.56 -62.99
C ASN F 468 -3.72 24.16 -63.53
N LEU F 469 -4.06 23.95 -64.80
CA LEU F 469 -3.84 22.63 -65.41
C LEU F 469 -2.35 22.33 -65.58
N GLU F 470 -1.59 23.29 -66.13
CA GLU F 470 -0.17 23.06 -66.33
C GLU F 470 0.57 22.87 -65.01
N SER F 471 0.16 23.62 -63.98
CA SER F 471 0.81 23.47 -62.67
C SER F 471 0.50 22.11 -62.08
N GLU F 472 -0.74 21.64 -62.24
CA GLU F 472 -1.11 20.32 -61.74
C GLU F 472 -0.34 19.24 -62.48
N MET F 473 -0.15 19.42 -63.79
CA MET F 473 0.62 18.45 -64.56
C MET F 473 2.06 18.41 -64.07
N GLU F 474 2.61 19.59 -63.77
CA GLU F 474 3.98 19.66 -63.27
C GLU F 474 4.09 18.97 -61.92
N LEU F 475 3.06 19.09 -61.08
CA LEU F 475 3.11 18.43 -59.77
C LEU F 475 2.98 16.92 -59.92
N GLN F 476 2.16 16.46 -60.87
CA GLN F 476 2.02 15.03 -61.10
C GLN F 476 3.36 14.45 -61.56
N LYS F 477 3.96 15.09 -62.55
CA LYS F 477 5.27 14.62 -63.00
C LYS F 477 6.30 14.80 -61.90
N MET F 478 6.06 15.72 -60.96
CA MET F 478 6.95 15.89 -59.83
C MET F 478 6.94 14.65 -58.96
N GLY F 479 5.74 14.13 -58.69
CA GLY F 479 5.64 12.90 -57.92
C GLY F 479 6.33 11.77 -58.65
N ALA F 480 6.18 11.73 -59.98
CA ALA F 480 6.85 10.70 -60.77
C ALA F 480 8.37 10.84 -60.64
N ASN F 481 8.88 12.07 -60.68
CA ASN F 481 10.31 12.31 -60.56
C ASN F 481 10.80 11.87 -59.19
N ILE F 482 9.97 12.07 -58.16
CA ILE F 482 10.33 11.68 -56.80
C ILE F 482 10.46 10.16 -56.72
N VAL F 483 9.51 9.44 -57.33
CA VAL F 483 9.57 7.99 -57.30
C VAL F 483 10.78 7.47 -58.08
N VAL F 484 11.12 8.13 -59.18
CA VAL F 484 12.25 7.67 -59.99
C VAL F 484 13.58 7.96 -59.30
N SER F 485 13.78 9.18 -58.82
CA SER F 485 15.03 9.58 -58.18
C SER F 485 15.35 8.82 -56.89
N SER F 486 14.40 8.06 -56.34
CA SER F 486 14.64 7.33 -55.10
C SER F 486 14.83 5.83 -55.33
N LEU F 487 15.37 5.46 -56.49
CA LEU F 487 15.59 4.04 -56.80
C LEU F 487 17.03 3.60 -56.66
N ASP F 488 17.98 4.54 -56.63
CA ASP F 488 19.39 4.20 -56.49
C ASP F 488 19.81 4.05 -55.04
N VAL F 489 18.87 4.18 -54.09
CA VAL F 489 19.20 4.08 -52.68
C VAL F 489 19.54 2.65 -52.26
N ILE F 490 18.92 1.66 -52.90
CA ILE F 490 19.19 0.26 -52.53
C ILE F 490 20.65 -0.11 -52.83
N THR F 491 21.03 -0.03 -54.10
CA THR F 491 22.40 -0.38 -54.48
C THR F 491 23.41 0.53 -53.81
N LYS F 492 23.10 1.82 -53.69
CA LYS F 492 24.03 2.74 -53.05
C LYS F 492 24.24 2.37 -51.59
N GLN F 493 23.16 2.02 -50.88
CA GLN F 493 23.30 1.64 -49.48
C GLN F 493 24.06 0.34 -49.35
N ILE F 494 23.82 -0.61 -50.25
CA ILE F 494 24.53 -1.89 -50.20
C ILE F 494 26.03 -1.65 -50.36
N ALA F 495 26.41 -0.84 -51.34
CA ALA F 495 27.84 -0.55 -51.55
C ALA F 495 28.42 0.26 -50.41
N ASP F 496 27.66 1.23 -49.89
CA ASP F 496 28.15 2.07 -48.79
C ASP F 496 28.41 1.27 -47.52
N ASN F 497 27.51 0.35 -47.17
CA ASN F 497 27.72 -0.44 -45.96
C ASN F 497 28.98 -1.27 -46.05
N ALA F 498 29.39 -1.64 -47.27
CA ALA F 498 30.60 -2.42 -47.46
C ALA F 498 31.88 -1.60 -47.35
N GLY F 499 31.77 -0.27 -47.30
CA GLY F 499 32.93 0.58 -47.20
C GLY F 499 33.40 1.17 -48.51
N VAL F 500 32.53 1.21 -49.52
CA VAL F 500 32.86 1.73 -50.84
C VAL F 500 31.90 2.86 -51.16
N ASN F 501 32.33 3.75 -52.06
CA ASN F 501 31.53 4.89 -52.49
C ASN F 501 30.28 4.40 -53.22
N GLY F 502 29.12 4.52 -52.57
CA GLY F 502 27.89 4.07 -53.19
C GLY F 502 27.50 4.89 -54.41
N ASP F 503 27.53 6.22 -54.27
CA ASP F 503 27.18 7.08 -55.39
C ASP F 503 28.04 6.80 -56.61
N ASN F 504 29.34 6.59 -56.42
CA ASN F 504 30.19 6.29 -57.56
C ASN F 504 29.84 4.93 -58.17
N VAL F 505 29.44 3.96 -57.34
CA VAL F 505 29.07 2.66 -57.87
C VAL F 505 27.82 2.77 -58.74
N VAL F 506 26.82 3.52 -58.26
CA VAL F 506 25.61 3.69 -59.06
C VAL F 506 25.93 4.46 -60.34
N LYS F 507 26.80 5.47 -60.27
CA LYS F 507 27.16 6.22 -61.46
C LYS F 507 27.88 5.33 -62.47
N ILE F 508 28.71 4.41 -61.97
CA ILE F 508 29.43 3.50 -62.87
C ILE F 508 28.46 2.53 -63.54
N ILE F 509 27.51 1.99 -62.76
CA ILE F 509 26.54 1.06 -63.32
C ILE F 509 25.64 1.75 -64.34
N LEU F 510 25.28 3.02 -64.06
CA LEU F 510 24.41 3.75 -64.98
C LEU F 510 25.13 4.29 -66.21
N ASN F 511 26.41 4.62 -66.11
CA ASN F 511 27.12 5.17 -67.27
C ASN F 511 27.70 4.10 -68.18
N SER F 512 27.79 2.86 -67.74
CA SER F 512 28.31 1.81 -68.61
C SER F 512 27.12 1.22 -69.35
N LYS F 513 27.26 1.06 -70.66
CA LYS F 513 26.18 0.49 -71.47
C LYS F 513 26.43 -1.01 -71.71
N ASP F 514 26.62 -1.69 -70.59
CA ASP F 514 26.87 -3.13 -70.56
C ASP F 514 25.53 -3.85 -70.51
N LYS F 515 25.55 -5.16 -70.29
CA LYS F 515 24.34 -5.95 -70.22
C LYS F 515 23.45 -5.46 -69.08
N TYR F 516 22.24 -6.01 -69.01
CA TYR F 516 21.29 -5.59 -67.99
C TYR F 516 21.61 -6.17 -66.62
N GLY F 517 22.24 -7.33 -66.57
CA GLY F 517 22.61 -7.94 -65.31
C GLY F 517 23.87 -7.39 -64.70
N PHE F 518 24.45 -6.36 -65.30
CA PHE F 518 25.67 -5.74 -64.81
C PHE F 518 25.44 -5.01 -63.49
N GLY F 519 26.07 -5.50 -62.43
CA GLY F 519 25.98 -4.91 -61.10
C GLY F 519 27.30 -4.97 -60.37
N TYR F 520 27.31 -4.61 -59.09
CA TYR F 520 28.50 -4.60 -58.27
C TYR F 520 28.35 -5.61 -57.14
N ASP F 521 29.21 -6.63 -57.13
CA ASP F 521 29.22 -7.65 -56.09
C ASP F 521 30.07 -7.17 -54.94
N VAL F 522 29.44 -7.01 -53.77
CA VAL F 522 30.14 -6.55 -52.57
C VAL F 522 30.87 -7.67 -51.84
N ASN F 523 30.48 -8.93 -52.08
CA ASN F 523 31.15 -10.04 -51.41
C ASN F 523 32.57 -10.24 -51.94
N THR F 524 32.81 -9.91 -53.21
CA THR F 524 34.12 -10.05 -53.81
C THR F 524 34.66 -8.72 -54.33
N ASN F 525 34.00 -7.61 -54.00
CA ASN F 525 34.40 -6.26 -54.41
C ASN F 525 34.74 -6.20 -55.90
N LYS F 526 33.77 -6.57 -56.73
CA LYS F 526 34.04 -6.55 -58.17
C LYS F 526 32.78 -6.24 -58.95
N PHE F 527 32.95 -5.56 -60.08
CA PHE F 527 31.83 -5.23 -60.96
C PHE F 527 31.63 -6.45 -61.85
N VAL F 528 30.54 -7.17 -61.64
CA VAL F 528 30.28 -8.38 -62.41
C VAL F 528 28.84 -8.45 -62.87
N ASN F 529 28.46 -9.58 -63.47
CA ASN F 529 27.10 -9.79 -63.94
C ASN F 529 26.33 -10.48 -62.82
N MET F 530 25.17 -9.91 -62.46
CA MET F 530 24.38 -10.45 -61.35
C MET F 530 23.78 -11.81 -61.66
N VAL F 531 23.15 -11.98 -62.83
CA VAL F 531 22.54 -13.27 -63.13
C VAL F 531 23.58 -14.38 -63.30
N GLU F 532 24.84 -14.02 -63.56
CA GLU F 532 25.87 -15.05 -63.73
C GLU F 532 26.38 -15.55 -62.39
N LYS F 533 26.63 -14.67 -61.44
CA LYS F 533 27.15 -15.07 -60.13
C LYS F 533 26.05 -15.52 -59.16
N GLY F 534 24.82 -15.67 -59.63
CA GLY F 534 23.73 -16.10 -58.78
C GLY F 534 23.14 -15.07 -57.85
N ILE F 535 23.51 -13.81 -57.98
CA ILE F 535 22.96 -12.75 -57.12
C ILE F 535 21.69 -12.29 -57.80
N ILE F 536 20.58 -12.95 -57.46
CA ILE F 536 19.28 -12.65 -58.05
C ILE F 536 18.21 -12.60 -56.96
N ASP F 537 17.20 -11.79 -57.20
CA ASP F 537 16.08 -11.62 -56.29
C ASP F 537 14.80 -12.01 -57.04
N SER F 538 13.76 -12.31 -56.29
CA SER F 538 12.49 -12.67 -56.90
C SER F 538 11.77 -11.41 -57.36
N THR F 539 11.20 -11.46 -58.57
CA THR F 539 10.50 -10.30 -59.10
C THR F 539 9.36 -9.87 -58.18
N ASN F 540 8.71 -10.84 -57.53
CA ASN F 540 7.62 -10.50 -56.62
C ASN F 540 8.10 -9.67 -55.44
N VAL F 541 9.31 -9.98 -54.94
CA VAL F 541 9.85 -9.23 -53.80
C VAL F 541 10.07 -7.77 -54.18
N ILE F 542 10.71 -7.52 -55.32
CA ILE F 542 10.96 -6.15 -55.74
C ILE F 542 9.66 -5.42 -56.04
N ILE F 543 8.72 -6.10 -56.70
CA ILE F 543 7.43 -5.48 -57.01
C ILE F 543 6.71 -5.09 -55.73
N SER F 544 6.68 -6.00 -54.75
CA SER F 544 6.02 -5.72 -53.48
C SER F 544 6.72 -4.59 -52.73
N VAL F 545 8.05 -4.56 -52.79
CA VAL F 545 8.80 -3.51 -52.11
C VAL F 545 8.41 -2.14 -52.66
N ILE F 546 8.46 -2.00 -53.98
CA ILE F 546 8.13 -0.71 -54.59
C ILE F 546 6.67 -0.35 -54.37
N LYS F 547 5.76 -1.33 -54.49
CA LYS F 547 4.34 -1.04 -54.30
C LYS F 547 4.06 -0.59 -52.87
N ASN F 548 4.63 -1.29 -51.89
CA ASN F 548 4.40 -0.93 -50.50
C ASN F 548 5.00 0.44 -50.17
N SER F 549 6.22 0.71 -50.65
CA SER F 549 6.84 2.00 -50.37
C SER F 549 6.01 3.14 -50.96
N CYS F 550 5.58 2.99 -52.22
CA CYS F 550 4.78 4.05 -52.85
C CYS F 550 3.44 4.22 -52.14
N SER F 551 2.82 3.11 -51.74
CA SER F 551 1.53 3.20 -51.06
C SER F 551 1.67 3.91 -49.71
N ILE F 552 2.72 3.59 -48.96
CA ILE F 552 2.93 4.25 -47.67
C ILE F 552 3.20 5.73 -47.87
N ALA F 553 3.98 6.08 -48.90
CA ALA F 553 4.27 7.48 -49.16
C ALA F 553 2.98 8.25 -49.47
N SER F 554 2.15 7.68 -50.35
CA SER F 554 0.90 8.34 -50.70
C SER F 554 -0.03 8.46 -49.48
N MET F 555 -0.08 7.40 -48.66
CA MET F 555 -0.94 7.44 -47.47
C MET F 555 -0.47 8.51 -46.50
N VAL F 556 0.85 8.64 -46.30
CA VAL F 556 1.34 9.66 -45.39
C VAL F 556 1.07 11.05 -45.95
N LEU F 557 1.21 11.21 -47.26
CA LEU F 557 0.94 12.52 -47.87
C LEU F 557 -0.53 12.89 -47.74
N THR F 558 -1.43 11.92 -47.80
CA THR F 558 -2.85 12.21 -47.68
C THR F 558 -3.25 12.50 -46.24
N THR F 559 -2.50 11.99 -45.26
CA THR F 559 -2.82 12.23 -43.86
C THR F 559 -2.68 13.71 -43.53
N GLU F 560 -3.67 14.28 -42.85
CA GLU F 560 -3.67 15.69 -42.50
C GLU F 560 -4.01 15.94 -41.03
N CYS F 561 -3.97 14.90 -40.19
CA CYS F 561 -4.30 15.09 -38.79
C CYS F 561 -3.80 13.91 -37.96
N MET F 562 -3.45 14.18 -36.72
CA MET F 562 -2.97 13.19 -35.78
C MET F 562 -3.62 13.46 -34.43
N MET F 563 -3.99 12.37 -33.74
CA MET F 563 -4.64 12.44 -32.44
C MET F 563 -3.95 11.42 -31.54
N VAL F 564 -3.36 11.89 -30.45
CA VAL F 564 -2.63 11.05 -29.52
C VAL F 564 -3.40 10.95 -28.21
N ASP F 565 -3.62 9.71 -27.76
CA ASP F 565 -4.33 9.42 -26.51
C ASP F 565 -3.41 9.47 -25.30
N HIS F 566 -2.20 9.99 -25.45
CA HIS F 566 -1.22 10.08 -24.37
C HIS F 566 -0.86 11.54 -24.14
N GLU F 567 -1.21 12.06 -22.97
CA GLU F 567 -0.90 13.45 -22.64
C GLU F 567 -0.83 13.64 -21.13
N GLY G 5 10.06 3.00 -24.33
CA GLY G 5 10.75 3.89 -25.25
C GLY G 5 12.23 3.62 -25.35
N LYS G 6 12.75 3.60 -26.56
CA LYS G 6 14.16 3.34 -26.81
C LYS G 6 14.93 4.62 -27.10
N ASP G 7 16.24 4.55 -26.84
CA ASP G 7 17.20 5.62 -27.03
C ASP G 7 18.20 5.09 -28.05
N ILE G 8 18.20 5.66 -29.24
CA ILE G 8 19.07 5.25 -30.32
C ILE G 8 20.23 6.22 -30.44
N ILE G 9 21.42 5.69 -30.66
CA ILE G 9 22.63 6.51 -30.81
C ILE G 9 23.52 5.85 -31.85
N TYR G 10 24.03 6.63 -32.80
CA TYR G 10 24.85 6.09 -33.87
C TYR G 10 26.28 6.63 -33.85
N GLY G 11 27.07 6.05 -34.74
CA GLY G 11 28.46 6.37 -35.04
C GLY G 11 29.44 6.51 -33.90
N ASN G 12 30.30 7.52 -34.05
CA ASN G 12 31.39 7.81 -33.11
C ASN G 12 30.92 7.89 -31.67
N GLU G 13 29.75 8.47 -31.41
CA GLU G 13 29.28 8.56 -30.03
C GLU G 13 29.04 7.17 -29.45
N CYS G 14 28.39 6.31 -30.21
CA CYS G 14 28.12 4.94 -29.76
C CYS G 14 29.45 4.20 -29.53
N ARG G 15 30.36 4.30 -30.49
CA ARG G 15 31.65 3.62 -30.34
C ARG G 15 32.42 4.15 -29.13
N ASN G 16 32.35 5.46 -28.90
CA ASN G 16 33.08 6.05 -27.77
C ASN G 16 32.51 5.57 -26.44
N GLU G 17 31.19 5.45 -26.32
CA GLU G 17 30.64 4.97 -25.05
C GLU G 17 30.95 3.49 -24.85
N LEU G 18 30.88 2.70 -25.92
CA LEU G 18 31.24 1.29 -25.79
C LEU G 18 32.70 1.16 -25.40
N LEU G 19 33.55 2.02 -25.95
CA LEU G 19 34.96 2.03 -25.63
C LEU G 19 35.17 2.44 -24.18
N LYS G 20 34.34 3.35 -23.67
CA LYS G 20 34.49 3.75 -22.28
C LYS G 20 34.19 2.57 -21.36
N GLY G 21 33.17 1.78 -21.69
CA GLY G 21 32.88 0.62 -20.87
C GLY G 21 34.01 -0.40 -20.94
N ILE G 22 34.50 -0.66 -22.15
CA ILE G 22 35.61 -1.59 -22.34
C ILE G 22 36.83 -1.12 -21.55
N LEU G 23 37.13 0.17 -21.61
CA LEU G 23 38.27 0.73 -20.88
C LEU G 23 38.07 0.62 -19.39
N THR G 24 36.82 0.73 -18.91
CA THR G 24 36.59 0.58 -17.48
C THR G 24 36.96 -0.84 -17.05
N VAL G 25 36.50 -1.82 -17.83
CA VAL G 25 36.81 -3.21 -17.52
C VAL G 25 38.31 -3.44 -17.51
N SER G 26 39.00 -2.92 -18.53
CA SER G 26 40.45 -3.11 -18.60
C SER G 26 41.18 -2.40 -17.47
N ASP G 27 40.79 -1.16 -17.17
CA ASP G 27 41.45 -0.42 -16.10
C ASP G 27 41.27 -1.10 -14.76
N VAL G 28 40.16 -1.80 -14.56
CA VAL G 28 39.97 -2.47 -13.28
C VAL G 28 40.60 -3.86 -13.25
N VAL G 29 40.76 -4.51 -14.42
CA VAL G 29 41.33 -5.87 -14.44
C VAL G 29 42.85 -5.87 -14.54
N LYS G 30 43.44 -5.01 -15.39
CA LYS G 30 44.89 -4.98 -15.56
C LYS G 30 45.68 -4.82 -14.28
N LEU G 31 45.06 -4.33 -13.20
CA LEU G 31 45.79 -4.17 -11.95
C LEU G 31 46.15 -5.50 -11.31
N THR G 32 45.46 -6.58 -11.67
CA THR G 32 45.71 -7.90 -11.13
C THR G 32 46.51 -8.79 -12.07
N LEU G 33 47.02 -8.24 -13.17
CA LEU G 33 47.78 -9.03 -14.13
C LEU G 33 49.13 -9.42 -13.53
N GLY G 34 49.50 -10.68 -13.68
CA GLY G 34 50.76 -11.18 -13.17
C GLY G 34 50.64 -11.69 -11.75
N PRO G 35 51.69 -12.35 -11.26
CA PRO G 35 51.63 -12.87 -9.88
C PRO G 35 51.71 -11.77 -8.84
N ARG G 36 52.33 -10.64 -9.15
CA ARG G 36 52.46 -9.52 -8.22
C ARG G 36 51.39 -8.45 -8.45
N GLY G 37 50.20 -8.85 -8.86
CA GLY G 37 49.14 -7.89 -9.10
C GLY G 37 48.68 -7.20 -7.83
N ARG G 38 48.10 -6.02 -8.01
CA ARG G 38 47.62 -5.23 -6.90
C ARG G 38 46.29 -5.78 -6.36
N ASN G 39 45.85 -5.20 -5.26
CA ASN G 39 44.62 -5.60 -4.60
C ASN G 39 43.46 -4.70 -5.01
N VAL G 40 42.25 -5.26 -4.99
CA VAL G 40 41.04 -4.53 -5.32
C VAL G 40 40.02 -4.79 -4.23
N LEU G 41 39.41 -3.73 -3.71
CA LEU G 41 38.42 -3.83 -2.65
C LEU G 41 37.02 -3.82 -3.24
N LEU G 42 36.23 -4.83 -2.90
CA LEU G 42 34.85 -4.96 -3.38
C LEU G 42 33.94 -4.95 -2.16
N GLU G 43 33.00 -4.01 -2.13
CA GLU G 43 32.05 -3.92 -1.03
C GLU G 43 30.80 -4.70 -1.35
N LYS G 44 30.43 -5.61 -0.45
CA LYS G 44 29.22 -6.41 -0.60
C LYS G 44 28.14 -5.80 0.28
N GLU G 45 26.90 -5.78 -0.21
CA GLU G 45 25.85 -5.21 0.63
C GLU G 45 25.60 -6.04 1.88
N TYR G 46 26.21 -7.23 1.97
CA TYR G 46 26.05 -8.07 3.15
C TYR G 46 26.64 -7.42 4.39
N GLY G 47 27.69 -6.60 4.21
CA GLY G 47 28.34 -5.93 5.32
C GLY G 47 29.83 -6.20 5.43
N SER G 48 30.41 -7.04 4.58
CA SER G 48 31.82 -7.37 4.65
C SER G 48 32.56 -7.02 3.35
N PRO G 49 33.70 -6.34 3.44
CA PRO G 49 34.46 -5.99 2.23
C PRO G 49 35.49 -7.09 1.94
N LEU G 50 35.71 -7.33 0.64
CA LEU G 50 36.64 -8.36 0.20
C LEU G 50 37.78 -7.77 -0.61
N ILE G 51 39.00 -8.18 -0.28
CA ILE G 51 40.21 -7.75 -0.97
C ILE G 51 40.58 -8.89 -1.90
N ILE G 52 40.37 -8.71 -3.20
CA ILE G 52 40.61 -9.76 -4.18
C ILE G 52 41.76 -9.37 -5.11
N ASN G 53 42.42 -10.39 -5.65
CA ASN G 53 43.52 -10.27 -6.58
C ASN G 53 43.27 -11.03 -7.87
N ASP G 54 42.10 -11.67 -8.01
CA ASP G 54 41.76 -12.42 -9.20
C ASP G 54 40.98 -11.51 -10.16
N GLY G 55 41.46 -11.42 -11.40
CA GLY G 55 40.81 -10.55 -12.36
C GLY G 55 39.41 -11.01 -12.76
N VAL G 56 39.19 -12.32 -12.83
CA VAL G 56 37.89 -12.84 -13.23
C VAL G 56 36.83 -12.52 -12.16
N THR G 57 37.17 -12.77 -10.89
CA THR G 57 36.22 -12.52 -9.81
C THR G 57 35.82 -11.04 -9.75
N ILE G 58 36.78 -10.14 -9.97
CA ILE G 58 36.48 -8.72 -9.93
C ILE G 58 35.70 -8.30 -11.17
N ALA G 59 36.07 -8.84 -12.34
CA ALA G 59 35.37 -8.50 -13.57
C ALA G 59 33.92 -8.96 -13.56
N LYS G 60 33.63 -10.06 -12.85
CA LYS G 60 32.23 -10.50 -12.82
C LYS G 60 31.33 -9.57 -12.02
N GLN G 61 31.89 -8.56 -11.34
CA GLN G 61 31.09 -7.64 -10.54
C GLN G 61 31.09 -6.20 -11.03
N ILE G 62 31.84 -5.86 -12.07
CA ILE G 62 31.86 -4.48 -12.54
C ILE G 62 30.59 -4.21 -13.34
N SER G 63 29.92 -3.10 -13.01
CA SER G 63 28.69 -2.71 -13.70
C SER G 63 28.51 -1.21 -13.50
N LEU G 64 28.44 -0.47 -14.60
CA LEU G 64 28.28 0.97 -14.52
C LEU G 64 26.81 1.37 -14.54
N LYS G 65 26.50 2.46 -13.83
CA LYS G 65 25.12 2.94 -13.79
C LYS G 65 24.70 3.49 -15.15
N ASP G 66 25.66 4.00 -15.92
CA ASP G 66 25.36 4.52 -17.24
C ASP G 66 24.95 3.34 -18.11
N ARG G 67 23.65 3.24 -18.36
CA ARG G 67 23.11 2.15 -19.16
C ARG G 67 23.80 2.02 -20.52
N LYS G 68 24.29 3.12 -21.06
CA LYS G 68 24.97 3.08 -22.36
C LYS G 68 26.40 2.58 -22.21
N LYS G 69 27.17 3.16 -21.29
CA LYS G 69 28.55 2.71 -21.10
C LYS G 69 28.59 1.28 -20.56
N ASN G 70 27.62 0.90 -19.72
CA ASN G 70 27.57 -0.44 -19.17
C ASN G 70 27.48 -1.50 -20.27
N ASN G 71 27.00 -1.12 -21.46
CA ASN G 71 26.90 -2.07 -22.56
C ASN G 71 28.27 -2.64 -22.92
N GLY G 72 29.31 -1.78 -22.95
CA GLY G 72 30.64 -2.28 -23.25
C GLY G 72 31.12 -3.27 -22.20
N VAL G 73 30.85 -2.96 -20.93
CA VAL G 73 31.22 -3.86 -19.84
C VAL G 73 30.56 -5.21 -20.04
N LYS G 74 29.25 -5.22 -20.27
CA LYS G 74 28.53 -6.47 -20.49
C LYS G 74 29.05 -7.20 -21.72
N LEU G 75 29.39 -6.45 -22.77
CA LEU G 75 29.90 -7.03 -24.00
C LEU G 75 31.17 -7.82 -23.71
N MET G 76 32.09 -7.22 -22.96
CA MET G 76 33.32 -7.94 -22.64
C MET G 76 33.10 -9.02 -21.60
N GLN G 77 32.05 -8.89 -20.78
CA GLN G 77 31.77 -9.92 -19.79
C GLN G 77 31.22 -11.17 -20.46
N GLU G 78 30.56 -11.00 -21.60
CA GLU G 78 30.00 -12.14 -22.33
C GLU G 78 30.94 -12.68 -23.39
N SER G 79 31.74 -11.82 -24.01
CA SER G 79 32.68 -12.28 -25.03
C SER G 79 33.77 -13.17 -24.42
N THR G 80 34.13 -12.90 -23.17
CA THR G 80 35.14 -13.68 -22.47
C THR G 80 34.52 -14.77 -21.60
N GLN G 81 33.21 -14.98 -21.72
CA GLN G 81 32.47 -16.00 -20.97
C GLN G 81 32.56 -15.77 -19.47
N ILE G 82 32.75 -14.51 -19.04
CA ILE G 82 32.83 -14.22 -17.62
C ILE G 82 31.45 -14.25 -16.98
N SER G 83 30.45 -13.65 -17.63
CA SER G 83 29.11 -13.65 -17.07
C SER G 83 28.51 -15.05 -17.06
N ASN G 84 28.96 -15.92 -17.96
CA ASN G 84 28.48 -17.29 -18.04
C ASN G 84 29.25 -18.24 -17.14
N ASP G 85 30.26 -17.75 -16.42
CA ASP G 85 31.08 -18.56 -15.52
C ASP G 85 31.89 -19.61 -16.28
N LYS G 86 32.19 -19.34 -17.55
CA LYS G 86 32.97 -20.26 -18.38
C LYS G 86 34.25 -19.60 -18.88
N ALA G 87 34.71 -18.55 -18.22
CA ALA G 87 35.92 -17.83 -18.61
C ALA G 87 37.14 -18.66 -18.25
N GLY G 88 37.87 -19.11 -19.27
CA GLY G 88 39.08 -19.90 -19.06
C GLY G 88 40.25 -19.02 -18.65
N ASP G 89 41.45 -19.56 -18.84
CA ASP G 89 42.65 -18.83 -18.51
C ASP G 89 42.95 -17.79 -19.58
N GLY G 90 43.65 -16.74 -19.19
CA GLY G 90 44.02 -15.68 -20.11
C GLY G 90 43.00 -14.57 -20.28
N THR G 91 41.83 -14.68 -19.67
CA THR G 91 40.82 -13.62 -19.82
C THR G 91 41.33 -12.28 -19.29
N SER G 92 42.12 -12.31 -18.22
CA SER G 92 42.67 -11.08 -17.67
C SER G 92 43.53 -10.36 -18.71
N SER G 93 44.34 -11.12 -19.45
CA SER G 93 45.18 -10.53 -20.49
C SER G 93 44.34 -10.16 -21.71
N THR G 94 43.30 -10.95 -21.98
CA THR G 94 42.43 -10.67 -23.12
C THR G 94 41.76 -9.32 -22.95
N ALA G 95 41.35 -8.99 -21.72
CA ALA G 95 40.70 -7.71 -21.47
C ALA G 95 41.62 -6.55 -21.81
N LEU G 96 42.87 -6.59 -21.34
CA LEU G 96 43.82 -5.53 -21.61
C LEU G 96 44.11 -5.40 -23.10
N MET G 97 44.42 -6.51 -23.77
CA MET G 97 44.70 -6.43 -25.20
C MET G 97 43.49 -5.93 -25.97
N THR G 98 42.30 -6.42 -25.63
CA THR G 98 41.09 -6.00 -26.33
C THR G 98 40.87 -4.50 -26.18
N ALA G 99 41.03 -3.98 -24.96
CA ALA G 99 40.83 -2.56 -24.75
C ALA G 99 41.86 -1.73 -25.50
N THR G 100 43.13 -2.15 -25.46
CA THR G 100 44.17 -1.40 -26.15
C THR G 100 43.92 -1.36 -27.66
N ILE G 101 43.68 -2.52 -28.26
CA ILE G 101 43.44 -2.59 -29.69
C ILE G 101 42.18 -1.83 -30.07
N THR G 102 41.10 -1.99 -29.29
CA THR G 102 39.85 -1.30 -29.60
C THR G 102 40.00 0.21 -29.51
N LYS G 103 40.73 0.71 -28.50
CA LYS G 103 40.91 2.16 -28.39
C LYS G 103 41.76 2.67 -29.55
N LYS G 104 42.85 1.96 -29.86
CA LYS G 104 43.71 2.39 -30.96
C LYS G 104 42.93 2.42 -32.28
N GLY G 105 42.04 1.45 -32.48
CA GLY G 105 41.26 1.41 -33.71
C GLY G 105 40.17 2.46 -33.76
N ILE G 106 39.45 2.66 -32.64
CA ILE G 106 38.37 3.64 -32.60
C ILE G 106 38.92 5.05 -32.77
N GLU G 107 40.07 5.35 -32.16
CA GLU G 107 40.64 6.69 -32.31
C GLU G 107 40.94 7.00 -33.76
N GLN G 108 41.25 5.98 -34.57
CA GLN G 108 41.53 6.20 -35.97
C GLN G 108 40.24 6.25 -36.79
N VAL G 109 39.28 5.38 -36.48
CA VAL G 109 38.02 5.35 -37.21
C VAL G 109 37.25 6.65 -37.02
N ASN G 110 37.21 7.17 -35.78
CA ASN G 110 36.48 8.39 -35.50
C ASN G 110 36.98 9.61 -36.26
N ARG G 111 38.16 9.53 -36.88
CA ARG G 111 38.70 10.67 -37.63
C ARG G 111 38.38 10.55 -39.12
N ASN G 112 37.09 10.44 -39.42
CA ASN G 112 36.59 10.33 -40.80
C ASN G 112 37.28 9.22 -41.60
N HIS G 113 37.80 8.21 -40.92
CA HIS G 113 38.48 7.12 -41.61
C HIS G 113 37.50 5.99 -41.90
N ASN G 114 37.97 5.03 -42.70
CA ASN G 114 37.15 3.88 -43.07
C ASN G 114 37.40 2.73 -42.11
N PRO G 115 36.37 2.18 -41.46
CA PRO G 115 36.60 1.07 -40.52
C PRO G 115 36.77 -0.28 -41.18
N ILE G 116 36.26 -0.47 -42.40
CA ILE G 116 36.40 -1.77 -43.07
C ILE G 116 37.85 -2.15 -43.32
N PRO G 117 38.71 -1.29 -43.88
CA PRO G 117 40.11 -1.71 -44.08
C PRO G 117 40.84 -1.96 -42.78
N ILE G 118 40.54 -1.17 -41.73
CA ILE G 118 41.18 -1.40 -40.44
C ILE G 118 40.75 -2.75 -39.88
N GLN G 119 39.47 -3.09 -40.07
CA GLN G 119 38.98 -4.38 -39.61
C GLN G 119 39.66 -5.51 -40.36
N ARG G 120 39.84 -5.34 -41.67
CA ARG G 120 40.52 -6.36 -42.47
C ARG G 120 41.95 -6.54 -42.00
N GLY G 121 42.66 -5.45 -41.74
CA GLY G 121 44.02 -5.55 -41.26
C GLY G 121 44.10 -6.23 -39.91
N ILE G 122 43.15 -5.92 -39.03
CA ILE G 122 43.12 -6.54 -37.71
C ILE G 122 42.91 -8.05 -37.83
N GLN G 123 41.94 -8.46 -38.65
CA GLN G 123 41.66 -9.88 -38.84
C GLN G 123 42.85 -10.61 -39.45
N LEU G 124 43.47 -10.01 -40.48
CA LEU G 124 44.62 -10.66 -41.10
C LEU G 124 45.77 -10.77 -40.11
N ALA G 125 46.01 -9.72 -39.33
CA ALA G 125 47.09 -9.77 -38.35
C ALA G 125 46.81 -10.86 -37.32
N SER G 126 45.54 -11.02 -36.93
CA SER G 126 45.19 -12.06 -35.97
C SER G 126 45.50 -13.45 -36.53
N LYS G 127 45.08 -13.69 -37.78
CA LYS G 127 45.33 -15.00 -38.39
C LYS G 127 46.82 -15.28 -38.55
N MET G 128 47.57 -14.29 -39.05
CA MET G 128 49.01 -14.46 -39.24
C MET G 128 49.72 -14.68 -37.92
N ILE G 129 49.35 -13.93 -36.88
CA ILE G 129 49.98 -14.09 -35.58
C ILE G 129 49.64 -15.45 -34.99
N ILE G 130 48.41 -15.93 -35.20
CA ILE G 130 48.05 -17.24 -34.69
C ILE G 130 48.90 -18.31 -35.36
N GLU G 131 49.08 -18.20 -36.68
CA GLU G 131 49.92 -19.18 -37.38
C GLU G 131 51.36 -19.11 -36.90
N LYS G 132 51.87 -17.90 -36.67
CA LYS G 132 53.24 -17.74 -36.19
C LYS G 132 53.41 -18.37 -34.81
N ILE G 133 52.46 -18.11 -33.91
CA ILE G 133 52.52 -18.68 -32.57
C ILE G 133 52.47 -20.20 -32.65
N LYS G 134 51.65 -20.73 -33.57
CA LYS G 134 51.60 -22.18 -33.72
C LYS G 134 52.96 -22.72 -34.17
N SER G 135 53.62 -21.98 -35.07
CA SER G 135 54.94 -22.37 -35.54
C SER G 135 56.03 -22.13 -34.49
N LEU G 136 55.70 -21.40 -33.43
CA LEU G 136 56.63 -21.09 -32.35
C LEU G 136 56.41 -21.97 -31.12
N SER G 137 55.58 -23.00 -31.24
CA SER G 137 55.28 -23.89 -30.13
C SER G 137 56.25 -25.07 -30.11
N THR G 138 56.38 -25.67 -28.93
CA THR G 138 57.24 -26.82 -28.68
C THR G 138 56.42 -27.94 -28.05
N PRO G 139 56.70 -29.19 -28.38
CA PRO G 139 55.93 -30.28 -27.77
C PRO G 139 56.24 -30.42 -26.29
N ILE G 140 55.30 -30.97 -25.55
CA ILE G 140 55.43 -31.19 -24.11
C ILE G 140 55.89 -32.63 -23.92
N LYS G 141 57.06 -32.81 -23.28
CA LYS G 141 57.59 -34.16 -23.09
C LYS G 141 57.78 -34.56 -21.64
N THR G 142 58.48 -33.78 -20.84
CA THR G 142 58.73 -34.15 -19.46
C THR G 142 57.55 -33.82 -18.54
N TYR G 143 57.51 -34.50 -17.40
CA TYR G 143 56.46 -34.27 -16.41
C TYR G 143 56.58 -32.89 -15.79
N LYS G 144 57.81 -32.39 -15.63
CA LYS G 144 58.00 -31.06 -15.07
C LYS G 144 57.31 -30.03 -15.94
N ASP G 145 57.21 -30.28 -17.25
CA ASP G 145 56.51 -29.37 -18.13
C ASP G 145 55.04 -29.31 -17.77
N ILE G 146 54.43 -30.47 -17.50
CA ILE G 146 53.02 -30.52 -17.11
C ILE G 146 52.83 -29.79 -15.78
N LEU G 147 53.72 -30.05 -14.82
CA LEU G 147 53.61 -29.40 -13.52
C LEU G 147 53.74 -27.89 -13.66
N ASN G 148 54.68 -27.42 -14.49
CA ASN G 148 54.88 -25.99 -14.66
C ASN G 148 53.69 -25.33 -15.35
N ILE G 149 53.16 -25.94 -16.41
CA ILE G 149 52.00 -25.34 -17.08
C ILE G 149 50.81 -25.31 -16.14
N ALA G 150 50.64 -26.37 -15.34
CA ALA G 150 49.51 -26.41 -14.41
C ALA G 150 49.66 -25.35 -13.34
N THR G 151 50.87 -25.18 -12.81
CA THR G 151 51.11 -24.18 -11.76
C THR G 151 50.94 -22.76 -12.30
N ILE G 152 51.44 -22.49 -13.50
CA ILE G 152 51.33 -21.15 -14.07
C ILE G 152 49.87 -20.84 -14.42
N ALA G 153 49.19 -21.79 -15.05
CA ALA G 153 47.79 -21.60 -15.42
C ALA G 153 46.86 -21.61 -14.22
N SER G 154 47.37 -21.89 -13.02
CA SER G 154 46.57 -21.93 -11.80
C SER G 154 46.87 -20.75 -10.88
N ASN G 155 47.29 -19.62 -11.45
CA ASN G 155 47.62 -18.41 -10.69
C ASN G 155 48.69 -18.68 -9.65
N ASN G 156 49.69 -19.48 -10.04
CA ASN G 156 50.83 -19.83 -9.18
C ASN G 156 50.39 -20.51 -7.88
N ASP G 157 49.53 -21.51 -8.01
CA ASP G 157 49.05 -22.29 -6.87
C ASP G 157 49.73 -23.65 -7.00
N VAL G 158 50.81 -23.85 -6.24
CA VAL G 158 51.57 -25.09 -6.31
C VAL G 158 50.73 -26.31 -5.93
N HIS G 159 49.82 -26.15 -4.98
CA HIS G 159 49.01 -27.30 -4.56
C HIS G 159 48.12 -27.82 -5.68
N MET G 160 47.26 -26.96 -6.23
CA MET G 160 46.37 -27.41 -7.30
C MET G 160 47.16 -27.76 -8.56
N GLY G 161 48.27 -27.05 -8.81
CA GLY G 161 49.09 -27.38 -9.96
C GLY G 161 49.66 -28.79 -9.85
N GLN G 162 50.15 -29.14 -8.65
CA GLN G 162 50.67 -30.48 -8.42
C GLN G 162 49.55 -31.51 -8.53
N ILE G 163 48.35 -31.14 -8.09
CA ILE G 163 47.22 -32.07 -8.19
C ILE G 163 46.95 -32.42 -9.64
N ILE G 164 46.90 -31.40 -10.51
CA ILE G 164 46.66 -31.66 -11.93
C ILE G 164 47.83 -32.43 -12.53
N ALA G 165 49.06 -32.08 -12.17
CA ALA G 165 50.23 -32.77 -12.69
C ALA G 165 50.20 -34.25 -12.33
N ASN G 166 49.85 -34.56 -11.08
CA ASN G 166 49.78 -35.96 -10.66
C ASN G 166 48.59 -36.66 -11.30
N ALA G 167 47.52 -35.93 -11.57
CA ALA G 167 46.36 -36.54 -12.23
C ALA G 167 46.69 -36.91 -13.65
N TYR G 168 47.62 -36.17 -14.29
CA TYR G 168 47.99 -36.49 -15.66
C TYR G 168 49.15 -37.49 -15.73
N ASP G 169 50.00 -37.54 -14.70
CA ASP G 169 51.11 -38.48 -14.70
C ASP G 169 50.64 -39.88 -14.34
N LYS G 170 49.88 -39.99 -13.25
CA LYS G 170 49.34 -41.27 -12.78
C LYS G 170 48.26 -41.81 -13.71
N LEU G 171 47.90 -41.07 -14.75
CA LEU G 171 46.90 -41.46 -15.73
C LEU G 171 47.49 -41.30 -17.12
N GLY G 172 46.67 -41.50 -18.15
CA GLY G 172 47.13 -41.39 -19.52
C GLY G 172 47.19 -39.94 -19.99
N LYS G 173 47.53 -39.79 -21.27
CA LYS G 173 47.64 -38.47 -21.88
C LYS G 173 46.29 -37.89 -22.29
N ASN G 174 45.23 -38.36 -21.66
CA ASN G 174 43.85 -37.94 -21.82
C ASN G 174 43.27 -37.57 -20.46
N ALA G 175 43.54 -38.38 -19.44
CA ALA G 175 43.13 -38.13 -18.07
C ALA G 175 41.70 -37.64 -17.85
N ALA G 176 40.69 -38.48 -18.04
CA ALA G 176 39.34 -37.99 -17.78
C ALA G 176 39.27 -37.61 -16.31
N ILE G 177 39.19 -36.32 -16.03
CA ILE G 177 39.16 -35.79 -14.66
C ILE G 177 37.79 -35.19 -14.37
N ILE G 178 37.24 -35.54 -13.21
CA ILE G 178 35.95 -35.02 -12.76
C ILE G 178 36.22 -34.09 -11.58
N LEU G 179 35.58 -32.93 -11.59
CA LEU G 179 35.72 -31.93 -10.54
C LEU G 179 34.47 -31.93 -9.69
N ASP G 180 34.60 -32.27 -8.41
CA ASP G 180 33.47 -32.31 -7.50
C ASP G 180 33.72 -31.44 -6.28
N ASP G 181 32.62 -30.93 -5.73
CA ASP G 181 32.69 -30.08 -4.54
C ASP G 181 32.97 -30.94 -3.32
N ASN G 182 33.72 -30.39 -2.38
CA ASN G 182 34.08 -31.10 -1.16
C ASN G 182 33.75 -30.24 0.06
N ALA G 183 33.56 -30.92 1.18
CA ALA G 183 33.23 -30.25 2.44
C ALA G 183 34.47 -29.90 3.25
N ASP G 184 35.65 -30.32 2.81
CA ASP G 184 36.89 -30.01 3.50
C ASP G 184 37.55 -28.81 2.84
N ILE G 185 38.65 -28.34 3.44
CA ILE G 185 39.39 -27.21 2.88
C ILE G 185 40.61 -27.66 2.09
N ASN G 186 40.98 -28.93 2.18
CA ASN G 186 42.14 -29.48 1.48
C ASN G 186 41.65 -30.22 0.24
N ASP G 187 41.93 -29.65 -0.93
CA ASP G 187 41.52 -30.26 -2.20
C ASP G 187 42.16 -31.65 -2.34
N LYS G 188 41.39 -32.69 -2.09
CA LYS G 188 41.93 -34.05 -2.19
C LYS G 188 41.78 -34.61 -3.59
N LEU G 189 42.62 -35.61 -3.88
CA LEU G 189 42.64 -36.27 -5.19
C LEU G 189 42.44 -37.77 -5.01
N GLU G 190 41.55 -38.35 -5.79
CA GLU G 190 41.26 -39.77 -5.74
C GLU G 190 41.24 -40.34 -7.16
N PHE G 191 41.30 -41.66 -7.23
CA PHE G 191 41.27 -42.38 -8.50
C PHE G 191 40.25 -43.50 -8.38
N THR G 192 39.44 -43.70 -9.40
CA THR G 192 38.41 -44.74 -9.36
C THR G 192 38.29 -45.43 -10.70
N GLU G 193 38.13 -46.76 -10.67
CA GLU G 193 38.00 -47.53 -11.89
C GLU G 193 36.75 -47.09 -12.65
N GLY G 194 36.88 -47.00 -13.98
CA GLY G 194 35.73 -46.57 -14.76
C GLY G 194 35.94 -46.82 -16.24
N TYR G 195 34.91 -46.48 -17.00
CA TYR G 195 34.87 -46.63 -18.45
C TYR G 195 34.72 -45.26 -19.10
N ASN G 196 35.49 -45.04 -20.19
CA ASN G 196 35.46 -43.78 -20.91
C ASN G 196 35.47 -44.05 -22.40
N PHE G 197 34.43 -43.60 -23.10
CA PHE G 197 34.37 -43.75 -24.55
C PHE G 197 34.47 -42.36 -25.17
N ASP G 198 34.33 -42.28 -26.50
CA ASP G 198 34.47 -41.01 -27.23
C ASP G 198 33.15 -40.39 -27.65
N ARG G 199 32.12 -40.43 -26.81
CA ARG G 199 30.84 -39.82 -27.13
C ARG G 199 30.50 -38.75 -26.10
N GLY G 200 29.65 -37.82 -26.49
CA GLY G 200 29.27 -36.75 -25.60
C GLY G 200 27.80 -36.38 -25.53
N ILE G 201 27.55 -35.07 -25.57
CA ILE G 201 26.20 -34.52 -25.49
C ILE G 201 25.75 -34.27 -26.92
N ILE G 202 25.06 -35.26 -27.50
CA ILE G 202 24.58 -35.16 -28.86
C ILE G 202 23.65 -33.97 -29.08
N ASN G 203 23.09 -33.40 -28.03
CA ASN G 203 22.19 -32.25 -28.15
C ASN G 203 22.38 -31.34 -26.94
N PRO G 204 23.15 -30.25 -27.10
CA PRO G 204 23.39 -29.34 -25.96
C PRO G 204 22.14 -28.72 -25.34
N TYR G 205 20.97 -28.85 -25.98
CA TYR G 205 19.75 -28.26 -25.43
C TYR G 205 19.42 -28.78 -24.03
N LEU G 206 20.08 -29.84 -23.57
CA LEU G 206 19.88 -30.37 -22.23
C LEU G 206 20.51 -29.50 -21.15
N LEU G 207 21.16 -28.40 -21.54
CA LEU G 207 21.81 -27.50 -20.60
C LEU G 207 21.07 -26.18 -20.44
N TYR G 208 19.79 -26.12 -20.79
CA TYR G 208 19.07 -24.87 -20.63
C TYR G 208 18.56 -24.64 -19.21
N ASN G 209 18.84 -25.58 -18.30
CA ASN G 209 18.46 -25.46 -16.90
C ASN G 209 19.70 -25.25 -16.04
N GLU G 210 20.63 -26.19 -16.08
CA GLU G 210 21.88 -26.14 -15.33
C GLU G 210 22.93 -25.38 -16.12
N ASN G 211 23.59 -24.43 -15.45
CA ASN G 211 24.63 -23.62 -16.08
C ASN G 211 26.01 -24.19 -15.79
N LYS G 212 26.12 -25.51 -15.71
CA LYS G 212 27.37 -26.20 -15.43
C LYS G 212 28.05 -26.76 -16.66
N ASP G 213 27.45 -26.59 -17.84
CA ASP G 213 27.97 -27.04 -19.14
C ASP G 213 28.21 -28.54 -19.25
N TYR G 214 27.94 -29.31 -18.19
CA TYR G 214 28.14 -30.75 -18.24
C TYR G 214 26.97 -31.44 -17.53
N ILE G 215 27.00 -32.77 -17.53
CA ILE G 215 25.97 -33.58 -16.90
C ILE G 215 26.65 -34.48 -15.86
N GLU G 216 26.18 -34.42 -14.62
CA GLU G 216 26.73 -35.24 -13.55
C GLU G 216 25.58 -35.84 -12.76
N TYR G 217 25.35 -37.14 -12.89
CA TYR G 217 24.29 -37.83 -12.20
C TYR G 217 24.88 -38.98 -11.37
N SER G 218 24.45 -39.10 -10.12
CA SER G 218 24.94 -40.14 -9.23
C SER G 218 23.96 -41.30 -9.13
N GLN G 219 24.48 -42.52 -9.26
CA GLN G 219 23.71 -43.76 -9.19
C GLN G 219 22.59 -43.76 -10.22
N VAL G 220 23.00 -43.79 -11.48
CA VAL G 220 22.10 -43.78 -12.62
C VAL G 220 21.80 -45.21 -13.05
N SER G 221 20.68 -45.37 -13.76
CA SER G 221 20.27 -46.66 -14.30
C SER G 221 20.56 -46.61 -15.80
N THR G 222 21.37 -47.55 -16.29
CA THR G 222 21.75 -47.57 -17.70
C THR G 222 20.87 -48.51 -18.51
N LEU G 223 20.57 -48.10 -19.74
CA LEU G 223 19.76 -48.85 -20.69
C LEU G 223 20.58 -48.81 -21.98
N ILE G 224 21.39 -49.85 -22.19
CA ILE G 224 22.27 -49.94 -23.33
C ILE G 224 21.64 -50.87 -24.37
N THR G 225 21.48 -50.37 -25.58
CA THR G 225 20.92 -51.13 -26.69
C THR G 225 21.85 -51.02 -27.88
N ASP G 226 21.45 -51.64 -28.99
CA ASP G 226 22.23 -51.63 -30.22
C ASP G 226 21.47 -51.13 -31.43
N GLN G 227 20.14 -51.15 -31.41
CA GLN G 227 19.35 -50.70 -32.54
C GLN G 227 19.09 -49.21 -32.41
N ASN G 228 18.26 -48.68 -33.31
CA ASN G 228 17.89 -47.27 -33.31
C ASN G 228 16.48 -47.16 -32.73
N ILE G 229 16.34 -46.37 -31.67
CA ILE G 229 15.03 -46.20 -31.05
C ILE G 229 14.20 -45.38 -32.03
N ASP G 230 13.28 -46.05 -32.72
CA ASP G 230 12.43 -45.39 -33.70
C ASP G 230 11.02 -45.15 -33.19
N ASN G 231 10.47 -46.07 -32.40
CA ASN G 231 9.13 -45.96 -31.85
C ASN G 231 9.26 -45.66 -30.36
N ILE G 232 8.70 -44.53 -29.93
CA ILE G 232 8.75 -44.16 -28.51
C ILE G 232 8.01 -45.19 -27.68
N GLN G 233 7.03 -45.90 -28.27
CA GLN G 233 6.28 -46.90 -27.52
C GLN G 233 7.10 -48.16 -27.24
N SER G 234 8.40 -48.16 -27.57
CA SER G 234 9.26 -49.31 -27.30
C SER G 234 9.89 -49.18 -25.93
N ILE G 235 10.13 -47.95 -25.49
CA ILE G 235 10.69 -47.65 -24.18
C ILE G 235 9.68 -46.93 -23.30
N LEU G 236 8.45 -46.76 -23.78
CA LEU G 236 7.41 -46.10 -23.00
C LEU G 236 7.20 -46.71 -21.63
N PRO G 237 7.19 -48.03 -21.44
CA PRO G 237 7.02 -48.56 -20.08
C PRO G 237 8.14 -48.14 -19.15
N ILE G 238 9.38 -48.15 -19.64
CA ILE G 238 10.51 -47.74 -18.81
C ILE G 238 10.39 -46.26 -18.47
N LEU G 239 9.97 -45.44 -19.43
CA LEU G 239 9.79 -44.02 -19.15
C LEU G 239 8.70 -43.80 -18.11
N GLU G 240 7.59 -44.54 -18.22
CA GLU G 240 6.52 -44.40 -17.24
C GLU G 240 7.00 -44.84 -15.86
N ILE G 241 7.79 -45.91 -15.81
CA ILE G 241 8.33 -46.40 -14.53
C ILE G 241 9.22 -45.33 -13.92
N PHE G 242 10.07 -44.72 -14.74
CA PHE G 242 10.97 -43.67 -14.26
C PHE G 242 10.23 -42.37 -13.97
N ALA G 243 8.99 -42.23 -14.45
CA ALA G 243 8.26 -41.01 -14.13
C ALA G 243 7.87 -41.00 -12.66
N LYS G 244 7.72 -42.19 -12.08
CA LYS G 244 7.40 -42.36 -10.66
C LYS G 244 8.66 -42.33 -9.82
N ASN G 245 9.75 -42.89 -10.34
CA ASN G 245 11.03 -42.92 -9.65
C ASN G 245 11.80 -41.63 -9.92
N LYS G 246 12.24 -40.97 -8.86
CA LYS G 246 13.00 -39.73 -9.00
C LYS G 246 14.49 -39.98 -9.17
N GLN G 247 14.86 -41.13 -9.73
CA GLN G 247 16.16 -41.73 -10.03
C GLN G 247 16.61 -41.39 -11.46
N PRO G 248 17.91 -41.17 -11.63
CA PRO G 248 18.44 -40.84 -12.95
C PRO G 248 18.48 -42.03 -13.90
N LEU G 249 18.22 -41.75 -15.18
CA LEU G 249 18.22 -42.76 -16.23
C LEU G 249 19.10 -42.31 -17.38
N CYS G 250 19.84 -43.26 -17.95
CA CYS G 250 20.74 -43.04 -19.07
C CYS G 250 20.41 -44.06 -20.14
N ILE G 251 20.24 -43.60 -21.38
CA ILE G 251 19.93 -44.49 -22.51
C ILE G 251 21.02 -44.35 -23.56
N ILE G 252 21.65 -45.48 -23.88
CA ILE G 252 22.72 -45.52 -24.89
C ILE G 252 22.21 -46.28 -26.10
N ALA G 253 21.67 -45.57 -27.08
CA ALA G 253 21.14 -46.18 -28.28
C ALA G 253 22.13 -46.01 -29.43
N ASP G 254 21.72 -46.41 -30.63
CA ASP G 254 22.57 -46.30 -31.80
C ASP G 254 22.34 -45.00 -32.57
N ASP G 255 21.09 -44.61 -32.80
CA ASP G 255 20.86 -43.38 -33.56
C ASP G 255 19.90 -42.40 -32.90
N PHE G 256 18.95 -42.87 -32.10
CA PHE G 256 18.00 -41.98 -31.45
C PHE G 256 17.24 -41.17 -32.49
N SER G 257 16.26 -41.80 -33.15
CA SER G 257 15.46 -41.18 -34.21
C SER G 257 14.99 -39.77 -33.91
N ASN G 258 14.78 -38.99 -34.98
CA ASN G 258 14.35 -37.61 -34.92
C ASN G 258 13.23 -37.33 -33.91
N GLU G 259 12.09 -38.00 -34.05
CA GLU G 259 10.98 -37.74 -33.15
C GLU G 259 11.11 -38.39 -31.77
N VAL G 260 12.04 -39.33 -31.59
CA VAL G 260 12.14 -39.92 -30.26
C VAL G 260 13.14 -39.06 -29.50
N LEU G 261 13.44 -37.90 -30.05
CA LEU G 261 14.34 -36.94 -29.41
C LEU G 261 13.49 -35.87 -28.73
N GLN G 262 12.58 -36.41 -27.94
CA GLN G 262 11.62 -35.67 -27.15
C GLN G 262 11.83 -35.87 -25.67
N THR G 263 12.57 -36.91 -25.28
CA THR G 263 12.86 -37.15 -23.87
C THR G 263 13.43 -35.88 -23.25
N LEU G 264 14.21 -35.13 -24.04
CA LEU G 264 14.76 -33.88 -23.54
C LEU G 264 13.65 -32.89 -23.22
N ILE G 265 12.51 -33.02 -23.88
CA ILE G 265 11.39 -32.12 -23.63
C ILE G 265 10.80 -32.42 -22.26
N ILE G 266 10.49 -33.69 -21.99
CA ILE G 266 9.94 -34.03 -20.68
C ILE G 266 10.98 -33.72 -19.60
N ASN G 267 12.26 -33.85 -19.92
CA ASN G 267 13.30 -33.59 -18.93
C ASN G 267 13.44 -32.10 -18.61
N LYS G 268 13.17 -31.21 -19.56
CA LYS G 268 13.30 -29.79 -19.26
C LYS G 268 11.98 -29.11 -18.89
N LEU G 269 10.88 -29.47 -19.55
CA LEU G 269 9.60 -28.85 -19.26
C LEU G 269 9.15 -29.07 -17.82
N LYS G 270 9.46 -30.23 -17.25
CA LYS G 270 9.07 -30.46 -15.86
C LYS G 270 10.05 -31.32 -15.06
N GLY G 271 11.20 -31.67 -15.60
CA GLY G 271 12.16 -32.49 -14.87
C GLY G 271 11.60 -33.76 -14.27
N ALA G 272 10.44 -34.19 -14.77
CA ALA G 272 9.81 -35.41 -14.25
C ALA G 272 10.69 -36.63 -14.50
N ILE G 273 11.16 -36.79 -15.73
CA ILE G 273 12.01 -37.90 -16.11
C ILE G 273 13.40 -37.34 -16.44
N LYS G 274 14.43 -38.03 -15.97
CA LYS G 274 15.82 -37.62 -16.19
C LYS G 274 16.45 -38.66 -17.11
N VAL G 275 16.66 -38.28 -18.38
CA VAL G 275 17.24 -39.16 -19.38
C VAL G 275 18.42 -38.49 -20.05
N VAL G 276 19.48 -39.27 -20.28
CA VAL G 276 20.69 -38.80 -20.93
C VAL G 276 20.90 -39.66 -22.18
N PRO G 277 20.52 -39.17 -23.36
CA PRO G 277 20.66 -39.96 -24.59
C PRO G 277 22.02 -39.90 -25.30
N ILE G 278 22.97 -40.76 -24.90
CA ILE G 278 24.28 -40.78 -25.54
C ILE G 278 24.23 -41.79 -26.69
N ARG G 279 25.12 -41.59 -27.68
CA ARG G 279 25.18 -42.44 -28.87
C ARG G 279 26.24 -43.53 -28.73
N ALA G 280 26.28 -44.40 -29.74
CA ALA G 280 27.24 -45.49 -29.77
C ALA G 280 28.66 -44.95 -29.89
N PRO G 281 29.65 -45.62 -29.29
CA PRO G 281 31.03 -45.14 -29.34
C PRO G 281 31.77 -45.31 -30.66
N SER G 282 31.55 -46.40 -31.39
CA SER G 282 32.25 -46.63 -32.65
C SER G 282 31.35 -46.43 -33.86
N PHE G 283 32.00 -46.34 -35.02
CA PHE G 283 31.36 -46.15 -36.32
C PHE G 283 31.48 -47.46 -37.11
N GLY G 284 30.51 -48.35 -36.91
CA GLY G 284 30.53 -49.61 -37.64
C GLY G 284 30.22 -50.84 -36.81
N ASP G 285 30.88 -51.96 -37.10
CA ASP G 285 30.62 -53.18 -36.35
C ASP G 285 31.24 -53.13 -34.96
N ARG G 286 32.33 -52.37 -34.79
CA ARG G 286 32.97 -52.26 -33.49
C ARG G 286 32.06 -51.65 -32.43
N ARG G 287 31.02 -50.92 -32.85
CA ARG G 287 30.11 -50.34 -31.86
C ARG G 287 29.41 -51.44 -31.09
N LYS G 288 29.06 -52.54 -31.75
CA LYS G 288 28.41 -53.64 -31.06
C LYS G 288 29.30 -54.18 -29.95
N ASP G 289 30.57 -54.43 -30.26
CA ASP G 289 31.51 -54.92 -29.26
C ASP G 289 31.65 -53.93 -28.11
N TYR G 290 31.79 -52.65 -28.44
CA TYR G 290 31.91 -51.63 -27.40
C TYR G 290 30.66 -51.61 -26.52
N LEU G 291 29.48 -51.72 -27.13
CA LEU G 291 28.24 -51.74 -26.36
C LEU G 291 28.20 -52.95 -25.44
N LYS G 292 28.71 -54.09 -25.92
CA LYS G 292 28.76 -55.28 -25.08
C LYS G 292 29.65 -55.02 -23.88
N ASP G 293 30.80 -54.39 -24.11
CA ASP G 293 31.69 -54.05 -23.00
C ASP G 293 30.97 -53.13 -22.02
N LEU G 294 30.20 -52.17 -22.54
CA LEU G 294 29.43 -51.26 -21.70
C LEU G 294 28.40 -52.04 -20.87
N CYS G 295 27.84 -53.09 -21.45
CA CYS G 295 26.86 -53.95 -20.79
C CYS G 295 27.51 -54.90 -19.81
N ILE G 296 28.83 -55.02 -19.86
CA ILE G 296 29.54 -55.88 -18.93
C ILE G 296 30.04 -55.03 -17.77
N VAL G 297 30.33 -53.75 -18.04
CA VAL G 297 30.79 -52.86 -16.97
C VAL G 297 29.61 -52.55 -16.04
N THR G 298 28.42 -52.42 -16.62
CA THR G 298 27.19 -52.16 -15.90
C THR G 298 26.29 -53.36 -16.16
N ASN G 299 25.56 -53.81 -15.15
CA ASN G 299 24.72 -54.99 -15.36
C ASN G 299 23.52 -54.70 -16.27
N SER G 300 23.80 -54.38 -17.53
CA SER G 300 22.78 -54.07 -18.52
C SER G 300 22.60 -55.23 -19.49
N LYS G 301 21.35 -55.60 -19.74
CA LYS G 301 20.99 -56.69 -20.65
C LYS G 301 21.02 -56.15 -22.07
N TYR G 302 22.18 -56.27 -22.72
CA TYR G 302 22.43 -55.81 -24.08
C TYR G 302 21.24 -56.10 -24.98
N ILE G 303 20.64 -55.04 -25.53
CA ILE G 303 19.48 -55.14 -26.40
C ILE G 303 19.93 -55.08 -27.85
N SER G 304 19.54 -56.09 -28.62
CA SER G 304 19.86 -56.20 -30.04
C SER G 304 19.13 -57.41 -30.58
N ALA G 305 18.84 -57.39 -31.87
CA ALA G 305 18.12 -58.51 -32.48
C ALA G 305 18.97 -59.77 -32.60
N ASP G 306 20.30 -59.64 -32.63
CA ASP G 306 21.14 -60.83 -32.75
C ASP G 306 21.12 -61.67 -31.49
N VAL G 307 20.96 -61.05 -30.32
CA VAL G 307 20.94 -61.79 -29.06
C VAL G 307 19.50 -62.09 -28.66
N GLY G 308 18.57 -61.95 -29.61
CA GLY G 308 17.17 -62.23 -29.35
C GLY G 308 16.36 -61.12 -28.71
N LEU G 309 16.99 -60.31 -27.86
CA LEU G 309 16.26 -59.22 -27.19
C LEU G 309 16.14 -58.04 -28.16
N ASP G 310 15.03 -58.00 -28.88
CA ASP G 310 14.78 -56.92 -29.84
C ASP G 310 14.05 -55.79 -29.12
N LEU G 311 14.50 -54.55 -29.35
CA LEU G 311 13.84 -53.43 -28.69
C LEU G 311 12.47 -53.17 -29.29
N ASN G 312 12.17 -53.76 -30.45
CA ASN G 312 10.89 -53.62 -31.10
C ASN G 312 10.11 -54.90 -30.81
N ASN G 313 8.91 -54.75 -30.26
CA ASN G 313 8.06 -55.90 -29.93
C ASN G 313 8.78 -56.83 -28.95
N LEU G 314 8.84 -56.39 -27.69
CA LEU G 314 9.46 -57.18 -26.65
C LEU G 314 8.47 -58.14 -26.01
N HIS G 315 7.28 -58.23 -26.60
CA HIS G 315 6.20 -59.09 -26.16
C HIS G 315 6.02 -60.27 -27.13
N ASN G 316 7.05 -60.60 -27.90
CA ASN G 316 6.96 -61.69 -28.85
C ASN G 316 7.11 -63.03 -28.16
N GLN G 317 6.78 -64.08 -28.91
CA GLN G 317 6.86 -65.44 -28.42
C GLN G 317 8.31 -65.93 -28.52
N MET G 318 8.56 -67.13 -28.01
CA MET G 318 9.90 -67.73 -28.02
C MET G 318 10.93 -66.82 -27.33
N SER G 319 10.50 -66.11 -26.31
CA SER G 319 11.37 -65.19 -25.60
C SER G 319 11.53 -65.62 -24.14
N SER G 320 12.41 -64.89 -23.46
CA SER G 320 12.74 -65.08 -22.05
C SER G 320 12.20 -63.92 -21.22
N PHE G 321 12.46 -62.69 -21.66
CA PHE G 321 12.00 -61.46 -21.03
C PHE G 321 10.58 -61.62 -20.51
N ASP G 322 10.41 -61.42 -19.20
CA ASP G 322 9.11 -61.56 -18.55
C ASP G 322 8.31 -60.26 -18.52
N ASN G 323 8.55 -59.36 -19.47
CA ASN G 323 7.83 -58.08 -19.54
C ASN G 323 8.13 -57.20 -18.33
N ASN G 324 8.96 -57.68 -17.41
CA ASN G 324 9.31 -56.91 -16.21
C ASN G 324 9.73 -55.49 -16.56
N TYR G 325 10.66 -55.35 -17.52
CA TYR G 325 11.20 -54.11 -18.06
C TYR G 325 12.24 -53.48 -17.11
N LEU G 326 12.37 -53.96 -15.86
CA LEU G 326 13.30 -53.37 -14.89
C LEU G 326 14.69 -53.99 -14.72
N SER G 327 14.84 -55.30 -14.50
CA SER G 327 16.18 -55.86 -14.31
C SER G 327 16.98 -55.85 -15.60
N LEU G 328 16.33 -55.54 -16.72
CA LEU G 328 16.99 -55.54 -18.01
C LEU G 328 17.99 -54.39 -18.14
N LEU G 329 17.90 -53.37 -17.31
CA LEU G 329 18.79 -52.23 -17.33
C LEU G 329 19.95 -52.42 -16.34
N GLY G 330 20.98 -51.59 -16.48
CA GLY G 330 22.14 -51.65 -15.63
C GLY G 330 22.18 -50.53 -14.60
N SER G 331 23.33 -50.42 -13.94
CA SER G 331 23.51 -49.40 -12.92
C SER G 331 24.99 -49.02 -12.86
N ALA G 332 25.25 -47.80 -12.39
CA ALA G 332 26.59 -47.28 -12.27
C ALA G 332 26.64 -46.33 -11.09
N ASN G 333 27.86 -46.07 -10.60
CA ASN G 333 28.02 -45.16 -9.47
C ASN G 333 27.76 -43.72 -9.89
N THR G 334 28.49 -43.23 -10.87
CA THR G 334 28.33 -41.86 -11.35
C THR G 334 28.51 -41.82 -12.86
N LEU G 335 27.75 -40.92 -13.49
CA LEU G 335 27.75 -40.70 -14.92
C LEU G 335 28.09 -39.24 -15.18
N ILE G 336 29.10 -39.00 -16.01
CA ILE G 336 29.57 -37.67 -16.34
C ILE G 336 29.55 -37.54 -17.86
N VAL G 337 28.62 -36.76 -18.38
CA VAL G 337 28.48 -36.54 -19.82
C VAL G 337 28.91 -35.12 -20.15
N LYS G 338 30.05 -35.00 -20.82
CA LYS G 338 30.58 -33.73 -21.28
C LYS G 338 30.19 -33.57 -22.75
N LYS G 339 30.76 -32.57 -23.42
CA LYS G 339 30.45 -32.40 -24.84
C LYS G 339 30.95 -33.61 -25.62
N ASP G 340 32.07 -34.18 -25.17
CA ASP G 340 32.67 -35.36 -25.76
C ASP G 340 33.27 -36.17 -24.63
N ARG G 341 33.63 -37.42 -24.93
CA ARG G 341 34.23 -38.32 -23.94
C ARG G 341 33.38 -38.55 -22.69
N THR G 342 32.33 -39.35 -22.80
CA THR G 342 31.49 -39.66 -21.66
C THR G 342 32.24 -40.59 -20.71
N SER G 343 31.97 -40.43 -19.40
CA SER G 343 32.64 -41.22 -18.38
C SER G 343 31.64 -41.85 -17.43
N LEU G 344 31.95 -43.07 -17.00
CA LEU G 344 31.10 -43.82 -16.07
C LEU G 344 31.99 -44.47 -15.02
N ILE G 345 31.68 -44.24 -13.74
CA ILE G 345 32.46 -44.84 -12.67
C ILE G 345 31.94 -46.25 -12.42
N THR G 346 32.82 -47.23 -12.55
CA THR G 346 32.46 -48.63 -12.37
C THR G 346 31.98 -48.90 -10.95
N LYS G 347 30.96 -49.77 -10.84
CA LYS G 347 30.41 -50.14 -9.56
C LYS G 347 31.34 -51.10 -8.82
N GLU G 348 31.30 -51.06 -7.50
CA GLU G 348 32.14 -51.94 -6.69
C GLU G 348 31.68 -53.38 -6.72
N GLU G 349 30.53 -53.68 -7.30
CA GLU G 349 30.00 -55.04 -7.36
C GLU G 349 30.36 -55.79 -8.64
N TYR G 350 30.30 -55.13 -9.79
CA TYR G 350 30.60 -55.78 -11.06
C TYR G 350 32.08 -55.86 -11.37
N LYS G 351 32.93 -55.28 -10.52
CA LYS G 351 34.38 -55.26 -10.74
C LYS G 351 34.96 -56.60 -11.19
N LYS G 352 34.68 -57.67 -10.43
CA LYS G 352 35.24 -58.96 -10.79
C LYS G 352 34.82 -59.38 -12.18
N GLU G 353 33.54 -59.22 -12.51
CA GLU G 353 33.09 -59.58 -13.85
C GLU G 353 33.94 -58.88 -14.90
N ILE G 354 34.10 -57.56 -14.78
CA ILE G 354 34.89 -56.84 -15.76
C ILE G 354 36.30 -57.42 -15.82
N ASP G 355 36.89 -57.71 -14.66
CA ASP G 355 38.22 -58.29 -14.66
C ASP G 355 38.24 -59.55 -15.51
N GLU G 356 37.27 -60.44 -15.26
CA GLU G 356 37.19 -61.67 -16.03
C GLU G 356 37.10 -61.34 -17.51
N ARG G 357 36.21 -60.42 -17.87
CA ARG G 357 36.07 -60.04 -19.27
C ARG G 357 37.39 -59.57 -19.83
N ILE G 358 38.09 -58.71 -19.07
CA ILE G 358 39.39 -58.22 -19.53
C ILE G 358 40.31 -59.40 -19.82
N ASN G 359 40.36 -60.34 -18.89
CA ASN G 359 41.21 -61.52 -19.09
C ASN G 359 40.83 -62.24 -20.37
N VAL G 360 39.52 -62.43 -20.60
CA VAL G 360 39.10 -63.12 -21.81
C VAL G 360 39.62 -62.39 -23.03
N LEU G 361 39.52 -61.06 -23.03
CA LEU G 361 40.02 -60.31 -24.19
C LEU G 361 41.51 -60.56 -24.38
N LYS G 362 42.27 -60.61 -23.27
CA LYS G 362 43.69 -60.87 -23.39
C LYS G 362 43.93 -62.24 -24.01
N LYS G 363 43.08 -63.22 -23.66
CA LYS G 363 43.23 -64.55 -24.23
C LYS G 363 43.07 -64.50 -25.74
N GLU G 364 42.27 -63.56 -26.25
CA GLU G 364 42.08 -63.43 -27.68
C GLU G 364 43.18 -62.60 -28.33
N TYR G 365 43.94 -61.84 -27.53
CA TYR G 365 45.00 -61.02 -28.10
C TYR G 365 46.18 -61.88 -28.53
N GLU G 366 46.49 -62.93 -27.77
CA GLU G 366 47.59 -63.83 -28.09
C GLU G 366 47.12 -65.06 -28.84
N GLU G 367 45.97 -64.99 -29.50
CA GLU G 367 45.42 -66.10 -30.26
C GLU G 367 45.07 -65.75 -31.70
N THR G 368 45.31 -64.51 -32.13
CA THR G 368 44.99 -64.05 -33.47
C THR G 368 46.21 -63.36 -34.08
N THR G 369 46.34 -63.49 -35.39
CA THR G 369 47.48 -62.90 -36.10
C THR G 369 47.11 -61.62 -36.83
N SER G 370 45.91 -61.54 -37.41
CA SER G 370 45.45 -60.33 -38.10
C SER G 370 45.78 -59.12 -37.24
N LYS G 371 46.66 -58.25 -37.74
CA LYS G 371 47.07 -57.07 -36.97
C LYS G 371 45.91 -56.13 -36.69
N TYR G 372 44.96 -56.01 -37.62
CA TYR G 372 43.83 -55.11 -37.41
C TYR G 372 42.97 -55.59 -36.24
N ASP G 373 42.84 -56.90 -36.09
CA ASP G 373 42.04 -57.41 -34.98
C ASP G 373 42.81 -57.28 -33.68
N LYS G 374 44.13 -57.44 -33.71
CA LYS G 374 44.89 -57.27 -32.48
C LYS G 374 44.86 -55.81 -32.03
N GLU G 375 44.82 -54.87 -32.97
CA GLU G 375 44.75 -53.46 -32.59
C GLU G 375 43.39 -53.12 -32.02
N LYS G 376 42.31 -53.64 -32.64
CA LYS G 376 40.98 -53.37 -32.11
C LYS G 376 40.83 -53.98 -30.72
N LEU G 377 41.29 -55.22 -30.55
CA LEU G 377 41.18 -55.87 -29.25
C LEU G 377 42.05 -55.15 -28.21
N ASN G 378 43.22 -54.67 -28.60
CA ASN G 378 44.07 -53.95 -27.66
C ASN G 378 43.41 -52.67 -27.19
N GLU G 379 42.82 -51.91 -28.12
CA GLU G 379 42.15 -50.69 -27.70
C GLU G 379 40.95 -51.02 -26.81
N ARG G 380 40.26 -52.14 -27.10
CA ARG G 380 39.12 -52.51 -26.26
C ARG G 380 39.56 -52.83 -24.83
N ILE G 381 40.64 -53.61 -24.68
CA ILE G 381 41.12 -53.93 -23.34
C ILE G 381 41.62 -52.68 -22.64
N ALA G 382 42.27 -51.77 -23.37
CA ALA G 382 42.74 -50.54 -22.76
C ALA G 382 41.57 -49.68 -22.30
N ALA G 383 40.46 -49.73 -23.03
CA ALA G 383 39.28 -48.94 -22.66
C ALA G 383 38.59 -49.55 -21.44
N LEU G 384 38.49 -50.88 -21.39
CA LEU G 384 37.85 -51.52 -20.24
C LEU G 384 38.60 -51.21 -18.95
N SER G 385 39.92 -51.28 -18.98
CA SER G 385 40.73 -50.97 -17.81
C SER G 385 40.91 -49.46 -17.74
N GLY G 386 41.81 -49.00 -16.89
CA GLY G 386 42.04 -47.58 -16.76
C GLY G 386 41.37 -47.00 -15.53
N GLY G 387 41.35 -45.67 -15.48
CA GLY G 387 40.74 -45.03 -14.34
C GLY G 387 40.27 -43.62 -14.65
N ILE G 388 39.61 -43.03 -13.65
CA ILE G 388 39.07 -41.69 -13.70
C ILE G 388 39.56 -40.96 -12.45
N ALA G 389 40.09 -39.75 -12.65
CA ALA G 389 40.60 -38.96 -11.54
C ALA G 389 39.50 -38.03 -11.02
N LYS G 390 39.28 -38.08 -9.71
CA LYS G 390 38.27 -37.28 -9.05
C LYS G 390 38.96 -36.26 -8.15
N ILE G 391 38.75 -34.99 -8.44
CA ILE G 391 39.36 -33.90 -7.67
C ILE G 391 38.28 -33.29 -6.79
N LEU G 392 38.36 -33.57 -5.49
CA LEU G 392 37.41 -33.03 -4.52
C LEU G 392 37.96 -31.68 -4.09
N ILE G 393 37.34 -30.62 -4.60
CA ILE G 393 37.74 -29.24 -4.34
C ILE G 393 36.96 -28.69 -3.14
N GLY G 394 37.66 -27.94 -2.30
CA GLY G 394 37.06 -27.34 -1.13
C GLY G 394 37.60 -25.93 -0.90
N GLY G 395 37.06 -25.28 0.11
CA GLY G 395 37.47 -23.93 0.44
C GLY G 395 37.04 -23.57 1.84
N ASN G 396 37.33 -22.33 2.23
CA ASN G 396 36.99 -21.83 3.54
C ASN G 396 35.58 -21.24 3.60
N SER G 397 34.87 -21.22 2.47
CA SER G 397 33.52 -20.70 2.41
C SER G 397 32.77 -21.46 1.34
N GLU G 398 31.45 -21.23 1.27
CA GLU G 398 30.64 -21.91 0.26
C GLU G 398 30.92 -21.34 -1.13
N THR G 399 31.24 -20.05 -1.22
CA THR G 399 31.54 -19.44 -2.51
C THR G 399 32.95 -19.77 -2.96
N GLU G 400 33.87 -19.95 -2.01
CA GLU G 400 35.24 -20.30 -2.36
C GLU G 400 35.28 -21.65 -3.06
N GLN G 401 34.32 -22.53 -2.74
CA GLN G 401 34.29 -23.85 -3.38
C GLN G 401 34.07 -23.69 -4.89
N LYS G 402 33.06 -22.89 -5.26
CA LYS G 402 32.79 -22.66 -6.69
C LYS G 402 33.93 -21.87 -7.34
N GLU G 403 34.52 -20.93 -6.61
CA GLU G 403 35.63 -20.16 -7.18
C GLU G 403 36.80 -21.09 -7.51
N ARG G 404 37.19 -21.93 -6.55
CA ARG G 404 38.27 -22.88 -6.79
C ARG G 404 37.87 -23.89 -7.85
N LYS G 405 36.57 -24.20 -7.96
CA LYS G 405 36.10 -25.14 -8.97
C LYS G 405 36.35 -24.56 -10.36
N PHE G 406 36.00 -23.29 -10.55
CA PHE G 406 36.23 -22.65 -11.84
C PHE G 406 37.73 -22.53 -12.11
N LYS G 407 38.51 -22.23 -11.06
CA LYS G 407 39.96 -22.15 -11.21
C LYS G 407 40.54 -23.48 -11.68
N TYR G 408 40.11 -24.57 -11.05
CA TYR G 408 40.56 -25.90 -11.42
C TYR G 408 40.14 -26.25 -12.83
N GLU G 409 38.92 -25.88 -13.22
CA GLU G 409 38.47 -26.18 -14.57
C GLU G 409 39.32 -25.46 -15.61
N ALA G 410 39.59 -24.17 -15.37
CA ALA G 410 40.41 -23.40 -16.30
C ALA G 410 41.83 -23.97 -16.38
N ALA G 411 42.41 -24.32 -15.23
CA ALA G 411 43.76 -24.87 -15.22
C ALA G 411 43.81 -26.21 -15.96
N THR G 412 42.86 -27.10 -15.68
CA THR G 412 42.83 -28.39 -16.35
C THR G 412 42.62 -28.23 -17.85
N ASN G 413 41.77 -27.28 -18.25
CA ASN G 413 41.55 -27.05 -19.67
C ASN G 413 42.83 -26.53 -20.33
N ALA G 414 43.59 -25.71 -19.61
CA ALA G 414 44.84 -25.21 -20.14
C ALA G 414 45.83 -26.36 -20.32
N VAL G 415 45.87 -27.27 -19.34
CA VAL G 415 46.76 -28.42 -19.45
C VAL G 415 46.32 -29.31 -20.61
N LYS G 416 45.00 -29.44 -20.83
CA LYS G 416 44.51 -30.25 -21.94
C LYS G 416 44.93 -29.65 -23.27
N SER G 417 44.84 -28.32 -23.39
CA SER G 417 45.25 -27.69 -24.63
C SER G 417 46.77 -27.73 -24.78
N ALA G 418 47.50 -27.84 -23.66
CA ALA G 418 48.95 -27.90 -23.68
C ALA G 418 49.49 -29.30 -24.00
N ILE G 419 48.76 -30.36 -23.67
CA ILE G 419 49.26 -31.70 -23.97
C ILE G 419 49.30 -31.92 -25.47
N ASP G 420 48.60 -31.08 -26.22
CA ASP G 420 48.59 -31.12 -27.68
C ASP G 420 49.87 -30.41 -28.08
N ILE G 421 50.02 -29.97 -29.33
CA ILE G 421 51.28 -29.30 -29.64
C ILE G 421 51.19 -27.85 -29.20
N GLY G 422 51.39 -27.63 -27.89
CA GLY G 422 51.35 -26.30 -27.33
C GLY G 422 52.25 -26.08 -26.13
N TYR G 423 53.18 -25.13 -26.24
CA TYR G 423 54.11 -24.79 -25.17
C TYR G 423 54.83 -23.50 -25.56
N VAL G 424 54.74 -22.46 -24.74
CA VAL G 424 55.39 -21.19 -25.05
C VAL G 424 55.91 -20.50 -23.80
N PRO G 425 56.99 -19.70 -23.90
CA PRO G 425 57.50 -19.00 -22.74
C PRO G 425 56.46 -18.04 -22.19
N GLY G 426 56.33 -18.01 -20.86
CA GLY G 426 55.37 -17.14 -20.21
C GLY G 426 55.88 -15.71 -20.13
N GLY G 427 55.28 -14.95 -19.20
CA GLY G 427 55.65 -13.57 -19.00
C GLY G 427 55.37 -12.63 -20.16
N GLY G 428 54.49 -13.02 -21.08
CA GLY G 428 54.18 -12.16 -22.20
C GLY G 428 55.27 -12.03 -23.24
N VAL G 429 56.32 -12.83 -23.17
CA VAL G 429 57.40 -12.75 -24.16
C VAL G 429 56.94 -13.25 -25.51
N THR G 430 55.93 -14.13 -25.54
CA THR G 430 55.43 -14.62 -26.82
C THR G 430 54.84 -13.48 -27.64
N TYR G 431 54.14 -12.55 -26.97
CA TYR G 431 53.59 -11.40 -27.69
C TYR G 431 54.71 -10.48 -28.15
N LEU G 432 55.81 -10.44 -27.41
CA LEU G 432 56.95 -9.61 -27.76
C LEU G 432 57.76 -10.19 -28.91
N GLU G 433 57.70 -11.50 -29.12
CA GLU G 433 58.47 -12.13 -30.19
C GLU G 433 58.04 -11.64 -31.57
N ILE G 434 56.73 -11.49 -31.80
CA ILE G 434 56.27 -11.02 -33.10
C ILE G 434 56.69 -9.58 -33.32
N ILE G 435 57.07 -8.87 -32.26
CA ILE G 435 57.53 -7.48 -32.39
C ILE G 435 59.04 -7.43 -32.61
N LYS G 436 59.77 -8.30 -31.92
CA LYS G 436 61.23 -8.33 -32.04
C LYS G 436 61.69 -8.93 -33.36
N SER G 437 60.93 -9.85 -33.96
CA SER G 437 61.31 -10.48 -35.22
C SER G 437 60.71 -9.76 -36.43
N ASN G 438 60.36 -8.49 -36.31
CA ASN G 438 59.77 -7.69 -37.39
C ASN G 438 58.70 -8.43 -38.21
N PHE G 439 57.76 -9.09 -37.52
CA PHE G 439 56.67 -9.78 -38.19
C PHE G 439 55.69 -8.80 -38.83
N ILE G 440 55.70 -7.54 -38.36
CA ILE G 440 54.82 -6.52 -38.91
C ILE G 440 55.11 -6.35 -40.39
N GLN G 441 56.37 -6.52 -40.80
CA GLN G 441 56.71 -6.44 -42.20
C GLN G 441 56.11 -7.61 -42.96
N GLU G 442 56.02 -8.78 -42.31
CA GLU G 442 55.42 -9.94 -42.95
C GLU G 442 53.94 -9.71 -43.23
N ILE G 443 53.21 -9.20 -42.23
CA ILE G 443 51.78 -8.94 -42.48
C ILE G 443 51.65 -7.85 -43.54
N HIS G 444 52.58 -6.89 -43.56
CA HIS G 444 52.56 -5.84 -44.57
C HIS G 444 52.69 -6.45 -45.96
N LYS G 445 53.66 -7.35 -46.13
CA LYS G 445 53.87 -8.02 -47.40
C LYS G 445 52.64 -8.81 -47.82
N LYS G 446 51.97 -9.45 -46.85
CA LYS G 446 50.78 -10.22 -47.18
C LYS G 446 49.68 -9.31 -47.72
N ILE G 447 49.43 -8.18 -47.05
CA ILE G 447 48.38 -7.29 -47.56
C ILE G 447 48.77 -6.73 -48.92
N GLU G 448 50.07 -6.46 -49.12
CA GLU G 448 50.52 -5.92 -50.39
C GLU G 448 50.30 -6.93 -51.52
N GLU G 449 50.56 -8.21 -51.26
CA GLU G 449 50.34 -9.20 -52.32
C GLU G 449 48.85 -9.41 -52.56
N ASP G 450 48.05 -9.43 -51.48
CA ASP G 450 46.61 -9.61 -51.63
C ASP G 450 46.00 -8.46 -52.41
N LEU G 451 46.57 -7.27 -52.31
CA LEU G 451 46.05 -6.13 -53.05
C LEU G 451 46.64 -6.05 -54.46
N GLN G 452 47.86 -6.56 -54.67
CA GLN G 452 48.43 -6.53 -56.00
C GLN G 452 47.75 -7.54 -56.91
N ILE G 453 47.36 -8.69 -56.36
CA ILE G 453 46.67 -9.70 -57.17
C ILE G 453 45.24 -9.30 -57.49
N SER G 454 44.78 -8.15 -56.98
CA SER G 454 43.44 -7.63 -57.21
C SER G 454 43.42 -6.29 -57.92
N SER G 455 44.51 -5.52 -57.84
CA SER G 455 44.60 -4.21 -58.46
C SER G 455 44.92 -4.23 -59.93
N ASN G 456 45.76 -5.14 -60.38
CA ASN G 456 46.13 -5.24 -61.79
C ASN G 456 45.30 -6.26 -62.57
N ASN G 457 44.23 -6.79 -61.95
CA ASN G 457 43.38 -7.77 -62.57
C ASN G 457 42.15 -7.14 -63.21
N ASP G 458 41.71 -5.97 -62.72
CA ASP G 458 40.54 -5.36 -63.31
C ASP G 458 40.89 -4.65 -64.61
N GLU G 459 42.04 -3.99 -64.63
CA GLU G 459 42.54 -3.26 -65.81
C GLU G 459 41.55 -2.20 -66.29
N LYS G 460 40.81 -1.59 -65.37
CA LYS G 460 39.86 -0.53 -65.70
C LYS G 460 39.83 0.45 -64.53
N LYS G 461 39.19 1.59 -64.74
CA LYS G 461 39.04 2.62 -63.73
C LYS G 461 37.85 2.38 -62.78
N TYR G 462 37.24 1.20 -62.80
CA TYR G 462 36.07 0.95 -61.95
C TYR G 462 36.39 0.93 -60.46
N LEU G 463 37.57 0.44 -60.08
CA LEU G 463 37.88 0.44 -58.64
C LEU G 463 38.58 1.70 -58.18
N GLU G 464 39.19 2.47 -59.08
CA GLU G 464 39.89 3.68 -58.66
C GLU G 464 38.95 4.84 -58.35
N LEU G 465 37.74 4.83 -58.89
CA LEU G 465 36.78 5.90 -58.62
C LEU G 465 35.95 5.65 -57.38
N ILE G 466 35.88 4.39 -56.93
CA ILE G 466 35.11 4.03 -55.75
C ILE G 466 35.96 3.99 -54.49
N GLY G 467 37.23 4.38 -54.57
CA GLY G 467 38.10 4.37 -53.40
C GLY G 467 39.57 4.48 -53.71
N ASN G 468 40.31 5.24 -52.90
CA ASN G 468 41.74 5.41 -53.11
C ASN G 468 42.47 4.10 -52.81
N LEU G 469 43.26 3.63 -53.77
CA LEU G 469 43.98 2.36 -53.60
C LEU G 469 45.07 2.47 -52.52
N GLU G 470 45.91 3.50 -52.61
CA GLU G 470 46.97 3.65 -51.62
C GLU G 470 46.39 3.89 -50.23
N SER G 471 45.28 4.62 -50.15
CA SER G 471 44.65 4.85 -48.85
C SER G 471 44.11 3.55 -48.27
N GLU G 472 43.53 2.70 -49.13
CA GLU G 472 43.01 1.42 -48.66
C GLU G 472 44.13 0.55 -48.13
N MET G 473 45.25 0.49 -48.86
CA MET G 473 46.38 -0.31 -48.41
C MET G 473 46.95 0.24 -47.10
N GLU G 474 47.04 1.57 -47.01
CA GLU G 474 47.56 2.21 -45.80
C GLU G 474 46.67 1.92 -44.61
N LEU G 475 45.35 1.90 -44.81
CA LEU G 475 44.44 1.62 -43.70
C LEU G 475 44.52 0.16 -43.30
N GLN G 476 44.69 -0.75 -44.25
CA GLN G 476 44.83 -2.17 -43.89
C GLN G 476 46.09 -2.36 -43.06
N LYS G 477 47.21 -1.82 -43.52
CA LYS G 477 48.42 -1.94 -42.74
C LYS G 477 48.29 -1.17 -41.43
N MET G 478 47.40 -0.16 -41.39
CA MET G 478 47.19 0.58 -40.15
C MET G 478 46.55 -0.33 -39.12
N GLY G 479 45.56 -1.12 -39.54
CA GLY G 479 44.95 -2.06 -38.61
C GLY G 479 45.98 -3.08 -38.13
N ALA G 480 46.84 -3.52 -39.06
CA ALA G 480 47.89 -4.46 -38.67
C ALA G 480 48.83 -3.83 -37.65
N ASN G 481 49.21 -2.56 -37.87
CA ASN G 481 50.09 -1.85 -36.94
C ASN G 481 49.41 -1.69 -35.58
N ILE G 482 48.09 -1.48 -35.59
CA ILE G 482 47.34 -1.34 -34.35
C ILE G 482 47.42 -2.62 -33.55
N VAL G 483 47.24 -3.76 -34.22
CA VAL G 483 47.30 -5.05 -33.52
C VAL G 483 48.71 -5.31 -33.01
N VAL G 484 49.73 -4.90 -33.77
CA VAL G 484 51.12 -5.15 -33.36
C VAL G 484 51.51 -4.27 -32.17
N SER G 485 51.21 -2.97 -32.25
CA SER G 485 51.59 -2.02 -31.21
C SER G 485 50.95 -2.31 -29.85
N SER G 486 49.97 -3.21 -29.78
CA SER G 486 49.30 -3.54 -28.53
C SER G 486 49.71 -4.90 -27.99
N LEU G 487 50.95 -5.33 -28.25
CA LEU G 487 51.40 -6.64 -27.78
C LEU G 487 52.32 -6.56 -26.57
N ASP G 488 52.90 -5.41 -26.28
CA ASP G 488 53.78 -5.25 -25.13
C ASP G 488 53.03 -4.89 -23.86
N VAL G 489 51.69 -4.83 -23.92
CA VAL G 489 50.91 -4.46 -22.75
C VAL G 489 50.91 -5.54 -21.68
N ILE G 490 50.99 -6.81 -22.06
CA ILE G 490 50.97 -7.89 -21.07
C ILE G 490 52.19 -7.84 -20.17
N THR G 491 53.38 -7.98 -20.77
CA THR G 491 54.61 -7.94 -19.99
C THR G 491 54.79 -6.61 -19.27
N LYS G 492 54.46 -5.50 -19.94
CA LYS G 492 54.60 -4.20 -19.30
C LYS G 492 53.70 -4.08 -18.09
N GLN G 493 52.44 -4.54 -18.20
CA GLN G 493 51.54 -4.46 -17.06
C GLN G 493 52.00 -5.36 -15.93
N ILE G 494 52.52 -6.55 -16.24
CA ILE G 494 53.01 -7.44 -15.20
C ILE G 494 54.17 -6.80 -14.45
N ALA G 495 55.13 -6.26 -15.20
CA ALA G 495 56.28 -5.62 -14.56
C ALA G 495 55.87 -4.39 -13.77
N ASP G 496 54.91 -3.62 -14.29
CA ASP G 496 54.45 -2.42 -13.58
C ASP G 496 53.80 -2.81 -12.27
N ASN G 497 52.93 -3.83 -12.30
CA ASN G 497 52.29 -4.27 -11.07
C ASN G 497 53.32 -4.82 -10.09
N ALA G 498 54.44 -5.35 -10.61
CA ALA G 498 55.48 -5.87 -9.73
C ALA G 498 56.30 -4.77 -9.06
N GLY G 499 56.14 -3.52 -9.49
CA GLY G 499 56.87 -2.42 -8.90
C GLY G 499 58.13 -1.98 -9.63
N VAL G 500 58.30 -2.38 -10.89
CA VAL G 500 59.47 -2.03 -11.68
C VAL G 500 58.98 -1.36 -12.97
N ASN G 501 59.89 -0.65 -13.62
CA ASN G 501 59.55 0.04 -14.87
C ASN G 501 59.20 -0.99 -15.93
N GLY G 502 57.91 -1.09 -16.26
CA GLY G 502 57.48 -2.07 -17.25
C GLY G 502 58.01 -1.76 -18.64
N ASP G 503 57.85 -0.52 -19.10
CA ASP G 503 58.32 -0.14 -20.43
C ASP G 503 59.81 -0.43 -20.57
N ASN G 504 60.59 -0.17 -19.52
CA ASN G 504 62.01 -0.46 -19.59
C ASN G 504 62.26 -1.96 -19.68
N VAL G 505 61.42 -2.77 -19.02
CA VAL G 505 61.58 -4.22 -19.09
C VAL G 505 61.33 -4.68 -20.52
N VAL G 506 60.29 -4.14 -21.15
CA VAL G 506 60.00 -4.51 -22.53
C VAL G 506 61.13 -4.08 -23.45
N LYS G 507 61.68 -2.89 -23.21
CA LYS G 507 62.80 -2.43 -24.04
C LYS G 507 64.01 -3.32 -23.84
N ILE G 508 64.22 -3.81 -22.62
CA ILE G 508 65.36 -4.68 -22.36
C ILE G 508 65.17 -6.01 -23.09
N ILE G 509 63.96 -6.57 -23.02
CA ILE G 509 63.70 -7.85 -23.69
C ILE G 509 63.86 -7.69 -25.20
N LEU G 510 63.42 -6.56 -25.75
CA LEU G 510 63.55 -6.37 -27.19
C LEU G 510 64.98 -5.97 -27.56
N ASN G 511 65.62 -5.15 -26.73
CA ASN G 511 66.99 -4.70 -26.95
C ASN G 511 68.01 -5.60 -26.26
N SER G 512 67.69 -6.86 -26.05
CA SER G 512 68.61 -7.78 -25.39
C SER G 512 69.59 -8.31 -26.43
N LYS G 513 70.30 -9.38 -26.08
CA LYS G 513 71.25 -9.96 -27.01
C LYS G 513 70.50 -11.01 -27.82
N ASP G 514 71.21 -11.89 -28.51
CA ASP G 514 70.52 -12.89 -29.32
C ASP G 514 70.08 -14.06 -28.44
N LYS G 515 68.83 -13.99 -28.02
CA LYS G 515 68.17 -15.00 -27.20
C LYS G 515 66.75 -15.10 -27.70
N TYR G 516 66.07 -16.19 -27.34
CA TYR G 516 64.68 -16.37 -27.80
C TYR G 516 63.95 -17.19 -26.74
N GLY G 517 63.31 -16.48 -25.81
CA GLY G 517 62.58 -17.06 -24.70
C GLY G 517 63.01 -16.38 -23.43
N PHE G 518 63.90 -15.41 -23.60
CA PHE G 518 64.46 -14.62 -22.51
C PHE G 518 63.41 -13.65 -21.99
N GLY G 519 63.06 -13.77 -20.70
CA GLY G 519 62.08 -12.87 -20.12
C GLY G 519 62.46 -12.39 -18.74
N TYR G 520 61.53 -11.68 -18.09
CA TYR G 520 61.75 -11.11 -16.76
C TYR G 520 60.82 -11.77 -15.75
N ASP G 521 61.41 -12.44 -14.76
CA ASP G 521 60.67 -13.08 -13.69
C ASP G 521 60.42 -12.05 -12.60
N VAL G 522 59.15 -11.75 -12.35
CA VAL G 522 58.77 -10.76 -11.35
C VAL G 522 58.78 -11.34 -9.93
N ASN G 523 58.74 -12.67 -9.79
CA ASN G 523 58.74 -13.25 -8.46
C ASN G 523 60.11 -13.11 -7.79
N THR G 524 61.19 -13.17 -8.57
CA THR G 524 62.53 -13.03 -8.01
C THR G 524 63.29 -11.90 -8.71
N ASN G 525 62.57 -10.83 -9.08
CA ASN G 525 63.10 -9.65 -9.75
C ASN G 525 64.35 -9.93 -10.57
N LYS G 526 64.28 -10.85 -11.54
CA LYS G 526 65.48 -11.12 -12.31
C LYS G 526 65.15 -11.52 -13.74
N PHE G 527 66.05 -11.18 -14.65
CA PHE G 527 65.90 -11.51 -16.06
C PHE G 527 66.48 -12.91 -16.27
N VAL G 528 65.61 -13.88 -16.55
CA VAL G 528 66.00 -15.28 -16.73
C VAL G 528 65.30 -15.86 -17.95
N ASN G 529 65.50 -17.16 -18.17
CA ASN G 529 64.87 -17.87 -19.27
C ASN G 529 63.55 -18.44 -18.77
N MET G 530 62.47 -18.16 -19.49
CA MET G 530 61.15 -18.62 -19.08
C MET G 530 61.04 -20.15 -19.16
N VAL G 531 61.50 -20.74 -20.26
CA VAL G 531 61.40 -22.19 -20.41
C VAL G 531 62.26 -22.92 -19.38
N GLU G 532 63.29 -22.26 -18.84
CA GLU G 532 64.15 -22.91 -17.85
C GLU G 532 63.55 -22.83 -16.46
N LYS G 533 63.00 -21.67 -16.07
CA LYS G 533 62.43 -21.50 -14.75
C LYS G 533 60.98 -22.00 -14.64
N GLY G 534 60.47 -22.67 -15.67
CA GLY G 534 59.12 -23.20 -15.63
C GLY G 534 57.99 -22.22 -15.85
N ILE G 535 58.28 -20.98 -16.24
CA ILE G 535 57.24 -19.99 -16.48
C ILE G 535 56.80 -20.18 -17.93
N ILE G 536 55.80 -21.03 -18.13
CA ILE G 536 55.30 -21.36 -19.46
C ILE G 536 53.78 -21.32 -19.49
N ASP G 537 53.23 -20.96 -20.65
CA ASP G 537 51.81 -20.89 -20.90
C ASP G 537 51.45 -21.81 -22.06
N SER G 538 50.17 -22.17 -22.14
CA SER G 538 49.71 -23.01 -23.23
C SER G 538 49.48 -22.15 -24.46
N THR G 539 49.92 -22.65 -25.62
CA THR G 539 49.74 -21.88 -26.86
C THR G 539 48.29 -21.58 -27.14
N ASN G 540 47.39 -22.48 -26.77
CA ASN G 540 45.96 -22.24 -27.02
C ASN G 540 45.49 -21.01 -26.26
N VAL G 541 46.00 -20.80 -25.05
CA VAL G 541 45.59 -19.63 -24.26
C VAL G 541 46.01 -18.34 -24.96
N ILE G 542 47.25 -18.27 -25.41
CA ILE G 542 47.74 -17.07 -26.10
C ILE G 542 47.01 -16.87 -27.41
N ILE G 543 46.81 -17.94 -28.17
CA ILE G 543 46.11 -17.87 -29.44
C ILE G 543 44.70 -17.35 -29.22
N SER G 544 44.01 -17.88 -28.20
CA SER G 544 42.65 -17.45 -27.90
C SER G 544 42.63 -16.01 -27.45
N VAL G 545 43.63 -15.58 -26.69
CA VAL G 545 43.69 -14.19 -26.23
C VAL G 545 43.76 -13.25 -27.42
N ILE G 546 44.70 -13.50 -28.33
CA ILE G 546 44.87 -12.64 -29.49
C ILE G 546 43.65 -12.71 -30.41
N LYS G 547 43.12 -13.91 -30.65
CA LYS G 547 41.96 -14.06 -31.53
C LYS G 547 40.75 -13.34 -30.96
N ASN G 548 40.47 -13.53 -29.67
CA ASN G 548 39.33 -12.89 -29.04
C ASN G 548 39.48 -11.37 -29.04
N SER G 549 40.66 -10.86 -28.70
CA SER G 549 40.85 -9.42 -28.68
C SER G 549 40.63 -8.82 -30.07
N CYS G 550 41.24 -9.43 -31.09
CA CYS G 550 41.08 -8.91 -32.45
C CYS G 550 39.64 -9.01 -32.93
N SER G 551 38.96 -10.12 -32.62
CA SER G 551 37.58 -10.27 -33.04
C SER G 551 36.67 -9.24 -32.38
N ILE G 552 36.86 -9.00 -31.08
CA ILE G 552 36.04 -8.01 -30.38
C ILE G 552 36.32 -6.62 -30.94
N ALA G 553 37.59 -6.31 -31.20
CA ALA G 553 37.93 -4.99 -31.74
C ALA G 553 37.26 -4.78 -33.09
N SER G 554 37.34 -5.78 -33.98
CA SER G 554 36.71 -5.65 -35.29
C SER G 554 35.21 -5.54 -35.18
N MET G 555 34.60 -6.31 -34.27
CA MET G 555 33.16 -6.25 -34.09
C MET G 555 32.72 -4.87 -33.60
N VAL G 556 33.48 -4.29 -32.67
CA VAL G 556 33.14 -2.96 -32.17
C VAL G 556 33.31 -1.93 -33.28
N LEU G 557 34.35 -2.08 -34.09
CA LEU G 557 34.56 -1.15 -35.19
C LEU G 557 33.43 -1.22 -36.20
N THR G 558 32.87 -2.41 -36.42
CA THR G 558 31.78 -2.55 -37.38
C THR G 558 30.45 -2.05 -36.83
N THR G 559 30.29 -2.02 -35.51
CA THR G 559 29.05 -1.55 -34.90
C THR G 559 28.83 -0.08 -35.20
N GLU G 560 27.59 0.27 -35.59
CA GLU G 560 27.23 1.65 -35.92
C GLU G 560 25.94 2.09 -35.27
N CYS G 561 25.45 1.38 -34.26
CA CYS G 561 24.20 1.79 -33.62
C CYS G 561 24.04 1.09 -32.27
N MET G 562 23.38 1.81 -31.35
CA MET G 562 23.10 1.33 -30.00
C MET G 562 21.68 1.75 -29.62
N MET G 563 20.98 0.85 -28.92
CA MET G 563 19.60 1.10 -28.51
C MET G 563 19.42 0.69 -27.05
N VAL G 564 19.14 1.67 -26.18
CA VAL G 564 18.92 1.40 -24.75
C VAL G 564 17.51 1.83 -24.39
N ASP G 565 16.76 0.94 -23.74
CA ASP G 565 15.37 1.21 -23.35
C ASP G 565 15.29 2.05 -22.08
N HIS G 566 15.49 3.36 -22.23
CA HIS G 566 15.43 4.31 -21.12
C HIS G 566 15.64 5.74 -21.62
N GLU G 567 15.74 6.69 -20.70
CA GLU G 567 15.95 8.10 -21.03
C GLU G 567 16.65 8.82 -19.87
#